data_6KG8
#
_entry.id   6KG8
#
_entity_poly.entity_id   1
_entity_poly.type   'polypeptide(L)'
_entity_poly.pdbx_seq_one_letter_code
;GSASVKNETVKLSVGTVSGNPGDTVKVPVTISQVSTPVGLICMDISYDASKFTVKDVLPNTDLVKDTDNYSFIVNTSTPG
KISITFTDPTLANYPISVDGILAYLDFIINSNATAGDSALTVDPATLIVADENDKDIKDAASNGKITVTGSAPTS
;
_entity_poly.pdbx_strand_id   A
#
# COMPACT_ATOMS: atom_id res chain seq x y z
N GLY A 1 -18.99 -18.91 -8.00
CA GLY A 1 -20.00 -19.21 -6.99
C GLY A 1 -20.00 -18.16 -5.90
N SER A 2 -19.15 -18.34 -4.91
CA SER A 2 -19.08 -17.43 -3.80
C SER A 2 -18.08 -16.30 -4.12
N ALA A 3 -18.54 -15.35 -4.90
CA ALA A 3 -17.78 -14.17 -5.25
C ALA A 3 -18.73 -13.22 -5.89
N SER A 4 -18.53 -11.92 -5.65
CA SER A 4 -19.33 -10.83 -6.23
C SER A 4 -20.70 -10.71 -5.54
N VAL A 5 -21.48 -11.78 -5.60
CA VAL A 5 -22.77 -11.87 -4.93
C VAL A 5 -22.53 -12.17 -3.44
N LYS A 6 -21.38 -12.74 -3.17
CA LYS A 6 -20.94 -13.03 -1.85
C LYS A 6 -19.60 -12.41 -1.64
N ASN A 7 -19.46 -11.71 -0.56
CA ASN A 7 -18.24 -11.01 -0.22
C ASN A 7 -17.37 -11.87 0.65
N GLU A 8 -16.09 -11.84 0.41
CA GLU A 8 -15.15 -12.65 1.15
C GLU A 8 -14.18 -11.79 1.93
N THR A 9 -13.28 -12.42 2.64
CA THR A 9 -12.33 -11.73 3.44
C THR A 9 -11.03 -11.57 2.65
N VAL A 10 -10.77 -10.34 2.25
CA VAL A 10 -9.62 -10.00 1.46
C VAL A 10 -8.47 -9.62 2.39
N LYS A 11 -7.39 -10.33 2.29
CA LYS A 11 -6.23 -10.06 3.09
C LYS A 11 -5.31 -9.07 2.43
N LEU A 12 -4.96 -8.05 3.15
CA LEU A 12 -3.99 -7.07 2.72
C LEU A 12 -2.71 -7.37 3.45
N SER A 13 -1.72 -7.78 2.72
CA SER A 13 -0.51 -8.25 3.28
C SER A 13 0.68 -7.41 2.80
N VAL A 14 1.65 -7.32 3.64
CA VAL A 14 2.89 -6.62 3.43
C VAL A 14 3.97 -7.49 4.02
N GLY A 15 5.20 -7.25 3.69
CA GLY A 15 6.23 -8.09 4.23
C GLY A 15 7.38 -7.30 4.72
N THR A 16 8.48 -7.95 4.93
CA THR A 16 9.64 -7.33 5.44
C THR A 16 10.71 -7.27 4.35
N VAL A 17 11.19 -6.09 4.13
CA VAL A 17 12.19 -5.81 3.13
C VAL A 17 13.43 -5.26 3.83
N SER A 18 14.53 -5.23 3.15
CA SER A 18 15.76 -4.74 3.73
C SER A 18 16.44 -3.77 2.78
N GLY A 19 17.15 -2.80 3.33
CA GLY A 19 17.82 -1.82 2.53
C GLY A 19 18.95 -1.18 3.31
N ASN A 20 19.76 -0.40 2.64
CA ASN A 20 20.93 0.24 3.22
C ASN A 20 20.68 1.75 3.30
N PRO A 21 21.48 2.55 4.05
CA PRO A 21 21.34 4.01 4.07
C PRO A 21 21.68 4.60 2.69
N GLY A 22 20.68 5.22 2.05
CA GLY A 22 20.86 5.80 0.73
C GLY A 22 20.31 4.88 -0.35
N ASP A 23 19.89 3.71 0.04
CA ASP A 23 19.37 2.69 -0.87
C ASP A 23 17.86 2.89 -0.97
N THR A 24 17.31 2.76 -2.15
CA THR A 24 15.90 2.92 -2.32
C THR A 24 15.20 1.57 -2.19
N VAL A 25 14.27 1.48 -1.31
CA VAL A 25 13.57 0.25 -1.06
C VAL A 25 12.12 0.36 -1.55
N LYS A 26 11.60 -0.72 -2.09
CA LYS A 26 10.28 -0.75 -2.64
C LYS A 26 9.44 -1.76 -1.87
N VAL A 27 8.38 -1.27 -1.26
CA VAL A 27 7.50 -2.10 -0.45
C VAL A 27 6.23 -2.43 -1.25
N PRO A 28 6.02 -3.71 -1.59
CA PRO A 28 4.84 -4.13 -2.33
C PRO A 28 3.66 -4.48 -1.40
N VAL A 29 2.53 -3.84 -1.64
CA VAL A 29 1.32 -4.12 -0.89
C VAL A 29 0.57 -5.21 -1.62
N THR A 30 0.46 -6.35 -1.01
CA THR A 30 -0.09 -7.51 -1.65
C THR A 30 -1.56 -7.69 -1.26
N ILE A 31 -2.40 -7.94 -2.25
CA ILE A 31 -3.80 -8.20 -2.02
C ILE A 31 -4.05 -9.70 -2.27
N SER A 32 -4.56 -10.38 -1.27
CA SER A 32 -4.74 -11.81 -1.34
C SER A 32 -6.16 -12.25 -0.95
N GLN A 33 -6.58 -13.35 -1.57
CA GLN A 33 -7.84 -14.04 -1.32
C GLN A 33 -9.06 -13.21 -1.71
N VAL A 34 -8.87 -12.36 -2.70
CA VAL A 34 -9.93 -11.51 -3.20
C VAL A 34 -10.68 -12.23 -4.34
N SER A 35 -11.99 -12.13 -4.34
CA SER A 35 -12.79 -12.70 -5.37
C SER A 35 -13.92 -11.72 -5.81
N THR A 36 -14.31 -10.85 -4.91
CA THR A 36 -15.29 -9.84 -5.17
C THR A 36 -14.57 -8.57 -5.65
N PRO A 37 -15.06 -7.88 -6.71
CA PRO A 37 -14.42 -6.67 -7.21
C PRO A 37 -14.43 -5.55 -6.17
N VAL A 38 -13.25 -5.08 -5.87
CA VAL A 38 -13.08 -3.98 -4.94
C VAL A 38 -13.11 -2.66 -5.72
N GLY A 39 -13.57 -1.61 -5.08
CA GLY A 39 -13.64 -0.33 -5.76
C GLY A 39 -13.14 0.80 -4.89
N LEU A 40 -13.24 0.64 -3.58
CA LEU A 40 -12.85 1.67 -2.66
C LEU A 40 -11.72 1.23 -1.80
N ILE A 41 -10.59 1.83 -1.99
CA ILE A 41 -9.42 1.55 -1.20
C ILE A 41 -8.83 2.86 -0.67
N CYS A 42 -8.58 2.92 0.60
CA CYS A 42 -7.96 4.06 1.21
C CYS A 42 -6.97 3.53 2.23
N MET A 43 -5.83 4.19 2.37
CA MET A 43 -4.81 3.76 3.32
C MET A 43 -3.90 4.94 3.68
N ASP A 44 -3.56 5.05 4.94
CA ASP A 44 -2.68 6.10 5.45
C ASP A 44 -1.41 5.45 5.88
N ILE A 45 -0.33 5.85 5.31
CA ILE A 45 0.95 5.30 5.67
C ILE A 45 1.67 6.29 6.54
N SER A 46 1.77 5.99 7.80
CA SER A 46 2.49 6.80 8.72
C SER A 46 3.85 6.13 8.97
N TYR A 47 4.89 6.75 8.49
CA TYR A 47 6.20 6.18 8.59
C TYR A 47 7.16 7.16 9.25
N ASP A 48 8.37 6.71 9.48
CA ASP A 48 9.39 7.55 10.08
C ASP A 48 9.95 8.47 9.00
N ALA A 49 9.60 9.74 9.10
CA ALA A 49 9.97 10.74 8.12
C ALA A 49 11.46 11.08 8.12
N SER A 50 12.15 10.71 9.16
CA SER A 50 13.54 11.02 9.27
C SER A 50 14.38 9.88 8.71
N LYS A 51 13.94 8.68 8.94
CA LYS A 51 14.66 7.50 8.50
C LYS A 51 14.35 7.17 7.05
N PHE A 52 13.15 7.45 6.61
CA PHE A 52 12.77 7.15 5.24
C PHE A 52 12.21 8.39 4.57
N THR A 53 12.27 8.42 3.28
CA THR A 53 11.67 9.48 2.50
C THR A 53 11.06 8.89 1.24
N VAL A 54 9.75 8.98 1.11
CA VAL A 54 9.05 8.44 -0.05
C VAL A 54 9.36 9.24 -1.33
N LYS A 55 9.57 8.53 -2.42
CA LYS A 55 9.76 9.16 -3.72
C LYS A 55 8.42 9.32 -4.39
N ASP A 56 7.80 8.20 -4.64
CA ASP A 56 6.56 8.09 -5.33
C ASP A 56 6.06 6.68 -5.14
N VAL A 57 4.90 6.38 -5.65
CA VAL A 57 4.34 5.05 -5.52
C VAL A 57 3.90 4.55 -6.89
N LEU A 58 4.11 3.30 -7.15
CA LEU A 58 3.72 2.71 -8.42
C LEU A 58 2.47 1.90 -8.25
N PRO A 59 1.38 2.31 -8.91
CA PRO A 59 0.15 1.53 -8.88
C PRO A 59 0.26 0.35 -9.83
N ASN A 60 -0.29 -0.76 -9.45
CA ASN A 60 -0.31 -1.89 -10.35
C ASN A 60 -1.41 -1.72 -11.34
N THR A 61 -1.01 -1.48 -12.58
CA THR A 61 -1.91 -1.19 -13.65
C THR A 61 -2.66 -2.42 -14.15
N ASP A 62 -2.33 -3.60 -13.63
CA ASP A 62 -3.13 -4.78 -13.92
C ASP A 62 -4.45 -4.64 -13.21
N LEU A 63 -4.39 -4.17 -11.98
CA LEU A 63 -5.55 -4.01 -11.16
C LEU A 63 -6.16 -2.62 -11.36
N VAL A 64 -5.41 -1.59 -10.99
CA VAL A 64 -5.88 -0.23 -11.09
C VAL A 64 -5.67 0.25 -12.52
N LYS A 65 -6.74 0.37 -13.24
CA LYS A 65 -6.69 0.72 -14.62
C LYS A 65 -7.31 2.10 -14.78
N ASP A 66 -6.90 2.82 -15.85
CA ASP A 66 -7.44 4.14 -16.23
C ASP A 66 -7.49 5.10 -15.07
N THR A 67 -6.32 5.31 -14.51
CA THR A 67 -6.08 6.12 -13.33
C THR A 67 -6.52 7.58 -13.49
N ASP A 68 -6.67 8.01 -14.74
CA ASP A 68 -7.07 9.36 -15.12
C ASP A 68 -8.53 9.66 -14.76
N ASN A 69 -9.25 8.65 -14.34
CA ASN A 69 -10.65 8.79 -13.92
C ASN A 69 -10.72 9.08 -12.43
N TYR A 70 -9.57 9.50 -11.89
CA TYR A 70 -9.37 9.85 -10.48
C TYR A 70 -9.48 8.59 -9.65
N SER A 71 -8.93 7.53 -10.22
CA SER A 71 -8.88 6.25 -9.59
C SER A 71 -7.61 6.17 -8.74
N PHE A 72 -6.69 7.08 -9.03
CA PHE A 72 -5.42 7.19 -8.36
C PHE A 72 -5.39 8.51 -7.61
N ILE A 73 -5.35 8.45 -6.29
CA ILE A 73 -5.28 9.64 -5.47
C ILE A 73 -4.14 9.49 -4.47
N VAL A 74 -3.13 10.31 -4.58
CA VAL A 74 -2.07 10.31 -3.60
C VAL A 74 -1.89 11.71 -3.06
N ASN A 75 -2.14 11.86 -1.80
CA ASN A 75 -1.96 13.12 -1.13
C ASN A 75 -0.78 13.00 -0.21
N THR A 76 0.25 13.72 -0.50
CA THR A 76 1.40 13.70 0.34
C THR A 76 1.17 14.65 1.52
N SER A 77 0.66 14.06 2.57
CA SER A 77 0.33 14.68 3.82
C SER A 77 1.60 15.19 4.54
N THR A 78 1.40 15.84 5.68
CA THR A 78 2.47 16.33 6.54
C THR A 78 3.52 15.19 6.76
N PRO A 79 4.86 15.53 6.68
CA PRO A 79 5.99 14.58 6.70
C PRO A 79 5.79 13.36 7.60
N GLY A 80 5.87 12.21 6.97
CA GLY A 80 5.67 10.97 7.65
C GLY A 80 4.34 10.33 7.31
N LYS A 81 3.42 11.10 6.79
CA LYS A 81 2.12 10.56 6.41
C LYS A 81 1.89 10.63 4.92
N ILE A 82 1.46 9.54 4.36
CA ILE A 82 1.11 9.47 2.97
C ILE A 82 -0.33 8.99 2.90
N SER A 83 -1.21 9.80 2.40
CA SER A 83 -2.56 9.36 2.25
C SER A 83 -2.75 8.86 0.82
N ILE A 84 -2.92 7.57 0.68
CA ILE A 84 -3.09 6.97 -0.61
C ILE A 84 -4.51 6.44 -0.69
N THR A 85 -5.14 6.67 -1.79
CA THR A 85 -6.48 6.25 -2.00
C THR A 85 -6.66 5.82 -3.45
N PHE A 86 -7.23 4.66 -3.64
CA PHE A 86 -7.55 4.17 -4.93
C PHE A 86 -9.04 3.92 -4.96
N THR A 87 -9.73 4.75 -5.65
CA THR A 87 -11.15 4.59 -5.77
C THR A 87 -11.46 4.61 -7.22
N ASP A 88 -12.00 3.56 -7.73
CA ASP A 88 -12.22 3.48 -9.14
C ASP A 88 -13.69 3.41 -9.50
N PRO A 89 -14.17 4.39 -10.28
CA PRO A 89 -15.54 4.40 -10.77
C PRO A 89 -15.74 3.50 -12.01
N THR A 90 -14.66 2.94 -12.49
CA THR A 90 -14.66 2.16 -13.71
C THR A 90 -14.74 0.64 -13.36
N LEU A 91 -15.13 0.35 -12.11
CA LEU A 91 -15.16 -1.01 -11.53
C LEU A 91 -16.05 -2.03 -12.27
N ALA A 92 -16.95 -1.57 -13.13
CA ALA A 92 -17.76 -2.50 -13.89
C ALA A 92 -17.00 -2.94 -15.12
N ASN A 93 -16.16 -2.05 -15.64
CA ASN A 93 -15.35 -2.35 -16.81
C ASN A 93 -14.14 -3.14 -16.39
N TYR A 94 -13.56 -2.74 -15.27
CA TYR A 94 -12.43 -3.44 -14.74
C TYR A 94 -12.76 -3.87 -13.33
N PRO A 95 -13.10 -5.13 -13.14
CA PRO A 95 -13.41 -5.62 -11.84
C PRO A 95 -12.16 -6.13 -11.13
N ILE A 96 -11.67 -5.37 -10.18
CA ILE A 96 -10.50 -5.79 -9.42
C ILE A 96 -10.96 -6.88 -8.45
N SER A 97 -10.88 -8.10 -8.91
CA SER A 97 -11.30 -9.26 -8.16
C SER A 97 -10.22 -10.32 -8.23
N VAL A 98 -9.08 -9.90 -8.71
CA VAL A 98 -7.97 -10.75 -8.92
C VAL A 98 -6.83 -10.28 -8.05
N ASP A 99 -6.03 -11.22 -7.66
CA ASP A 99 -4.98 -11.00 -6.69
C ASP A 99 -3.71 -10.47 -7.34
N GLY A 100 -2.80 -10.02 -6.51
CA GLY A 100 -1.53 -9.52 -6.97
C GLY A 100 -1.04 -8.45 -6.03
N ILE A 101 -0.23 -7.56 -6.52
CA ILE A 101 0.21 -6.43 -5.73
C ILE A 101 -0.66 -5.25 -6.11
N LEU A 102 -1.03 -4.45 -5.14
CA LEU A 102 -1.87 -3.30 -5.38
C LEU A 102 -1.00 -2.11 -5.79
N ALA A 103 0.01 -1.82 -5.00
CA ALA A 103 0.90 -0.71 -5.25
C ALA A 103 2.25 -0.99 -4.64
N TYR A 104 3.25 -0.37 -5.20
CA TYR A 104 4.61 -0.46 -4.74
C TYR A 104 5.00 0.88 -4.17
N LEU A 105 5.43 0.89 -2.94
CA LEU A 105 5.80 2.11 -2.26
C LEU A 105 7.32 2.27 -2.30
N ASP A 106 7.80 3.35 -2.87
CA ASP A 106 9.24 3.57 -2.97
C ASP A 106 9.74 4.54 -1.94
N PHE A 107 10.58 4.05 -1.05
CA PHE A 107 11.15 4.84 0.03
C PHE A 107 12.65 4.85 -0.07
N ILE A 108 13.23 6.00 0.06
CA ILE A 108 14.65 6.12 0.12
C ILE A 108 15.01 6.07 1.57
N ILE A 109 15.89 5.19 1.93
CA ILE A 109 16.36 5.14 3.27
C ILE A 109 17.38 6.27 3.39
N ASN A 110 17.22 7.08 4.39
CA ASN A 110 18.00 8.30 4.57
C ASN A 110 19.50 8.01 4.75
N SER A 111 20.33 8.98 4.46
CA SER A 111 21.77 8.86 4.64
C SER A 111 22.11 8.86 6.15
N ASN A 112 21.27 9.51 6.93
CA ASN A 112 21.45 9.65 8.38
C ASN A 112 20.52 8.66 9.11
N ALA A 113 20.00 7.70 8.35
CA ALA A 113 19.05 6.73 8.88
C ALA A 113 19.78 5.66 9.70
N THR A 114 19.20 5.32 10.82
CA THR A 114 19.75 4.36 11.72
C THR A 114 19.29 2.94 11.40
N ALA A 115 20.22 2.01 11.52
CA ALA A 115 20.00 0.60 11.25
C ALA A 115 19.01 -0.02 12.22
N GLY A 116 18.36 -1.04 11.78
CA GLY A 116 17.42 -1.75 12.59
C GLY A 116 16.11 -1.91 11.87
N ASP A 117 15.15 -2.50 12.53
CA ASP A 117 13.86 -2.70 11.95
C ASP A 117 12.94 -1.57 12.26
N SER A 118 12.43 -0.97 11.24
CA SER A 118 11.49 0.10 11.38
C SER A 118 10.32 -0.15 10.45
N ALA A 119 9.16 -0.36 11.03
CA ALA A 119 7.98 -0.66 10.28
C ALA A 119 7.16 0.59 9.98
N LEU A 120 6.50 0.57 8.85
CA LEU A 120 5.65 1.65 8.39
C LEU A 120 4.25 1.36 8.89
N THR A 121 3.72 2.24 9.70
CA THR A 121 2.43 2.05 10.28
C THR A 121 1.33 2.43 9.29
N VAL A 122 0.69 1.45 8.69
CA VAL A 122 -0.43 1.75 7.85
C VAL A 122 -1.64 1.79 8.76
N ASP A 123 -2.21 2.97 8.90
CA ASP A 123 -3.29 3.23 9.84
C ASP A 123 -4.51 2.39 9.52
N PRO A 124 -4.90 1.45 10.42
CA PRO A 124 -5.99 0.51 10.18
C PRO A 124 -7.37 1.18 10.13
N ALA A 125 -7.48 2.37 10.68
CA ALA A 125 -8.75 3.06 10.71
C ALA A 125 -8.98 3.80 9.41
N THR A 126 -7.92 4.35 8.86
CA THR A 126 -7.98 5.07 7.62
C THR A 126 -7.86 4.09 6.43
N LEU A 127 -7.48 2.86 6.75
CA LEU A 127 -7.39 1.82 5.77
C LEU A 127 -8.80 1.29 5.56
N ILE A 128 -9.34 1.53 4.41
CA ILE A 128 -10.68 1.13 4.08
C ILE A 128 -10.63 0.38 2.76
N VAL A 129 -11.20 -0.80 2.73
CA VAL A 129 -11.24 -1.59 1.53
C VAL A 129 -12.67 -2.08 1.34
N ALA A 130 -13.41 -1.37 0.54
CA ALA A 130 -14.79 -1.68 0.31
C ALA A 130 -15.01 -1.98 -1.15
N ASP A 131 -15.92 -2.86 -1.41
CA ASP A 131 -16.23 -3.28 -2.76
C ASP A 131 -17.40 -2.45 -3.31
N GLU A 132 -18.03 -2.90 -4.38
CA GLU A 132 -19.17 -2.20 -4.98
C GLU A 132 -20.44 -2.31 -4.09
N ASN A 133 -20.46 -3.32 -3.23
CA ASN A 133 -21.54 -3.51 -2.25
C ASN A 133 -21.19 -2.74 -0.96
N ASP A 134 -20.12 -1.93 -1.07
CA ASP A 134 -19.60 -0.97 -0.06
C ASP A 134 -19.26 -1.60 1.28
N LYS A 135 -19.01 -2.88 1.28
CA LYS A 135 -18.68 -3.57 2.50
C LYS A 135 -17.17 -3.61 2.66
N ASP A 136 -16.68 -3.19 3.82
CA ASP A 136 -15.26 -3.28 4.11
C ASP A 136 -14.94 -4.73 4.37
N ILE A 137 -14.30 -5.33 3.42
CA ILE A 137 -14.07 -6.75 3.39
C ILE A 137 -12.63 -7.12 3.63
N LYS A 138 -11.95 -6.34 4.43
CA LYS A 138 -10.53 -6.56 4.60
C LYS A 138 -10.15 -7.23 5.91
N ASP A 139 -9.35 -8.24 5.80
CA ASP A 139 -8.56 -8.72 6.90
C ASP A 139 -7.22 -8.08 6.66
N ALA A 140 -6.89 -7.07 7.40
CA ALA A 140 -5.71 -6.34 7.08
C ALA A 140 -4.80 -6.17 8.24
N ALA A 141 -3.55 -6.41 7.98
CA ALA A 141 -2.47 -6.14 8.88
C ALA A 141 -1.37 -5.62 8.01
N SER A 142 -1.02 -4.39 8.17
CA SER A 142 -0.04 -3.82 7.31
C SER A 142 0.88 -2.87 8.07
N ASN A 143 2.07 -3.35 8.28
CA ASN A 143 3.14 -2.62 8.82
C ASN A 143 4.35 -3.05 8.03
N GLY A 144 4.64 -2.33 6.96
CA GLY A 144 5.75 -2.68 6.09
C GLY A 144 7.04 -2.51 6.82
N LYS A 145 7.71 -3.58 7.10
CA LYS A 145 8.87 -3.48 7.91
C LYS A 145 10.11 -3.46 7.05
N ILE A 146 10.92 -2.48 7.30
CA ILE A 146 12.12 -2.29 6.56
C ILE A 146 13.28 -2.46 7.51
N THR A 147 14.09 -3.44 7.25
CA THR A 147 15.25 -3.68 8.00
C THR A 147 16.39 -2.87 7.38
N VAL A 148 16.76 -1.80 8.03
CA VAL A 148 17.86 -1.00 7.59
C VAL A 148 19.11 -1.70 8.05
N THR A 149 19.95 -2.03 7.12
CA THR A 149 21.16 -2.78 7.41
C THR A 149 22.18 -1.92 8.12
N GLY A 150 22.33 -0.71 7.63
CA GLY A 150 23.29 0.18 8.17
C GLY A 150 24.68 -0.20 7.75
N SER A 151 24.78 -0.71 6.52
CA SER A 151 26.04 -1.09 5.95
C SER A 151 26.83 0.15 5.53
N ALA A 152 27.55 0.68 6.50
CA ALA A 152 28.36 1.86 6.41
C ALA A 152 29.14 1.89 7.73
N PRO A 153 30.18 2.78 7.89
CA PRO A 153 30.83 2.99 9.19
C PRO A 153 29.80 3.21 10.31
N THR A 154 28.75 3.96 10.00
CA THR A 154 27.60 4.18 10.85
C THR A 154 26.40 4.54 9.94
N SER A 155 26.49 5.70 9.30
CA SER A 155 25.51 6.19 8.33
C SER A 155 26.05 7.49 7.73
N GLY A 1 -30.08 -2.71 -0.59
CA GLY A 1 -29.89 -4.02 -1.21
C GLY A 1 -28.45 -4.22 -1.54
N SER A 2 -28.00 -5.46 -1.51
CA SER A 2 -26.63 -5.79 -1.81
C SER A 2 -26.34 -5.71 -3.31
N ALA A 3 -25.37 -4.90 -3.66
CA ALA A 3 -24.91 -4.75 -5.04
C ALA A 3 -23.95 -5.89 -5.41
N SER A 4 -23.51 -6.61 -4.40
CA SER A 4 -22.64 -7.75 -4.55
C SER A 4 -23.24 -8.92 -3.78
N VAL A 5 -23.18 -10.09 -4.36
CA VAL A 5 -23.73 -11.28 -3.71
C VAL A 5 -22.70 -11.82 -2.73
N LYS A 6 -21.46 -11.76 -3.12
CA LYS A 6 -20.39 -12.22 -2.30
C LYS A 6 -19.73 -11.03 -1.64
N ASN A 7 -19.31 -11.22 -0.44
CA ASN A 7 -18.48 -10.31 0.29
C ASN A 7 -17.61 -11.13 1.18
N GLU A 8 -16.42 -11.37 0.74
CA GLU A 8 -15.47 -12.26 1.39
C GLU A 8 -14.51 -11.47 2.26
N THR A 9 -13.53 -12.15 2.81
CA THR A 9 -12.53 -11.49 3.57
C THR A 9 -11.31 -11.22 2.65
N VAL A 10 -11.12 -9.96 2.35
CA VAL A 10 -10.05 -9.53 1.49
C VAL A 10 -8.81 -9.33 2.32
N LYS A 11 -7.85 -10.12 2.03
CA LYS A 11 -6.61 -10.18 2.78
C LYS A 11 -5.62 -9.17 2.24
N LEU A 12 -5.20 -8.25 3.07
CA LEU A 12 -4.14 -7.33 2.70
C LEU A 12 -2.87 -7.82 3.35
N SER A 13 -1.88 -8.05 2.55
CA SER A 13 -0.68 -8.67 2.99
C SER A 13 0.54 -7.76 2.74
N VAL A 14 1.49 -7.88 3.63
CA VAL A 14 2.72 -7.13 3.63
C VAL A 14 3.87 -8.06 3.96
N GLY A 15 5.07 -7.64 3.65
CA GLY A 15 6.23 -8.43 3.95
C GLY A 15 7.31 -7.56 4.51
N THR A 16 8.45 -8.12 4.71
CA THR A 16 9.57 -7.39 5.23
C THR A 16 10.65 -7.28 4.16
N VAL A 17 11.10 -6.07 3.93
CA VAL A 17 12.13 -5.78 2.97
C VAL A 17 13.32 -5.16 3.69
N SER A 18 14.46 -5.11 3.06
CA SER A 18 15.63 -4.54 3.68
C SER A 18 16.32 -3.55 2.74
N GLY A 19 17.00 -2.58 3.33
CA GLY A 19 17.70 -1.58 2.57
C GLY A 19 18.79 -0.97 3.42
N ASN A 20 19.59 -0.13 2.84
CA ASN A 20 20.72 0.50 3.55
C ASN A 20 20.53 2.03 3.58
N PRO A 21 21.17 2.78 4.52
CA PRO A 21 21.07 4.25 4.55
C PRO A 21 21.65 4.88 3.29
N GLY A 22 20.79 5.50 2.49
CA GLY A 22 21.20 6.10 1.24
C GLY A 22 20.70 5.31 0.06
N ASP A 23 20.29 4.08 0.34
CA ASP A 23 19.82 3.16 -0.66
C ASP A 23 18.31 3.29 -0.83
N THR A 24 17.81 2.89 -1.97
CA THR A 24 16.40 3.00 -2.28
C THR A 24 15.71 1.66 -1.89
N VAL A 25 14.49 1.74 -1.40
CA VAL A 25 13.77 0.58 -0.95
C VAL A 25 12.32 0.63 -1.48
N LYS A 26 11.78 -0.50 -1.83
CA LYS A 26 10.45 -0.56 -2.36
C LYS A 26 9.64 -1.62 -1.62
N VAL A 27 8.48 -1.24 -1.15
CA VAL A 27 7.61 -2.15 -0.41
C VAL A 27 6.39 -2.51 -1.27
N PRO A 28 6.22 -3.77 -1.64
CA PRO A 28 5.06 -4.20 -2.38
C PRO A 28 3.86 -4.52 -1.47
N VAL A 29 2.74 -3.88 -1.74
CA VAL A 29 1.51 -4.11 -1.00
C VAL A 29 0.78 -5.21 -1.72
N THR A 30 0.55 -6.28 -1.04
CA THR A 30 -0.03 -7.44 -1.65
C THR A 30 -1.49 -7.57 -1.22
N ILE A 31 -2.33 -8.01 -2.12
CA ILE A 31 -3.73 -8.23 -1.84
C ILE A 31 -4.06 -9.67 -2.22
N SER A 32 -4.81 -10.36 -1.39
CA SER A 32 -5.12 -11.76 -1.59
C SER A 32 -6.58 -12.09 -1.29
N GLN A 33 -7.07 -13.17 -1.92
CA GLN A 33 -8.42 -13.77 -1.72
C GLN A 33 -9.60 -12.86 -2.12
N VAL A 34 -9.33 -11.86 -2.92
CA VAL A 34 -10.37 -10.96 -3.38
C VAL A 34 -10.98 -11.46 -4.70
N SER A 35 -12.28 -11.71 -4.70
CA SER A 35 -12.99 -12.07 -5.89
C SER A 35 -14.05 -11.02 -6.24
N THR A 36 -14.68 -10.47 -5.21
CA THR A 36 -15.62 -9.38 -5.38
C THR A 36 -14.83 -8.11 -5.75
N PRO A 37 -15.26 -7.35 -6.79
CA PRO A 37 -14.50 -6.19 -7.23
C PRO A 37 -14.46 -5.09 -6.17
N VAL A 38 -13.26 -4.73 -5.79
CA VAL A 38 -13.05 -3.64 -4.90
C VAL A 38 -12.91 -2.35 -5.69
N GLY A 39 -13.59 -1.32 -5.26
CA GLY A 39 -13.54 -0.09 -5.97
C GLY A 39 -13.05 1.07 -5.15
N LEU A 40 -12.97 0.90 -3.84
CA LEU A 40 -12.49 1.96 -2.97
C LEU A 40 -11.56 1.40 -1.91
N ILE A 41 -10.30 1.75 -2.03
CA ILE A 41 -9.28 1.37 -1.08
C ILE A 41 -8.67 2.64 -0.49
N CYS A 42 -8.71 2.78 0.79
CA CYS A 42 -8.14 3.91 1.48
C CYS A 42 -7.16 3.38 2.52
N MET A 43 -6.02 4.05 2.67
CA MET A 43 -5.01 3.66 3.64
C MET A 43 -4.10 4.85 4.00
N ASP A 44 -3.63 4.87 5.23
CA ASP A 44 -2.73 5.92 5.73
C ASP A 44 -1.42 5.27 6.06
N ILE A 45 -0.38 5.64 5.38
CA ILE A 45 0.92 5.06 5.63
C ILE A 45 1.71 6.02 6.49
N SER A 46 1.91 5.68 7.72
CA SER A 46 2.71 6.46 8.59
C SER A 46 4.11 5.85 8.67
N TYR A 47 5.10 6.63 8.32
CA TYR A 47 6.47 6.16 8.24
C TYR A 47 7.37 7.08 9.06
N ASP A 48 8.62 6.70 9.20
CA ASP A 48 9.61 7.52 9.89
C ASP A 48 10.15 8.50 8.85
N ALA A 49 9.85 9.76 9.01
CA ALA A 49 10.21 10.78 8.01
C ALA A 49 11.68 11.18 8.04
N SER A 50 12.38 10.84 9.10
CA SER A 50 13.78 11.20 9.20
C SER A 50 14.63 10.06 8.65
N LYS A 51 14.01 8.91 8.50
CA LYS A 51 14.69 7.72 8.06
C LYS A 51 14.32 7.40 6.62
N PHE A 52 13.07 7.57 6.28
CA PHE A 52 12.58 7.25 4.95
C PHE A 52 12.05 8.49 4.27
N THR A 53 12.37 8.61 3.03
CA THR A 53 11.90 9.69 2.22
C THR A 53 11.09 9.09 1.08
N VAL A 54 9.80 9.32 1.06
CA VAL A 54 8.97 8.74 0.03
C VAL A 54 9.14 9.52 -1.28
N LYS A 55 9.26 8.80 -2.35
CA LYS A 55 9.37 9.41 -3.64
C LYS A 55 8.00 9.51 -4.25
N ASP A 56 7.40 8.38 -4.45
CA ASP A 56 6.14 8.24 -5.11
C ASP A 56 5.73 6.81 -4.93
N VAL A 57 4.55 6.48 -5.32
CA VAL A 57 4.10 5.12 -5.24
C VAL A 57 3.58 4.67 -6.60
N LEU A 58 3.83 3.45 -6.95
CA LEU A 58 3.40 2.95 -8.23
C LEU A 58 2.33 1.92 -8.05
N PRO A 59 1.15 2.13 -8.63
CA PRO A 59 0.07 1.17 -8.53
C PRO A 59 0.27 0.04 -9.54
N ASN A 60 -0.24 -1.12 -9.24
CA ASN A 60 -0.16 -2.21 -10.16
C ASN A 60 -1.25 -2.04 -11.20
N THR A 61 -0.81 -1.81 -12.42
CA THR A 61 -1.67 -1.53 -13.57
C THR A 61 -2.56 -2.71 -13.95
N ASP A 62 -2.22 -3.90 -13.44
CA ASP A 62 -2.99 -5.12 -13.66
C ASP A 62 -4.33 -5.03 -12.94
N LEU A 63 -4.35 -4.26 -11.87
CA LEU A 63 -5.53 -4.07 -11.06
C LEU A 63 -6.07 -2.66 -11.25
N VAL A 64 -5.23 -1.67 -10.98
CA VAL A 64 -5.60 -0.27 -11.12
C VAL A 64 -5.24 0.16 -12.53
N LYS A 65 -6.22 0.28 -13.37
CA LYS A 65 -6.01 0.54 -14.76
C LYS A 65 -6.47 1.98 -15.05
N ASP A 66 -5.73 2.67 -15.92
CA ASP A 66 -5.96 4.08 -16.31
C ASP A 66 -6.10 5.00 -15.13
N THR A 67 -4.98 5.34 -14.53
CA THR A 67 -4.94 6.13 -13.31
C THR A 67 -5.45 7.58 -13.51
N ASP A 68 -5.56 7.99 -14.78
CA ASP A 68 -6.01 9.34 -15.20
C ASP A 68 -7.49 9.56 -14.84
N ASN A 69 -8.20 8.48 -14.56
CA ASN A 69 -9.63 8.53 -14.18
C ASN A 69 -9.82 9.05 -12.75
N TYR A 70 -8.71 9.48 -12.11
CA TYR A 70 -8.68 9.88 -10.70
C TYR A 70 -8.83 8.62 -9.86
N SER A 71 -8.33 7.52 -10.42
CA SER A 71 -8.31 6.23 -9.78
C SER A 71 -7.19 6.21 -8.73
N PHE A 72 -6.18 7.00 -9.02
CA PHE A 72 -4.99 7.09 -8.22
C PHE A 72 -5.01 8.40 -7.45
N ILE A 73 -5.25 8.31 -6.16
CA ILE A 73 -5.24 9.47 -5.30
C ILE A 73 -4.18 9.26 -4.24
N VAL A 74 -3.11 9.97 -4.34
CA VAL A 74 -2.08 9.90 -3.35
C VAL A 74 -1.80 11.29 -2.86
N ASN A 75 -2.18 11.53 -1.65
CA ASN A 75 -1.98 12.79 -1.03
C ASN A 75 -0.75 12.68 -0.19
N THR A 76 0.28 13.34 -0.61
CA THR A 76 1.49 13.36 0.11
C THR A 76 1.37 14.39 1.24
N SER A 77 0.94 13.88 2.36
CA SER A 77 0.70 14.59 3.56
C SER A 77 2.02 15.07 4.17
N THR A 78 1.92 15.83 5.26
CA THR A 78 3.07 16.30 6.01
C THR A 78 3.96 15.09 6.33
N PRO A 79 5.32 15.19 6.08
CA PRO A 79 6.28 14.09 6.26
C PRO A 79 5.97 13.18 7.44
N GLY A 80 5.97 11.91 7.16
CA GLY A 80 5.60 10.93 8.16
C GLY A 80 4.24 10.34 7.88
N LYS A 81 3.47 10.94 6.98
CA LYS A 81 2.18 10.41 6.57
C LYS A 81 1.96 10.48 5.07
N ILE A 82 1.36 9.45 4.53
CA ILE A 82 0.96 9.39 3.14
C ILE A 82 -0.48 8.91 3.15
N SER A 83 -1.36 9.61 2.49
CA SER A 83 -2.72 9.17 2.42
C SER A 83 -3.00 8.67 1.01
N ILE A 84 -3.21 7.38 0.88
CA ILE A 84 -3.42 6.77 -0.41
C ILE A 84 -4.86 6.27 -0.52
N THR A 85 -5.46 6.54 -1.64
CA THR A 85 -6.76 6.09 -1.95
C THR A 85 -6.80 5.63 -3.41
N PHE A 86 -7.22 4.41 -3.62
CA PHE A 86 -7.41 3.88 -4.93
C PHE A 86 -8.88 3.69 -5.13
N THR A 87 -9.46 4.48 -5.95
CA THR A 87 -10.83 4.34 -6.25
C THR A 87 -11.08 4.75 -7.69
N ASP A 88 -11.57 3.84 -8.47
CA ASP A 88 -11.76 4.09 -9.89
C ASP A 88 -13.24 4.25 -10.19
N PRO A 89 -13.62 5.28 -10.97
CA PRO A 89 -15.02 5.56 -11.30
C PRO A 89 -15.58 4.70 -12.46
N THR A 90 -14.74 3.95 -13.12
CA THR A 90 -15.18 3.13 -14.21
C THR A 90 -14.95 1.64 -13.81
N LEU A 91 -15.13 1.40 -12.49
CA LEU A 91 -14.90 0.09 -11.81
C LEU A 91 -15.67 -1.11 -12.40
N ALA A 92 -16.68 -0.84 -13.22
CA ALA A 92 -17.41 -1.90 -13.87
C ALA A 92 -16.68 -2.37 -15.11
N ASN A 93 -15.88 -1.50 -15.66
CA ASN A 93 -15.10 -1.78 -16.84
C ASN A 93 -13.73 -2.27 -16.44
N TYR A 94 -13.16 -1.65 -15.42
CA TYR A 94 -11.93 -2.12 -14.84
C TYR A 94 -12.18 -2.46 -13.39
N PRO A 95 -12.37 -3.74 -13.07
CA PRO A 95 -12.61 -4.16 -11.72
C PRO A 95 -11.38 -4.79 -11.07
N ILE A 96 -11.19 -4.53 -9.80
CA ILE A 96 -10.17 -5.23 -9.08
C ILE A 96 -10.86 -6.40 -8.41
N SER A 97 -10.90 -7.52 -9.11
CA SER A 97 -11.60 -8.70 -8.64
C SER A 97 -10.67 -9.89 -8.58
N VAL A 98 -9.41 -9.61 -8.71
CA VAL A 98 -8.38 -10.61 -8.66
C VAL A 98 -7.28 -10.11 -7.77
N ASP A 99 -6.51 -11.02 -7.24
CA ASP A 99 -5.47 -10.66 -6.30
C ASP A 99 -4.11 -10.50 -6.97
N GLY A 100 -3.13 -10.16 -6.17
CA GLY A 100 -1.79 -9.95 -6.65
C GLY A 100 -1.17 -8.79 -5.92
N ILE A 101 -0.44 -7.97 -6.62
CA ILE A 101 0.16 -6.80 -6.02
C ILE A 101 -0.80 -5.64 -6.21
N LEU A 102 -0.97 -4.82 -5.21
CA LEU A 102 -1.82 -3.67 -5.31
C LEU A 102 -1.00 -2.46 -5.71
N ALA A 103 0.08 -2.21 -4.99
CA ALA A 103 0.93 -1.05 -5.25
C ALA A 103 2.32 -1.29 -4.72
N TYR A 104 3.23 -0.46 -5.14
CA TYR A 104 4.60 -0.50 -4.70
C TYR A 104 4.92 0.85 -4.06
N LEU A 105 5.28 0.83 -2.81
CA LEU A 105 5.64 2.03 -2.09
C LEU A 105 7.13 2.25 -2.29
N ASP A 106 7.50 3.33 -2.92
CA ASP A 106 8.90 3.55 -3.27
C ASP A 106 9.52 4.64 -2.39
N PHE A 107 10.47 4.26 -1.58
CA PHE A 107 11.11 5.15 -0.62
C PHE A 107 12.62 5.17 -0.82
N ILE A 108 13.22 6.24 -0.45
CA ILE A 108 14.66 6.33 -0.36
C ILE A 108 14.97 6.33 1.11
N ILE A 109 15.84 5.47 1.54
CA ILE A 109 16.27 5.50 2.90
C ILE A 109 17.29 6.62 2.96
N ASN A 110 17.11 7.53 3.88
CA ASN A 110 17.93 8.72 4.00
C ASN A 110 19.41 8.32 4.23
N SER A 111 20.31 9.08 3.67
CA SER A 111 21.72 8.83 3.83
C SER A 111 22.14 9.07 5.30
N ASN A 112 21.35 9.87 6.00
CA ASN A 112 21.56 10.21 7.41
C ASN A 112 20.55 9.39 8.27
N ALA A 113 20.09 8.28 7.74
CA ALA A 113 19.16 7.42 8.44
C ALA A 113 19.89 6.52 9.43
N THR A 114 19.18 6.14 10.45
CA THR A 114 19.68 5.25 11.44
C THR A 114 19.33 3.83 11.01
N ALA A 115 20.18 2.90 11.36
CA ALA A 115 19.99 1.51 11.03
C ALA A 115 19.04 0.87 12.03
N GLY A 116 18.40 -0.19 11.63
CA GLY A 116 17.49 -0.87 12.50
C GLY A 116 16.25 -1.28 11.77
N ASP A 117 15.54 -2.22 12.34
CA ASP A 117 14.32 -2.72 11.74
C ASP A 117 13.22 -1.74 12.02
N SER A 118 12.70 -1.17 10.97
CA SER A 118 11.73 -0.12 11.09
C SER A 118 10.49 -0.44 10.30
N ALA A 119 9.38 -0.52 10.98
CA ALA A 119 8.13 -0.82 10.35
C ALA A 119 7.42 0.44 9.98
N LEU A 120 6.68 0.39 8.91
CA LEU A 120 5.81 1.48 8.54
C LEU A 120 4.49 1.11 9.16
N THR A 121 3.77 2.04 9.63
CA THR A 121 2.54 1.71 10.28
C THR A 121 1.37 2.25 9.50
N VAL A 122 0.68 1.37 8.81
CA VAL A 122 -0.49 1.76 8.07
C VAL A 122 -1.65 1.75 9.05
N ASP A 123 -2.26 2.91 9.21
CA ASP A 123 -3.32 3.10 10.19
C ASP A 123 -4.59 2.34 9.80
N PRO A 124 -5.02 1.34 10.61
CA PRO A 124 -6.19 0.50 10.33
C PRO A 124 -7.52 1.26 10.32
N ALA A 125 -7.59 2.37 11.02
CA ALA A 125 -8.83 3.13 11.09
C ALA A 125 -9.05 3.92 9.80
N THR A 126 -7.95 4.38 9.24
CA THR A 126 -7.99 5.13 8.02
C THR A 126 -7.94 4.15 6.81
N LEU A 127 -7.75 2.88 7.10
CA LEU A 127 -7.69 1.85 6.10
C LEU A 127 -9.11 1.33 5.89
N ILE A 128 -9.64 1.58 4.72
CA ILE A 128 -10.99 1.19 4.37
C ILE A 128 -10.92 0.50 3.02
N VAL A 129 -11.47 -0.68 2.92
CA VAL A 129 -11.49 -1.40 1.66
C VAL A 129 -12.91 -1.83 1.39
N ALA A 130 -13.58 -1.05 0.58
CA ALA A 130 -14.97 -1.27 0.28
C ALA A 130 -15.14 -1.72 -1.16
N ASP A 131 -16.01 -2.69 -1.35
CA ASP A 131 -16.30 -3.22 -2.67
C ASP A 131 -17.35 -2.32 -3.35
N GLU A 132 -17.91 -2.74 -4.49
CA GLU A 132 -18.92 -1.90 -5.18
C GLU A 132 -20.22 -1.79 -4.35
N ASN A 133 -20.42 -2.74 -3.44
CA ASN A 133 -21.56 -2.75 -2.53
C ASN A 133 -21.28 -1.83 -1.31
N ASP A 134 -20.06 -1.26 -1.28
CA ASP A 134 -19.60 -0.28 -0.26
C ASP A 134 -19.40 -0.97 1.11
N LYS A 135 -19.18 -2.27 1.08
CA LYS A 135 -18.96 -3.00 2.29
C LYS A 135 -17.47 -3.12 2.52
N ASP A 136 -17.02 -2.69 3.68
CA ASP A 136 -15.64 -2.91 4.05
C ASP A 136 -15.48 -4.37 4.38
N ILE A 137 -14.59 -5.02 3.71
CA ILE A 137 -14.43 -6.46 3.83
C ILE A 137 -12.97 -6.86 4.00
N LYS A 138 -12.19 -6.05 4.66
CA LYS A 138 -10.76 -6.32 4.69
C LYS A 138 -10.19 -6.87 5.99
N ASP A 139 -9.43 -7.92 5.84
CA ASP A 139 -8.56 -8.41 6.89
C ASP A 139 -7.21 -7.83 6.57
N ALA A 140 -6.81 -6.82 7.27
CA ALA A 140 -5.62 -6.14 6.86
C ALA A 140 -4.59 -6.01 7.93
N ALA A 141 -3.46 -6.55 7.65
CA ALA A 141 -2.28 -6.34 8.43
C ALA A 141 -1.38 -5.58 7.50
N SER A 142 -1.09 -4.36 7.81
CA SER A 142 -0.36 -3.55 6.90
C SER A 142 0.72 -2.73 7.58
N ASN A 143 1.93 -3.11 7.29
CA ASN A 143 3.09 -2.45 7.78
C ASN A 143 3.99 -2.08 6.63
N GLY A 144 4.75 -3.04 6.17
CA GLY A 144 5.74 -2.76 5.17
C GLY A 144 7.02 -2.51 5.88
N LYS A 145 7.48 -3.52 6.54
CA LYS A 145 8.60 -3.40 7.42
C LYS A 145 9.91 -3.40 6.66
N ILE A 146 10.72 -2.42 6.96
CA ILE A 146 11.97 -2.23 6.29
C ILE A 146 13.11 -2.36 7.28
N THR A 147 13.92 -3.35 7.09
CA THR A 147 15.07 -3.51 7.91
C THR A 147 16.21 -2.68 7.31
N VAL A 148 16.56 -1.61 7.97
CA VAL A 148 17.66 -0.81 7.54
C VAL A 148 18.94 -1.46 8.02
N THR A 149 19.65 -2.04 7.13
CA THR A 149 20.87 -2.71 7.42
C THR A 149 22.00 -1.70 7.34
N GLY A 150 22.83 -1.68 8.35
CA GLY A 150 23.89 -0.74 8.35
C GLY A 150 25.04 -1.21 9.18
N SER A 151 26.22 -0.86 8.76
CA SER A 151 27.43 -1.14 9.48
C SER A 151 27.58 -0.02 10.53
N ALA A 152 27.07 1.14 10.17
CA ALA A 152 27.07 2.31 11.00
C ALA A 152 25.91 3.19 10.54
N PRO A 153 25.28 3.94 11.44
CA PRO A 153 24.21 4.86 11.07
C PRO A 153 24.80 6.01 10.25
N THR A 154 24.07 6.44 9.21
CA THR A 154 24.53 7.49 8.30
C THR A 154 25.69 7.02 7.37
N SER A 155 25.46 7.08 6.10
CA SER A 155 26.42 6.69 5.11
C SER A 155 26.67 7.85 4.16
N GLY A 1 -30.79 -19.98 -7.02
CA GLY A 1 -29.53 -19.89 -7.76
C GLY A 1 -28.54 -19.04 -7.02
N SER A 2 -27.93 -18.12 -7.71
CA SER A 2 -27.00 -17.21 -7.13
C SER A 2 -27.74 -16.01 -6.52
N ALA A 3 -28.27 -16.22 -5.33
CA ALA A 3 -29.04 -15.19 -4.64
C ALA A 3 -28.21 -14.54 -3.55
N SER A 4 -27.08 -15.14 -3.27
CA SER A 4 -26.23 -14.67 -2.22
C SER A 4 -25.21 -13.68 -2.81
N VAL A 5 -25.26 -12.46 -2.35
CA VAL A 5 -24.32 -11.45 -2.79
C VAL A 5 -23.04 -11.65 -2.01
N LYS A 6 -22.09 -12.25 -2.65
CA LYS A 6 -20.86 -12.58 -2.01
C LYS A 6 -19.97 -11.37 -1.92
N ASN A 7 -19.38 -11.28 -0.80
CA ASN A 7 -18.43 -10.28 -0.39
C ASN A 7 -17.51 -10.97 0.55
N GLU A 8 -16.38 -11.37 0.08
CA GLU A 8 -15.47 -12.20 0.84
C GLU A 8 -14.47 -11.39 1.62
N THR A 9 -13.74 -12.05 2.47
CA THR A 9 -12.76 -11.39 3.27
C THR A 9 -11.44 -11.30 2.51
N VAL A 10 -11.10 -10.09 2.18
CA VAL A 10 -9.95 -9.77 1.40
C VAL A 10 -8.82 -9.47 2.35
N LYS A 11 -7.78 -10.20 2.18
CA LYS A 11 -6.65 -10.12 3.03
C LYS A 11 -5.68 -9.08 2.49
N LEU A 12 -5.50 -8.01 3.21
CA LEU A 12 -4.49 -7.04 2.87
C LEU A 12 -3.25 -7.38 3.63
N SER A 13 -2.19 -7.55 2.90
CA SER A 13 -0.99 -8.02 3.44
C SER A 13 0.20 -7.13 3.11
N VAL A 14 1.16 -7.19 3.98
CA VAL A 14 2.38 -6.43 3.91
C VAL A 14 3.56 -7.36 4.02
N GLY A 15 4.72 -6.90 3.64
CA GLY A 15 5.88 -7.71 3.73
C GLY A 15 7.04 -6.93 4.30
N THR A 16 8.11 -7.60 4.55
CA THR A 16 9.29 -7.01 5.11
C THR A 16 10.38 -7.00 4.04
N VAL A 17 10.97 -5.86 3.85
CA VAL A 17 12.01 -5.67 2.87
C VAL A 17 13.25 -5.11 3.54
N SER A 18 14.37 -5.17 2.87
CA SER A 18 15.60 -4.67 3.41
C SER A 18 16.14 -3.56 2.52
N GLY A 19 17.02 -2.74 3.06
CA GLY A 19 17.60 -1.67 2.29
C GLY A 19 18.80 -1.06 2.97
N ASN A 20 19.42 -0.10 2.32
CA ASN A 20 20.59 0.61 2.83
C ASN A 20 20.46 2.09 2.53
N PRO A 21 21.15 2.99 3.27
CA PRO A 21 21.10 4.45 3.03
C PRO A 21 21.54 4.82 1.61
N GLY A 22 20.75 5.64 0.97
CA GLY A 22 21.05 6.08 -0.38
C GLY A 22 20.32 5.25 -1.41
N ASP A 23 19.95 4.04 -1.03
CA ASP A 23 19.30 3.10 -1.91
C ASP A 23 17.78 3.25 -1.84
N THR A 24 17.13 3.03 -2.93
CA THR A 24 15.69 3.12 -3.01
C THR A 24 15.09 1.76 -2.63
N VAL A 25 14.18 1.76 -1.71
CA VAL A 25 13.56 0.54 -1.25
C VAL A 25 12.11 0.50 -1.71
N LYS A 26 11.65 -0.67 -2.09
CA LYS A 26 10.32 -0.83 -2.59
C LYS A 26 9.58 -1.83 -1.69
N VAL A 27 8.43 -1.42 -1.20
CA VAL A 27 7.60 -2.26 -0.34
C VAL A 27 6.32 -2.63 -1.09
N PRO A 28 6.13 -3.92 -1.44
CA PRO A 28 4.93 -4.35 -2.14
C PRO A 28 3.72 -4.52 -1.18
N VAL A 29 2.65 -3.82 -1.47
CA VAL A 29 1.43 -3.92 -0.72
C VAL A 29 0.63 -5.01 -1.38
N THR A 30 0.45 -6.07 -0.68
CA THR A 30 -0.13 -7.23 -1.25
C THR A 30 -1.62 -7.32 -0.89
N ILE A 31 -2.40 -7.72 -1.84
CA ILE A 31 -3.81 -7.91 -1.67
C ILE A 31 -4.11 -9.32 -2.10
N SER A 32 -4.84 -10.06 -1.33
CA SER A 32 -5.14 -11.44 -1.67
C SER A 32 -6.55 -11.82 -1.26
N GLN A 33 -7.09 -12.89 -1.88
CA GLN A 33 -8.38 -13.52 -1.50
C GLN A 33 -9.59 -12.68 -1.97
N VAL A 34 -9.38 -11.82 -2.93
CA VAL A 34 -10.43 -10.97 -3.43
C VAL A 34 -11.08 -11.61 -4.67
N SER A 35 -12.40 -11.59 -4.71
CA SER A 35 -13.12 -12.08 -5.83
C SER A 35 -14.18 -11.05 -6.29
N THR A 36 -14.72 -10.31 -5.34
CA THR A 36 -15.65 -9.25 -5.63
C THR A 36 -14.83 -8.06 -6.14
N PRO A 37 -15.25 -7.35 -7.22
CA PRO A 37 -14.49 -6.22 -7.74
C PRO A 37 -14.35 -5.11 -6.68
N VAL A 38 -13.12 -4.78 -6.39
CA VAL A 38 -12.81 -3.76 -5.43
C VAL A 38 -12.74 -2.40 -6.12
N GLY A 39 -13.15 -1.34 -5.45
CA GLY A 39 -13.12 -0.04 -6.09
C GLY A 39 -12.76 1.08 -5.15
N LEU A 40 -12.77 0.83 -3.85
CA LEU A 40 -12.49 1.85 -2.88
C LEU A 40 -11.44 1.40 -1.92
N ILE A 41 -10.30 2.02 -1.99
CA ILE A 41 -9.19 1.71 -1.11
C ILE A 41 -8.66 3.00 -0.50
N CYS A 42 -8.48 3.02 0.79
CA CYS A 42 -7.91 4.12 1.51
C CYS A 42 -6.94 3.55 2.54
N MET A 43 -5.84 4.23 2.82
CA MET A 43 -4.87 3.79 3.81
C MET A 43 -4.02 4.96 4.34
N ASP A 44 -3.66 4.88 5.62
CA ASP A 44 -2.86 5.90 6.32
C ASP A 44 -1.55 5.27 6.75
N ILE A 45 -0.44 5.73 6.18
CA ILE A 45 0.86 5.14 6.48
C ILE A 45 1.68 6.10 7.32
N SER A 46 2.08 5.65 8.48
CA SER A 46 2.95 6.41 9.34
C SER A 46 4.34 5.76 9.32
N TYR A 47 5.37 6.54 9.02
CA TYR A 47 6.73 6.03 8.95
C TYR A 47 7.69 7.08 9.54
N ASP A 48 8.97 6.72 9.66
CA ASP A 48 9.99 7.63 10.15
C ASP A 48 10.40 8.57 9.02
N ALA A 49 9.99 9.84 9.15
CA ALA A 49 10.16 10.84 8.09
C ALA A 49 11.60 11.22 7.83
N SER A 50 12.43 11.06 8.83
CA SER A 50 13.82 11.41 8.71
C SER A 50 14.59 10.27 8.04
N LYS A 51 14.16 9.05 8.27
CA LYS A 51 14.87 7.88 7.81
C LYS A 51 14.51 7.57 6.36
N PHE A 52 13.27 7.77 5.98
CA PHE A 52 12.83 7.46 4.65
C PHE A 52 12.15 8.65 4.03
N THR A 53 12.13 8.70 2.75
CA THR A 53 11.43 9.72 2.04
C THR A 53 10.70 9.09 0.87
N VAL A 54 9.39 9.11 0.92
CA VAL A 54 8.58 8.56 -0.14
C VAL A 54 8.63 9.48 -1.35
N LYS A 55 8.83 8.90 -2.51
CA LYS A 55 8.84 9.68 -3.72
C LYS A 55 7.49 9.61 -4.35
N ASP A 56 7.00 8.40 -4.43
CA ASP A 56 5.80 8.05 -5.10
C ASP A 56 5.54 6.61 -4.79
N VAL A 57 4.45 6.11 -5.28
CA VAL A 57 4.14 4.72 -5.17
C VAL A 57 3.75 4.27 -6.55
N LEU A 58 4.19 3.12 -6.93
CA LEU A 58 3.90 2.63 -8.24
C LEU A 58 2.77 1.63 -8.16
N PRO A 59 1.59 1.98 -8.67
CA PRO A 59 0.44 1.12 -8.62
C PRO A 59 0.51 0.05 -9.69
N ASN A 60 0.02 -1.11 -9.37
CA ASN A 60 -0.03 -2.18 -10.32
C ASN A 60 -1.24 -1.98 -11.22
N THR A 61 -0.99 -1.69 -12.47
CA THR A 61 -2.03 -1.38 -13.45
C THR A 61 -2.83 -2.61 -13.89
N ASP A 62 -2.47 -3.78 -13.38
CA ASP A 62 -3.25 -4.97 -13.59
C ASP A 62 -4.43 -4.98 -12.64
N LEU A 63 -4.32 -4.18 -11.60
CA LEU A 63 -5.37 -4.01 -10.66
C LEU A 63 -5.95 -2.62 -10.81
N VAL A 64 -5.18 -1.61 -10.42
CA VAL A 64 -5.61 -0.20 -10.51
C VAL A 64 -5.70 0.17 -11.99
N LYS A 65 -6.90 0.42 -12.46
CA LYS A 65 -7.12 0.58 -13.86
C LYS A 65 -7.18 2.00 -14.30
N ASP A 66 -6.40 2.25 -15.37
CA ASP A 66 -6.22 3.53 -16.06
C ASP A 66 -6.21 4.72 -15.08
N THR A 67 -5.04 5.00 -14.55
CA THR A 67 -4.82 5.95 -13.46
C THR A 67 -5.43 7.36 -13.70
N ASP A 68 -5.52 7.74 -14.98
CA ASP A 68 -6.04 9.05 -15.42
C ASP A 68 -7.51 9.26 -15.01
N ASN A 69 -8.21 8.16 -14.74
CA ASN A 69 -9.63 8.19 -14.32
C ASN A 69 -9.78 8.55 -12.85
N TYR A 70 -8.67 8.98 -12.21
CA TYR A 70 -8.61 9.38 -10.80
C TYR A 70 -8.64 8.11 -9.94
N SER A 71 -8.06 7.07 -10.48
CA SER A 71 -7.94 5.82 -9.79
C SER A 71 -6.76 5.88 -8.81
N PHE A 72 -5.82 6.77 -9.12
CA PHE A 72 -4.61 6.97 -8.36
C PHE A 72 -4.71 8.26 -7.52
N ILE A 73 -4.72 8.12 -6.21
CA ILE A 73 -4.75 9.28 -5.32
C ILE A 73 -3.66 9.11 -4.27
N VAL A 74 -2.65 9.90 -4.34
CA VAL A 74 -1.59 9.86 -3.36
C VAL A 74 -1.38 11.25 -2.83
N ASN A 75 -1.64 11.41 -1.58
CA ASN A 75 -1.51 12.66 -0.90
C ASN A 75 -0.26 12.66 -0.05
N THR A 76 0.65 13.57 -0.33
CA THR A 76 1.81 13.75 0.48
C THR A 76 1.43 14.53 1.74
N SER A 77 1.14 13.78 2.76
CA SER A 77 0.68 14.28 4.02
C SER A 77 1.82 14.87 4.82
N THR A 78 1.47 15.46 5.96
CA THR A 78 2.41 16.01 6.90
C THR A 78 3.52 14.97 7.20
N PRO A 79 4.84 15.41 7.17
CA PRO A 79 6.01 14.54 7.36
C PRO A 79 5.81 13.42 8.37
N GLY A 80 6.04 12.21 7.92
CA GLY A 80 5.84 11.05 8.73
C GLY A 80 4.63 10.28 8.30
N LYS A 81 3.76 10.90 7.52
CA LYS A 81 2.58 10.21 7.01
C LYS A 81 2.40 10.32 5.52
N ILE A 82 1.69 9.36 4.99
CA ILE A 82 1.27 9.31 3.61
C ILE A 82 -0.19 8.88 3.61
N SER A 83 -1.00 9.53 2.84
CA SER A 83 -2.38 9.12 2.72
C SER A 83 -2.60 8.67 1.28
N ILE A 84 -2.86 7.40 1.12
CA ILE A 84 -3.05 6.83 -0.21
C ILE A 84 -4.50 6.38 -0.37
N THR A 85 -5.05 6.63 -1.52
CA THR A 85 -6.39 6.25 -1.84
C THR A 85 -6.44 5.78 -3.29
N PHE A 86 -7.18 4.75 -3.54
CA PHE A 86 -7.41 4.26 -4.87
C PHE A 86 -8.88 4.15 -5.07
N THR A 87 -9.42 4.93 -5.94
CA THR A 87 -10.82 4.85 -6.25
C THR A 87 -10.94 4.60 -7.72
N ASP A 88 -11.51 3.49 -8.09
CA ASP A 88 -11.53 3.12 -9.48
C ASP A 88 -12.95 3.22 -10.02
N PRO A 89 -13.21 4.18 -10.94
CA PRO A 89 -14.53 4.35 -11.52
C PRO A 89 -14.78 3.40 -12.70
N THR A 90 -13.75 2.71 -13.12
CA THR A 90 -13.78 1.84 -14.25
C THR A 90 -13.95 0.37 -13.84
N LEU A 91 -14.24 0.15 -12.55
CA LEU A 91 -14.39 -1.19 -11.91
C LEU A 91 -15.35 -2.17 -12.62
N ALA A 92 -16.32 -1.66 -13.36
CA ALA A 92 -17.28 -2.53 -14.04
C ALA A 92 -16.79 -2.92 -15.42
N ASN A 93 -15.98 -2.06 -15.99
CA ASN A 93 -15.44 -2.28 -17.33
C ASN A 93 -14.15 -3.06 -17.23
N TYR A 94 -13.36 -2.68 -16.27
CA TYR A 94 -12.14 -3.36 -15.94
C TYR A 94 -12.30 -3.83 -14.51
N PRO A 95 -12.56 -5.09 -14.28
CA PRO A 95 -12.83 -5.57 -12.94
C PRO A 95 -11.55 -5.87 -12.13
N ILE A 96 -11.44 -5.25 -10.97
CA ILE A 96 -10.37 -5.61 -10.08
C ILE A 96 -10.93 -6.70 -9.20
N SER A 97 -10.80 -7.91 -9.64
CA SER A 97 -11.37 -9.04 -8.94
C SER A 97 -10.34 -10.15 -8.79
N VAL A 98 -9.10 -9.81 -9.05
CA VAL A 98 -8.00 -10.73 -8.94
C VAL A 98 -7.02 -10.16 -7.96
N ASP A 99 -6.21 -11.00 -7.38
CA ASP A 99 -5.25 -10.54 -6.39
C ASP A 99 -3.82 -10.52 -6.87
N GLY A 100 -2.95 -10.02 -6.00
CA GLY A 100 -1.56 -9.86 -6.26
C GLY A 100 -1.02 -8.68 -5.49
N ILE A 101 -0.32 -7.82 -6.14
CA ILE A 101 0.19 -6.63 -5.49
C ILE A 101 -0.63 -5.44 -5.95
N LEU A 102 -1.06 -4.64 -5.01
CA LEU A 102 -1.89 -3.48 -5.31
C LEU A 102 -1.00 -2.31 -5.75
N ALA A 103 -0.02 -2.00 -4.93
CA ALA A 103 0.88 -0.92 -5.21
C ALA A 103 2.21 -1.18 -4.55
N TYR A 104 3.22 -0.61 -5.09
CA TYR A 104 4.55 -0.71 -4.56
C TYR A 104 4.93 0.63 -3.97
N LEU A 105 5.29 0.65 -2.72
CA LEU A 105 5.68 1.88 -2.04
C LEU A 105 7.16 2.11 -2.35
N ASP A 106 7.48 3.24 -2.92
CA ASP A 106 8.85 3.46 -3.35
C ASP A 106 9.48 4.60 -2.51
N PHE A 107 10.35 4.21 -1.61
CA PHE A 107 10.98 5.14 -0.65
C PHE A 107 12.46 5.24 -0.91
N ILE A 108 13.01 6.40 -0.69
CA ILE A 108 14.46 6.55 -0.68
C ILE A 108 14.87 6.42 0.77
N ILE A 109 15.86 5.63 1.04
CA ILE A 109 16.37 5.58 2.37
C ILE A 109 17.39 6.70 2.46
N ASN A 110 17.16 7.61 3.37
CA ASN A 110 17.96 8.83 3.52
C ASN A 110 19.44 8.51 3.71
N SER A 111 20.29 9.27 3.08
CA SER A 111 21.74 9.13 3.19
C SER A 111 22.22 9.36 4.65
N ASN A 112 21.40 10.05 5.43
CA ASN A 112 21.69 10.35 6.84
C ASN A 112 21.00 9.32 7.77
N ALA A 113 20.31 8.34 7.19
CA ALA A 113 19.61 7.33 7.98
C ALA A 113 20.59 6.33 8.58
N THR A 114 20.19 5.76 9.68
CA THR A 114 21.01 4.82 10.39
C THR A 114 20.40 3.41 10.20
N ALA A 115 21.18 2.37 10.45
CA ALA A 115 20.71 1.00 10.30
C ALA A 115 19.72 0.62 11.38
N GLY A 116 18.92 -0.34 11.07
CA GLY A 116 17.90 -0.78 11.98
C GLY A 116 16.60 -0.94 11.26
N ASP A 117 15.68 -1.58 11.91
CA ASP A 117 14.38 -1.85 11.35
C ASP A 117 13.46 -0.66 11.57
N SER A 118 12.48 -0.54 10.71
CA SER A 118 11.44 0.44 10.81
C SER A 118 10.14 -0.16 10.34
N ALA A 119 9.19 -0.22 11.23
CA ALA A 119 7.89 -0.70 10.91
C ALA A 119 7.03 0.45 10.40
N LEU A 120 6.26 0.17 9.39
CA LEU A 120 5.39 1.14 8.80
C LEU A 120 4.01 0.91 9.36
N THR A 121 3.53 1.83 10.12
CA THR A 121 2.26 1.71 10.75
C THR A 121 1.16 2.17 9.80
N VAL A 122 0.42 1.24 9.28
CA VAL A 122 -0.68 1.58 8.43
C VAL A 122 -1.93 1.39 9.26
N ASP A 123 -2.62 2.46 9.51
CA ASP A 123 -3.79 2.45 10.39
C ASP A 123 -4.97 1.77 9.74
N PRO A 124 -5.41 0.58 10.28
CA PRO A 124 -6.51 -0.23 9.72
C PRO A 124 -7.88 0.43 9.82
N ALA A 125 -7.98 1.49 10.60
CA ALA A 125 -9.24 2.19 10.76
C ALA A 125 -9.42 3.21 9.64
N THR A 126 -8.34 3.87 9.26
CA THR A 126 -8.35 4.79 8.17
C THR A 126 -8.20 4.01 6.85
N LEU A 127 -7.82 2.75 6.98
CA LEU A 127 -7.70 1.86 5.88
C LEU A 127 -9.09 1.32 5.59
N ILE A 128 -9.54 1.56 4.42
CA ILE A 128 -10.85 1.12 4.00
C ILE A 128 -10.72 0.44 2.68
N VAL A 129 -11.23 -0.75 2.57
CA VAL A 129 -11.22 -1.48 1.33
C VAL A 129 -12.63 -1.96 1.08
N ALA A 130 -13.33 -1.21 0.29
CA ALA A 130 -14.68 -1.49 -0.03
C ALA A 130 -14.78 -1.86 -1.48
N ASP A 131 -15.71 -2.72 -1.77
CA ASP A 131 -15.92 -3.22 -3.11
C ASP A 131 -16.83 -2.26 -3.89
N GLU A 132 -17.30 -2.68 -5.05
CA GLU A 132 -18.21 -1.89 -5.86
C GLU A 132 -19.54 -1.64 -5.13
N ASN A 133 -19.90 -2.55 -4.24
CA ASN A 133 -21.12 -2.47 -3.45
C ASN A 133 -20.84 -1.70 -2.13
N ASP A 134 -19.62 -1.13 -2.05
CA ASP A 134 -19.17 -0.24 -0.95
C ASP A 134 -19.15 -0.97 0.43
N LYS A 135 -18.93 -2.25 0.40
CA LYS A 135 -18.83 -3.02 1.62
C LYS A 135 -17.37 -3.18 1.95
N ASP A 136 -16.96 -2.73 3.14
CA ASP A 136 -15.58 -2.92 3.57
C ASP A 136 -15.39 -4.38 3.89
N ILE A 137 -14.60 -5.02 3.10
CA ILE A 137 -14.43 -6.46 3.16
C ILE A 137 -13.01 -6.85 3.49
N LYS A 138 -12.29 -6.01 4.19
CA LYS A 138 -10.90 -6.30 4.42
C LYS A 138 -10.56 -6.79 5.81
N ASP A 139 -9.82 -7.85 5.85
CA ASP A 139 -9.09 -8.23 7.02
C ASP A 139 -7.69 -7.73 6.76
N ALA A 140 -7.31 -6.66 7.37
CA ALA A 140 -6.04 -6.10 7.02
C ALA A 140 -5.09 -6.01 8.17
N ALA A 141 -3.97 -6.66 8.02
CA ALA A 141 -2.92 -6.49 8.94
C ALA A 141 -1.90 -5.69 8.18
N SER A 142 -1.68 -4.49 8.60
CA SER A 142 -0.82 -3.66 7.85
C SER A 142 0.21 -3.00 8.72
N ASN A 143 1.38 -3.50 8.60
CA ASN A 143 2.55 -3.03 9.26
C ASN A 143 3.74 -3.53 8.46
N GLY A 144 4.15 -2.76 7.50
CA GLY A 144 5.29 -3.11 6.67
C GLY A 144 6.54 -2.94 7.45
N LYS A 145 7.63 -3.47 7.00
CA LYS A 145 8.83 -3.32 7.75
C LYS A 145 10.00 -3.22 6.80
N ILE A 146 10.79 -2.22 6.99
CA ILE A 146 11.97 -2.01 6.21
C ILE A 146 13.15 -2.22 7.13
N THR A 147 14.01 -3.11 6.78
CA THR A 147 15.15 -3.40 7.59
C THR A 147 16.41 -2.83 6.94
N VAL A 148 16.92 -1.75 7.49
CA VAL A 148 18.15 -1.19 7.00
C VAL A 148 19.27 -1.99 7.64
N THR A 149 20.00 -2.70 6.83
CA THR A 149 21.01 -3.60 7.30
C THR A 149 22.26 -2.90 7.82
N GLY A 150 22.69 -1.89 7.11
CA GLY A 150 23.84 -1.16 7.54
C GLY A 150 24.24 -0.16 6.53
N SER A 151 25.12 -0.56 5.68
CA SER A 151 25.61 0.24 4.62
C SER A 151 25.97 -0.70 3.49
N ALA A 152 26.04 -0.21 2.28
CA ALA A 152 26.34 -1.04 1.14
C ALA A 152 27.85 -1.12 0.93
N PRO A 153 28.46 -2.29 1.23
CA PRO A 153 29.89 -2.45 1.13
C PRO A 153 30.36 -2.91 -0.25
N THR A 154 31.51 -2.45 -0.64
CA THR A 154 32.11 -2.91 -1.86
C THR A 154 32.70 -4.32 -1.64
N SER A 155 32.07 -5.29 -2.19
CA SER A 155 32.51 -6.66 -2.09
C SER A 155 32.30 -7.34 -3.43
N GLY A 1 -27.34 -12.58 8.00
CA GLY A 1 -26.22 -12.82 7.07
C GLY A 1 -26.67 -12.90 5.64
N SER A 2 -27.11 -11.78 5.09
CA SER A 2 -27.52 -11.74 3.70
C SER A 2 -26.90 -10.53 2.98
N ALA A 3 -25.91 -9.91 3.61
CA ALA A 3 -25.27 -8.69 3.09
C ALA A 3 -24.38 -8.98 1.89
N SER A 4 -23.91 -10.19 1.78
CA SER A 4 -23.04 -10.58 0.73
C SER A 4 -23.54 -11.89 0.10
N VAL A 5 -23.85 -11.86 -1.19
CA VAL A 5 -24.29 -13.06 -1.88
C VAL A 5 -23.05 -13.85 -2.36
N LYS A 6 -22.08 -13.11 -2.88
CA LYS A 6 -20.79 -13.63 -3.29
C LYS A 6 -19.79 -12.53 -3.04
N ASN A 7 -19.02 -12.69 -2.03
CA ASN A 7 -18.04 -11.69 -1.62
C ASN A 7 -17.05 -12.43 -0.76
N GLU A 8 -15.85 -11.92 -0.65
CA GLU A 8 -14.80 -12.58 0.01
C GLU A 8 -14.16 -11.67 1.00
N THR A 9 -13.41 -12.25 1.89
CA THR A 9 -12.65 -11.51 2.83
C THR A 9 -11.28 -11.30 2.19
N VAL A 10 -11.02 -10.09 1.76
CA VAL A 10 -9.85 -9.80 1.01
C VAL A 10 -8.71 -9.43 1.93
N LYS A 11 -7.63 -10.15 1.88
CA LYS A 11 -6.48 -9.90 2.72
C LYS A 11 -5.55 -8.85 2.14
N LEU A 12 -5.01 -8.05 3.02
CA LEU A 12 -3.97 -7.10 2.69
C LEU A 12 -2.76 -7.47 3.51
N SER A 13 -1.74 -7.90 2.84
CA SER A 13 -0.57 -8.42 3.47
C SER A 13 0.62 -7.52 3.18
N VAL A 14 1.50 -7.46 4.13
CA VAL A 14 2.71 -6.68 4.05
C VAL A 14 3.90 -7.59 4.22
N GLY A 15 5.05 -7.14 3.85
CA GLY A 15 6.20 -7.96 3.96
C GLY A 15 7.37 -7.21 4.52
N THR A 16 8.44 -7.89 4.73
CA THR A 16 9.62 -7.30 5.25
C THR A 16 10.68 -7.28 4.17
N VAL A 17 11.12 -6.09 3.85
CA VAL A 17 12.10 -5.86 2.83
C VAL A 17 13.35 -5.30 3.50
N SER A 18 14.44 -5.34 2.80
CA SER A 18 15.67 -4.83 3.30
C SER A 18 16.24 -3.77 2.38
N GLY A 19 16.94 -2.82 2.94
CA GLY A 19 17.53 -1.77 2.16
C GLY A 19 18.67 -1.15 2.91
N ASN A 20 19.39 -0.26 2.27
CA ASN A 20 20.56 0.36 2.90
C ASN A 20 20.34 1.87 3.01
N PRO A 21 20.97 2.55 3.99
CA PRO A 21 20.90 4.02 4.09
C PRO A 21 21.60 4.69 2.91
N GLY A 22 20.83 5.40 2.12
CA GLY A 22 21.33 6.03 0.91
C GLY A 22 20.84 5.30 -0.30
N ASP A 23 20.43 4.08 -0.08
CA ASP A 23 19.92 3.19 -1.11
C ASP A 23 18.39 3.34 -1.21
N THR A 24 17.82 2.87 -2.28
CA THR A 24 16.38 2.98 -2.51
C THR A 24 15.73 1.65 -2.11
N VAL A 25 14.53 1.70 -1.58
CA VAL A 25 13.84 0.51 -1.15
C VAL A 25 12.39 0.53 -1.65
N LYS A 26 11.89 -0.60 -2.05
CA LYS A 26 10.54 -0.68 -2.55
C LYS A 26 9.78 -1.70 -1.71
N VAL A 27 8.65 -1.29 -1.18
CA VAL A 27 7.84 -2.15 -0.33
C VAL A 27 6.57 -2.55 -1.09
N PRO A 28 6.46 -3.81 -1.51
CA PRO A 28 5.29 -4.29 -2.20
C PRO A 28 4.13 -4.64 -1.24
N VAL A 29 3.00 -4.01 -1.46
CA VAL A 29 1.83 -4.27 -0.66
C VAL A 29 1.07 -5.38 -1.33
N THR A 30 0.86 -6.46 -0.64
CA THR A 30 0.29 -7.64 -1.24
C THR A 30 -1.23 -7.69 -0.99
N ILE A 31 -1.97 -8.01 -2.00
CA ILE A 31 -3.38 -8.19 -1.89
C ILE A 31 -3.70 -9.60 -2.35
N SER A 32 -4.52 -10.30 -1.60
CA SER A 32 -4.90 -11.67 -1.92
C SER A 32 -6.32 -11.92 -1.46
N GLN A 33 -6.93 -13.02 -1.94
CA GLN A 33 -8.29 -13.44 -1.57
C GLN A 33 -9.36 -12.51 -2.10
N VAL A 34 -9.07 -11.85 -3.18
CA VAL A 34 -10.02 -10.96 -3.80
C VAL A 34 -10.75 -11.69 -4.94
N SER A 35 -12.02 -11.43 -5.04
CA SER A 35 -12.86 -12.02 -6.06
C SER A 35 -13.88 -10.97 -6.48
N THR A 36 -14.41 -10.28 -5.51
CA THR A 36 -15.32 -9.20 -5.72
C THR A 36 -14.49 -8.00 -6.18
N PRO A 37 -14.90 -7.31 -7.25
CA PRO A 37 -14.23 -6.09 -7.68
C PRO A 37 -14.27 -5.03 -6.58
N VAL A 38 -13.12 -4.55 -6.22
CA VAL A 38 -13.01 -3.57 -5.17
C VAL A 38 -13.22 -2.17 -5.77
N GLY A 39 -13.85 -1.28 -5.02
CA GLY A 39 -14.15 0.03 -5.54
C GLY A 39 -13.48 1.15 -4.77
N LEU A 40 -13.24 0.96 -3.49
CA LEU A 40 -12.67 2.01 -2.67
C LEU A 40 -11.64 1.41 -1.71
N ILE A 41 -10.40 1.75 -1.90
CA ILE A 41 -9.33 1.37 -1.00
C ILE A 41 -8.72 2.63 -0.42
N CYS A 42 -8.79 2.80 0.85
CA CYS A 42 -8.22 3.94 1.52
C CYS A 42 -7.27 3.43 2.57
N MET A 43 -6.13 4.07 2.73
CA MET A 43 -5.13 3.69 3.70
C MET A 43 -4.24 4.89 4.01
N ASP A 44 -3.69 4.92 5.20
CA ASP A 44 -2.81 6.02 5.57
C ASP A 44 -1.52 5.45 6.06
N ILE A 45 -0.45 5.80 5.41
CA ILE A 45 0.83 5.25 5.72
C ILE A 45 1.58 6.23 6.58
N SER A 46 1.74 5.92 7.81
CA SER A 46 2.49 6.73 8.71
C SER A 46 3.87 6.07 8.88
N TYR A 47 4.91 6.80 8.64
CA TYR A 47 6.24 6.23 8.68
C TYR A 47 7.21 7.24 9.25
N ASP A 48 8.43 6.82 9.55
CA ASP A 48 9.44 7.75 10.02
C ASP A 48 10.06 8.45 8.84
N ALA A 49 9.68 9.69 8.66
CA ALA A 49 10.12 10.48 7.55
C ALA A 49 11.49 11.10 7.78
N SER A 50 12.11 10.76 8.88
CA SER A 50 13.45 11.19 9.18
C SER A 50 14.42 10.16 8.59
N LYS A 51 13.96 8.93 8.56
CA LYS A 51 14.75 7.80 8.15
C LYS A 51 14.46 7.45 6.71
N PHE A 52 13.23 7.58 6.32
CA PHE A 52 12.84 7.25 4.97
C PHE A 52 12.27 8.47 4.32
N THR A 53 12.40 8.55 3.04
CA THR A 53 11.86 9.62 2.26
C THR A 53 11.05 9.01 1.13
N VAL A 54 9.75 9.22 1.12
CA VAL A 54 8.92 8.67 0.07
C VAL A 54 9.12 9.42 -1.24
N LYS A 55 9.30 8.67 -2.29
CA LYS A 55 9.41 9.23 -3.62
C LYS A 55 8.04 9.38 -4.17
N ASP A 56 7.34 8.27 -4.23
CA ASP A 56 6.02 8.14 -4.79
C ASP A 56 5.64 6.70 -4.61
N VAL A 57 4.45 6.36 -5.00
CA VAL A 57 4.01 4.99 -4.90
C VAL A 57 3.55 4.54 -6.26
N LEU A 58 3.92 3.36 -6.62
CA LEU A 58 3.61 2.83 -7.92
C LEU A 58 2.37 1.98 -7.83
N PRO A 59 1.30 2.34 -8.54
CA PRO A 59 0.11 1.55 -8.56
C PRO A 59 0.32 0.36 -9.48
N ASN A 60 -0.14 -0.79 -9.10
CA ASN A 60 -0.03 -1.92 -9.98
C ASN A 60 -1.10 -1.79 -11.03
N THR A 61 -0.66 -1.51 -12.23
CA THR A 61 -1.50 -1.21 -13.36
C THR A 61 -2.20 -2.44 -13.95
N ASP A 62 -1.92 -3.59 -13.37
CA ASP A 62 -2.63 -4.83 -13.67
C ASP A 62 -3.96 -4.83 -12.93
N LEU A 63 -3.97 -4.11 -11.82
CA LEU A 63 -5.14 -3.99 -10.99
C LEU A 63 -5.74 -2.61 -11.19
N VAL A 64 -5.02 -1.61 -10.70
CA VAL A 64 -5.45 -0.24 -10.79
C VAL A 64 -4.90 0.30 -12.10
N LYS A 65 -5.74 0.37 -13.07
CA LYS A 65 -5.35 0.76 -14.38
C LYS A 65 -6.15 1.98 -14.75
N ASP A 66 -5.64 2.74 -15.71
CA ASP A 66 -6.26 3.96 -16.21
C ASP A 66 -6.42 4.96 -15.09
N THR A 67 -5.33 5.10 -14.34
CA THR A 67 -5.23 5.94 -13.15
C THR A 67 -5.59 7.41 -13.41
N ASP A 68 -5.54 7.79 -14.68
CA ASP A 68 -5.91 9.12 -15.18
C ASP A 68 -7.38 9.43 -14.84
N ASN A 69 -8.20 8.40 -14.63
CA ASN A 69 -9.62 8.57 -14.27
C ASN A 69 -9.81 8.92 -12.79
N TYR A 70 -8.72 9.33 -12.13
CA TYR A 70 -8.68 9.71 -10.71
C TYR A 70 -8.91 8.45 -9.87
N SER A 71 -8.41 7.35 -10.39
CA SER A 71 -8.45 6.07 -9.72
C SER A 71 -7.30 6.02 -8.70
N PHE A 72 -6.32 6.87 -8.92
CA PHE A 72 -5.12 6.95 -8.13
C PHE A 72 -5.12 8.26 -7.38
N ILE A 73 -5.35 8.21 -6.09
CA ILE A 73 -5.33 9.38 -5.27
C ILE A 73 -4.23 9.22 -4.25
N VAL A 74 -3.17 9.94 -4.41
CA VAL A 74 -2.10 9.90 -3.44
C VAL A 74 -1.76 11.30 -3.04
N ASN A 75 -2.08 11.62 -1.83
CA ASN A 75 -1.84 12.93 -1.30
C ASN A 75 -0.64 12.86 -0.41
N THR A 76 0.35 13.66 -0.72
CA THR A 76 1.49 13.78 0.11
C THR A 76 1.12 14.61 1.33
N SER A 77 0.94 13.92 2.40
CA SER A 77 0.53 14.48 3.64
C SER A 77 1.73 15.08 4.37
N THR A 78 1.45 15.72 5.50
CA THR A 78 2.45 16.25 6.39
C THR A 78 3.50 15.14 6.68
N PRO A 79 4.84 15.48 6.60
CA PRO A 79 5.95 14.55 6.77
C PRO A 79 5.70 13.44 7.79
N GLY A 80 5.78 12.23 7.33
CA GLY A 80 5.52 11.09 8.16
C GLY A 80 4.19 10.44 7.83
N LYS A 81 3.41 11.04 6.95
CA LYS A 81 2.16 10.45 6.50
C LYS A 81 2.03 10.50 5.00
N ILE A 82 1.33 9.52 4.46
CA ILE A 82 1.00 9.42 3.06
C ILE A 82 -0.45 8.96 2.98
N SER A 83 -1.32 9.76 2.46
CA SER A 83 -2.70 9.38 2.31
C SER A 83 -2.90 8.76 0.92
N ILE A 84 -3.17 7.47 0.88
CA ILE A 84 -3.34 6.74 -0.36
C ILE A 84 -4.77 6.24 -0.48
N THR A 85 -5.36 6.46 -1.61
CA THR A 85 -6.68 6.00 -1.88
C THR A 85 -6.78 5.56 -3.34
N PHE A 86 -7.26 4.36 -3.55
CA PHE A 86 -7.50 3.83 -4.85
C PHE A 86 -8.98 3.62 -4.99
N THR A 87 -9.61 4.42 -5.78
CA THR A 87 -10.99 4.26 -6.03
C THR A 87 -11.21 4.49 -7.51
N ASP A 88 -11.71 3.50 -8.17
CA ASP A 88 -11.84 3.56 -9.60
C ASP A 88 -13.29 3.60 -10.01
N PRO A 89 -13.68 4.64 -10.77
CA PRO A 89 -15.04 4.79 -11.28
C PRO A 89 -15.29 3.92 -12.51
N THR A 90 -14.27 3.25 -12.98
CA THR A 90 -14.31 2.45 -14.16
C THR A 90 -14.40 0.94 -13.78
N LEU A 91 -14.78 0.67 -12.51
CA LEU A 91 -14.83 -0.68 -11.89
C LEU A 91 -15.65 -1.74 -12.64
N ALA A 92 -16.54 -1.33 -13.52
CA ALA A 92 -17.34 -2.26 -14.29
C ALA A 92 -16.58 -2.70 -15.53
N ASN A 93 -15.69 -1.86 -15.98
CA ASN A 93 -14.91 -2.14 -17.18
C ASN A 93 -13.58 -2.74 -16.78
N TYR A 94 -12.99 -2.22 -15.74
CA TYR A 94 -11.82 -2.80 -15.16
C TYR A 94 -12.21 -3.31 -13.79
N PRO A 95 -12.46 -4.60 -13.65
CA PRO A 95 -12.82 -5.15 -12.38
C PRO A 95 -11.61 -5.66 -11.63
N ILE A 96 -11.18 -4.93 -10.62
CA ILE A 96 -10.08 -5.39 -9.78
C ILE A 96 -10.60 -6.55 -8.93
N SER A 97 -10.43 -7.73 -9.46
CA SER A 97 -10.96 -8.92 -8.88
C SER A 97 -9.89 -10.00 -8.86
N VAL A 98 -8.70 -9.63 -9.23
CA VAL A 98 -7.56 -10.50 -9.26
C VAL A 98 -6.53 -9.95 -8.31
N ASP A 99 -5.62 -10.76 -7.89
CA ASP A 99 -4.69 -10.35 -6.86
C ASP A 99 -3.27 -10.21 -7.37
N GLY A 100 -2.39 -9.91 -6.45
CA GLY A 100 -1.00 -9.70 -6.72
C GLY A 100 -0.50 -8.67 -5.76
N ILE A 101 0.26 -7.74 -6.25
CA ILE A 101 0.67 -6.63 -5.46
C ILE A 101 -0.28 -5.48 -5.78
N LEU A 102 -0.69 -4.74 -4.80
CA LEU A 102 -1.62 -3.64 -4.98
C LEU A 102 -0.86 -2.40 -5.42
N ALA A 103 0.17 -2.07 -4.67
CA ALA A 103 0.97 -0.92 -4.93
C ALA A 103 2.36 -1.14 -4.37
N TYR A 104 3.31 -0.50 -4.97
CA TYR A 104 4.67 -0.58 -4.52
C TYR A 104 5.01 0.75 -3.89
N LEU A 105 5.31 0.73 -2.63
CA LEU A 105 5.65 1.94 -1.92
C LEU A 105 7.13 2.16 -2.13
N ASP A 106 7.49 3.22 -2.77
CA ASP A 106 8.88 3.43 -3.15
C ASP A 106 9.51 4.53 -2.31
N PHE A 107 10.48 4.15 -1.50
CA PHE A 107 11.12 5.07 -0.57
C PHE A 107 12.61 5.08 -0.79
N ILE A 108 13.23 6.15 -0.44
CA ILE A 108 14.65 6.23 -0.38
C ILE A 108 15.00 6.20 1.09
N ILE A 109 15.93 5.40 1.48
CA ILE A 109 16.35 5.40 2.84
C ILE A 109 17.38 6.49 2.94
N ASN A 110 17.19 7.39 3.88
CA ASN A 110 18.06 8.53 4.04
C ASN A 110 19.48 8.08 4.30
N SER A 111 20.43 8.71 3.67
CA SER A 111 21.83 8.38 3.82
C SER A 111 22.39 8.81 5.19
N ASN A 112 21.61 9.58 5.91
CA ASN A 112 21.95 10.02 7.26
C ASN A 112 21.32 9.05 8.29
N ALA A 113 20.51 8.12 7.78
CA ALA A 113 19.81 7.15 8.60
C ALA A 113 20.72 5.99 8.96
N THR A 114 20.35 5.26 9.98
CA THR A 114 21.16 4.15 10.42
C THR A 114 20.39 2.83 10.23
N ALA A 115 21.04 1.75 10.60
CA ALA A 115 20.52 0.40 10.43
C ALA A 115 19.48 0.07 11.49
N GLY A 116 18.65 -0.90 11.17
CA GLY A 116 17.62 -1.32 12.08
C GLY A 116 16.30 -1.47 11.39
N ASP A 117 15.43 -2.23 11.98
CA ASP A 117 14.12 -2.50 11.45
C ASP A 117 13.20 -1.36 11.77
N SER A 118 12.56 -0.85 10.79
CA SER A 118 11.60 0.17 10.98
C SER A 118 10.37 -0.13 10.14
N ALA A 119 9.30 -0.39 10.81
CA ALA A 119 8.06 -0.70 10.16
C ALA A 119 7.27 0.54 9.90
N LEU A 120 6.47 0.47 8.89
CA LEU A 120 5.60 1.55 8.54
C LEU A 120 4.31 1.27 9.27
N THR A 121 3.62 2.27 9.67
CA THR A 121 2.41 2.07 10.39
C THR A 121 1.25 2.53 9.54
N VAL A 122 0.53 1.60 8.99
CA VAL A 122 -0.62 1.95 8.23
C VAL A 122 -1.78 2.01 9.19
N ASP A 123 -2.41 3.17 9.24
CA ASP A 123 -3.53 3.42 10.14
C ASP A 123 -4.75 2.60 9.70
N PRO A 124 -5.17 1.58 10.51
CA PRO A 124 -6.27 0.69 10.14
C PRO A 124 -7.66 1.34 10.28
N ALA A 125 -7.72 2.47 10.96
CA ALA A 125 -8.99 3.17 11.15
C ALA A 125 -9.36 3.93 9.89
N THR A 126 -8.35 4.47 9.25
CA THR A 126 -8.49 5.19 8.03
C THR A 126 -8.53 4.20 6.84
N LEU A 127 -8.16 2.96 7.12
CA LEU A 127 -8.12 1.94 6.11
C LEU A 127 -9.54 1.41 5.87
N ILE A 128 -10.05 1.72 4.70
CA ILE A 128 -11.37 1.32 4.27
C ILE A 128 -11.21 0.59 2.96
N VAL A 129 -11.78 -0.57 2.85
CA VAL A 129 -11.75 -1.32 1.62
C VAL A 129 -13.15 -1.79 1.30
N ALA A 130 -13.81 -1.04 0.47
CA ALA A 130 -15.16 -1.30 0.10
C ALA A 130 -15.22 -1.84 -1.31
N ASP A 131 -16.07 -2.81 -1.53
CA ASP A 131 -16.22 -3.44 -2.83
C ASP A 131 -17.17 -2.62 -3.72
N GLU A 132 -17.60 -3.22 -4.83
CA GLU A 132 -18.56 -2.60 -5.74
C GLU A 132 -19.92 -2.38 -5.03
N ASN A 133 -20.23 -3.23 -4.06
CA ASN A 133 -21.47 -3.14 -3.28
C ASN A 133 -21.20 -2.29 -2.03
N ASP A 134 -20.08 -1.54 -2.09
CA ASP A 134 -19.61 -0.53 -1.12
C ASP A 134 -19.43 -1.04 0.31
N LYS A 135 -19.25 -2.33 0.48
CA LYS A 135 -19.10 -2.87 1.81
C LYS A 135 -17.67 -3.23 2.09
N ASP A 136 -17.25 -3.01 3.34
CA ASP A 136 -15.88 -3.28 3.73
C ASP A 136 -15.68 -4.76 3.93
N ILE A 137 -14.64 -5.27 3.32
CA ILE A 137 -14.36 -6.70 3.31
C ILE A 137 -12.88 -6.96 3.48
N LYS A 138 -12.20 -6.13 4.21
CA LYS A 138 -10.78 -6.30 4.29
C LYS A 138 -10.30 -6.90 5.60
N ASP A 139 -9.50 -7.93 5.45
CA ASP A 139 -8.70 -8.50 6.49
C ASP A 139 -7.32 -7.89 6.32
N ALA A 140 -6.97 -6.95 7.14
CA ALA A 140 -5.72 -6.27 6.95
C ALA A 140 -4.79 -6.36 8.12
N ALA A 141 -3.55 -6.60 7.79
CA ALA A 141 -2.45 -6.45 8.68
C ALA A 141 -1.53 -5.55 7.93
N SER A 142 -1.33 -4.36 8.39
CA SER A 142 -0.62 -3.42 7.59
C SER A 142 0.49 -2.69 8.31
N ASN A 143 1.68 -3.08 7.98
CA ASN A 143 2.87 -2.49 8.47
C ASN A 143 3.83 -2.24 7.31
N GLY A 144 4.63 -3.23 6.99
CA GLY A 144 5.63 -3.05 5.98
C GLY A 144 6.92 -2.74 6.67
N LYS A 145 7.71 -3.74 6.91
CA LYS A 145 8.89 -3.54 7.69
C LYS A 145 10.10 -3.48 6.83
N ILE A 146 10.88 -2.46 7.03
CA ILE A 146 12.08 -2.26 6.30
C ILE A 146 13.25 -2.51 7.23
N THR A 147 13.97 -3.54 6.95
CA THR A 147 15.15 -3.85 7.68
C THR A 147 16.31 -3.11 7.02
N VAL A 148 16.77 -2.08 7.66
CA VAL A 148 17.87 -1.33 7.14
C VAL A 148 19.15 -2.06 7.48
N THR A 149 19.86 -2.47 6.47
CA THR A 149 21.05 -3.24 6.62
C THR A 149 22.29 -2.35 6.64
N GLY A 150 22.91 -2.28 7.80
CA GLY A 150 24.14 -1.53 8.03
C GLY A 150 24.10 -0.09 7.55
N SER A 151 25.04 0.24 6.71
CA SER A 151 25.15 1.54 6.10
C SER A 151 25.80 1.39 4.73
N ALA A 152 25.38 2.18 3.77
CA ALA A 152 25.94 2.13 2.43
C ALA A 152 26.99 3.20 2.29
N PRO A 153 28.28 2.83 2.16
CA PRO A 153 29.37 3.80 2.07
C PRO A 153 29.38 4.61 0.76
N THR A 154 28.80 4.07 -0.29
CA THR A 154 28.79 4.77 -1.56
C THR A 154 27.46 4.56 -2.30
N SER A 155 26.63 5.55 -2.25
CA SER A 155 25.37 5.55 -2.93
C SER A 155 25.08 6.99 -3.29
N GLY A 1 -16.15 -17.88 6.04
CA GLY A 1 -17.56 -17.79 5.73
C GLY A 1 -18.03 -19.02 5.03
N SER A 2 -19.13 -18.91 4.31
CA SER A 2 -19.71 -20.03 3.59
C SER A 2 -19.27 -20.01 2.12
N ALA A 3 -18.42 -19.02 1.80
CA ALA A 3 -17.91 -18.77 0.45
C ALA A 3 -19.02 -18.25 -0.45
N SER A 4 -19.06 -16.96 -0.56
CA SER A 4 -20.04 -16.28 -1.35
C SER A 4 -19.40 -15.80 -2.64
N VAL A 5 -20.21 -15.38 -3.57
CA VAL A 5 -19.73 -14.88 -4.82
C VAL A 5 -19.38 -13.39 -4.69
N LYS A 6 -19.97 -12.71 -3.70
CA LYS A 6 -19.73 -11.32 -3.54
C LYS A 6 -19.68 -10.95 -2.07
N ASN A 7 -18.82 -9.99 -1.79
CA ASN A 7 -18.53 -9.44 -0.49
C ASN A 7 -17.96 -10.48 0.45
N GLU A 8 -16.75 -10.82 0.20
CA GLU A 8 -16.03 -11.81 0.92
C GLU A 8 -14.83 -11.23 1.58
N THR A 9 -14.27 -11.96 2.52
CA THR A 9 -13.11 -11.55 3.26
C THR A 9 -11.84 -11.48 2.36
N VAL A 10 -11.43 -10.26 2.07
CA VAL A 10 -10.28 -9.96 1.23
C VAL A 10 -9.06 -9.71 2.10
N LYS A 11 -7.99 -10.41 1.86
CA LYS A 11 -6.75 -10.23 2.59
C LYS A 11 -5.86 -9.18 1.98
N LEU A 12 -5.28 -8.39 2.84
CA LEU A 12 -4.25 -7.44 2.50
C LEU A 12 -3.03 -7.85 3.27
N SER A 13 -1.93 -8.00 2.60
CA SER A 13 -0.74 -8.49 3.22
C SER A 13 0.45 -7.58 2.88
N VAL A 14 1.47 -7.64 3.69
CA VAL A 14 2.67 -6.82 3.59
C VAL A 14 3.87 -7.68 3.90
N GLY A 15 5.04 -7.24 3.51
CA GLY A 15 6.22 -8.01 3.77
C GLY A 15 7.37 -7.16 4.27
N THR A 16 8.49 -7.78 4.47
CA THR A 16 9.66 -7.13 4.99
C THR A 16 10.73 -7.06 3.90
N VAL A 17 11.38 -5.93 3.81
CA VAL A 17 12.42 -5.65 2.85
C VAL A 17 13.60 -5.01 3.57
N SER A 18 14.74 -4.97 2.94
CA SER A 18 15.91 -4.35 3.52
C SER A 18 16.44 -3.29 2.57
N GLY A 19 17.21 -2.36 3.09
CA GLY A 19 17.77 -1.32 2.28
C GLY A 19 18.87 -0.60 3.02
N ASN A 20 19.55 0.27 2.32
CA ASN A 20 20.68 1.02 2.89
C ASN A 20 20.37 2.52 2.86
N PRO A 21 20.98 3.33 3.74
CA PRO A 21 20.82 4.80 3.70
C PRO A 21 21.33 5.37 2.36
N GLY A 22 20.45 6.06 1.67
CA GLY A 22 20.76 6.62 0.36
C GLY A 22 20.21 5.75 -0.76
N ASP A 23 19.87 4.54 -0.41
CA ASP A 23 19.34 3.56 -1.34
C ASP A 23 17.81 3.65 -1.41
N THR A 24 17.27 3.32 -2.55
CA THR A 24 15.85 3.38 -2.79
C THR A 24 15.22 2.00 -2.48
N VAL A 25 14.26 1.99 -1.59
CA VAL A 25 13.65 0.77 -1.13
C VAL A 25 12.17 0.72 -1.56
N LYS A 26 11.66 -0.47 -1.80
CA LYS A 26 10.32 -0.67 -2.29
C LYS A 26 9.61 -1.72 -1.42
N VAL A 27 8.41 -1.41 -0.98
CA VAL A 27 7.59 -2.31 -0.19
C VAL A 27 6.32 -2.67 -0.98
N PRO A 28 6.11 -3.94 -1.32
CA PRO A 28 4.94 -4.35 -2.07
C PRO A 28 3.70 -4.62 -1.18
N VAL A 29 2.60 -3.98 -1.52
CA VAL A 29 1.34 -4.21 -0.81
C VAL A 29 0.62 -5.32 -1.55
N THR A 30 0.46 -6.43 -0.90
CA THR A 30 -0.09 -7.60 -1.51
C THR A 30 -1.59 -7.72 -1.18
N ILE A 31 -2.36 -8.20 -2.13
CA ILE A 31 -3.78 -8.41 -1.94
C ILE A 31 -4.10 -9.86 -2.32
N SER A 32 -4.87 -10.55 -1.50
CA SER A 32 -5.16 -11.95 -1.73
C SER A 32 -6.58 -12.27 -1.31
N GLN A 33 -7.12 -13.37 -1.87
CA GLN A 33 -8.46 -13.91 -1.53
C GLN A 33 -9.58 -12.93 -1.88
N VAL A 34 -9.31 -12.10 -2.85
CA VAL A 34 -10.26 -11.13 -3.30
C VAL A 34 -11.20 -11.78 -4.31
N SER A 35 -12.42 -11.97 -3.91
CA SER A 35 -13.42 -12.56 -4.74
C SER A 35 -14.49 -11.54 -5.14
N THR A 36 -14.25 -10.30 -4.83
CA THR A 36 -15.17 -9.25 -5.14
C THR A 36 -14.38 -8.06 -5.67
N PRO A 37 -14.79 -7.45 -6.82
CA PRO A 37 -14.11 -6.27 -7.34
C PRO A 37 -14.10 -5.13 -6.32
N VAL A 38 -12.91 -4.67 -6.03
CA VAL A 38 -12.71 -3.63 -5.06
C VAL A 38 -12.83 -2.26 -5.74
N GLY A 39 -13.31 -1.26 -5.01
CA GLY A 39 -13.52 0.04 -5.64
C GLY A 39 -12.99 1.22 -4.84
N LEU A 40 -12.96 1.09 -3.53
CA LEU A 40 -12.54 2.18 -2.67
C LEU A 40 -11.52 1.66 -1.69
N ILE A 41 -10.31 2.11 -1.84
CA ILE A 41 -9.24 1.74 -0.96
C ILE A 41 -8.62 3.00 -0.42
N CYS A 42 -8.60 3.15 0.86
CA CYS A 42 -7.97 4.29 1.48
C CYS A 42 -7.05 3.77 2.55
N MET A 43 -5.87 4.35 2.66
CA MET A 43 -4.90 3.94 3.65
C MET A 43 -3.92 5.06 3.96
N ASP A 44 -3.55 5.15 5.21
CA ASP A 44 -2.58 6.12 5.70
C ASP A 44 -1.36 5.36 6.10
N ILE A 45 -0.27 5.59 5.45
CA ILE A 45 0.94 4.90 5.80
C ILE A 45 1.78 5.85 6.61
N SER A 46 1.88 5.60 7.86
CA SER A 46 2.71 6.38 8.72
C SER A 46 4.05 5.68 8.81
N TYR A 47 5.12 6.40 8.64
CA TYR A 47 6.41 5.78 8.63
C TYR A 47 7.42 6.58 9.43
N ASP A 48 8.61 6.03 9.56
CA ASP A 48 9.70 6.67 10.29
C ASP A 48 10.24 7.79 9.42
N ALA A 49 9.88 9.01 9.77
CA ALA A 49 10.23 10.20 9.00
C ALA A 49 11.71 10.54 9.06
N SER A 50 12.42 9.94 9.98
CA SER A 50 13.82 10.22 10.12
C SER A 50 14.63 9.26 9.25
N LYS A 51 14.07 8.10 9.00
CA LYS A 51 14.73 7.10 8.20
C LYS A 51 14.29 7.07 6.77
N PHE A 52 13.04 7.31 6.51
CA PHE A 52 12.55 7.15 5.16
C PHE A 52 11.97 8.43 4.63
N THR A 53 11.93 8.54 3.32
CA THR A 53 11.27 9.61 2.64
C THR A 53 10.55 9.00 1.44
N VAL A 54 9.24 9.10 1.42
CA VAL A 54 8.46 8.55 0.32
C VAL A 54 8.69 9.34 -0.97
N LYS A 55 8.88 8.63 -2.05
CA LYS A 55 9.02 9.23 -3.34
C LYS A 55 7.66 9.35 -3.97
N ASP A 56 7.08 8.21 -4.17
CA ASP A 56 5.85 8.02 -4.86
C ASP A 56 5.51 6.57 -4.70
N VAL A 57 4.38 6.18 -5.19
CA VAL A 57 3.99 4.80 -5.13
C VAL A 57 3.58 4.37 -6.51
N LEU A 58 3.91 3.17 -6.87
CA LEU A 58 3.57 2.64 -8.16
C LEU A 58 2.34 1.77 -8.06
N PRO A 59 1.30 2.09 -8.82
CA PRO A 59 0.10 1.28 -8.83
C PRO A 59 0.32 0.04 -9.69
N ASN A 60 -0.06 -1.10 -9.20
CA ASN A 60 0.09 -2.30 -9.97
C ASN A 60 -1.06 -2.36 -10.98
N THR A 61 -0.72 -2.02 -12.21
CA THR A 61 -1.64 -1.78 -13.30
C THR A 61 -2.39 -3.02 -13.79
N ASP A 62 -2.03 -4.17 -13.27
CA ASP A 62 -2.77 -5.39 -13.53
C ASP A 62 -4.15 -5.23 -12.89
N LEU A 63 -4.15 -4.59 -11.74
CA LEU A 63 -5.35 -4.35 -11.00
C LEU A 63 -5.86 -2.94 -11.27
N VAL A 64 -5.10 -1.96 -10.83
CA VAL A 64 -5.50 -0.55 -10.96
C VAL A 64 -5.18 -0.10 -12.38
N LYS A 65 -6.20 0.14 -13.15
CA LYS A 65 -6.01 0.47 -14.54
C LYS A 65 -6.74 1.76 -14.82
N ASP A 66 -6.31 2.47 -15.86
CA ASP A 66 -6.86 3.77 -16.25
C ASP A 66 -6.83 4.75 -15.13
N THR A 67 -5.63 4.97 -14.61
CA THR A 67 -5.38 5.83 -13.49
C THR A 67 -5.71 7.29 -13.78
N ASP A 68 -5.82 7.60 -15.08
CA ASP A 68 -6.17 8.94 -15.58
C ASP A 68 -7.64 9.28 -15.27
N ASN A 69 -8.38 8.29 -14.82
CA ASN A 69 -9.77 8.49 -14.40
C ASN A 69 -9.84 8.90 -12.95
N TYR A 70 -8.69 9.36 -12.44
CA TYR A 70 -8.49 9.83 -11.08
C TYR A 70 -8.70 8.65 -10.14
N SER A 71 -8.25 7.50 -10.59
CA SER A 71 -8.32 6.28 -9.83
C SER A 71 -7.15 6.22 -8.84
N PHE A 72 -6.12 6.97 -9.17
CA PHE A 72 -4.91 7.05 -8.40
C PHE A 72 -4.89 8.37 -7.63
N ILE A 73 -5.09 8.30 -6.33
CA ILE A 73 -5.04 9.49 -5.48
C ILE A 73 -3.96 9.27 -4.44
N VAL A 74 -2.90 10.02 -4.53
CA VAL A 74 -1.86 9.95 -3.54
C VAL A 74 -1.56 11.35 -3.08
N ASN A 75 -1.61 11.53 -1.80
CA ASN A 75 -1.31 12.78 -1.17
C ASN A 75 -0.07 12.59 -0.31
N THR A 76 0.96 13.32 -0.61
CA THR A 76 2.15 13.27 0.16
C THR A 76 1.93 14.16 1.38
N SER A 77 1.51 13.55 2.45
CA SER A 77 1.16 14.23 3.65
C SER A 77 2.44 14.63 4.40
N THR A 78 2.25 15.37 5.49
CA THR A 78 3.32 15.86 6.35
C THR A 78 4.29 14.69 6.68
N PRO A 79 5.64 14.93 6.54
CA PRO A 79 6.69 13.91 6.69
C PRO A 79 6.42 12.84 7.74
N GLY A 80 6.35 11.62 7.26
CA GLY A 80 6.03 10.49 8.09
C GLY A 80 4.63 9.96 7.83
N LYS A 81 3.95 10.50 6.82
CA LYS A 81 2.61 10.04 6.41
C LYS A 81 2.39 10.08 4.91
N ILE A 82 1.85 9.01 4.40
CA ILE A 82 1.45 8.92 3.01
C ILE A 82 -0.05 8.69 3.03
N SER A 83 -0.80 9.49 2.36
CA SER A 83 -2.21 9.29 2.31
C SER A 83 -2.57 8.79 0.91
N ILE A 84 -2.99 7.55 0.83
CA ILE A 84 -3.28 6.94 -0.45
C ILE A 84 -4.76 6.58 -0.51
N THR A 85 -5.35 6.83 -1.64
CA THR A 85 -6.70 6.46 -1.89
C THR A 85 -6.82 6.00 -3.36
N PHE A 86 -7.33 4.82 -3.53
CA PHE A 86 -7.59 4.29 -4.83
C PHE A 86 -9.07 4.14 -4.97
N THR A 87 -9.65 4.91 -5.82
CA THR A 87 -11.03 4.75 -6.09
C THR A 87 -11.20 4.81 -7.58
N ASP A 88 -11.69 3.76 -8.14
CA ASP A 88 -11.77 3.65 -9.57
C ASP A 88 -13.20 3.55 -10.04
N PRO A 89 -13.62 4.45 -10.92
CA PRO A 89 -14.95 4.42 -11.52
C PRO A 89 -15.01 3.47 -12.72
N THR A 90 -13.87 2.94 -13.10
CA THR A 90 -13.74 2.13 -14.28
C THR A 90 -13.86 0.64 -13.95
N LEU A 91 -14.25 0.35 -12.70
CA LEU A 91 -14.42 -1.03 -12.19
C LEU A 91 -15.49 -1.84 -12.94
N ALA A 92 -16.29 -1.15 -13.73
CA ALA A 92 -17.27 -1.76 -14.57
C ALA A 92 -16.59 -2.41 -15.77
N ASN A 93 -15.46 -1.85 -16.16
CA ASN A 93 -14.69 -2.34 -17.29
C ASN A 93 -13.57 -3.20 -16.82
N TYR A 94 -12.91 -2.78 -15.76
CA TYR A 94 -11.82 -3.54 -15.20
C TYR A 94 -12.21 -3.96 -13.81
N PRO A 95 -12.60 -5.21 -13.61
CA PRO A 95 -12.93 -5.67 -12.30
C PRO A 95 -11.67 -6.07 -11.54
N ILE A 96 -11.38 -5.37 -10.46
CA ILE A 96 -10.25 -5.72 -9.66
C ILE A 96 -10.70 -6.84 -8.72
N SER A 97 -10.54 -8.04 -9.18
CA SER A 97 -11.03 -9.19 -8.47
C SER A 97 -10.02 -10.34 -8.49
N VAL A 98 -8.80 -10.05 -8.84
CA VAL A 98 -7.77 -11.05 -8.85
C VAL A 98 -6.67 -10.67 -7.89
N ASP A 99 -5.98 -11.66 -7.38
CA ASP A 99 -4.94 -11.44 -6.38
C ASP A 99 -3.64 -11.02 -7.02
N GLY A 100 -2.75 -10.52 -6.21
CA GLY A 100 -1.48 -10.08 -6.65
C GLY A 100 -1.01 -8.90 -5.83
N ILE A 101 -0.48 -7.91 -6.49
CA ILE A 101 0.01 -6.72 -5.81
C ILE A 101 -0.96 -5.57 -6.06
N LEU A 102 -1.19 -4.76 -5.06
CA LEU A 102 -2.04 -3.60 -5.21
C LEU A 102 -1.20 -2.39 -5.62
N ALA A 103 -0.17 -2.11 -4.84
CA ALA A 103 0.71 -0.99 -5.08
C ALA A 103 2.08 -1.24 -4.48
N TYR A 104 3.05 -0.52 -4.95
CA TYR A 104 4.41 -0.61 -4.46
C TYR A 104 4.76 0.71 -3.82
N LEU A 105 5.11 0.67 -2.55
CA LEU A 105 5.51 1.85 -1.81
C LEU A 105 6.99 2.06 -2.05
N ASP A 106 7.36 3.20 -2.58
CA ASP A 106 8.74 3.41 -2.95
C ASP A 106 9.34 4.57 -2.13
N PHE A 107 10.36 4.26 -1.36
CA PHE A 107 10.97 5.22 -0.43
C PHE A 107 12.46 5.35 -0.69
N ILE A 108 13.01 6.43 -0.22
CA ILE A 108 14.44 6.62 -0.19
C ILE A 108 14.81 6.57 1.28
N ILE A 109 15.83 5.84 1.61
CA ILE A 109 16.28 5.82 2.97
C ILE A 109 17.22 7.03 3.16
N ASN A 110 16.96 7.78 4.20
CA ASN A 110 17.65 9.03 4.53
C ASN A 110 19.12 8.77 4.94
N SER A 111 19.97 9.76 4.82
CA SER A 111 21.37 9.66 5.20
C SER A 111 21.53 9.83 6.72
N ASN A 112 20.47 10.34 7.35
CA ASN A 112 20.44 10.55 8.79
C ASN A 112 19.52 9.47 9.39
N ALA A 113 19.37 8.38 8.64
CA ALA A 113 18.59 7.24 9.07
C ALA A 113 19.47 6.34 9.88
N THR A 114 18.99 5.87 10.95
CA THR A 114 19.73 4.96 11.76
C THR A 114 19.39 3.54 11.32
N ALA A 115 20.31 2.63 11.51
CA ALA A 115 20.12 1.25 11.12
C ALA A 115 19.16 0.54 12.05
N GLY A 116 18.60 -0.52 11.56
CA GLY A 116 17.66 -1.31 12.30
C GLY A 116 16.38 -1.42 11.53
N ASP A 117 15.51 -2.31 11.93
CA ASP A 117 14.28 -2.45 11.25
C ASP A 117 13.27 -1.48 11.80
N SER A 118 12.52 -0.92 10.92
CA SER A 118 11.47 -0.04 11.27
C SER A 118 10.24 -0.38 10.47
N ALA A 119 9.15 -0.52 11.15
CA ALA A 119 7.92 -0.87 10.53
C ALA A 119 7.14 0.35 10.13
N LEU A 120 6.42 0.21 9.08
CA LEU A 120 5.56 1.24 8.60
C LEU A 120 4.22 0.92 9.23
N THR A 121 3.49 1.88 9.61
CA THR A 121 2.25 1.61 10.25
C THR A 121 1.12 2.17 9.43
N VAL A 122 0.35 1.29 8.85
CA VAL A 122 -0.77 1.71 8.09
C VAL A 122 -1.93 1.86 9.06
N ASP A 123 -2.38 3.09 9.23
CA ASP A 123 -3.42 3.44 10.20
C ASP A 123 -4.72 2.70 9.89
N PRO A 124 -5.13 1.74 10.77
CA PRO A 124 -6.31 0.91 10.56
C PRO A 124 -7.63 1.69 10.49
N ALA A 125 -7.68 2.87 11.09
CA ALA A 125 -8.89 3.67 11.08
C ALA A 125 -9.10 4.31 9.71
N THR A 126 -8.01 4.74 9.10
CA THR A 126 -8.04 5.35 7.81
C THR A 126 -8.00 4.26 6.71
N LEU A 127 -7.69 3.03 7.12
CA LEU A 127 -7.58 1.92 6.21
C LEU A 127 -8.98 1.39 5.93
N ILE A 128 -9.44 1.65 4.74
CA ILE A 128 -10.73 1.22 4.29
C ILE A 128 -10.55 0.49 2.97
N VAL A 129 -11.00 -0.73 2.90
CA VAL A 129 -10.96 -1.48 1.67
C VAL A 129 -12.36 -1.95 1.40
N ALA A 130 -13.02 -1.20 0.58
CA ALA A 130 -14.39 -1.39 0.29
C ALA A 130 -14.58 -1.79 -1.15
N ASP A 131 -15.54 -2.65 -1.40
CA ASP A 131 -15.80 -3.17 -2.74
C ASP A 131 -16.56 -2.14 -3.61
N GLU A 132 -17.08 -2.58 -4.75
CA GLU A 132 -17.86 -1.72 -5.62
C GLU A 132 -19.21 -1.31 -4.98
N ASN A 133 -19.67 -2.10 -4.01
CA ASN A 133 -20.87 -1.81 -3.21
C ASN A 133 -20.45 -1.11 -1.89
N ASP A 134 -19.19 -0.71 -1.89
CA ASP A 134 -18.49 0.08 -0.86
C ASP A 134 -18.53 -0.52 0.57
N LYS A 135 -18.61 -1.83 0.66
CA LYS A 135 -18.57 -2.49 1.95
C LYS A 135 -17.15 -2.89 2.26
N ASP A 136 -16.68 -2.50 3.44
CA ASP A 136 -15.35 -2.86 3.90
C ASP A 136 -15.33 -4.33 4.30
N ILE A 137 -14.67 -5.12 3.51
CA ILE A 137 -14.65 -6.58 3.63
C ILE A 137 -13.22 -7.10 3.76
N LYS A 138 -12.42 -6.38 4.48
CA LYS A 138 -11.00 -6.66 4.51
C LYS A 138 -10.47 -7.33 5.78
N ASP A 139 -9.70 -8.36 5.55
CA ASP A 139 -8.84 -8.97 6.53
C ASP A 139 -7.49 -8.35 6.27
N ALA A 140 -7.07 -7.43 7.07
CA ALA A 140 -5.90 -6.70 6.70
C ALA A 140 -4.77 -6.81 7.66
N ALA A 141 -3.62 -6.97 7.10
CA ALA A 141 -2.41 -6.80 7.79
C ALA A 141 -1.67 -5.77 6.99
N SER A 142 -1.49 -4.62 7.56
CA SER A 142 -0.86 -3.57 6.85
C SER A 142 0.14 -2.89 7.73
N ASN A 143 1.36 -3.15 7.43
CA ASN A 143 2.47 -2.69 8.18
C ASN A 143 3.64 -2.52 7.22
N GLY A 144 4.38 -3.57 6.95
CA GLY A 144 5.53 -3.47 6.08
C GLY A 144 6.74 -3.08 6.89
N LYS A 145 7.80 -3.80 6.75
CA LYS A 145 8.94 -3.50 7.55
C LYS A 145 10.19 -3.37 6.72
N ILE A 146 10.93 -2.33 6.96
CA ILE A 146 12.14 -2.09 6.25
C ILE A 146 13.31 -2.22 7.21
N THR A 147 14.21 -3.11 6.91
CA THR A 147 15.38 -3.30 7.69
C THR A 147 16.51 -2.45 7.11
N VAL A 148 16.88 -1.41 7.81
CA VAL A 148 17.94 -0.53 7.38
C VAL A 148 19.27 -1.13 7.79
N THR A 149 20.07 -1.42 6.82
CA THR A 149 21.39 -1.89 7.06
C THR A 149 22.33 -0.71 6.93
N GLY A 150 22.93 -0.31 8.03
CA GLY A 150 23.71 0.88 8.02
C GLY A 150 25.10 0.69 8.54
N SER A 151 26.00 0.42 7.65
CA SER A 151 27.41 0.32 7.99
C SER A 151 28.02 1.72 7.92
N ALA A 152 27.38 2.55 7.11
CA ALA A 152 27.70 3.95 6.88
C ALA A 152 29.15 4.18 6.45
N PRO A 153 29.46 4.00 5.15
CA PRO A 153 30.79 4.27 4.63
C PRO A 153 31.05 5.77 4.59
N THR A 154 31.72 6.25 5.63
CA THR A 154 32.00 7.67 5.91
C THR A 154 30.71 8.48 6.17
N SER A 155 30.78 9.44 7.03
CA SER A 155 29.64 10.26 7.33
C SER A 155 30.11 11.69 7.54
N GLY A 1 -28.69 -17.01 -9.52
CA GLY A 1 -28.58 -17.75 -10.77
C GLY A 1 -27.55 -18.83 -10.65
N SER A 2 -26.86 -19.12 -11.73
CA SER A 2 -25.84 -20.15 -11.75
C SER A 2 -24.58 -19.67 -11.04
N ALA A 3 -24.22 -18.43 -11.28
CA ALA A 3 -23.06 -17.85 -10.67
C ALA A 3 -23.43 -17.32 -9.31
N SER A 4 -22.56 -17.55 -8.38
CA SER A 4 -22.73 -17.07 -7.05
C SER A 4 -21.39 -16.76 -6.44
N VAL A 5 -20.83 -15.66 -6.86
CA VAL A 5 -19.55 -15.22 -6.40
C VAL A 5 -19.78 -14.31 -5.21
N LYS A 6 -19.56 -14.84 -4.02
CA LYS A 6 -19.72 -14.07 -2.85
C LYS A 6 -18.50 -13.24 -2.60
N ASN A 7 -18.62 -12.33 -1.69
CA ASN A 7 -17.54 -11.41 -1.40
C ASN A 7 -16.56 -12.09 -0.48
N GLU A 8 -15.32 -12.01 -0.84
CA GLU A 8 -14.23 -12.63 -0.13
C GLU A 8 -13.56 -11.60 0.68
N THR A 9 -13.07 -11.98 1.83
CA THR A 9 -12.45 -11.04 2.70
C THR A 9 -11.05 -10.73 2.17
N VAL A 10 -10.93 -9.54 1.59
CA VAL A 10 -9.73 -9.07 0.94
C VAL A 10 -8.59 -8.94 1.94
N LYS A 11 -7.59 -9.73 1.78
CA LYS A 11 -6.46 -9.72 2.66
C LYS A 11 -5.39 -8.76 2.20
N LEU A 12 -5.12 -7.78 3.02
CA LEU A 12 -4.08 -6.82 2.75
C LEU A 12 -2.87 -7.18 3.58
N SER A 13 -1.79 -7.43 2.90
CA SER A 13 -0.58 -7.87 3.49
C SER A 13 0.60 -7.00 3.08
N VAL A 14 1.48 -6.79 4.01
CA VAL A 14 2.72 -6.09 3.82
C VAL A 14 3.82 -6.95 4.40
N GLY A 15 5.05 -6.71 4.05
CA GLY A 15 6.08 -7.57 4.52
C GLY A 15 7.31 -6.84 4.99
N THR A 16 8.36 -7.59 5.19
CA THR A 16 9.59 -7.09 5.67
C THR A 16 10.63 -7.14 4.56
N VAL A 17 11.13 -6.00 4.20
CA VAL A 17 12.12 -5.89 3.14
C VAL A 17 13.34 -5.20 3.69
N SER A 18 14.46 -5.43 3.10
CA SER A 18 15.68 -4.85 3.54
C SER A 18 16.20 -3.81 2.54
N GLY A 19 16.93 -2.83 3.05
CA GLY A 19 17.49 -1.79 2.21
C GLY A 19 18.69 -1.17 2.89
N ASN A 20 19.30 -0.20 2.24
CA ASN A 20 20.50 0.46 2.76
C ASN A 20 20.29 1.97 2.85
N PRO A 21 21.04 2.70 3.71
CA PRO A 21 20.95 4.16 3.81
C PRO A 21 21.52 4.83 2.55
N GLY A 22 20.64 5.48 1.81
CA GLY A 22 20.99 6.10 0.55
C GLY A 22 20.37 5.33 -0.60
N ASP A 23 19.96 4.11 -0.29
CA ASP A 23 19.37 3.19 -1.24
C ASP A 23 17.85 3.37 -1.29
N THR A 24 17.29 3.18 -2.45
CA THR A 24 15.88 3.28 -2.66
C THR A 24 15.27 1.88 -2.50
N VAL A 25 14.35 1.73 -1.58
CA VAL A 25 13.78 0.46 -1.26
C VAL A 25 12.31 0.39 -1.74
N LYS A 26 11.93 -0.78 -2.22
CA LYS A 26 10.59 -1.01 -2.71
C LYS A 26 9.82 -1.88 -1.74
N VAL A 27 8.74 -1.36 -1.21
CA VAL A 27 7.89 -2.11 -0.30
C VAL A 27 6.60 -2.50 -1.06
N PRO A 28 6.40 -3.79 -1.35
CA PRO A 28 5.23 -4.24 -2.07
C PRO A 28 4.00 -4.47 -1.16
N VAL A 29 2.90 -3.84 -1.51
CA VAL A 29 1.65 -4.03 -0.80
C VAL A 29 0.90 -5.17 -1.48
N THR A 30 0.71 -6.24 -0.79
CA THR A 30 0.11 -7.41 -1.37
C THR A 30 -1.39 -7.43 -1.02
N ILE A 31 -2.17 -7.73 -2.00
CA ILE A 31 -3.59 -7.85 -1.86
C ILE A 31 -3.96 -9.26 -2.28
N SER A 32 -4.69 -9.97 -1.46
CA SER A 32 -5.01 -11.34 -1.75
C SER A 32 -6.50 -11.61 -1.58
N GLN A 33 -7.00 -12.59 -2.35
CA GLN A 33 -8.37 -13.08 -2.26
C GLN A 33 -9.46 -12.13 -2.70
N VAL A 34 -9.12 -11.08 -3.40
CA VAL A 34 -10.16 -10.21 -3.90
C VAL A 34 -10.81 -10.93 -5.11
N SER A 35 -11.99 -11.46 -4.89
CA SER A 35 -12.68 -12.26 -5.88
C SER A 35 -13.69 -11.39 -6.62
N THR A 36 -14.24 -10.48 -5.89
CA THR A 36 -15.16 -9.53 -6.38
C THR A 36 -14.41 -8.24 -6.69
N PRO A 37 -14.90 -7.41 -7.62
CA PRO A 37 -14.23 -6.14 -7.92
C PRO A 37 -14.25 -5.18 -6.73
N VAL A 38 -13.09 -4.73 -6.35
CA VAL A 38 -12.96 -3.75 -5.29
C VAL A 38 -13.05 -2.35 -5.92
N GLY A 39 -13.60 -1.38 -5.21
CA GLY A 39 -13.75 -0.05 -5.77
C GLY A 39 -13.24 1.05 -4.88
N LEU A 40 -13.14 0.80 -3.59
CA LEU A 40 -12.68 1.80 -2.65
C LEU A 40 -11.56 1.27 -1.80
N ILE A 41 -10.42 1.84 -1.94
CA ILE A 41 -9.27 1.48 -1.14
C ILE A 41 -8.70 2.74 -0.50
N CYS A 42 -8.49 2.71 0.78
CA CYS A 42 -7.94 3.82 1.50
C CYS A 42 -6.96 3.30 2.54
N MET A 43 -5.85 3.99 2.71
CA MET A 43 -4.84 3.66 3.71
C MET A 43 -4.01 4.89 4.04
N ASP A 44 -3.78 5.14 5.30
CA ASP A 44 -2.94 6.26 5.71
C ASP A 44 -1.68 5.71 6.33
N ILE A 45 -0.59 5.95 5.68
CA ILE A 45 0.69 5.46 6.10
C ILE A 45 1.44 6.57 6.80
N SER A 46 2.01 6.27 7.92
CA SER A 46 2.82 7.18 8.66
C SER A 46 4.13 6.49 9.04
N TYR A 47 5.22 7.02 8.57
CA TYR A 47 6.52 6.45 8.77
C TYR A 47 7.43 7.48 9.43
N ASP A 48 8.67 7.09 9.69
CA ASP A 48 9.62 7.99 10.34
C ASP A 48 10.15 9.00 9.33
N ALA A 49 9.80 10.25 9.53
CA ALA A 49 10.12 11.35 8.63
C ALA A 49 11.62 11.64 8.50
N SER A 50 12.39 11.29 9.51
CA SER A 50 13.82 11.59 9.48
C SER A 50 14.63 10.39 8.96
N LYS A 51 13.98 9.24 8.85
CA LYS A 51 14.69 8.04 8.50
C LYS A 51 14.40 7.60 7.08
N PHE A 52 13.20 7.87 6.61
CA PHE A 52 12.83 7.49 5.25
C PHE A 52 12.30 8.71 4.53
N THR A 53 12.36 8.68 3.24
CA THR A 53 11.81 9.72 2.41
C THR A 53 11.07 9.07 1.25
N VAL A 54 9.77 9.24 1.18
CA VAL A 54 9.01 8.66 0.08
C VAL A 54 9.25 9.45 -1.21
N LYS A 55 9.40 8.73 -2.29
CA LYS A 55 9.51 9.33 -3.59
C LYS A 55 8.20 9.21 -4.29
N ASP A 56 7.81 7.97 -4.52
CA ASP A 56 6.69 7.66 -5.35
C ASP A 56 6.02 6.43 -4.84
N VAL A 57 4.87 6.16 -5.39
CA VAL A 57 4.21 4.91 -5.18
C VAL A 57 3.82 4.45 -6.56
N LEU A 58 4.09 3.24 -6.86
CA LEU A 58 3.81 2.73 -8.17
C LEU A 58 2.60 1.84 -8.13
N PRO A 59 1.48 2.27 -8.70
CA PRO A 59 0.27 1.47 -8.74
C PRO A 59 0.43 0.35 -9.75
N ASN A 60 0.04 -0.83 -9.37
CA ASN A 60 0.13 -1.95 -10.26
C ASN A 60 -0.97 -1.86 -11.28
N THR A 61 -0.57 -1.63 -12.52
CA THR A 61 -1.47 -1.44 -13.64
C THR A 61 -2.11 -2.74 -14.11
N ASP A 62 -1.78 -3.83 -13.44
CA ASP A 62 -2.41 -5.11 -13.70
C ASP A 62 -3.72 -5.16 -12.93
N LEU A 63 -3.82 -4.34 -11.90
CA LEU A 63 -5.01 -4.29 -11.10
C LEU A 63 -5.70 -2.94 -11.29
N VAL A 64 -5.04 -1.87 -10.84
CA VAL A 64 -5.60 -0.52 -10.92
C VAL A 64 -5.43 -0.06 -12.36
N LYS A 65 -6.53 0.16 -13.03
CA LYS A 65 -6.50 0.44 -14.45
C LYS A 65 -7.26 1.70 -14.78
N ASP A 66 -6.76 2.40 -15.79
CA ASP A 66 -7.30 3.66 -16.29
C ASP A 66 -7.36 4.68 -15.16
N THR A 67 -6.18 4.91 -14.60
CA THR A 67 -5.99 5.71 -13.40
C THR A 67 -6.41 7.18 -13.52
N ASP A 68 -6.48 7.69 -14.75
CA ASP A 68 -6.79 9.11 -15.03
C ASP A 68 -8.26 9.46 -14.66
N ASN A 69 -9.05 8.46 -14.33
CA ASN A 69 -10.46 8.67 -13.94
C ASN A 69 -10.57 9.03 -12.45
N TYR A 70 -9.45 9.52 -11.90
CA TYR A 70 -9.31 9.89 -10.50
C TYR A 70 -9.41 8.61 -9.66
N SER A 71 -8.84 7.57 -10.21
CA SER A 71 -8.76 6.30 -9.54
C SER A 71 -7.56 6.30 -8.62
N PHE A 72 -6.55 7.02 -9.06
CA PHE A 72 -5.31 7.16 -8.35
C PHE A 72 -5.33 8.45 -7.53
N ILE A 73 -5.42 8.32 -6.23
CA ILE A 73 -5.33 9.47 -5.37
C ILE A 73 -4.23 9.21 -4.36
N VAL A 74 -3.14 9.89 -4.52
CA VAL A 74 -2.07 9.76 -3.58
C VAL A 74 -1.71 11.13 -3.14
N ASN A 75 -2.03 11.41 -1.93
CA ASN A 75 -1.79 12.68 -1.38
C ASN A 75 -0.42 12.72 -0.78
N THR A 76 0.39 13.59 -1.28
CA THR A 76 1.66 13.82 -0.73
C THR A 76 1.50 14.70 0.49
N SER A 77 1.39 14.02 1.59
CA SER A 77 1.12 14.60 2.86
C SER A 77 2.38 15.16 3.50
N THR A 78 2.20 15.81 4.65
CA THR A 78 3.28 16.30 5.47
C THR A 78 4.30 15.15 5.68
N PRO A 79 5.65 15.43 5.48
CA PRO A 79 6.73 14.44 5.57
C PRO A 79 6.52 13.42 6.69
N GLY A 80 6.53 12.17 6.31
CA GLY A 80 6.26 11.10 7.22
C GLY A 80 4.90 10.49 6.99
N LYS A 81 4.02 11.20 6.30
CA LYS A 81 2.70 10.67 5.97
C LYS A 81 2.51 10.48 4.48
N ILE A 82 1.75 9.47 4.14
CA ILE A 82 1.33 9.19 2.79
C ILE A 82 -0.13 8.77 2.85
N SER A 83 -1.01 9.57 2.33
CA SER A 83 -2.40 9.16 2.30
C SER A 83 -2.71 8.59 0.91
N ILE A 84 -2.94 7.31 0.86
CA ILE A 84 -3.21 6.63 -0.40
C ILE A 84 -4.68 6.25 -0.46
N THR A 85 -5.31 6.59 -1.54
CA THR A 85 -6.69 6.28 -1.74
C THR A 85 -6.90 5.91 -3.22
N PHE A 86 -7.57 4.83 -3.45
CA PHE A 86 -7.93 4.44 -4.78
C PHE A 86 -9.43 4.34 -4.83
N THR A 87 -10.03 5.27 -5.52
CA THR A 87 -11.45 5.21 -5.71
C THR A 87 -11.65 5.02 -7.18
N ASP A 88 -12.24 3.95 -7.58
CA ASP A 88 -12.29 3.70 -8.99
C ASP A 88 -13.70 3.61 -9.55
N PRO A 89 -14.04 4.51 -10.49
CA PRO A 89 -15.31 4.50 -11.20
C PRO A 89 -15.27 3.57 -12.43
N THR A 90 -14.12 2.99 -12.70
CA THR A 90 -13.91 2.22 -13.90
C THR A 90 -14.11 0.71 -13.64
N LEU A 91 -14.53 0.36 -12.42
CA LEU A 91 -14.70 -1.02 -11.95
C LEU A 91 -15.64 -1.91 -12.79
N ALA A 92 -16.51 -1.31 -13.58
CA ALA A 92 -17.38 -2.08 -14.43
C ALA A 92 -16.69 -2.38 -15.76
N ASN A 93 -15.79 -1.50 -16.15
CA ASN A 93 -15.06 -1.66 -17.41
C ASN A 93 -13.79 -2.45 -17.18
N TYR A 94 -13.12 -2.16 -16.09
CA TYR A 94 -11.94 -2.88 -15.68
C TYR A 94 -12.15 -3.30 -14.25
N PRO A 95 -12.48 -4.56 -14.02
CA PRO A 95 -12.73 -5.03 -12.69
C PRO A 95 -11.46 -5.54 -12.00
N ILE A 96 -11.21 -5.04 -10.80
CA ILE A 96 -10.15 -5.60 -10.01
C ILE A 96 -10.79 -6.73 -9.21
N SER A 97 -10.80 -7.88 -9.79
CA SER A 97 -11.44 -9.04 -9.22
C SER A 97 -10.45 -10.18 -9.14
N VAL A 98 -9.20 -9.80 -9.21
CA VAL A 98 -8.07 -10.68 -9.14
C VAL A 98 -7.05 -10.01 -8.25
N ASP A 99 -6.25 -10.78 -7.57
CA ASP A 99 -5.32 -10.23 -6.61
C ASP A 99 -3.90 -10.14 -7.14
N GLY A 100 -2.99 -9.75 -6.26
CA GLY A 100 -1.60 -9.60 -6.61
C GLY A 100 -0.97 -8.54 -5.76
N ILE A 101 -0.18 -7.70 -6.36
CA ILE A 101 0.38 -6.59 -5.67
C ILE A 101 -0.48 -5.39 -6.02
N LEU A 102 -0.82 -4.60 -5.05
CA LEU A 102 -1.65 -3.44 -5.28
C LEU A 102 -0.79 -2.26 -5.72
N ALA A 103 0.24 -1.98 -4.95
CA ALA A 103 1.12 -0.89 -5.23
C ALA A 103 2.49 -1.19 -4.66
N TYR A 104 3.48 -0.59 -5.24
CA TYR A 104 4.83 -0.69 -4.78
C TYR A 104 5.24 0.65 -4.21
N LEU A 105 5.59 0.67 -2.96
CA LEU A 105 5.97 1.91 -2.30
C LEU A 105 7.46 2.13 -2.53
N ASP A 106 7.82 3.29 -3.02
CA ASP A 106 9.19 3.60 -3.37
C ASP A 106 9.75 4.64 -2.39
N PHE A 107 10.62 4.20 -1.49
CA PHE A 107 11.19 5.04 -0.45
C PHE A 107 12.69 5.13 -0.58
N ILE A 108 13.23 6.26 -0.27
CA ILE A 108 14.65 6.39 -0.12
C ILE A 108 14.92 6.23 1.36
N ILE A 109 15.81 5.37 1.71
CA ILE A 109 16.21 5.29 3.07
C ILE A 109 17.25 6.37 3.26
N ASN A 110 17.04 7.24 4.21
CA ASN A 110 17.95 8.37 4.43
C ASN A 110 19.29 7.83 4.92
N SER A 111 20.38 8.51 4.60
CA SER A 111 21.70 8.03 4.97
C SER A 111 21.99 8.22 6.46
N ASN A 112 21.12 8.97 7.12
CA ASN A 112 21.17 9.22 8.56
C ASN A 112 20.46 8.06 9.30
N ALA A 113 19.88 7.15 8.54
CA ALA A 113 19.12 6.06 9.09
C ALA A 113 20.00 5.02 9.74
N THR A 114 19.62 4.68 10.92
CA THR A 114 20.28 3.69 11.71
C THR A 114 19.82 2.30 11.28
N ALA A 115 20.66 1.32 11.48
CA ALA A 115 20.36 -0.03 11.12
C ALA A 115 19.32 -0.62 12.06
N GLY A 116 18.60 -1.58 11.57
CA GLY A 116 17.59 -2.23 12.32
C GLY A 116 16.26 -2.18 11.61
N ASP A 117 15.28 -2.83 12.15
CA ASP A 117 13.98 -2.90 11.55
C ASP A 117 13.12 -1.76 11.97
N SER A 118 12.64 -1.05 11.01
CA SER A 118 11.80 0.08 11.22
C SER A 118 10.44 -0.20 10.58
N ALA A 119 9.40 -0.12 11.36
CA ALA A 119 8.07 -0.38 10.87
C ALA A 119 7.36 0.91 10.41
N LEU A 120 6.61 0.78 9.34
CA LEU A 120 5.84 1.83 8.73
C LEU A 120 4.41 1.64 9.23
N THR A 121 3.92 2.57 9.97
CA THR A 121 2.64 2.44 10.60
C THR A 121 1.51 2.76 9.61
N VAL A 122 0.67 1.79 9.34
CA VAL A 122 -0.50 2.03 8.53
C VAL A 122 -1.70 1.88 9.44
N ASP A 123 -2.58 2.83 9.40
CA ASP A 123 -3.72 2.85 10.29
C ASP A 123 -4.87 1.96 9.79
N PRO A 124 -5.32 0.96 10.59
CA PRO A 124 -6.40 0.02 10.21
C PRO A 124 -7.82 0.63 10.23
N ALA A 125 -7.99 1.79 10.85
CA ALA A 125 -9.30 2.41 10.91
C ALA A 125 -9.56 3.24 9.66
N THR A 126 -8.53 3.89 9.19
CA THR A 126 -8.60 4.63 7.95
C THR A 126 -8.32 3.72 6.76
N LEU A 127 -8.00 2.47 7.06
CA LEU A 127 -7.82 1.44 6.06
C LEU A 127 -9.23 1.01 5.69
N ILE A 128 -9.65 1.36 4.53
CA ILE A 128 -10.98 1.06 4.06
C ILE A 128 -10.85 0.34 2.75
N VAL A 129 -11.43 -0.82 2.65
CA VAL A 129 -11.42 -1.56 1.42
C VAL A 129 -12.82 -2.03 1.14
N ALA A 130 -13.50 -1.28 0.34
CA ALA A 130 -14.86 -1.56 0.02
C ALA A 130 -14.99 -2.10 -1.38
N ASP A 131 -15.77 -3.15 -1.45
CA ASP A 131 -16.10 -3.89 -2.67
C ASP A 131 -16.92 -3.00 -3.63
N GLU A 132 -17.35 -3.54 -4.74
CA GLU A 132 -18.19 -2.80 -5.69
C GLU A 132 -19.62 -2.78 -5.17
N ASN A 133 -19.87 -3.67 -4.20
CA ASN A 133 -21.11 -3.72 -3.41
C ASN A 133 -21.00 -2.65 -2.27
N ASP A 134 -19.88 -1.88 -2.34
CA ASP A 134 -19.49 -0.75 -1.46
C ASP A 134 -19.42 -1.07 0.03
N LYS A 135 -19.30 -2.34 0.33
CA LYS A 135 -19.19 -2.80 1.71
C LYS A 135 -17.72 -3.03 2.00
N ASP A 136 -17.26 -2.61 3.17
CA ASP A 136 -15.88 -2.81 3.58
C ASP A 136 -15.69 -4.27 3.97
N ILE A 137 -14.93 -4.97 3.18
CA ILE A 137 -14.74 -6.38 3.31
C ILE A 137 -13.23 -6.65 3.25
N LYS A 138 -12.56 -6.65 4.40
CA LYS A 138 -11.11 -6.76 4.39
C LYS A 138 -10.49 -7.33 5.68
N ASP A 139 -9.59 -8.25 5.49
CA ASP A 139 -8.69 -8.73 6.52
C ASP A 139 -7.42 -7.95 6.34
N ALA A 140 -7.17 -7.01 7.18
CA ALA A 140 -6.01 -6.19 6.97
C ALA A 140 -5.18 -6.00 8.19
N ALA A 141 -3.92 -6.20 8.00
CA ALA A 141 -2.92 -5.90 8.97
C ALA A 141 -1.84 -5.23 8.19
N SER A 142 -1.60 -3.98 8.46
CA SER A 142 -0.64 -3.26 7.69
C SER A 142 0.32 -2.47 8.56
N ASN A 143 1.50 -2.97 8.64
CA ASN A 143 2.59 -2.36 9.32
C ASN A 143 3.84 -2.84 8.61
N GLY A 144 4.22 -2.11 7.56
CA GLY A 144 5.36 -2.50 6.74
C GLY A 144 6.62 -2.47 7.54
N LYS A 145 7.58 -3.25 7.21
CA LYS A 145 8.76 -3.29 8.02
C LYS A 145 9.98 -3.34 7.13
N ILE A 146 10.91 -2.46 7.39
CA ILE A 146 12.11 -2.35 6.61
C ILE A 146 13.31 -2.60 7.48
N THR A 147 14.10 -3.57 7.10
CA THR A 147 15.31 -3.89 7.76
C THR A 147 16.41 -3.03 7.14
N VAL A 148 16.85 -2.03 7.85
CA VAL A 148 17.88 -1.17 7.36
C VAL A 148 19.22 -1.82 7.64
N THR A 149 19.96 -2.09 6.61
CA THR A 149 21.28 -2.55 6.79
C THR A 149 22.19 -1.37 6.67
N GLY A 150 22.62 -0.90 7.77
CA GLY A 150 23.40 0.28 7.82
C GLY A 150 24.64 0.03 8.57
N SER A 151 25.74 -0.09 7.86
CA SER A 151 27.03 -0.29 8.45
C SER A 151 27.35 0.90 9.37
N ALA A 152 27.13 2.09 8.85
CA ALA A 152 27.31 3.32 9.57
C ALA A 152 26.40 4.37 8.93
N PRO A 153 25.77 5.24 9.72
CA PRO A 153 24.89 6.31 9.20
C PRO A 153 25.69 7.52 8.67
N THR A 154 26.67 7.25 7.85
CA THR A 154 27.51 8.26 7.29
C THR A 154 27.68 8.01 5.79
N SER A 155 26.87 8.68 5.01
CA SER A 155 26.91 8.63 3.57
C SER A 155 26.44 9.97 3.03
N GLY A 1 -20.68 -24.80 -9.33
CA GLY A 1 -21.80 -24.26 -8.58
C GLY A 1 -22.00 -22.82 -8.92
N SER A 2 -22.94 -22.18 -8.30
CA SER A 2 -23.17 -20.78 -8.55
C SER A 2 -22.41 -19.97 -7.52
N ALA A 3 -21.61 -19.05 -7.98
CA ALA A 3 -20.88 -18.21 -7.08
C ALA A 3 -21.54 -16.86 -6.99
N SER A 4 -22.68 -16.84 -6.37
CA SER A 4 -23.42 -15.65 -6.14
C SER A 4 -23.30 -15.37 -4.65
N VAL A 5 -23.77 -14.20 -4.21
CA VAL A 5 -23.60 -13.74 -2.85
C VAL A 5 -22.11 -13.63 -2.58
N LYS A 6 -21.56 -12.56 -3.07
CA LYS A 6 -20.14 -12.34 -3.01
C LYS A 6 -19.75 -11.73 -1.66
N ASN A 7 -18.56 -11.15 -1.60
CA ASN A 7 -17.98 -10.54 -0.40
C ASN A 7 -17.33 -11.59 0.46
N GLU A 8 -16.04 -11.58 0.47
CA GLU A 8 -15.26 -12.57 1.18
C GLU A 8 -14.01 -11.94 1.77
N THR A 9 -13.22 -12.73 2.47
CA THR A 9 -12.03 -12.25 3.13
C THR A 9 -10.95 -11.85 2.11
N VAL A 10 -10.76 -10.57 1.96
CA VAL A 10 -9.75 -10.03 1.07
C VAL A 10 -8.52 -9.65 1.89
N LYS A 11 -7.45 -10.37 1.69
CA LYS A 11 -6.23 -10.10 2.43
C LYS A 11 -5.40 -9.00 1.82
N LEU A 12 -5.24 -7.95 2.57
CA LEU A 12 -4.27 -6.91 2.26
C LEU A 12 -3.19 -7.07 3.27
N SER A 13 -2.07 -7.49 2.82
CA SER A 13 -1.00 -7.87 3.66
C SER A 13 0.27 -7.09 3.31
N VAL A 14 1.22 -7.17 4.19
CA VAL A 14 2.49 -6.49 4.08
C VAL A 14 3.61 -7.48 4.28
N GLY A 15 4.78 -7.11 3.86
CA GLY A 15 5.91 -7.96 4.02
C GLY A 15 7.09 -7.17 4.50
N THR A 16 8.16 -7.85 4.80
CA THR A 16 9.32 -7.23 5.32
C THR A 16 10.45 -7.27 4.30
N VAL A 17 10.91 -6.11 3.94
CA VAL A 17 11.98 -5.95 2.99
C VAL A 17 13.19 -5.36 3.68
N SER A 18 14.33 -5.45 3.08
CA SER A 18 15.52 -4.88 3.63
C SER A 18 16.06 -3.80 2.69
N GLY A 19 16.84 -2.88 3.21
CA GLY A 19 17.39 -1.84 2.41
C GLY A 19 18.67 -1.29 3.00
N ASN A 20 19.38 -0.49 2.24
CA ASN A 20 20.65 0.06 2.68
C ASN A 20 20.54 1.59 2.76
N PRO A 21 21.38 2.28 3.56
CA PRO A 21 21.35 3.74 3.67
C PRO A 21 21.86 4.40 2.37
N GLY A 22 20.99 5.17 1.74
CA GLY A 22 21.32 5.80 0.47
C GLY A 22 20.73 5.00 -0.67
N ASP A 23 20.30 3.81 -0.36
CA ASP A 23 19.68 2.90 -1.29
C ASP A 23 18.18 3.12 -1.32
N THR A 24 17.57 2.82 -2.42
CA THR A 24 16.15 3.01 -2.56
C THR A 24 15.44 1.67 -2.46
N VAL A 25 14.48 1.57 -1.58
CA VAL A 25 13.79 0.35 -1.32
C VAL A 25 12.31 0.47 -1.77
N LYS A 26 11.77 -0.60 -2.27
CA LYS A 26 10.42 -0.61 -2.72
C LYS A 26 9.63 -1.61 -1.85
N VAL A 27 8.52 -1.17 -1.31
CA VAL A 27 7.71 -1.99 -0.43
C VAL A 27 6.39 -2.33 -1.11
N PRO A 28 6.17 -3.59 -1.48
CA PRO A 28 4.95 -4.00 -2.14
C PRO A 28 3.80 -4.33 -1.17
N VAL A 29 2.63 -3.79 -1.44
CA VAL A 29 1.43 -4.11 -0.68
C VAL A 29 0.75 -5.28 -1.38
N THR A 30 0.60 -6.37 -0.69
CA THR A 30 0.09 -7.57 -1.30
C THR A 30 -1.42 -7.72 -1.06
N ILE A 31 -2.12 -8.14 -2.09
CA ILE A 31 -3.53 -8.41 -2.03
C ILE A 31 -3.76 -9.85 -2.48
N SER A 32 -4.51 -10.62 -1.71
CA SER A 32 -4.74 -12.01 -2.04
C SER A 32 -6.14 -12.47 -1.60
N GLN A 33 -6.60 -13.58 -2.22
CA GLN A 33 -7.89 -14.25 -1.91
C GLN A 33 -9.11 -13.38 -2.25
N VAL A 34 -8.93 -12.50 -3.17
CA VAL A 34 -9.97 -11.59 -3.58
C VAL A 34 -10.70 -12.16 -4.81
N SER A 35 -12.01 -12.05 -4.81
CA SER A 35 -12.81 -12.40 -5.95
C SER A 35 -13.92 -11.38 -6.19
N THR A 36 -13.85 -10.32 -5.44
CA THR A 36 -14.75 -9.22 -5.54
C THR A 36 -14.04 -8.05 -6.17
N PRO A 37 -14.63 -7.37 -7.17
CA PRO A 37 -14.01 -6.17 -7.72
C PRO A 37 -13.99 -5.09 -6.66
N VAL A 38 -12.82 -4.61 -6.37
CA VAL A 38 -12.66 -3.63 -5.34
C VAL A 38 -12.85 -2.23 -5.91
N GLY A 39 -13.47 -1.36 -5.12
CA GLY A 39 -13.73 -0.03 -5.60
C GLY A 39 -13.26 1.04 -4.66
N LEU A 40 -13.11 0.70 -3.39
CA LEU A 40 -12.69 1.66 -2.39
C LEU A 40 -11.55 1.13 -1.61
N ILE A 41 -10.42 1.73 -1.78
CA ILE A 41 -9.24 1.36 -1.03
C ILE A 41 -8.65 2.63 -0.44
N CYS A 42 -8.56 2.69 0.83
CA CYS A 42 -7.96 3.81 1.48
C CYS A 42 -7.01 3.28 2.53
N MET A 43 -5.85 3.89 2.64
CA MET A 43 -4.83 3.50 3.62
C MET A 43 -3.91 4.69 3.87
N ASP A 44 -3.50 4.87 5.11
CA ASP A 44 -2.64 6.00 5.47
C ASP A 44 -1.38 5.47 6.13
N ILE A 45 -0.26 5.72 5.53
CA ILE A 45 1.02 5.17 5.97
C ILE A 45 1.80 6.21 6.74
N SER A 46 2.24 5.85 7.91
CA SER A 46 3.06 6.70 8.73
C SER A 46 4.44 6.04 8.90
N TYR A 47 5.48 6.76 8.61
CA TYR A 47 6.81 6.22 8.66
C TYR A 47 7.79 7.22 9.26
N ASP A 48 9.01 6.79 9.53
CA ASP A 48 10.05 7.65 10.06
C ASP A 48 10.53 8.61 8.99
N ALA A 49 10.12 9.85 9.10
CA ALA A 49 10.42 10.91 8.14
C ALA A 49 11.92 11.21 8.04
N SER A 50 12.63 10.98 9.10
CA SER A 50 14.05 11.22 9.14
C SER A 50 14.85 10.02 8.62
N LYS A 51 14.18 8.92 8.42
CA LYS A 51 14.84 7.69 8.04
C LYS A 51 14.58 7.39 6.56
N PHE A 52 13.37 7.69 6.11
CA PHE A 52 12.99 7.40 4.74
C PHE A 52 12.44 8.64 4.09
N THR A 53 12.49 8.68 2.80
CA THR A 53 11.92 9.74 2.03
C THR A 53 11.13 9.10 0.88
N VAL A 54 9.81 9.21 0.93
CA VAL A 54 8.99 8.63 -0.11
C VAL A 54 8.97 9.57 -1.32
N LYS A 55 9.07 9.01 -2.49
CA LYS A 55 8.97 9.79 -3.69
C LYS A 55 7.54 9.78 -4.14
N ASP A 56 7.06 8.61 -4.44
CA ASP A 56 5.74 8.38 -4.94
C ASP A 56 5.45 6.93 -4.77
N VAL A 57 4.26 6.52 -5.12
CA VAL A 57 3.91 5.14 -5.05
C VAL A 57 3.49 4.67 -6.44
N LEU A 58 3.85 3.49 -6.77
CA LEU A 58 3.55 2.93 -8.05
C LEU A 58 2.33 2.05 -7.95
N PRO A 59 1.26 2.35 -8.64
CA PRO A 59 0.11 1.49 -8.65
C PRO A 59 0.35 0.32 -9.59
N ASN A 60 -0.01 -0.86 -9.19
CA ASN A 60 0.15 -1.99 -10.06
C ASN A 60 -0.93 -1.94 -11.11
N THR A 61 -0.54 -1.60 -12.32
CA THR A 61 -1.45 -1.41 -13.44
C THR A 61 -2.04 -2.73 -13.95
N ASP A 62 -1.57 -3.84 -13.40
CA ASP A 62 -2.16 -5.15 -13.65
C ASP A 62 -3.55 -5.17 -13.03
N LEU A 63 -3.68 -4.47 -11.92
CA LEU A 63 -4.93 -4.37 -11.19
C LEU A 63 -5.59 -3.03 -11.46
N VAL A 64 -4.92 -1.95 -11.02
CA VAL A 64 -5.44 -0.59 -11.12
C VAL A 64 -5.43 -0.15 -12.58
N LYS A 65 -6.55 0.33 -13.05
CA LYS A 65 -6.68 0.67 -14.45
C LYS A 65 -6.92 2.15 -14.62
N ASP A 66 -6.13 2.74 -15.51
CA ASP A 66 -6.11 4.17 -15.87
C ASP A 66 -6.18 5.13 -14.68
N THR A 67 -5.02 5.57 -14.25
CA THR A 67 -4.89 6.43 -13.09
C THR A 67 -5.56 7.81 -13.30
N ASP A 68 -5.58 8.27 -14.57
CA ASP A 68 -6.18 9.56 -14.98
C ASP A 68 -7.68 9.61 -14.70
N ASN A 69 -8.32 8.45 -14.68
CA ASN A 69 -9.78 8.32 -14.42
C ASN A 69 -10.15 8.58 -12.97
N TYR A 70 -9.20 9.14 -12.20
CA TYR A 70 -9.35 9.52 -10.80
C TYR A 70 -9.49 8.27 -9.96
N SER A 71 -8.76 7.25 -10.37
CA SER A 71 -8.68 6.01 -9.65
C SER A 71 -7.52 6.13 -8.62
N PHE A 72 -6.49 6.86 -9.03
CA PHE A 72 -5.29 7.02 -8.26
C PHE A 72 -5.30 8.36 -7.53
N ILE A 73 -5.51 8.33 -6.23
CA ILE A 73 -5.42 9.54 -5.43
C ILE A 73 -4.36 9.31 -4.36
N VAL A 74 -3.23 9.94 -4.52
CA VAL A 74 -2.19 9.81 -3.53
C VAL A 74 -1.77 11.18 -3.10
N ASN A 75 -2.06 11.45 -1.88
CA ASN A 75 -1.71 12.68 -1.28
C ASN A 75 -0.47 12.46 -0.46
N THR A 76 0.62 13.05 -0.88
CA THR A 76 1.82 12.98 -0.15
C THR A 76 1.65 13.90 1.06
N SER A 77 1.32 13.29 2.17
CA SER A 77 0.96 13.96 3.37
C SER A 77 2.18 14.58 4.05
N THR A 78 1.92 15.30 5.11
CA THR A 78 2.88 15.96 5.93
C THR A 78 4.01 14.98 6.30
N PRO A 79 5.31 15.42 6.20
CA PRO A 79 6.51 14.58 6.38
C PRO A 79 6.36 13.48 7.41
N GLY A 80 6.48 12.26 6.93
CA GLY A 80 6.31 11.10 7.73
C GLY A 80 5.01 10.37 7.44
N LYS A 81 4.19 10.91 6.54
CA LYS A 81 2.96 10.25 6.13
C LYS A 81 2.72 10.21 4.64
N ILE A 82 1.91 9.25 4.23
CA ILE A 82 1.47 9.05 2.86
C ILE A 82 -0.01 8.70 2.92
N SER A 83 -0.85 9.46 2.30
CA SER A 83 -2.26 9.18 2.29
C SER A 83 -2.66 8.62 0.92
N ILE A 84 -3.00 7.36 0.89
CA ILE A 84 -3.32 6.69 -0.36
C ILE A 84 -4.81 6.36 -0.41
N THR A 85 -5.44 6.73 -1.47
CA THR A 85 -6.82 6.44 -1.68
C THR A 85 -7.05 6.06 -3.15
N PHE A 86 -7.51 4.86 -3.36
CA PHE A 86 -7.88 4.41 -4.67
C PHE A 86 -9.36 4.28 -4.71
N THR A 87 -9.98 5.15 -5.41
CA THR A 87 -11.37 5.02 -5.63
C THR A 87 -11.52 4.71 -7.09
N ASP A 88 -12.06 3.57 -7.40
CA ASP A 88 -12.04 3.12 -8.76
C ASP A 88 -13.43 3.01 -9.37
N PRO A 89 -13.72 3.88 -10.35
CA PRO A 89 -14.97 3.81 -11.10
C PRO A 89 -14.87 2.83 -12.30
N THR A 90 -13.67 2.37 -12.57
CA THR A 90 -13.35 1.60 -13.73
C THR A 90 -13.75 0.12 -13.59
N LEU A 91 -14.06 -0.31 -12.36
CA LEU A 91 -14.43 -1.69 -11.98
C LEU A 91 -15.51 -2.39 -12.85
N ALA A 92 -16.33 -1.62 -13.55
CA ALA A 92 -17.35 -2.18 -14.41
C ALA A 92 -16.74 -2.59 -15.75
N ASN A 93 -15.65 -1.94 -16.10
CA ASN A 93 -14.95 -2.20 -17.36
C ASN A 93 -13.82 -3.19 -17.09
N TYR A 94 -13.14 -2.99 -15.99
CA TYR A 94 -12.07 -3.86 -15.58
C TYR A 94 -12.29 -4.21 -14.13
N PRO A 95 -12.78 -5.40 -13.83
CA PRO A 95 -13.03 -5.82 -12.46
C PRO A 95 -11.73 -6.20 -11.75
N ILE A 96 -11.31 -5.40 -10.78
CA ILE A 96 -10.14 -5.74 -9.99
C ILE A 96 -10.58 -6.78 -8.97
N SER A 97 -10.51 -8.02 -9.34
CA SER A 97 -10.93 -9.12 -8.51
C SER A 97 -9.89 -10.22 -8.55
N VAL A 98 -8.69 -9.83 -8.92
CA VAL A 98 -7.57 -10.73 -9.00
C VAL A 98 -6.47 -10.27 -8.07
N ASP A 99 -5.62 -11.18 -7.69
CA ASP A 99 -4.60 -10.91 -6.67
C ASP A 99 -3.26 -10.43 -7.23
N GLY A 100 -2.31 -10.27 -6.32
CA GLY A 100 -0.97 -9.87 -6.65
C GLY A 100 -0.55 -8.73 -5.77
N ILE A 101 0.10 -7.77 -6.34
CA ILE A 101 0.48 -6.59 -5.60
C ILE A 101 -0.49 -5.48 -5.94
N LEU A 102 -0.88 -4.71 -4.98
CA LEU A 102 -1.77 -3.61 -5.22
C LEU A 102 -0.99 -2.35 -5.62
N ALA A 103 -0.06 -1.96 -4.77
CA ALA A 103 0.75 -0.80 -5.02
C ALA A 103 2.12 -1.02 -4.42
N TYR A 104 3.08 -0.30 -4.94
CA TYR A 104 4.44 -0.39 -4.49
C TYR A 104 4.84 0.94 -3.90
N LEU A 105 5.22 0.95 -2.66
CA LEU A 105 5.65 2.16 -1.99
C LEU A 105 7.14 2.31 -2.28
N ASP A 106 7.59 3.45 -2.72
CA ASP A 106 8.99 3.58 -3.09
C ASP A 106 9.68 4.63 -2.21
N PHE A 107 10.60 4.17 -1.37
CA PHE A 107 11.26 5.02 -0.40
C PHE A 107 12.75 5.08 -0.63
N ILE A 108 13.29 6.26 -0.60
CA ILE A 108 14.73 6.41 -0.58
C ILE A 108 15.13 6.38 0.88
N ILE A 109 16.06 5.53 1.22
CA ILE A 109 16.51 5.45 2.58
C ILE A 109 17.60 6.49 2.78
N ASN A 110 17.49 7.25 3.85
CA ASN A 110 18.45 8.29 4.20
C ASN A 110 19.81 7.63 4.43
N SER A 111 20.88 8.28 4.03
CA SER A 111 22.22 7.74 4.20
C SER A 111 22.63 7.73 5.68
N ASN A 112 21.93 8.52 6.48
CA ASN A 112 22.16 8.62 7.92
C ASN A 112 20.94 8.01 8.67
N ALA A 113 20.26 7.08 8.00
CA ALA A 113 19.07 6.44 8.57
C ALA A 113 19.44 5.50 9.70
N THR A 114 18.52 5.34 10.63
CA THR A 114 18.69 4.45 11.74
C THR A 114 18.53 3.02 11.25
N ALA A 115 19.46 2.19 11.60
CA ALA A 115 19.46 0.82 11.17
C ALA A 115 18.56 -0.02 12.07
N GLY A 116 18.08 -1.12 11.56
CA GLY A 116 17.26 -2.01 12.34
C GLY A 116 15.88 -2.16 11.80
N ASP A 117 14.98 -2.67 12.63
CA ASP A 117 13.59 -2.87 12.28
C ASP A 117 12.89 -1.53 12.22
N SER A 118 12.43 -1.18 11.06
CA SER A 118 11.74 0.07 10.87
C SER A 118 10.34 -0.20 10.30
N ALA A 119 9.35 -0.01 11.11
CA ALA A 119 7.99 -0.30 10.75
C ALA A 119 7.27 0.90 10.17
N LEU A 120 6.52 0.66 9.15
CA LEU A 120 5.68 1.64 8.51
C LEU A 120 4.28 1.35 9.01
N THR A 121 3.72 2.25 9.75
CA THR A 121 2.44 2.02 10.37
C THR A 121 1.32 2.39 9.41
N VAL A 122 0.38 1.51 9.20
CA VAL A 122 -0.76 1.87 8.38
C VAL A 122 -1.95 2.08 9.29
N ASP A 123 -2.48 3.29 9.31
CA ASP A 123 -3.61 3.67 10.16
C ASP A 123 -4.86 2.87 9.77
N PRO A 124 -5.34 1.96 10.66
CA PRO A 124 -6.48 1.08 10.36
C PRO A 124 -7.82 1.80 10.27
N ALA A 125 -7.91 2.98 10.86
CA ALA A 125 -9.15 3.75 10.87
C ALA A 125 -9.40 4.40 9.52
N THR A 126 -8.33 4.86 8.90
CA THR A 126 -8.38 5.44 7.61
C THR A 126 -8.31 4.33 6.55
N LEU A 127 -7.94 3.13 6.99
CA LEU A 127 -7.79 2.00 6.10
C LEU A 127 -9.19 1.41 5.87
N ILE A 128 -9.67 1.56 4.67
CA ILE A 128 -10.98 1.08 4.26
C ILE A 128 -10.80 0.32 2.96
N VAL A 129 -11.28 -0.90 2.89
CA VAL A 129 -11.24 -1.65 1.65
C VAL A 129 -12.60 -2.26 1.39
N ALA A 130 -13.35 -1.57 0.58
CA ALA A 130 -14.69 -1.97 0.26
C ALA A 130 -14.77 -2.30 -1.21
N ASP A 131 -15.57 -3.29 -1.53
CA ASP A 131 -15.72 -3.73 -2.90
C ASP A 131 -16.78 -2.88 -3.62
N GLU A 132 -17.23 -3.34 -4.78
CA GLU A 132 -18.29 -2.68 -5.56
C GLU A 132 -19.61 -2.63 -4.77
N ASN A 133 -19.79 -3.59 -3.86
CA ASN A 133 -20.96 -3.68 -3.00
C ASN A 133 -20.76 -2.85 -1.71
N ASP A 134 -19.66 -2.07 -1.67
CA ASP A 134 -19.39 -1.06 -0.59
C ASP A 134 -19.04 -1.71 0.76
N LYS A 135 -18.83 -2.99 0.78
CA LYS A 135 -18.63 -3.66 2.04
C LYS A 135 -17.16 -3.90 2.31
N ASP A 136 -16.70 -3.42 3.45
CA ASP A 136 -15.33 -3.66 3.88
C ASP A 136 -15.25 -5.11 4.29
N ILE A 137 -14.48 -5.83 3.56
CA ILE A 137 -14.38 -7.27 3.71
C ILE A 137 -12.94 -7.70 3.78
N LYS A 138 -12.12 -6.85 4.31
CA LYS A 138 -10.73 -7.09 4.22
C LYS A 138 -10.15 -7.59 5.52
N ASP A 139 -9.13 -8.39 5.38
CA ASP A 139 -8.34 -8.88 6.47
C ASP A 139 -7.23 -7.90 6.65
N ALA A 140 -6.96 -7.49 7.85
CA ALA A 140 -6.02 -6.45 8.01
C ALA A 140 -4.76 -6.85 8.71
N ALA A 141 -3.70 -6.69 7.98
CA ALA A 141 -2.38 -6.67 8.51
C ALA A 141 -1.69 -5.62 7.72
N SER A 142 -1.36 -4.54 8.34
CA SER A 142 -0.75 -3.47 7.64
C SER A 142 0.24 -2.73 8.53
N ASN A 143 1.48 -3.02 8.27
CA ASN A 143 2.63 -2.54 8.97
C ASN A 143 3.82 -3.07 8.21
N GLY A 144 4.14 -2.40 7.13
CA GLY A 144 5.25 -2.81 6.30
C GLY A 144 6.53 -2.59 7.02
N LYS A 145 7.42 -3.50 6.98
CA LYS A 145 8.61 -3.31 7.73
C LYS A 145 9.82 -3.37 6.85
N ILE A 146 10.66 -2.41 7.02
CA ILE A 146 11.89 -2.33 6.31
C ILE A 146 13.00 -2.58 7.31
N THR A 147 13.85 -3.51 7.02
CA THR A 147 14.97 -3.76 7.85
C THR A 147 16.16 -3.02 7.24
N VAL A 148 16.53 -1.95 7.86
CA VAL A 148 17.63 -1.15 7.36
C VAL A 148 18.92 -1.76 7.84
N THR A 149 19.69 -2.21 6.93
CA THR A 149 20.98 -2.73 7.24
C THR A 149 21.96 -1.58 7.18
N GLY A 150 22.77 -1.42 8.21
CA GLY A 150 23.71 -0.32 8.29
C GLY A 150 24.94 -0.56 7.44
N SER A 151 24.72 -0.61 6.15
CA SER A 151 25.77 -0.85 5.17
C SER A 151 26.40 0.48 4.73
N ALA A 152 26.32 1.46 5.59
CA ALA A 152 26.94 2.74 5.34
C ALA A 152 28.43 2.59 5.63
N PRO A 153 29.29 3.29 4.87
CA PRO A 153 30.73 3.24 5.11
C PRO A 153 31.08 3.83 6.47
N THR A 154 31.35 2.97 7.42
CA THR A 154 31.69 3.36 8.74
C THR A 154 33.17 3.11 9.00
N SER A 155 33.63 1.92 8.67
CA SER A 155 34.99 1.53 8.86
C SER A 155 35.66 1.31 7.50
N GLY A 1 -26.75 -18.56 -13.00
CA GLY A 1 -25.57 -18.20 -12.22
C GLY A 1 -25.33 -16.72 -12.28
N SER A 2 -25.96 -15.99 -11.40
CA SER A 2 -25.79 -14.57 -11.34
C SER A 2 -24.74 -14.22 -10.30
N ALA A 3 -23.51 -14.06 -10.79
CA ALA A 3 -22.31 -13.79 -10.00
C ALA A 3 -21.89 -15.02 -9.18
N SER A 4 -22.56 -15.22 -8.03
CA SER A 4 -22.29 -16.34 -7.11
C SER A 4 -20.83 -16.35 -6.61
N VAL A 5 -20.21 -15.19 -6.64
CA VAL A 5 -18.82 -15.04 -6.27
C VAL A 5 -18.70 -14.60 -4.80
N LYS A 6 -19.80 -14.01 -4.28
CA LYS A 6 -19.87 -13.44 -2.93
C LYS A 6 -18.95 -12.25 -2.76
N ASN A 7 -18.92 -11.75 -1.56
CA ASN A 7 -17.98 -10.75 -1.17
C ASN A 7 -16.92 -11.47 -0.41
N GLU A 8 -15.73 -11.37 -0.87
CA GLU A 8 -14.65 -12.12 -0.32
C GLU A 8 -13.86 -11.32 0.65
N THR A 9 -13.24 -12.00 1.57
CA THR A 9 -12.44 -11.39 2.57
C THR A 9 -11.08 -11.06 1.96
N VAL A 10 -10.87 -9.80 1.69
CA VAL A 10 -9.68 -9.31 1.07
C VAL A 10 -8.63 -9.10 2.13
N LYS A 11 -7.62 -9.91 2.10
CA LYS A 11 -6.56 -9.81 3.05
C LYS A 11 -5.51 -8.86 2.53
N LEU A 12 -5.14 -7.93 3.34
CA LEU A 12 -4.04 -7.06 3.02
C LEU A 12 -2.83 -7.65 3.68
N SER A 13 -1.79 -7.79 2.93
CA SER A 13 -0.60 -8.39 3.41
C SER A 13 0.59 -7.50 3.12
N VAL A 14 1.53 -7.52 3.99
CA VAL A 14 2.73 -6.76 3.90
C VAL A 14 3.92 -7.69 4.08
N GLY A 15 5.06 -7.25 3.68
CA GLY A 15 6.21 -8.06 3.80
C GLY A 15 7.36 -7.27 4.33
N THR A 16 8.41 -7.94 4.66
CA THR A 16 9.56 -7.31 5.19
C THR A 16 10.70 -7.34 4.19
N VAL A 17 11.13 -6.19 3.80
CA VAL A 17 12.20 -6.01 2.87
C VAL A 17 13.37 -5.43 3.63
N SER A 18 14.54 -5.53 3.08
CA SER A 18 15.70 -4.97 3.71
C SER A 18 16.38 -4.01 2.74
N GLY A 19 17.07 -3.04 3.27
CA GLY A 19 17.73 -2.08 2.44
C GLY A 19 18.86 -1.40 3.18
N ASN A 20 19.67 -0.67 2.45
CA ASN A 20 20.81 0.03 3.00
C ASN A 20 20.53 1.53 3.05
N PRO A 21 21.17 2.29 3.95
CA PRO A 21 21.00 3.76 4.01
C PRO A 21 21.54 4.41 2.73
N GLY A 22 20.67 5.07 2.00
CA GLY A 22 21.05 5.66 0.74
C GLY A 22 20.44 4.91 -0.42
N ASP A 23 20.01 3.71 -0.15
CA ASP A 23 19.43 2.84 -1.16
C ASP A 23 17.94 3.09 -1.25
N THR A 24 17.38 2.93 -2.42
CA THR A 24 15.98 3.12 -2.60
C THR A 24 15.28 1.76 -2.49
N VAL A 25 14.36 1.65 -1.57
CA VAL A 25 13.71 0.42 -1.29
C VAL A 25 12.23 0.48 -1.71
N LYS A 26 11.80 -0.55 -2.37
CA LYS A 26 10.46 -0.67 -2.82
C LYS A 26 9.71 -1.66 -1.93
N VAL A 27 8.68 -1.18 -1.29
CA VAL A 27 7.87 -2.00 -0.42
C VAL A 27 6.57 -2.35 -1.14
N PRO A 28 6.37 -3.62 -1.49
CA PRO A 28 5.15 -4.04 -2.16
C PRO A 28 3.99 -4.29 -1.19
N VAL A 29 2.87 -3.64 -1.45
CA VAL A 29 1.68 -3.85 -0.67
C VAL A 29 0.93 -4.96 -1.33
N THR A 30 0.82 -6.06 -0.66
CA THR A 30 0.27 -7.24 -1.24
C THR A 30 -1.21 -7.36 -0.87
N ILE A 31 -2.00 -7.68 -1.84
CA ILE A 31 -3.42 -7.84 -1.66
C ILE A 31 -3.77 -9.28 -2.04
N SER A 32 -4.56 -9.94 -1.24
CA SER A 32 -4.87 -11.33 -1.48
C SER A 32 -6.36 -11.61 -1.28
N GLN A 33 -6.87 -12.63 -2.01
CA GLN A 33 -8.25 -13.13 -1.92
C GLN A 33 -9.31 -12.16 -2.40
N VAL A 34 -8.89 -11.19 -3.16
CA VAL A 34 -9.81 -10.28 -3.75
C VAL A 34 -10.33 -10.88 -5.07
N SER A 35 -11.55 -11.35 -5.03
CA SER A 35 -12.19 -11.94 -6.19
C SER A 35 -13.36 -11.06 -6.61
N THR A 36 -13.98 -10.46 -5.62
CA THR A 36 -15.04 -9.51 -5.82
C THR A 36 -14.39 -8.20 -6.26
N PRO A 37 -14.90 -7.52 -7.31
CA PRO A 37 -14.36 -6.23 -7.72
C PRO A 37 -14.43 -5.23 -6.57
N VAL A 38 -13.31 -4.67 -6.24
CA VAL A 38 -13.21 -3.75 -5.16
C VAL A 38 -13.51 -2.33 -5.65
N GLY A 39 -14.06 -1.52 -4.80
CA GLY A 39 -14.44 -0.20 -5.19
C GLY A 39 -13.55 0.86 -4.62
N LEU A 40 -13.39 0.87 -3.31
CA LEU A 40 -12.66 1.92 -2.65
C LEU A 40 -11.65 1.32 -1.67
N ILE A 41 -10.40 1.47 -1.97
CA ILE A 41 -9.32 1.09 -1.08
C ILE A 41 -8.69 2.35 -0.53
N CYS A 42 -8.75 2.52 0.73
CA CYS A 42 -8.17 3.65 1.38
C CYS A 42 -7.16 3.15 2.38
N MET A 43 -6.00 3.76 2.42
CA MET A 43 -4.95 3.38 3.33
C MET A 43 -4.02 4.56 3.53
N ASP A 44 -3.63 4.78 4.75
CA ASP A 44 -2.74 5.88 5.08
C ASP A 44 -1.46 5.29 5.60
N ILE A 45 -0.39 5.62 4.98
CA ILE A 45 0.88 5.05 5.33
C ILE A 45 1.64 6.02 6.19
N SER A 46 1.73 5.70 7.43
CA SER A 46 2.46 6.46 8.36
C SER A 46 3.83 5.82 8.50
N TYR A 47 4.87 6.60 8.48
CA TYR A 47 6.19 6.05 8.52
C TYR A 47 7.14 7.01 9.19
N ASP A 48 8.34 6.52 9.48
CA ASP A 48 9.37 7.33 10.09
C ASP A 48 9.92 8.27 9.03
N ALA A 49 9.48 9.50 9.07
CA ALA A 49 9.81 10.50 8.06
C ALA A 49 11.22 11.04 8.20
N SER A 50 11.88 10.71 9.28
CA SER A 50 13.22 11.15 9.50
C SER A 50 14.20 10.07 9.00
N LYS A 51 13.69 8.88 8.80
CA LYS A 51 14.49 7.74 8.45
C LYS A 51 14.29 7.34 6.98
N PHE A 52 13.11 7.55 6.47
CA PHE A 52 12.81 7.23 5.09
C PHE A 52 12.21 8.43 4.42
N THR A 53 12.30 8.49 3.12
CA THR A 53 11.69 9.55 2.38
C THR A 53 11.04 8.97 1.12
N VAL A 54 9.72 9.01 1.07
CA VAL A 54 8.98 8.51 -0.08
C VAL A 54 9.16 9.46 -1.27
N LYS A 55 9.34 8.91 -2.45
CA LYS A 55 9.41 9.76 -3.61
C LYS A 55 8.03 9.81 -4.21
N ASP A 56 7.53 8.62 -4.46
CA ASP A 56 6.27 8.42 -5.12
C ASP A 56 5.88 6.99 -4.86
N VAL A 57 4.73 6.62 -5.31
CA VAL A 57 4.27 5.26 -5.19
C VAL A 57 3.85 4.77 -6.56
N LEU A 58 4.20 3.57 -6.87
CA LEU A 58 3.86 3.00 -8.14
C LEU A 58 2.61 2.17 -8.01
N PRO A 59 1.52 2.55 -8.67
CA PRO A 59 0.32 1.77 -8.63
C PRO A 59 0.45 0.57 -9.56
N ASN A 60 -0.01 -0.57 -9.13
CA ASN A 60 0.02 -1.71 -10.01
C ASN A 60 -1.11 -1.56 -11.00
N THR A 61 -0.71 -1.28 -12.22
CA THR A 61 -1.60 -1.00 -13.31
C THR A 61 -2.35 -2.23 -13.81
N ASP A 62 -1.96 -3.40 -13.30
CA ASP A 62 -2.66 -4.64 -13.59
C ASP A 62 -3.98 -4.61 -12.84
N LEU A 63 -3.95 -3.97 -11.69
CA LEU A 63 -5.13 -3.84 -10.88
C LEU A 63 -5.78 -2.51 -11.19
N VAL A 64 -5.10 -1.44 -10.80
CA VAL A 64 -5.59 -0.08 -10.94
C VAL A 64 -5.48 0.32 -12.40
N LYS A 65 -6.60 0.57 -13.03
CA LYS A 65 -6.60 0.84 -14.44
C LYS A 65 -6.98 2.27 -14.72
N ASP A 66 -6.30 2.82 -15.73
CA ASP A 66 -6.45 4.22 -16.19
C ASP A 66 -6.42 5.21 -15.03
N THR A 67 -5.24 5.51 -14.57
CA THR A 67 -5.07 6.34 -13.40
C THR A 67 -5.50 7.81 -13.62
N ASP A 68 -5.62 8.17 -14.90
CA ASP A 68 -6.11 9.49 -15.32
C ASP A 68 -7.59 9.65 -14.97
N ASN A 69 -8.28 8.53 -14.87
CA ASN A 69 -9.68 8.49 -14.44
C ASN A 69 -9.81 8.47 -12.94
N TYR A 70 -8.82 9.06 -12.28
CA TYR A 70 -8.72 9.21 -10.83
C TYR A 70 -8.92 7.91 -10.05
N SER A 71 -8.30 6.86 -10.53
CA SER A 71 -8.26 5.61 -9.81
C SER A 71 -7.08 5.62 -8.83
N PHE A 72 -6.21 6.58 -9.06
CA PHE A 72 -5.02 6.83 -8.31
C PHE A 72 -5.20 8.13 -7.54
N ILE A 73 -5.39 8.04 -6.24
CA ILE A 73 -5.46 9.23 -5.41
C ILE A 73 -4.39 9.12 -4.34
N VAL A 74 -3.38 9.91 -4.48
CA VAL A 74 -2.32 9.95 -3.51
C VAL A 74 -2.15 11.37 -3.04
N ASN A 75 -2.44 11.59 -1.80
CA ASN A 75 -2.28 12.87 -1.20
C ASN A 75 -1.04 12.86 -0.36
N THR A 76 -0.10 13.68 -0.71
CA THR A 76 1.09 13.83 0.06
C THR A 76 0.77 14.65 1.30
N SER A 77 0.49 13.95 2.36
CA SER A 77 0.16 14.53 3.62
C SER A 77 1.44 15.00 4.31
N THR A 78 1.29 15.69 5.43
CA THR A 78 2.41 16.16 6.21
C THR A 78 3.29 14.95 6.61
N PRO A 79 4.67 15.05 6.41
CA PRO A 79 5.64 13.98 6.66
C PRO A 79 5.29 13.10 7.86
N GLY A 80 5.34 11.82 7.64
CA GLY A 80 4.94 10.88 8.64
C GLY A 80 3.61 10.24 8.30
N LYS A 81 2.90 10.80 7.32
CA LYS A 81 1.66 10.23 6.78
C LYS A 81 1.56 10.43 5.28
N ILE A 82 0.98 9.46 4.61
CA ILE A 82 0.71 9.48 3.18
C ILE A 82 -0.69 8.92 3.00
N SER A 83 -1.63 9.74 2.63
CA SER A 83 -2.98 9.28 2.48
C SER A 83 -3.23 8.82 1.05
N ILE A 84 -3.41 7.53 0.86
CA ILE A 84 -3.61 6.95 -0.45
C ILE A 84 -5.02 6.35 -0.56
N THR A 85 -5.63 6.51 -1.70
CA THR A 85 -6.90 5.93 -1.98
C THR A 85 -6.91 5.42 -3.44
N PHE A 86 -7.21 4.16 -3.60
CA PHE A 86 -7.35 3.57 -4.90
C PHE A 86 -8.80 3.23 -5.07
N THR A 87 -9.46 3.93 -5.91
CA THR A 87 -10.82 3.69 -6.16
C THR A 87 -11.05 3.79 -7.66
N ASP A 88 -11.50 2.72 -8.26
CA ASP A 88 -11.70 2.74 -9.68
C ASP A 88 -13.17 3.05 -9.94
N PRO A 89 -13.45 4.20 -10.59
CA PRO A 89 -14.80 4.62 -10.88
C PRO A 89 -15.38 3.89 -12.09
N THR A 90 -14.59 3.06 -12.70
CA THR A 90 -14.95 2.35 -13.89
C THR A 90 -14.87 0.83 -13.59
N LEU A 91 -15.03 0.46 -12.30
CA LEU A 91 -14.87 -0.94 -11.78
C LEU A 91 -15.65 -2.05 -12.54
N ALA A 92 -16.68 -1.68 -13.27
CA ALA A 92 -17.45 -2.63 -14.06
C ALA A 92 -16.75 -2.94 -15.37
N ASN A 93 -15.91 -2.04 -15.82
CA ASN A 93 -15.20 -2.19 -17.08
C ASN A 93 -13.75 -2.50 -16.78
N TYR A 94 -13.21 -1.82 -15.79
CA TYR A 94 -11.89 -2.08 -15.30
C TYR A 94 -12.05 -2.81 -13.99
N PRO A 95 -11.88 -4.10 -13.97
CA PRO A 95 -12.11 -4.86 -12.79
C PRO A 95 -10.88 -5.05 -11.92
N ILE A 96 -10.94 -4.57 -10.71
CA ILE A 96 -9.95 -4.95 -9.76
C ILE A 96 -10.60 -6.04 -8.95
N SER A 97 -10.41 -7.24 -9.41
CA SER A 97 -11.03 -8.39 -8.85
C SER A 97 -10.07 -9.56 -8.83
N VAL A 98 -8.80 -9.21 -8.85
CA VAL A 98 -7.72 -10.17 -8.85
C VAL A 98 -6.66 -9.69 -7.88
N ASP A 99 -5.92 -10.61 -7.32
CA ASP A 99 -4.93 -10.27 -6.33
C ASP A 99 -3.53 -10.13 -6.94
N GLY A 100 -2.60 -9.76 -6.09
CA GLY A 100 -1.24 -9.52 -6.46
C GLY A 100 -0.69 -8.42 -5.60
N ILE A 101 0.05 -7.52 -6.16
CA ILE A 101 0.50 -6.37 -5.43
C ILE A 101 -0.40 -5.19 -5.82
N LEU A 102 -0.78 -4.41 -4.85
CA LEU A 102 -1.64 -3.27 -5.07
C LEU A 102 -0.81 -2.06 -5.50
N ALA A 103 0.18 -1.74 -4.72
CA ALA A 103 1.03 -0.62 -4.99
C ALA A 103 2.41 -0.91 -4.46
N TYR A 104 3.36 -0.32 -5.08
CA TYR A 104 4.73 -0.45 -4.70
C TYR A 104 5.15 0.88 -4.12
N LEU A 105 5.44 0.91 -2.85
CA LEU A 105 5.83 2.13 -2.17
C LEU A 105 7.32 2.31 -2.35
N ASP A 106 7.72 3.45 -2.86
CA ASP A 106 9.12 3.67 -3.15
C ASP A 106 9.72 4.68 -2.17
N PHE A 107 10.51 4.16 -1.25
CA PHE A 107 11.13 4.98 -0.22
C PHE A 107 12.62 5.00 -0.39
N ILE A 108 13.19 6.14 -0.29
CA ILE A 108 14.62 6.25 -0.24
C ILE A 108 15.01 6.17 1.22
N ILE A 109 15.90 5.28 1.56
CA ILE A 109 16.36 5.21 2.91
C ILE A 109 17.35 6.34 3.09
N ASN A 110 17.10 7.16 4.07
CA ASN A 110 17.86 8.37 4.29
C ASN A 110 19.29 8.04 4.76
N SER A 111 20.22 8.94 4.54
CA SER A 111 21.57 8.79 5.05
C SER A 111 21.58 9.06 6.57
N ASN A 112 20.53 9.74 7.04
CA ASN A 112 20.31 10.02 8.46
C ASN A 112 19.82 8.75 9.17
N ALA A 113 19.40 7.79 8.37
CA ALA A 113 18.83 6.57 8.86
C ALA A 113 19.90 5.64 9.34
N THR A 114 19.65 5.06 10.47
CA THR A 114 20.56 4.14 11.06
C THR A 114 19.93 2.74 10.95
N ALA A 115 20.75 1.71 11.01
CA ALA A 115 20.34 0.32 10.85
C ALA A 115 19.37 -0.10 11.93
N GLY A 116 18.52 -0.99 11.57
CA GLY A 116 17.52 -1.47 12.46
C GLY A 116 16.29 -1.84 11.71
N ASP A 117 15.53 -2.71 12.27
CA ASP A 117 14.31 -3.18 11.68
C ASP A 117 13.26 -2.11 11.89
N SER A 118 12.78 -1.55 10.84
CA SER A 118 11.90 -0.42 10.93
C SER A 118 10.54 -0.75 10.36
N ALA A 119 9.54 -0.63 11.17
CA ALA A 119 8.20 -0.89 10.75
C ALA A 119 7.53 0.39 10.29
N LEU A 120 6.71 0.26 9.29
CA LEU A 120 5.88 1.31 8.79
C LEU A 120 4.51 1.06 9.39
N THR A 121 3.69 2.04 9.50
CA THR A 121 2.41 1.86 10.11
C THR A 121 1.30 2.29 9.15
N VAL A 122 0.56 1.34 8.63
CA VAL A 122 -0.57 1.71 7.83
C VAL A 122 -1.74 1.92 8.77
N ASP A 123 -2.21 3.15 8.83
CA ASP A 123 -3.23 3.61 9.75
C ASP A 123 -4.53 2.80 9.57
N PRO A 124 -4.90 1.96 10.56
CA PRO A 124 -6.06 1.07 10.49
C PRO A 124 -7.38 1.84 10.44
N ALA A 125 -7.40 3.02 11.04
CA ALA A 125 -8.62 3.81 11.09
C ALA A 125 -8.93 4.41 9.73
N THR A 126 -7.90 4.71 8.97
CA THR A 126 -8.04 5.26 7.68
C THR A 126 -8.05 4.15 6.60
N LEU A 127 -7.73 2.93 7.00
CA LEU A 127 -7.69 1.81 6.09
C LEU A 127 -9.11 1.26 5.94
N ILE A 128 -9.69 1.48 4.80
CA ILE A 128 -11.05 1.09 4.47
C ILE A 128 -11.01 0.43 3.11
N VAL A 129 -11.59 -0.74 2.96
CA VAL A 129 -11.61 -1.43 1.67
C VAL A 129 -13.02 -1.92 1.40
N ALA A 130 -13.74 -1.15 0.63
CA ALA A 130 -15.11 -1.43 0.30
C ALA A 130 -15.19 -1.93 -1.14
N ASP A 131 -16.04 -2.90 -1.39
CA ASP A 131 -16.18 -3.51 -2.72
C ASP A 131 -17.10 -2.65 -3.63
N GLU A 132 -17.52 -3.23 -4.77
CA GLU A 132 -18.46 -2.58 -5.69
C GLU A 132 -19.82 -2.31 -5.02
N ASN A 133 -20.16 -3.12 -4.04
CA ASN A 133 -21.39 -2.99 -3.27
C ASN A 133 -21.10 -2.20 -1.98
N ASP A 134 -19.94 -1.51 -1.96
CA ASP A 134 -19.44 -0.60 -0.88
C ASP A 134 -19.30 -1.25 0.50
N LYS A 135 -19.23 -2.55 0.55
CA LYS A 135 -19.11 -3.22 1.80
C LYS A 135 -17.66 -3.51 2.10
N ASP A 136 -17.23 -3.08 3.27
CA ASP A 136 -15.86 -3.28 3.70
C ASP A 136 -15.61 -4.75 3.97
N ILE A 137 -14.70 -5.30 3.24
CA ILE A 137 -14.42 -6.73 3.26
C ILE A 137 -12.96 -7.01 3.52
N LYS A 138 -12.31 -6.20 4.32
CA LYS A 138 -10.89 -6.37 4.47
C LYS A 138 -10.45 -7.00 5.78
N ASP A 139 -9.62 -7.99 5.64
CA ASP A 139 -8.87 -8.54 6.74
C ASP A 139 -7.52 -7.89 6.65
N ALA A 140 -7.24 -6.97 7.50
CA ALA A 140 -6.05 -6.19 7.31
C ALA A 140 -4.96 -6.47 8.27
N ALA A 141 -3.80 -6.62 7.72
CA ALA A 141 -2.56 -6.61 8.43
C ALA A 141 -1.70 -5.73 7.59
N SER A 142 -1.35 -4.58 8.08
CA SER A 142 -0.63 -3.66 7.28
C SER A 142 0.34 -2.82 8.08
N ASN A 143 1.57 -3.14 7.89
CA ASN A 143 2.66 -2.44 8.43
C ASN A 143 3.62 -2.13 7.31
N GLY A 144 4.37 -3.14 6.92
CA GLY A 144 5.40 -2.94 5.96
C GLY A 144 6.64 -2.75 6.72
N LYS A 145 7.62 -3.55 6.51
CA LYS A 145 8.75 -3.45 7.35
C LYS A 145 10.02 -3.46 6.56
N ILE A 146 10.86 -2.52 6.86
CA ILE A 146 12.11 -2.35 6.18
C ILE A 146 13.24 -2.55 7.16
N THR A 147 13.97 -3.58 6.99
CA THR A 147 15.11 -3.83 7.81
C THR A 147 16.31 -3.07 7.22
N VAL A 148 16.70 -2.00 7.88
CA VAL A 148 17.83 -1.23 7.42
C VAL A 148 19.09 -1.93 7.88
N THR A 149 19.87 -2.35 6.95
CA THR A 149 21.09 -3.04 7.23
C THR A 149 22.28 -2.12 7.02
N GLY A 150 23.00 -1.85 8.08
CA GLY A 150 24.17 -1.03 7.99
C GLY A 150 23.92 0.42 8.31
N SER A 151 24.98 1.15 8.60
CA SER A 151 24.92 2.55 8.95
C SER A 151 26.28 3.18 8.70
N ALA A 152 26.35 4.46 8.96
CA ALA A 152 27.61 5.15 9.02
C ALA A 152 28.00 5.15 10.49
N PRO A 153 28.96 4.29 10.90
CA PRO A 153 29.30 4.07 12.32
C PRO A 153 30.01 5.24 12.99
N THR A 154 30.31 6.29 12.20
CA THR A 154 30.97 7.50 12.67
C THR A 154 32.36 7.11 13.19
N SER A 155 33.05 6.34 12.36
CA SER A 155 34.35 5.84 12.66
C SER A 155 35.39 6.96 12.55
N GLY A 1 -34.92 -10.17 -6.35
CA GLY A 1 -33.52 -10.20 -5.97
C GLY A 1 -32.66 -10.71 -7.08
N SER A 2 -32.18 -11.97 -6.93
CA SER A 2 -31.33 -12.67 -7.91
C SER A 2 -29.97 -11.96 -8.10
N ALA A 3 -29.60 -11.12 -7.15
CA ALA A 3 -28.38 -10.37 -7.26
C ALA A 3 -27.51 -10.60 -6.05
N SER A 4 -26.66 -11.59 -6.16
CA SER A 4 -25.71 -11.89 -5.14
C SER A 4 -24.38 -11.29 -5.54
N VAL A 5 -23.93 -10.30 -4.80
CA VAL A 5 -22.67 -9.63 -5.09
C VAL A 5 -21.51 -10.51 -4.65
N LYS A 6 -21.78 -11.25 -3.58
CA LYS A 6 -20.86 -12.08 -2.86
C LYS A 6 -19.64 -11.33 -2.38
N ASN A 7 -19.54 -11.24 -1.13
CA ASN A 7 -18.46 -10.53 -0.48
C ASN A 7 -17.47 -11.53 0.09
N GLU A 8 -16.20 -11.28 -0.16
CA GLU A 8 -15.12 -12.11 0.32
C GLU A 8 -14.42 -11.43 1.48
N THR A 9 -13.29 -11.97 1.87
CA THR A 9 -12.45 -11.37 2.84
C THR A 9 -11.15 -11.02 2.14
N VAL A 10 -10.96 -9.76 1.87
CA VAL A 10 -9.82 -9.31 1.12
C VAL A 10 -8.63 -9.15 2.04
N LYS A 11 -7.65 -9.98 1.86
CA LYS A 11 -6.47 -9.98 2.70
C LYS A 11 -5.45 -9.02 2.16
N LEU A 12 -5.14 -8.03 2.95
CA LEU A 12 -4.08 -7.10 2.62
C LEU A 12 -2.84 -7.62 3.31
N SER A 13 -1.81 -7.78 2.55
CA SER A 13 -0.61 -8.36 3.02
C SER A 13 0.58 -7.45 2.73
N VAL A 14 1.44 -7.39 3.69
CA VAL A 14 2.66 -6.64 3.65
C VAL A 14 3.79 -7.59 3.98
N GLY A 15 4.99 -7.22 3.65
CA GLY A 15 6.10 -8.08 3.91
C GLY A 15 7.23 -7.31 4.49
N THR A 16 8.30 -8.00 4.77
CA THR A 16 9.44 -7.41 5.36
C THR A 16 10.57 -7.40 4.35
N VAL A 17 11.02 -6.23 4.03
CA VAL A 17 12.08 -6.03 3.09
C VAL A 17 13.28 -5.47 3.84
N SER A 18 14.43 -5.49 3.24
CA SER A 18 15.60 -4.95 3.87
C SER A 18 16.22 -3.89 2.97
N GLY A 19 16.83 -2.90 3.57
CA GLY A 19 17.43 -1.84 2.83
C GLY A 19 18.65 -1.30 3.53
N ASN A 20 19.44 -0.56 2.82
CA ASN A 20 20.67 0.00 3.34
C ASN A 20 20.56 1.52 3.32
N PRO A 21 21.22 2.24 4.25
CA PRO A 21 21.22 3.72 4.24
C PRO A 21 21.81 4.26 2.92
N GLY A 22 21.02 5.04 2.21
CA GLY A 22 21.46 5.59 0.95
C GLY A 22 20.88 4.85 -0.24
N ASP A 23 20.31 3.69 0.03
CA ASP A 23 19.70 2.84 -0.98
C ASP A 23 18.22 3.18 -1.13
N THR A 24 17.66 2.97 -2.29
CA THR A 24 16.26 3.21 -2.51
C THR A 24 15.54 1.87 -2.44
N VAL A 25 14.56 1.77 -1.57
CA VAL A 25 13.87 0.52 -1.33
C VAL A 25 12.42 0.61 -1.79
N LYS A 26 11.94 -0.45 -2.41
CA LYS A 26 10.59 -0.49 -2.89
C LYS A 26 9.84 -1.65 -2.20
N VAL A 27 8.78 -1.29 -1.52
CA VAL A 27 7.98 -2.27 -0.77
C VAL A 27 6.71 -2.62 -1.57
N PRO A 28 6.56 -3.87 -1.99
CA PRO A 28 5.37 -4.31 -2.69
C PRO A 28 4.20 -4.62 -1.73
N VAL A 29 3.07 -3.99 -1.98
CA VAL A 29 1.87 -4.22 -1.20
C VAL A 29 1.11 -5.33 -1.89
N THR A 30 0.80 -6.35 -1.17
CA THR A 30 0.15 -7.50 -1.75
C THR A 30 -1.32 -7.55 -1.32
N ILE A 31 -2.18 -7.90 -2.26
CA ILE A 31 -3.58 -8.02 -1.99
C ILE A 31 -4.01 -9.42 -2.41
N SER A 32 -4.66 -10.15 -1.54
CA SER A 32 -5.05 -11.51 -1.79
C SER A 32 -6.54 -11.73 -1.45
N GLN A 33 -7.10 -12.86 -1.94
CA GLN A 33 -8.50 -13.28 -1.70
C GLN A 33 -9.55 -12.36 -2.30
N VAL A 34 -9.15 -11.50 -3.19
CA VAL A 34 -10.09 -10.62 -3.80
C VAL A 34 -10.59 -11.21 -5.13
N SER A 35 -11.81 -11.72 -5.12
CA SER A 35 -12.46 -12.20 -6.31
C SER A 35 -13.69 -11.34 -6.62
N THR A 36 -14.11 -10.59 -5.62
CA THR A 36 -15.18 -9.64 -5.74
C THR A 36 -14.55 -8.32 -6.15
N PRO A 37 -15.11 -7.57 -7.12
CA PRO A 37 -14.54 -6.29 -7.54
C PRO A 37 -14.45 -5.32 -6.37
N VAL A 38 -13.25 -4.84 -6.12
CA VAL A 38 -13.02 -3.89 -5.08
C VAL A 38 -13.22 -2.48 -5.64
N GLY A 39 -13.79 -1.59 -4.86
CA GLY A 39 -14.09 -0.27 -5.35
C GLY A 39 -13.37 0.83 -4.61
N LEU A 40 -13.11 0.62 -3.33
CA LEU A 40 -12.49 1.68 -2.54
C LEU A 40 -11.49 1.07 -1.57
N ILE A 41 -10.25 1.45 -1.73
CA ILE A 41 -9.16 1.09 -0.84
C ILE A 41 -8.55 2.38 -0.30
N CYS A 42 -8.58 2.56 0.98
CA CYS A 42 -8.00 3.72 1.60
C CYS A 42 -7.08 3.28 2.70
N MET A 43 -5.93 3.91 2.80
CA MET A 43 -4.95 3.63 3.84
C MET A 43 -4.02 4.83 4.05
N ASP A 44 -3.70 5.12 5.29
CA ASP A 44 -2.78 6.22 5.63
C ASP A 44 -1.54 5.62 6.28
N ILE A 45 -0.43 5.76 5.61
CA ILE A 45 0.81 5.09 5.97
C ILE A 45 1.71 6.07 6.70
N SER A 46 2.16 5.69 7.85
CA SER A 46 3.05 6.48 8.63
C SER A 46 4.43 5.82 8.65
N TYR A 47 5.43 6.56 8.28
CA TYR A 47 6.78 6.07 8.22
C TYR A 47 7.70 6.98 9.00
N ASP A 48 8.92 6.56 9.18
CA ASP A 48 9.91 7.35 9.86
C ASP A 48 10.42 8.44 8.92
N ALA A 49 10.20 9.69 9.27
CA ALA A 49 10.54 10.83 8.44
C ALA A 49 12.02 11.16 8.41
N SER A 50 12.78 10.57 9.30
CA SER A 50 14.21 10.79 9.31
C SER A 50 14.87 9.74 8.41
N LYS A 51 14.31 8.53 8.43
CA LYS A 51 14.85 7.43 7.68
C LYS A 51 14.40 7.41 6.23
N PHE A 52 13.12 7.52 6.00
CA PHE A 52 12.61 7.33 4.66
C PHE A 52 12.15 8.59 4.03
N THR A 53 12.44 8.71 2.78
CA THR A 53 12.01 9.80 1.98
C THR A 53 11.18 9.20 0.84
N VAL A 54 9.88 9.42 0.85
CA VAL A 54 9.06 8.83 -0.18
C VAL A 54 9.20 9.62 -1.48
N LYS A 55 9.40 8.91 -2.55
CA LYS A 55 9.42 9.52 -3.85
C LYS A 55 8.03 9.56 -4.38
N ASP A 56 7.49 8.40 -4.58
CA ASP A 56 6.21 8.19 -5.20
C ASP A 56 5.84 6.77 -4.98
N VAL A 57 4.68 6.40 -5.43
CA VAL A 57 4.23 5.05 -5.34
C VAL A 57 3.80 4.60 -6.71
N LEU A 58 4.06 3.37 -7.02
CA LEU A 58 3.71 2.83 -8.30
C LEU A 58 2.48 1.97 -8.13
N PRO A 59 1.35 2.37 -8.71
CA PRO A 59 0.15 1.56 -8.65
C PRO A 59 0.28 0.38 -9.60
N ASN A 60 -0.20 -0.76 -9.21
CA ASN A 60 -0.17 -1.87 -10.12
C ASN A 60 -1.25 -1.67 -11.14
N THR A 61 -0.82 -1.35 -12.34
CA THR A 61 -1.68 -1.00 -13.45
C THR A 61 -2.44 -2.21 -14.01
N ASP A 62 -2.11 -3.38 -13.48
CA ASP A 62 -2.80 -4.59 -13.83
C ASP A 62 -4.16 -4.59 -13.16
N LEU A 63 -4.19 -4.03 -11.98
CA LEU A 63 -5.40 -3.90 -11.20
C LEU A 63 -5.99 -2.51 -11.37
N VAL A 64 -5.20 -1.51 -11.04
CA VAL A 64 -5.62 -0.14 -11.10
C VAL A 64 -5.32 0.40 -12.50
N LYS A 65 -6.34 0.49 -13.31
CA LYS A 65 -6.19 0.98 -14.67
C LYS A 65 -6.49 2.46 -14.72
N ASP A 66 -6.25 3.04 -15.92
CA ASP A 66 -6.50 4.48 -16.25
C ASP A 66 -6.51 5.44 -15.06
N THR A 67 -5.34 5.59 -14.47
CA THR A 67 -5.15 6.30 -13.21
C THR A 67 -5.54 7.79 -13.24
N ASP A 68 -5.61 8.36 -14.45
CA ASP A 68 -5.98 9.76 -14.63
C ASP A 68 -7.46 10.00 -14.31
N ASN A 69 -8.26 8.94 -14.32
CA ASN A 69 -9.70 9.04 -13.99
C ASN A 69 -9.91 9.02 -12.49
N TYR A 70 -8.82 9.14 -11.77
CA TYR A 70 -8.79 9.15 -10.34
C TYR A 70 -9.17 7.86 -9.72
N SER A 71 -8.50 6.84 -10.17
CA SER A 71 -8.51 5.56 -9.55
C SER A 71 -7.33 5.54 -8.57
N PHE A 72 -6.40 6.44 -8.87
CA PHE A 72 -5.19 6.65 -8.12
C PHE A 72 -5.30 8.00 -7.43
N ILE A 73 -5.41 7.99 -6.12
CA ILE A 73 -5.42 9.20 -5.33
C ILE A 73 -4.29 9.08 -4.30
N VAL A 74 -3.24 9.82 -4.48
CA VAL A 74 -2.17 9.81 -3.50
C VAL A 74 -1.86 11.23 -3.08
N ASN A 75 -2.20 11.50 -1.85
CA ASN A 75 -1.94 12.78 -1.28
C ASN A 75 -0.75 12.64 -0.37
N THR A 76 0.25 13.44 -0.59
CA THR A 76 1.40 13.41 0.22
C THR A 76 1.05 14.09 1.55
N SER A 77 0.95 13.28 2.56
CA SER A 77 0.48 13.69 3.84
C SER A 77 1.62 14.36 4.63
N THR A 78 1.26 14.86 5.81
CA THR A 78 2.13 15.54 6.75
C THR A 78 3.43 14.72 6.92
N PRO A 79 4.64 15.42 6.90
CA PRO A 79 5.98 14.80 6.87
C PRO A 79 6.08 13.51 7.68
N GLY A 80 6.29 12.43 6.96
CA GLY A 80 6.35 11.14 7.56
C GLY A 80 5.11 10.31 7.28
N LYS A 81 4.15 10.83 6.53
CA LYS A 81 2.96 10.04 6.17
C LYS A 81 2.59 10.16 4.70
N ILE A 82 1.83 9.18 4.22
CA ILE A 82 1.30 9.15 2.87
C ILE A 82 -0.16 8.76 2.97
N SER A 83 -1.04 9.50 2.36
CA SER A 83 -2.42 9.14 2.34
C SER A 83 -2.76 8.58 0.96
N ILE A 84 -3.03 7.29 0.91
CA ILE A 84 -3.27 6.61 -0.34
C ILE A 84 -4.71 6.12 -0.40
N THR A 85 -5.34 6.40 -1.50
CA THR A 85 -6.67 5.95 -1.73
C THR A 85 -6.79 5.49 -3.20
N PHE A 86 -7.20 4.28 -3.37
CA PHE A 86 -7.47 3.74 -4.67
C PHE A 86 -8.94 3.50 -4.74
N THR A 87 -9.62 4.29 -5.48
CA THR A 87 -11.02 4.11 -5.62
C THR A 87 -11.34 4.28 -7.08
N ASP A 88 -11.89 3.26 -7.65
CA ASP A 88 -12.04 3.23 -9.08
C ASP A 88 -13.49 3.53 -9.47
N PRO A 89 -13.71 4.62 -10.24
CA PRO A 89 -15.05 4.99 -10.68
C PRO A 89 -15.50 4.24 -11.96
N THR A 90 -14.62 3.43 -12.51
CA THR A 90 -14.87 2.72 -13.75
C THR A 90 -15.04 1.22 -13.47
N LEU A 91 -15.34 0.90 -12.19
CA LEU A 91 -15.46 -0.48 -11.69
C LEU A 91 -16.47 -1.39 -12.41
N ALA A 92 -17.42 -0.80 -13.13
CA ALA A 92 -18.39 -1.57 -13.89
C ALA A 92 -17.80 -2.03 -15.22
N ASN A 93 -16.84 -1.26 -15.69
CA ASN A 93 -16.16 -1.57 -16.95
C ASN A 93 -14.94 -2.40 -16.69
N TYR A 94 -14.22 -2.06 -15.65
CA TYR A 94 -13.06 -2.83 -15.26
C TYR A 94 -13.23 -3.21 -13.82
N PRO A 95 -13.63 -4.43 -13.53
CA PRO A 95 -13.76 -4.88 -12.18
C PRO A 95 -12.42 -5.38 -11.65
N ILE A 96 -11.91 -4.78 -10.58
CA ILE A 96 -10.70 -5.29 -9.96
C ILE A 96 -11.11 -6.49 -9.13
N SER A 97 -11.06 -7.65 -9.75
CA SER A 97 -11.55 -8.85 -9.14
C SER A 97 -10.52 -9.97 -9.13
N VAL A 98 -9.27 -9.62 -9.32
CA VAL A 98 -8.18 -10.57 -9.23
C VAL A 98 -7.17 -10.03 -8.26
N ASP A 99 -6.36 -10.89 -7.72
CA ASP A 99 -5.39 -10.48 -6.73
C ASP A 99 -3.99 -10.47 -7.29
N GLY A 100 -3.07 -9.92 -6.52
CA GLY A 100 -1.70 -9.82 -6.89
C GLY A 100 -1.05 -8.70 -6.11
N ILE A 101 -0.27 -7.89 -6.77
CA ILE A 101 0.34 -6.74 -6.13
C ILE A 101 -0.64 -5.57 -6.27
N LEU A 102 -0.76 -4.75 -5.27
CA LEU A 102 -1.64 -3.61 -5.34
C LEU A 102 -0.86 -2.36 -5.73
N ALA A 103 0.25 -2.14 -5.06
CA ALA A 103 1.08 -0.98 -5.30
C ALA A 103 2.48 -1.24 -4.80
N TYR A 104 3.40 -0.41 -5.21
CA TYR A 104 4.77 -0.46 -4.78
C TYR A 104 5.11 0.87 -4.13
N LEU A 105 5.57 0.81 -2.91
CA LEU A 105 5.94 2.01 -2.16
C LEU A 105 7.44 2.24 -2.36
N ASP A 106 7.80 3.35 -2.97
CA ASP A 106 9.21 3.62 -3.30
C ASP A 106 9.79 4.70 -2.36
N PHE A 107 10.70 4.28 -1.49
CA PHE A 107 11.31 5.14 -0.50
C PHE A 107 12.82 5.19 -0.64
N ILE A 108 13.38 6.36 -0.53
CA ILE A 108 14.81 6.51 -0.50
C ILE A 108 15.21 6.48 0.96
N ILE A 109 16.13 5.63 1.31
CA ILE A 109 16.60 5.57 2.66
C ILE A 109 17.70 6.61 2.83
N ASN A 110 17.58 7.40 3.85
CA ASN A 110 18.54 8.44 4.18
C ASN A 110 19.84 7.78 4.66
N SER A 111 20.95 8.43 4.49
CA SER A 111 22.21 7.93 4.99
C SER A 111 22.27 8.18 6.52
N ASN A 112 21.45 9.13 6.97
CA ASN A 112 21.33 9.50 8.39
C ASN A 112 20.41 8.50 9.12
N ALA A 113 19.71 7.68 8.34
CA ALA A 113 18.77 6.69 8.86
C ALA A 113 19.49 5.69 9.75
N THR A 114 19.02 5.52 10.94
CA THR A 114 19.63 4.58 11.82
C THR A 114 19.05 3.20 11.57
N ALA A 115 19.79 2.23 12.01
CA ALA A 115 19.47 0.84 11.76
C ALA A 115 18.40 0.30 12.69
N GLY A 116 17.76 -0.76 12.29
CA GLY A 116 16.75 -1.37 13.07
C GLY A 116 15.54 -1.66 12.24
N ASP A 117 14.52 -2.22 12.86
CA ASP A 117 13.29 -2.46 12.20
C ASP A 117 12.61 -1.12 12.02
N SER A 118 12.30 -0.81 10.82
CA SER A 118 11.64 0.41 10.53
C SER A 118 10.34 0.08 9.82
N ALA A 119 9.30 -0.01 10.59
CA ALA A 119 8.03 -0.42 10.11
C ALA A 119 7.19 0.76 9.68
N LEU A 120 6.47 0.56 8.62
CA LEU A 120 5.55 1.53 8.11
C LEU A 120 4.24 1.18 8.75
N THR A 121 3.77 2.03 9.60
CA THR A 121 2.59 1.75 10.36
C THR A 121 1.39 2.33 9.64
N VAL A 122 0.41 1.51 9.34
CA VAL A 122 -0.75 1.99 8.67
C VAL A 122 -1.89 2.11 9.67
N ASP A 123 -2.56 3.24 9.65
CA ASP A 123 -3.66 3.52 10.55
C ASP A 123 -4.93 2.77 10.11
N PRO A 124 -5.48 1.88 10.98
CA PRO A 124 -6.66 1.09 10.66
C PRO A 124 -7.94 1.94 10.57
N ALA A 125 -7.97 3.06 11.28
CA ALA A 125 -9.15 3.92 11.32
C ALA A 125 -9.40 4.59 9.96
N THR A 126 -8.34 4.79 9.22
CA THR A 126 -8.44 5.34 7.89
C THR A 126 -8.21 4.27 6.81
N LEU A 127 -8.14 3.01 7.24
CA LEU A 127 -7.95 1.91 6.34
C LEU A 127 -9.32 1.31 6.05
N ILE A 128 -9.79 1.54 4.85
CA ILE A 128 -11.12 1.12 4.40
C ILE A 128 -10.95 0.36 3.11
N VAL A 129 -11.50 -0.83 3.02
CA VAL A 129 -11.46 -1.60 1.78
C VAL A 129 -12.83 -2.16 1.51
N ALA A 130 -13.54 -1.49 0.65
CA ALA A 130 -14.89 -1.84 0.34
C ALA A 130 -15.02 -2.23 -1.12
N ASP A 131 -15.95 -3.10 -1.40
CA ASP A 131 -16.20 -3.59 -2.73
C ASP A 131 -17.17 -2.66 -3.48
N GLU A 132 -17.75 -3.14 -4.58
CA GLU A 132 -18.71 -2.37 -5.35
C GLU A 132 -20.07 -2.22 -4.62
N ASN A 133 -20.34 -3.12 -3.66
CA ASN A 133 -21.55 -3.03 -2.81
C ASN A 133 -21.21 -2.19 -1.56
N ASP A 134 -19.97 -1.67 -1.58
CA ASP A 134 -19.40 -0.76 -0.60
C ASP A 134 -19.39 -1.39 0.81
N LYS A 135 -19.12 -2.65 0.86
CA LYS A 135 -19.02 -3.35 2.12
C LYS A 135 -17.57 -3.51 2.46
N ASP A 136 -17.19 -3.09 3.66
CA ASP A 136 -15.80 -3.23 4.10
C ASP A 136 -15.56 -4.67 4.43
N ILE A 137 -14.76 -5.30 3.64
CA ILE A 137 -14.58 -6.73 3.71
C ILE A 137 -13.11 -7.12 3.84
N LYS A 138 -12.36 -6.37 4.58
CA LYS A 138 -10.95 -6.60 4.60
C LYS A 138 -10.37 -7.28 5.84
N ASP A 139 -9.50 -8.20 5.56
CA ASP A 139 -8.58 -8.76 6.51
C ASP A 139 -7.34 -7.95 6.29
N ALA A 140 -7.05 -7.05 7.16
CA ALA A 140 -5.97 -6.18 6.87
C ALA A 140 -4.89 -6.22 7.90
N ALA A 141 -3.73 -6.58 7.44
CA ALA A 141 -2.54 -6.49 8.20
C ALA A 141 -1.69 -5.53 7.44
N SER A 142 -1.45 -4.38 7.99
CA SER A 142 -0.68 -3.41 7.28
C SER A 142 0.37 -2.78 8.15
N ASN A 143 1.57 -3.20 7.89
CA ASN A 143 2.76 -2.82 8.59
C ASN A 143 3.95 -3.30 7.77
N GLY A 144 4.27 -2.53 6.75
CA GLY A 144 5.38 -2.88 5.87
C GLY A 144 6.66 -2.64 6.59
N LYS A 145 7.43 -3.65 6.78
CA LYS A 145 8.60 -3.48 7.57
C LYS A 145 9.85 -3.49 6.74
N ILE A 146 10.64 -2.48 6.93
CA ILE A 146 11.89 -2.33 6.26
C ILE A 146 12.99 -2.49 7.29
N THR A 147 13.84 -3.41 7.06
CA THR A 147 14.92 -3.66 7.95
C THR A 147 16.12 -2.86 7.48
N VAL A 148 16.47 -1.83 8.22
CA VAL A 148 17.63 -1.03 7.89
C VAL A 148 18.84 -1.72 8.45
N THR A 149 19.76 -2.06 7.59
CA THR A 149 20.96 -2.74 7.96
C THR A 149 21.98 -1.81 8.61
N GLY A 150 22.54 -2.27 9.71
CA GLY A 150 23.49 -1.48 10.45
C GLY A 150 24.91 -1.64 9.98
N SER A 151 25.17 -1.21 8.79
CA SER A 151 26.51 -1.22 8.26
C SER A 151 26.85 0.15 7.67
N ALA A 152 25.92 0.65 6.82
CA ALA A 152 26.02 1.94 6.10
C ALA A 152 27.11 1.89 5.01
N PRO A 153 27.02 2.73 3.95
CA PRO A 153 28.06 2.76 2.91
C PRO A 153 29.37 3.30 3.47
N THR A 154 29.23 4.05 4.57
CA THR A 154 30.31 4.66 5.28
C THR A 154 31.01 5.67 4.35
N SER A 155 30.30 6.72 4.14
CA SER A 155 30.69 7.79 3.31
C SER A 155 30.11 9.04 3.93
N GLY A 1 -12.02 -23.73 0.39
CA GLY A 1 -12.78 -22.79 1.21
C GLY A 1 -13.78 -22.06 0.37
N SER A 2 -13.82 -20.77 0.52
CA SER A 2 -14.74 -19.95 -0.22
C SER A 2 -14.16 -19.67 -1.62
N ALA A 3 -14.94 -19.96 -2.63
CA ALA A 3 -14.50 -19.78 -4.01
C ALA A 3 -15.66 -19.26 -4.83
N SER A 4 -15.39 -18.19 -5.61
CA SER A 4 -16.39 -17.53 -6.48
C SER A 4 -17.47 -16.81 -5.62
N VAL A 5 -17.10 -16.53 -4.38
CA VAL A 5 -17.99 -15.92 -3.41
C VAL A 5 -17.95 -14.40 -3.52
N LYS A 6 -19.11 -13.79 -3.41
CA LYS A 6 -19.24 -12.35 -3.43
C LYS A 6 -19.19 -11.87 -2.00
N ASN A 7 -18.34 -10.89 -1.77
CA ASN A 7 -18.02 -10.35 -0.48
C ASN A 7 -17.17 -11.31 0.30
N GLU A 8 -15.92 -11.24 -0.03
CA GLU A 8 -14.88 -12.10 0.47
C GLU A 8 -13.98 -11.35 1.38
N THR A 9 -13.36 -12.04 2.29
CA THR A 9 -12.45 -11.45 3.20
C THR A 9 -11.15 -11.11 2.44
N VAL A 10 -10.97 -9.84 2.18
CA VAL A 10 -9.82 -9.35 1.46
C VAL A 10 -8.70 -9.08 2.44
N LYS A 11 -7.64 -9.82 2.31
CA LYS A 11 -6.50 -9.67 3.16
C LYS A 11 -5.55 -8.64 2.62
N LEU A 12 -5.31 -7.65 3.41
CA LEU A 12 -4.29 -6.68 3.11
C LEU A 12 -3.05 -7.16 3.80
N SER A 13 -2.10 -7.52 3.00
CA SER A 13 -0.89 -8.12 3.46
C SER A 13 0.31 -7.28 3.04
N VAL A 14 1.32 -7.34 3.85
CA VAL A 14 2.56 -6.62 3.66
C VAL A 14 3.70 -7.53 4.05
N GLY A 15 4.89 -7.21 3.65
CA GLY A 15 5.98 -8.05 3.99
C GLY A 15 7.15 -7.24 4.48
N THR A 16 8.24 -7.89 4.66
CA THR A 16 9.43 -7.27 5.15
C THR A 16 10.46 -7.22 4.05
N VAL A 17 11.02 -6.06 3.84
CA VAL A 17 12.00 -5.85 2.81
C VAL A 17 13.27 -5.32 3.44
N SER A 18 14.37 -5.46 2.77
CA SER A 18 15.60 -4.96 3.24
C SER A 18 16.12 -3.84 2.34
N GLY A 19 16.84 -2.91 2.90
CA GLY A 19 17.38 -1.81 2.14
C GLY A 19 18.68 -1.36 2.72
N ASN A 20 19.31 -0.39 2.10
CA ASN A 20 20.61 0.11 2.54
C ASN A 20 20.49 1.61 2.78
N PRO A 21 21.25 2.20 3.73
CA PRO A 21 21.21 3.64 4.00
C PRO A 21 21.69 4.45 2.78
N GLY A 22 20.80 5.24 2.24
CA GLY A 22 21.09 6.03 1.06
C GLY A 22 20.46 5.44 -0.17
N ASP A 23 20.14 4.16 -0.09
CA ASP A 23 19.58 3.39 -1.20
C ASP A 23 18.06 3.47 -1.20
N THR A 24 17.47 3.24 -2.35
CA THR A 24 16.04 3.30 -2.50
C THR A 24 15.46 1.89 -2.37
N VAL A 25 14.42 1.75 -1.59
CA VAL A 25 13.80 0.47 -1.35
C VAL A 25 12.33 0.52 -1.81
N LYS A 26 11.81 -0.60 -2.26
CA LYS A 26 10.47 -0.67 -2.75
C LYS A 26 9.68 -1.62 -1.87
N VAL A 27 8.64 -1.12 -1.24
CA VAL A 27 7.81 -1.94 -0.36
C VAL A 27 6.51 -2.32 -1.08
N PRO A 28 6.31 -3.60 -1.39
CA PRO A 28 5.13 -4.05 -2.08
C PRO A 28 3.92 -4.31 -1.14
N VAL A 29 2.81 -3.69 -1.48
CA VAL A 29 1.57 -3.88 -0.76
C VAL A 29 0.85 -5.02 -1.46
N THR A 30 0.50 -6.03 -0.71
CA THR A 30 -0.07 -7.22 -1.28
C THR A 30 -1.57 -7.33 -0.96
N ILE A 31 -2.35 -7.64 -1.96
CA ILE A 31 -3.76 -7.84 -1.79
C ILE A 31 -4.06 -9.32 -2.02
N SER A 32 -4.58 -9.97 -1.03
CA SER A 32 -4.77 -11.40 -1.06
C SER A 32 -6.23 -11.78 -0.75
N GLN A 33 -6.67 -12.94 -1.28
CA GLN A 33 -8.02 -13.52 -1.07
C GLN A 33 -9.14 -12.65 -1.63
N VAL A 34 -8.78 -11.71 -2.47
CA VAL A 34 -9.74 -10.87 -3.12
C VAL A 34 -10.41 -11.68 -4.23
N SER A 35 -11.66 -11.43 -4.44
CA SER A 35 -12.46 -12.18 -5.37
C SER A 35 -13.54 -11.25 -5.88
N THR A 36 -14.08 -10.48 -4.97
CA THR A 36 -15.06 -9.50 -5.28
C THR A 36 -14.34 -8.21 -5.71
N PRO A 37 -14.79 -7.55 -6.80
CA PRO A 37 -14.20 -6.30 -7.29
C PRO A 37 -14.23 -5.22 -6.22
N VAL A 38 -13.08 -4.66 -5.95
CA VAL A 38 -12.97 -3.65 -4.94
C VAL A 38 -13.23 -2.26 -5.53
N GLY A 39 -13.96 -1.44 -4.81
CA GLY A 39 -14.32 -0.13 -5.30
C GLY A 39 -13.62 0.97 -4.56
N LEU A 40 -13.52 0.84 -3.26
CA LEU A 40 -12.90 1.85 -2.42
C LEU A 40 -11.79 1.29 -1.60
N ILE A 41 -10.59 1.71 -1.90
CA ILE A 41 -9.42 1.37 -1.11
C ILE A 41 -8.83 2.65 -0.56
N CYS A 42 -8.74 2.75 0.71
CA CYS A 42 -8.10 3.88 1.33
C CYS A 42 -7.11 3.32 2.33
N MET A 43 -5.95 3.95 2.44
CA MET A 43 -4.92 3.51 3.35
C MET A 43 -4.04 4.69 3.71
N ASP A 44 -3.53 4.70 4.92
CA ASP A 44 -2.68 5.80 5.37
C ASP A 44 -1.45 5.24 6.01
N ILE A 45 -0.32 5.60 5.48
CA ILE A 45 0.96 5.09 5.93
C ILE A 45 1.64 6.15 6.78
N SER A 46 2.01 5.79 7.97
CA SER A 46 2.75 6.65 8.84
C SER A 46 4.11 6.01 9.11
N TYR A 47 5.17 6.73 8.83
CA TYR A 47 6.51 6.20 8.98
C TYR A 47 7.44 7.28 9.55
N ASP A 48 8.67 6.90 9.84
CA ASP A 48 9.68 7.83 10.38
C ASP A 48 10.16 8.76 9.25
N ALA A 49 9.81 10.02 9.37
CA ALA A 49 10.09 11.02 8.32
C ALA A 49 11.57 11.36 8.18
N SER A 50 12.35 11.07 9.18
CA SER A 50 13.75 11.41 9.15
C SER A 50 14.59 10.24 8.63
N LYS A 51 14.04 9.05 8.69
CA LYS A 51 14.77 7.88 8.32
C LYS A 51 14.50 7.50 6.88
N PHE A 52 13.31 7.76 6.41
CA PHE A 52 12.94 7.43 5.04
C PHE A 52 12.35 8.65 4.36
N THR A 53 12.42 8.66 3.06
CA THR A 53 11.87 9.71 2.27
C THR A 53 11.08 9.10 1.11
N VAL A 54 9.77 9.21 1.14
CA VAL A 54 8.95 8.75 0.04
C VAL A 54 9.02 9.75 -1.11
N LYS A 55 9.20 9.26 -2.32
CA LYS A 55 9.13 10.14 -3.47
C LYS A 55 7.76 10.04 -4.08
N ASP A 56 7.40 8.83 -4.39
CA ASP A 56 6.21 8.53 -5.11
C ASP A 56 5.82 7.11 -4.81
N VAL A 57 4.73 6.68 -5.36
CA VAL A 57 4.29 5.32 -5.22
C VAL A 57 3.91 4.81 -6.60
N LEU A 58 4.17 3.57 -6.84
CA LEU A 58 3.85 2.97 -8.11
C LEU A 58 2.66 2.07 -7.94
N PRO A 59 1.52 2.40 -8.53
CA PRO A 59 0.36 1.54 -8.46
C PRO A 59 0.56 0.36 -9.41
N ASN A 60 0.06 -0.79 -9.06
CA ASN A 60 0.18 -1.91 -9.94
C ASN A 60 -0.86 -1.78 -11.00
N THR A 61 -0.42 -1.39 -12.19
CA THR A 61 -1.30 -1.11 -13.32
C THR A 61 -1.96 -2.37 -13.89
N ASP A 62 -1.62 -3.53 -13.33
CA ASP A 62 -2.28 -4.75 -13.68
C ASP A 62 -3.65 -4.76 -13.03
N LEU A 63 -3.73 -4.10 -11.88
CA LEU A 63 -4.97 -3.97 -11.16
C LEU A 63 -5.52 -2.59 -11.40
N VAL A 64 -4.87 -1.59 -10.83
CA VAL A 64 -5.31 -0.22 -10.96
C VAL A 64 -4.72 0.30 -12.25
N LYS A 65 -5.51 0.35 -13.28
CA LYS A 65 -5.03 0.71 -14.56
C LYS A 65 -5.61 2.03 -14.97
N ASP A 66 -4.88 2.73 -15.82
CA ASP A 66 -5.23 4.05 -16.32
C ASP A 66 -5.49 4.99 -15.19
N THR A 67 -4.44 5.25 -14.45
CA THR A 67 -4.50 6.00 -13.21
C THR A 67 -4.81 7.49 -13.43
N ASP A 68 -4.81 7.90 -14.69
CA ASP A 68 -5.11 9.24 -15.13
C ASP A 68 -6.61 9.54 -15.01
N ASN A 69 -7.42 8.50 -14.83
CA ASN A 69 -8.88 8.62 -14.75
C ASN A 69 -9.36 8.85 -13.32
N TYR A 70 -8.44 9.30 -12.47
CA TYR A 70 -8.70 9.60 -11.04
C TYR A 70 -8.97 8.30 -10.28
N SER A 71 -8.42 7.21 -10.78
CA SER A 71 -8.48 5.94 -10.11
C SER A 71 -7.36 5.86 -9.06
N PHE A 72 -6.45 6.81 -9.19
CA PHE A 72 -5.27 6.94 -8.38
C PHE A 72 -5.32 8.27 -7.64
N ILE A 73 -5.47 8.21 -6.34
CA ILE A 73 -5.45 9.39 -5.53
C ILE A 73 -4.39 9.22 -4.46
N VAL A 74 -3.37 10.02 -4.52
CA VAL A 74 -2.36 10.00 -3.50
C VAL A 74 -2.26 11.38 -2.93
N ASN A 75 -2.59 11.49 -1.70
CA ASN A 75 -2.48 12.71 -0.98
C ASN A 75 -1.15 12.69 -0.28
N THR A 76 -0.25 13.54 -0.73
CA THR A 76 1.03 13.62 -0.11
C THR A 76 0.90 14.49 1.12
N SER A 77 0.66 13.84 2.22
CA SER A 77 0.49 14.43 3.49
C SER A 77 1.81 15.05 3.97
N THR A 78 1.75 15.74 5.09
CA THR A 78 2.92 16.32 5.69
C THR A 78 3.93 15.15 6.01
N PRO A 79 5.27 15.34 5.70
CA PRO A 79 6.32 14.31 5.85
C PRO A 79 6.12 13.35 7.02
N GLY A 80 6.18 12.07 6.71
CA GLY A 80 5.92 11.05 7.68
C GLY A 80 4.58 10.35 7.44
N LYS A 81 3.70 10.97 6.69
CA LYS A 81 2.43 10.35 6.32
C LYS A 81 2.24 10.31 4.83
N ILE A 82 1.55 9.29 4.37
CA ILE A 82 1.18 9.12 2.99
C ILE A 82 -0.26 8.64 2.98
N SER A 83 -1.16 9.46 2.55
CA SER A 83 -2.54 9.07 2.49
C SER A 83 -2.89 8.65 1.06
N ILE A 84 -3.21 7.40 0.87
CA ILE A 84 -3.46 6.85 -0.45
C ILE A 84 -4.91 6.39 -0.57
N THR A 85 -5.49 6.57 -1.71
CA THR A 85 -6.80 6.11 -2.01
C THR A 85 -6.87 5.61 -3.47
N PHE A 86 -7.25 4.38 -3.64
CA PHE A 86 -7.43 3.81 -4.94
C PHE A 86 -8.89 3.52 -5.10
N THR A 87 -9.51 4.20 -5.99
CA THR A 87 -10.86 3.94 -6.29
C THR A 87 -11.02 3.98 -7.79
N ASP A 88 -11.42 2.90 -8.36
CA ASP A 88 -11.53 2.83 -9.79
C ASP A 88 -12.96 2.75 -10.23
N PRO A 89 -13.41 3.73 -11.01
CA PRO A 89 -14.75 3.75 -11.56
C PRO A 89 -14.91 2.75 -12.73
N THR A 90 -13.81 2.13 -13.13
CA THR A 90 -13.80 1.22 -14.25
C THR A 90 -13.52 -0.24 -13.78
N LEU A 91 -13.83 -0.51 -12.50
CA LEU A 91 -13.54 -1.83 -11.83
C LEU A 91 -14.17 -3.06 -12.52
N ALA A 92 -15.15 -2.82 -13.37
CA ALA A 92 -15.80 -3.88 -14.10
C ALA A 92 -15.04 -4.19 -15.37
N ASN A 93 -14.29 -3.21 -15.86
CA ASN A 93 -13.52 -3.38 -17.10
C ASN A 93 -12.11 -3.79 -16.76
N TYR A 94 -11.55 -3.14 -15.75
CA TYR A 94 -10.25 -3.49 -15.23
C TYR A 94 -10.53 -4.28 -14.01
N PRO A 95 -10.37 -5.59 -14.07
CA PRO A 95 -10.81 -6.43 -13.02
C PRO A 95 -9.92 -6.48 -11.79
N ILE A 96 -10.18 -5.59 -10.85
CA ILE A 96 -9.48 -5.70 -9.62
C ILE A 96 -10.31 -6.61 -8.74
N SER A 97 -10.03 -7.86 -8.89
CA SER A 97 -10.65 -8.91 -8.16
C SER A 97 -9.71 -10.11 -8.17
N VAL A 98 -8.47 -9.82 -8.50
CA VAL A 98 -7.43 -10.80 -8.62
C VAL A 98 -6.32 -10.42 -7.67
N ASP A 99 -5.70 -11.40 -7.09
CA ASP A 99 -4.71 -11.18 -6.05
C ASP A 99 -3.34 -10.93 -6.61
N GLY A 100 -2.53 -10.25 -5.83
CA GLY A 100 -1.20 -9.93 -6.23
C GLY A 100 -0.74 -8.67 -5.55
N ILE A 101 0.00 -7.86 -6.25
CA ILE A 101 0.49 -6.62 -5.69
C ILE A 101 -0.52 -5.52 -5.97
N LEU A 102 -0.78 -4.69 -4.99
CA LEU A 102 -1.68 -3.57 -5.16
C LEU A 102 -0.87 -2.33 -5.57
N ALA A 103 0.19 -2.06 -4.84
CA ALA A 103 1.03 -0.92 -5.09
C ALA A 103 2.42 -1.15 -4.55
N TYR A 104 3.35 -0.39 -5.03
CA TYR A 104 4.72 -0.41 -4.59
C TYR A 104 5.05 0.94 -4.00
N LEU A 105 5.39 0.95 -2.74
CA LEU A 105 5.74 2.17 -2.05
C LEU A 105 7.22 2.43 -2.26
N ASP A 106 7.57 3.64 -2.61
CA ASP A 106 8.96 3.99 -2.89
C ASP A 106 9.55 4.83 -1.77
N PHE A 107 10.57 4.31 -1.12
CA PHE A 107 11.21 5.00 -0.04
C PHE A 107 12.69 5.04 -0.24
N ILE A 108 13.24 6.22 -0.21
CA ILE A 108 14.67 6.37 -0.19
C ILE A 108 15.08 6.37 1.26
N ILE A 109 15.99 5.53 1.61
CA ILE A 109 16.47 5.48 2.96
C ILE A 109 17.49 6.59 3.10
N ASN A 110 17.41 7.35 4.16
CA ASN A 110 18.32 8.47 4.39
C ASN A 110 19.75 7.92 4.61
N SER A 111 20.75 8.65 4.21
CA SER A 111 22.13 8.23 4.42
C SER A 111 22.53 8.47 5.89
N ASN A 112 21.71 9.26 6.56
CA ASN A 112 21.87 9.57 7.98
C ASN A 112 21.04 8.57 8.80
N ALA A 113 20.40 7.65 8.11
CA ALA A 113 19.59 6.64 8.73
C ALA A 113 20.44 5.47 9.12
N THR A 114 20.19 4.95 10.28
CA THR A 114 20.97 3.87 10.79
C THR A 114 20.31 2.53 10.46
N ALA A 115 20.97 1.47 10.79
CA ALA A 115 20.51 0.14 10.49
C ALA A 115 19.48 -0.30 11.51
N GLY A 116 18.69 -1.26 11.15
CA GLY A 116 17.67 -1.76 12.03
C GLY A 116 16.35 -1.86 11.34
N ASP A 117 15.48 -2.68 11.88
CA ASP A 117 14.17 -2.85 11.36
C ASP A 117 13.32 -1.63 11.68
N SER A 118 12.66 -1.12 10.68
CA SER A 118 11.81 0.04 10.83
C SER A 118 10.47 -0.27 10.18
N ALA A 119 9.44 -0.31 10.96
CA ALA A 119 8.13 -0.65 10.48
C ALA A 119 7.30 0.58 10.08
N LEU A 120 6.59 0.44 9.01
CA LEU A 120 5.72 1.45 8.45
C LEU A 120 4.31 1.14 8.92
N THR A 121 3.71 2.04 9.63
CA THR A 121 2.42 1.79 10.20
C THR A 121 1.31 2.17 9.22
N VAL A 122 0.56 1.22 8.75
CA VAL A 122 -0.59 1.52 7.95
C VAL A 122 -1.78 1.51 8.89
N ASP A 123 -2.43 2.63 9.02
CA ASP A 123 -3.53 2.80 9.96
C ASP A 123 -4.76 1.97 9.54
N PRO A 124 -5.20 1.00 10.40
CA PRO A 124 -6.31 0.09 10.08
C PRO A 124 -7.68 0.78 10.03
N ALA A 125 -7.80 1.93 10.66
CA ALA A 125 -9.06 2.64 10.71
C ALA A 125 -9.22 3.51 9.46
N THR A 126 -8.10 4.03 8.99
CA THR A 126 -8.08 4.82 7.81
C THR A 126 -8.04 3.89 6.58
N LEU A 127 -7.76 2.61 6.85
CA LEU A 127 -7.77 1.59 5.85
C LEU A 127 -9.23 1.20 5.63
N ILE A 128 -9.76 1.60 4.52
CA ILE A 128 -11.13 1.30 4.17
C ILE A 128 -11.09 0.54 2.88
N VAL A 129 -11.70 -0.62 2.87
CA VAL A 129 -11.75 -1.43 1.68
C VAL A 129 -13.16 -1.93 1.46
N ALA A 130 -13.87 -1.22 0.63
CA ALA A 130 -15.23 -1.54 0.30
C ALA A 130 -15.28 -2.06 -1.12
N ASP A 131 -16.05 -3.09 -1.35
CA ASP A 131 -16.17 -3.69 -2.66
C ASP A 131 -17.18 -2.90 -3.52
N GLU A 132 -17.60 -3.45 -4.66
CA GLU A 132 -18.59 -2.81 -5.51
C GLU A 132 -19.98 -2.75 -4.83
N ASN A 133 -20.19 -3.63 -3.85
CA ASN A 133 -21.42 -3.67 -3.05
C ASN A 133 -21.29 -2.69 -1.85
N ASP A 134 -20.16 -1.95 -1.83
CA ASP A 134 -19.87 -0.88 -0.85
C ASP A 134 -19.59 -1.45 0.56
N LYS A 135 -19.33 -2.74 0.64
CA LYS A 135 -19.16 -3.36 1.92
C LYS A 135 -17.70 -3.50 2.29
N ASP A 136 -17.36 -3.05 3.50
CA ASP A 136 -16.01 -3.17 4.03
C ASP A 136 -15.77 -4.62 4.44
N ILE A 137 -14.99 -5.30 3.65
CA ILE A 137 -14.75 -6.74 3.80
C ILE A 137 -13.26 -7.02 3.95
N LYS A 138 -12.62 -6.26 4.79
CA LYS A 138 -11.18 -6.33 4.85
C LYS A 138 -10.62 -7.00 6.10
N ASP A 139 -9.72 -7.90 5.88
CA ASP A 139 -8.85 -8.42 6.90
C ASP A 139 -7.58 -7.63 6.76
N ALA A 140 -7.36 -6.69 7.63
CA ALA A 140 -6.25 -5.82 7.43
C ALA A 140 -5.29 -5.86 8.56
N ALA A 141 -4.09 -6.21 8.22
CA ALA A 141 -2.98 -6.09 9.11
C ALA A 141 -1.87 -5.64 8.23
N SER A 142 -1.43 -4.46 8.41
CA SER A 142 -0.41 -3.94 7.57
C SER A 142 0.60 -3.11 8.35
N ASN A 143 1.72 -3.71 8.54
CA ASN A 143 2.83 -3.06 9.13
C ASN A 143 4.04 -3.54 8.36
N GLY A 144 4.31 -2.84 7.26
CA GLY A 144 5.42 -3.20 6.39
C GLY A 144 6.70 -2.89 7.07
N LYS A 145 7.69 -3.68 6.89
CA LYS A 145 8.88 -3.43 7.65
C LYS A 145 10.10 -3.44 6.78
N ILE A 146 10.88 -2.41 6.91
CA ILE A 146 12.08 -2.26 6.18
C ILE A 146 13.24 -2.53 7.11
N THR A 147 13.99 -3.52 6.80
CA THR A 147 15.13 -3.86 7.55
C THR A 147 16.30 -3.15 6.92
N VAL A 148 16.77 -2.11 7.56
CA VAL A 148 17.87 -1.37 7.03
C VAL A 148 19.13 -2.10 7.36
N THR A 149 19.74 -2.62 6.35
CA THR A 149 20.97 -3.30 6.47
C THR A 149 22.08 -2.37 6.07
N GLY A 150 22.98 -2.12 6.97
CA GLY A 150 24.05 -1.22 6.72
C GLY A 150 25.10 -1.35 7.77
N SER A 151 26.28 -1.71 7.34
CA SER A 151 27.42 -1.87 8.20
C SER A 151 27.91 -0.48 8.69
N ALA A 152 27.65 0.52 7.87
CA ALA A 152 27.94 1.90 8.17
C ALA A 152 27.07 2.77 7.29
N PRO A 153 26.19 3.62 7.88
CA PRO A 153 25.34 4.55 7.10
C PRO A 153 26.21 5.55 6.34
N THR A 154 27.31 5.87 6.95
CA THR A 154 28.31 6.70 6.42
C THR A 154 29.62 6.23 7.05
N SER A 155 30.65 6.12 6.26
CA SER A 155 31.91 5.65 6.74
C SER A 155 32.69 6.77 7.42
N GLY A 1 -23.02 -17.38 6.86
CA GLY A 1 -23.57 -16.13 6.37
C GLY A 1 -24.48 -16.36 5.21
N SER A 2 -25.25 -15.38 4.86
CA SER A 2 -26.20 -15.49 3.78
C SER A 2 -25.60 -14.90 2.50
N ALA A 3 -26.31 -15.10 1.38
CA ALA A 3 -25.94 -14.61 0.04
C ALA A 3 -24.74 -15.36 -0.54
N SER A 4 -23.51 -14.92 -0.19
CA SER A 4 -22.24 -15.53 -0.64
C SER A 4 -22.12 -15.53 -2.19
N VAL A 5 -22.82 -14.63 -2.84
CA VAL A 5 -22.81 -14.54 -4.29
C VAL A 5 -21.58 -13.75 -4.72
N LYS A 6 -21.34 -12.69 -3.99
CA LYS A 6 -20.21 -11.81 -4.19
C LYS A 6 -19.68 -11.42 -2.82
N ASN A 7 -18.68 -10.53 -2.80
CA ASN A 7 -18.06 -9.98 -1.58
C ASN A 7 -17.24 -11.04 -0.87
N GLU A 8 -15.96 -11.00 -1.16
CA GLU A 8 -15.01 -11.97 -0.66
C GLU A 8 -14.37 -11.52 0.64
N THR A 9 -13.46 -12.32 1.11
CA THR A 9 -12.65 -11.98 2.23
C THR A 9 -11.29 -11.57 1.67
N VAL A 10 -11.02 -10.30 1.65
CA VAL A 10 -9.80 -9.81 1.05
C VAL A 10 -8.77 -9.53 2.12
N LYS A 11 -7.68 -10.23 2.05
CA LYS A 11 -6.60 -10.05 2.97
C LYS A 11 -5.67 -8.98 2.44
N LEU A 12 -5.53 -7.92 3.17
CA LEU A 12 -4.63 -6.87 2.80
C LEU A 12 -3.37 -7.08 3.63
N SER A 13 -2.32 -7.44 2.99
CA SER A 13 -1.09 -7.79 3.60
C SER A 13 0.05 -6.86 3.21
N VAL A 14 1.05 -6.82 4.02
CA VAL A 14 2.25 -6.04 3.82
C VAL A 14 3.42 -6.90 4.23
N GLY A 15 4.61 -6.57 3.80
CA GLY A 15 5.70 -7.43 4.11
C GLY A 15 6.92 -6.71 4.58
N THR A 16 7.94 -7.47 4.80
CA THR A 16 9.16 -6.97 5.30
C THR A 16 10.22 -7.05 4.21
N VAL A 17 10.77 -5.94 3.90
CA VAL A 17 11.80 -5.81 2.90
C VAL A 17 13.05 -5.29 3.55
N SER A 18 14.15 -5.41 2.90
CA SER A 18 15.39 -4.93 3.43
C SER A 18 16.02 -3.95 2.45
N GLY A 19 16.81 -3.04 2.97
CA GLY A 19 17.43 -2.06 2.13
C GLY A 19 18.66 -1.49 2.77
N ASN A 20 19.35 -0.66 2.03
CA ASN A 20 20.57 -0.02 2.50
C ASN A 20 20.47 1.48 2.35
N PRO A 21 21.16 2.25 3.22
CA PRO A 21 21.19 3.72 3.13
C PRO A 21 21.69 4.19 1.76
N GLY A 22 20.90 5.02 1.12
CA GLY A 22 21.24 5.54 -0.18
C GLY A 22 20.49 4.81 -1.28
N ASP A 23 20.08 3.59 -0.99
CA ASP A 23 19.39 2.75 -1.96
C ASP A 23 17.88 2.97 -1.88
N THR A 24 17.21 2.84 -2.99
CA THR A 24 15.77 2.98 -3.05
C THR A 24 15.12 1.65 -2.63
N VAL A 25 14.20 1.71 -1.72
CA VAL A 25 13.53 0.54 -1.24
C VAL A 25 12.07 0.57 -1.69
N LYS A 26 11.60 -0.53 -2.19
CA LYS A 26 10.28 -0.59 -2.71
C LYS A 26 9.49 -1.63 -1.91
N VAL A 27 8.47 -1.16 -1.24
CA VAL A 27 7.66 -1.98 -0.36
C VAL A 27 6.36 -2.36 -1.07
N PRO A 28 6.09 -3.64 -1.25
CA PRO A 28 4.90 -4.09 -1.92
C PRO A 28 3.69 -4.28 -0.97
N VAL A 29 2.58 -3.68 -1.34
CA VAL A 29 1.33 -3.86 -0.63
C VAL A 29 0.65 -5.05 -1.28
N THR A 30 0.45 -6.10 -0.54
CA THR A 30 -0.07 -7.31 -1.08
C THR A 30 -1.57 -7.43 -0.82
N ILE A 31 -2.31 -7.75 -1.85
CA ILE A 31 -3.71 -7.97 -1.75
C ILE A 31 -3.96 -9.44 -2.09
N SER A 32 -4.68 -10.13 -1.25
CA SER A 32 -4.90 -11.55 -1.45
C SER A 32 -6.38 -11.91 -1.32
N GLN A 33 -6.78 -12.99 -2.02
CA GLN A 33 -8.15 -13.56 -2.01
C GLN A 33 -9.20 -12.66 -2.66
N VAL A 34 -8.77 -11.68 -3.40
CA VAL A 34 -9.68 -10.82 -4.10
C VAL A 34 -10.19 -11.56 -5.36
N SER A 35 -11.46 -11.52 -5.58
CA SER A 35 -12.06 -12.19 -6.71
C SER A 35 -13.10 -11.25 -7.26
N THR A 36 -13.92 -10.73 -6.38
CA THR A 36 -14.85 -9.71 -6.74
C THR A 36 -14.04 -8.41 -6.86
N PRO A 37 -14.26 -7.60 -7.93
CA PRO A 37 -13.51 -6.35 -8.13
C PRO A 37 -13.63 -5.38 -6.97
N VAL A 38 -12.51 -4.99 -6.45
CA VAL A 38 -12.44 -4.02 -5.39
C VAL A 38 -12.42 -2.62 -6.02
N GLY A 39 -12.99 -1.63 -5.35
CA GLY A 39 -13.04 -0.33 -5.98
C GLY A 39 -12.75 0.83 -5.06
N LEU A 40 -12.55 0.57 -3.79
CA LEU A 40 -12.23 1.65 -2.89
C LEU A 40 -11.15 1.17 -1.95
N ILE A 41 -9.98 1.73 -2.06
CA ILE A 41 -8.89 1.39 -1.18
C ILE A 41 -8.37 2.66 -0.54
N CYS A 42 -8.49 2.76 0.73
CA CYS A 42 -8.00 3.87 1.47
C CYS A 42 -7.03 3.34 2.49
N MET A 43 -5.86 3.96 2.57
CA MET A 43 -4.84 3.56 3.50
C MET A 43 -3.94 4.75 3.84
N ASP A 44 -3.83 5.05 5.11
CA ASP A 44 -3.01 6.16 5.56
C ASP A 44 -1.77 5.63 6.25
N ILE A 45 -0.64 5.89 5.64
CA ILE A 45 0.61 5.35 6.10
C ILE A 45 1.39 6.38 6.89
N SER A 46 1.95 5.96 7.99
CA SER A 46 2.82 6.76 8.80
C SER A 46 4.18 6.06 8.84
N TYR A 47 5.25 6.79 8.61
CA TYR A 47 6.56 6.20 8.58
C TYR A 47 7.60 7.16 9.16
N ASP A 48 8.84 6.71 9.21
CA ASP A 48 9.98 7.48 9.74
C ASP A 48 10.52 8.35 8.61
N ALA A 49 10.36 9.66 8.73
CA ALA A 49 10.77 10.58 7.68
C ALA A 49 12.21 11.05 7.85
N SER A 50 12.87 10.59 8.90
CA SER A 50 14.26 10.91 9.11
C SER A 50 15.13 9.82 8.51
N LYS A 51 14.61 8.62 8.54
CA LYS A 51 15.29 7.45 8.07
C LYS A 51 14.91 7.17 6.62
N PHE A 52 13.67 7.46 6.26
CA PHE A 52 13.19 7.19 4.92
C PHE A 52 12.58 8.45 4.33
N THR A 53 12.46 8.47 3.05
CA THR A 53 11.82 9.54 2.33
C THR A 53 11.09 8.94 1.14
N VAL A 54 9.77 9.07 1.12
CA VAL A 54 8.99 8.55 0.01
C VAL A 54 9.23 9.40 -1.24
N LYS A 55 9.42 8.73 -2.34
CA LYS A 55 9.55 9.40 -3.60
C LYS A 55 8.18 9.61 -4.15
N ASP A 56 7.51 8.51 -4.34
CA ASP A 56 6.22 8.42 -4.95
C ASP A 56 5.75 7.01 -4.74
N VAL A 57 4.56 6.70 -5.17
CA VAL A 57 4.07 5.37 -5.07
C VAL A 57 3.63 4.90 -6.45
N LEU A 58 3.84 3.66 -6.71
CA LEU A 58 3.51 3.11 -8.00
C LEU A 58 2.33 2.18 -7.85
N PRO A 59 1.23 2.46 -8.51
CA PRO A 59 0.10 1.57 -8.47
C PRO A 59 0.32 0.42 -9.45
N ASN A 60 -0.05 -0.77 -9.06
CA ASN A 60 0.04 -1.87 -9.98
C ASN A 60 -1.09 -1.73 -10.95
N THR A 61 -0.76 -1.31 -12.16
CA THR A 61 -1.74 -1.00 -13.15
C THR A 61 -2.31 -2.27 -13.83
N ASP A 62 -1.86 -3.42 -13.36
CA ASP A 62 -2.47 -4.67 -13.76
C ASP A 62 -3.80 -4.82 -13.00
N LEU A 63 -3.81 -4.26 -11.80
CA LEU A 63 -5.01 -4.28 -10.97
C LEU A 63 -5.75 -2.96 -11.13
N VAL A 64 -5.15 -1.90 -10.60
CA VAL A 64 -5.72 -0.55 -10.68
C VAL A 64 -5.61 -0.12 -12.12
N LYS A 65 -6.70 0.07 -12.78
CA LYS A 65 -6.65 0.24 -14.18
C LYS A 65 -7.04 1.63 -14.57
N ASP A 66 -6.33 2.14 -15.55
CA ASP A 66 -6.55 3.47 -16.14
C ASP A 66 -6.65 4.54 -15.08
N THR A 67 -5.54 4.74 -14.43
CA THR A 67 -5.39 5.58 -13.26
C THR A 67 -5.76 7.06 -13.47
N ASP A 68 -5.75 7.51 -14.72
CA ASP A 68 -6.00 8.92 -15.04
C ASP A 68 -7.51 9.26 -14.97
N ASN A 69 -8.32 8.25 -14.69
CA ASN A 69 -9.78 8.42 -14.50
C ASN A 69 -10.08 8.72 -13.03
N TYR A 70 -9.10 9.34 -12.36
CA TYR A 70 -9.17 9.69 -10.94
C TYR A 70 -9.29 8.42 -10.09
N SER A 71 -8.59 7.39 -10.51
CA SER A 71 -8.54 6.14 -9.77
C SER A 71 -7.37 6.23 -8.77
N PHE A 72 -6.38 7.01 -9.16
CA PHE A 72 -5.18 7.20 -8.39
C PHE A 72 -5.25 8.54 -7.65
N ILE A 73 -5.48 8.47 -6.34
CA ILE A 73 -5.50 9.66 -5.48
C ILE A 73 -4.44 9.47 -4.41
N VAL A 74 -3.37 10.20 -4.51
CA VAL A 74 -2.33 10.11 -3.53
C VAL A 74 -2.02 11.47 -2.96
N ASN A 75 -2.38 11.64 -1.72
CA ASN A 75 -2.10 12.87 -1.03
C ASN A 75 -0.79 12.70 -0.32
N THR A 76 0.18 13.46 -0.71
CA THR A 76 1.43 13.42 -0.04
C THR A 76 1.36 14.37 1.14
N SER A 77 0.93 13.81 2.23
CA SER A 77 0.70 14.46 3.48
C SER A 77 2.00 15.01 4.08
N THR A 78 1.87 15.71 5.19
CA THR A 78 2.99 16.25 5.97
C THR A 78 4.03 15.13 6.20
N PRO A 79 5.37 15.43 6.00
CA PRO A 79 6.46 14.44 6.09
C PRO A 79 6.28 13.43 7.21
N GLY A 80 6.33 12.18 6.83
CA GLY A 80 6.07 11.12 7.76
C GLY A 80 4.73 10.45 7.50
N LYS A 81 3.87 11.08 6.72
CA LYS A 81 2.61 10.45 6.33
C LYS A 81 2.38 10.44 4.84
N ILE A 82 1.62 9.45 4.40
CA ILE A 82 1.22 9.28 3.01
C ILE A 82 -0.24 8.81 3.02
N SER A 83 -1.15 9.62 2.58
CA SER A 83 -2.53 9.21 2.53
C SER A 83 -2.86 8.75 1.10
N ILE A 84 -3.09 7.46 0.95
CA ILE A 84 -3.35 6.89 -0.35
C ILE A 84 -4.81 6.46 -0.45
N THR A 85 -5.44 6.78 -1.55
CA THR A 85 -6.78 6.38 -1.81
C THR A 85 -6.96 6.02 -3.28
N PHE A 86 -7.37 4.83 -3.54
CA PHE A 86 -7.65 4.39 -4.87
C PHE A 86 -9.15 4.20 -5.00
N THR A 87 -9.80 5.07 -5.73
CA THR A 87 -11.19 4.86 -5.96
C THR A 87 -11.32 4.57 -7.46
N ASP A 88 -11.78 3.41 -7.79
CA ASP A 88 -11.71 2.98 -9.18
C ASP A 88 -13.09 2.85 -9.82
N PRO A 89 -13.36 3.63 -10.89
CA PRO A 89 -14.61 3.55 -11.63
C PRO A 89 -14.61 2.45 -12.72
N THR A 90 -13.43 1.97 -13.05
CA THR A 90 -13.17 1.10 -14.19
C THR A 90 -13.33 -0.42 -13.88
N LEU A 91 -13.61 -0.73 -12.62
CA LEU A 91 -13.74 -2.10 -12.08
C LEU A 91 -14.68 -3.09 -12.83
N ALA A 92 -15.62 -2.58 -13.60
CA ALA A 92 -16.52 -3.46 -14.33
C ALA A 92 -15.94 -3.77 -15.69
N ASN A 93 -15.25 -2.80 -16.27
CA ASN A 93 -14.60 -2.98 -17.57
C ASN A 93 -13.32 -3.77 -17.39
N TYR A 94 -12.63 -3.51 -16.32
CA TYR A 94 -11.42 -4.22 -15.97
C TYR A 94 -11.60 -4.72 -14.55
N PRO A 95 -11.88 -6.00 -14.38
CA PRO A 95 -12.14 -6.55 -13.06
C PRO A 95 -10.85 -6.84 -12.27
N ILE A 96 -10.75 -6.24 -11.10
CA ILE A 96 -9.66 -6.57 -10.21
C ILE A 96 -10.05 -7.87 -9.52
N SER A 97 -9.65 -8.97 -10.11
CA SER A 97 -10.06 -10.26 -9.62
C SER A 97 -8.89 -11.17 -9.36
N VAL A 98 -7.69 -10.63 -9.42
CA VAL A 98 -6.49 -11.39 -9.18
C VAL A 98 -5.69 -10.75 -8.08
N ASP A 99 -5.04 -11.57 -7.30
CA ASP A 99 -4.26 -11.11 -6.16
C ASP A 99 -2.86 -10.72 -6.59
N GLY A 100 -2.08 -10.24 -5.65
CA GLY A 100 -0.74 -9.86 -5.92
C GLY A 100 -0.39 -8.57 -5.24
N ILE A 101 0.34 -7.73 -5.91
CA ILE A 101 0.71 -6.46 -5.34
C ILE A 101 -0.27 -5.40 -5.82
N LEU A 102 -0.78 -4.62 -4.91
CA LEU A 102 -1.72 -3.57 -5.23
C LEU A 102 -0.97 -2.29 -5.58
N ALA A 103 0.01 -1.94 -4.76
CA ALA A 103 0.78 -0.75 -4.96
C ALA A 103 2.17 -0.94 -4.38
N TYR A 104 3.11 -0.23 -4.93
CA TYR A 104 4.48 -0.27 -4.51
C TYR A 104 4.79 1.05 -3.86
N LEU A 105 5.24 1.00 -2.64
CA LEU A 105 5.63 2.19 -1.92
C LEU A 105 7.12 2.37 -2.16
N ASP A 106 7.48 3.45 -2.76
CA ASP A 106 8.86 3.64 -3.19
C ASP A 106 9.55 4.70 -2.32
N PHE A 107 10.47 4.26 -1.48
CA PHE A 107 11.16 5.15 -0.53
C PHE A 107 12.65 5.15 -0.79
N ILE A 108 13.29 6.20 -0.39
CA ILE A 108 14.73 6.28 -0.37
C ILE A 108 15.14 6.14 1.08
N ILE A 109 16.14 5.36 1.34
CA ILE A 109 16.66 5.25 2.67
C ILE A 109 17.76 6.28 2.80
N ASN A 110 17.67 7.11 3.81
CA ASN A 110 18.63 8.19 4.06
C ASN A 110 20.02 7.63 4.34
N SER A 111 21.06 8.33 3.95
CA SER A 111 22.43 7.91 4.16
C SER A 111 22.79 7.95 5.65
N ASN A 112 22.12 8.84 6.36
CA ASN A 112 22.28 9.04 7.81
C ASN A 112 21.26 8.17 8.58
N ALA A 113 20.70 7.18 7.91
CA ALA A 113 19.77 6.27 8.54
C ALA A 113 20.55 5.22 9.29
N THR A 114 20.04 4.82 10.42
CA THR A 114 20.69 3.84 11.23
C THR A 114 20.22 2.45 10.78
N ALA A 115 21.07 1.46 10.93
CA ALA A 115 20.70 0.12 10.55
C ALA A 115 19.78 -0.48 11.60
N GLY A 116 18.94 -1.36 11.18
CA GLY A 116 17.97 -1.95 12.04
C GLY A 116 16.63 -1.95 11.34
N ASP A 117 15.67 -2.60 11.90
CA ASP A 117 14.38 -2.65 11.30
C ASP A 117 13.50 -1.53 11.80
N SER A 118 12.69 -1.03 10.94
CA SER A 118 11.73 -0.04 11.27
C SER A 118 10.42 -0.37 10.57
N ALA A 119 9.35 -0.27 11.30
CA ALA A 119 8.04 -0.61 10.81
C ALA A 119 7.35 0.59 10.17
N LEU A 120 6.45 0.31 9.28
CA LEU A 120 5.65 1.28 8.61
C LEU A 120 4.22 1.10 9.10
N THR A 121 3.73 2.05 9.81
CA THR A 121 2.42 1.95 10.42
C THR A 121 1.33 2.41 9.47
N VAL A 122 0.50 1.51 9.05
CA VAL A 122 -0.64 1.89 8.25
C VAL A 122 -1.84 1.90 9.18
N ASP A 123 -2.46 3.05 9.29
CA ASP A 123 -3.57 3.27 10.22
C ASP A 123 -4.78 2.40 9.85
N PRO A 124 -5.19 1.46 10.75
CA PRO A 124 -6.31 0.53 10.48
C PRO A 124 -7.67 1.20 10.47
N ALA A 125 -7.78 2.35 11.12
CA ALA A 125 -9.06 3.04 11.22
C ALA A 125 -9.42 3.71 9.91
N THR A 126 -8.42 4.25 9.27
CA THR A 126 -8.61 4.91 7.99
C THR A 126 -8.30 3.96 6.83
N LEU A 127 -8.06 2.72 7.15
CA LEU A 127 -7.80 1.71 6.16
C LEU A 127 -9.15 1.12 5.80
N ILE A 128 -9.59 1.37 4.61
CA ILE A 128 -10.89 0.93 4.13
C ILE A 128 -10.69 0.29 2.77
N VAL A 129 -11.18 -0.90 2.59
CA VAL A 129 -11.09 -1.59 1.33
C VAL A 129 -12.46 -2.12 0.99
N ALA A 130 -13.13 -1.38 0.17
CA ALA A 130 -14.47 -1.68 -0.20
C ALA A 130 -14.53 -2.23 -1.59
N ASP A 131 -15.34 -3.24 -1.72
CA ASP A 131 -15.66 -3.94 -2.93
C ASP A 131 -16.39 -3.01 -3.92
N GLU A 132 -16.75 -3.51 -5.06
CA GLU A 132 -17.50 -2.76 -6.04
C GLU A 132 -18.93 -2.54 -5.52
N ASN A 133 -19.32 -3.42 -4.62
CA ASN A 133 -20.61 -3.38 -3.96
C ASN A 133 -20.55 -2.48 -2.69
N ASP A 134 -19.42 -1.72 -2.57
CA ASP A 134 -19.17 -0.68 -1.51
C ASP A 134 -18.96 -1.31 -0.11
N LYS A 135 -18.90 -2.60 -0.07
CA LYS A 135 -18.80 -3.32 1.18
C LYS A 135 -17.34 -3.49 1.55
N ASP A 136 -16.97 -3.01 2.73
CA ASP A 136 -15.61 -3.23 3.23
C ASP A 136 -15.48 -4.69 3.58
N ILE A 137 -14.61 -5.35 2.90
CA ILE A 137 -14.49 -6.79 3.00
C ILE A 137 -13.05 -7.19 3.28
N LYS A 138 -12.35 -6.35 3.99
CA LYS A 138 -10.96 -6.61 4.20
C LYS A 138 -10.61 -7.10 5.59
N ASP A 139 -9.84 -8.15 5.60
CA ASP A 139 -9.13 -8.58 6.77
C ASP A 139 -7.75 -7.98 6.58
N ALA A 140 -7.38 -7.00 7.35
CA ALA A 140 -6.14 -6.32 7.05
C ALA A 140 -5.24 -6.16 8.21
N ALA A 141 -4.01 -6.50 7.99
CA ALA A 141 -2.97 -6.25 8.91
C ALA A 141 -1.93 -5.48 8.16
N SER A 142 -1.72 -4.26 8.52
CA SER A 142 -0.76 -3.50 7.83
C SER A 142 0.17 -2.75 8.76
N ASN A 143 1.34 -3.29 8.83
CA ASN A 143 2.44 -2.75 9.53
C ASN A 143 3.66 -3.35 8.85
N GLY A 144 4.13 -2.63 7.84
CA GLY A 144 5.22 -3.10 7.01
C GLY A 144 6.52 -2.95 7.72
N LYS A 145 7.59 -3.43 7.18
CA LYS A 145 8.85 -3.32 7.84
C LYS A 145 9.97 -3.23 6.84
N ILE A 146 10.86 -2.32 7.06
CA ILE A 146 12.03 -2.18 6.26
C ILE A 146 13.22 -2.43 7.16
N THR A 147 13.98 -3.42 6.83
CA THR A 147 15.13 -3.76 7.58
C THR A 147 16.35 -3.13 6.92
N VAL A 148 16.88 -2.11 7.54
CA VAL A 148 18.06 -1.48 7.03
C VAL A 148 19.24 -2.33 7.48
N THR A 149 19.91 -2.93 6.56
CA THR A 149 20.99 -3.83 6.86
C THR A 149 22.25 -3.09 7.25
N GLY A 150 22.57 -2.08 6.47
CA GLY A 150 23.71 -1.28 6.74
C GLY A 150 24.97 -1.87 6.15
N SER A 151 24.80 -2.65 5.10
CA SER A 151 25.91 -3.25 4.40
C SER A 151 26.57 -2.19 3.53
N ALA A 152 25.76 -1.37 2.89
CA ALA A 152 26.23 -0.29 2.05
C ALA A 152 25.75 1.04 2.64
N PRO A 153 26.66 1.85 3.19
CA PRO A 153 26.32 3.13 3.83
C PRO A 153 26.41 4.34 2.86
N THR A 154 25.99 4.11 1.60
CA THR A 154 26.02 5.11 0.52
C THR A 154 27.47 5.39 0.08
N SER A 155 27.83 4.94 -1.11
CA SER A 155 29.14 5.15 -1.66
C SER A 155 29.32 6.63 -2.01
N GLY A 1 -33.35 -19.53 5.47
CA GLY A 1 -32.27 -19.73 4.51
C GLY A 1 -31.46 -18.48 4.35
N SER A 2 -30.34 -18.42 5.01
CA SER A 2 -29.49 -17.26 4.98
C SER A 2 -28.25 -17.53 4.10
N ALA A 3 -27.45 -16.48 3.91
CA ALA A 3 -26.20 -16.49 3.16
C ALA A 3 -26.38 -16.68 1.66
N SER A 4 -26.76 -15.61 1.01
CA SER A 4 -26.83 -15.52 -0.44
C SER A 4 -26.21 -14.17 -0.80
N VAL A 5 -25.27 -13.77 0.02
CA VAL A 5 -24.63 -12.50 -0.08
C VAL A 5 -23.37 -12.56 -0.92
N LYS A 6 -22.80 -11.42 -1.12
CA LYS A 6 -21.54 -11.27 -1.80
C LYS A 6 -20.47 -11.00 -0.76
N ASN A 7 -19.32 -10.52 -1.22
CA ASN A 7 -18.21 -10.08 -0.38
C ASN A 7 -17.43 -11.22 0.23
N GLU A 8 -16.19 -11.33 -0.20
CA GLU A 8 -15.29 -12.30 0.29
C GLU A 8 -14.55 -11.74 1.51
N THR A 9 -13.52 -12.42 1.89
CA THR A 9 -12.69 -11.97 2.97
C THR A 9 -11.37 -11.50 2.38
N VAL A 10 -11.17 -10.20 2.34
CA VAL A 10 -10.03 -9.62 1.68
C VAL A 10 -8.94 -9.33 2.67
N LYS A 11 -7.89 -10.04 2.53
CA LYS A 11 -6.75 -9.91 3.38
C LYS A 11 -5.81 -8.86 2.81
N LEU A 12 -5.39 -7.93 3.61
CA LEU A 12 -4.43 -6.95 3.19
C LEU A 12 -3.13 -7.29 3.88
N SER A 13 -2.13 -7.60 3.10
CA SER A 13 -0.88 -8.09 3.60
C SER A 13 0.27 -7.18 3.16
N VAL A 14 1.34 -7.25 3.90
CA VAL A 14 2.56 -6.50 3.70
C VAL A 14 3.71 -7.44 4.00
N GLY A 15 4.89 -7.11 3.58
CA GLY A 15 5.99 -8.02 3.79
C GLY A 15 7.23 -7.32 4.29
N THR A 16 8.31 -8.04 4.29
CA THR A 16 9.56 -7.56 4.81
C THR A 16 10.57 -7.37 3.68
N VAL A 17 11.19 -6.21 3.68
CA VAL A 17 12.18 -5.83 2.69
C VAL A 17 13.43 -5.32 3.41
N SER A 18 14.53 -5.21 2.72
CA SER A 18 15.75 -4.71 3.31
C SER A 18 16.20 -3.44 2.57
N GLY A 19 16.87 -2.56 3.28
CA GLY A 19 17.35 -1.34 2.67
C GLY A 19 18.58 -0.83 3.36
N ASN A 20 19.14 0.26 2.88
CA ASN A 20 20.36 0.86 3.42
C ASN A 20 20.17 2.35 3.40
N PRO A 21 20.88 3.13 4.25
CA PRO A 21 20.81 4.60 4.19
C PRO A 21 21.34 5.10 2.85
N GLY A 22 20.49 5.81 2.13
CA GLY A 22 20.85 6.33 0.81
C GLY A 22 20.30 5.44 -0.29
N ASP A 23 19.95 4.23 0.07
CA ASP A 23 19.47 3.22 -0.88
C ASP A 23 17.95 3.29 -1.03
N THR A 24 17.47 3.06 -2.22
CA THR A 24 16.05 3.08 -2.48
C THR A 24 15.42 1.73 -2.09
N VAL A 25 14.35 1.77 -1.36
CA VAL A 25 13.68 0.57 -0.90
C VAL A 25 12.23 0.57 -1.41
N LYS A 26 11.73 -0.58 -1.77
CA LYS A 26 10.40 -0.67 -2.33
C LYS A 26 9.58 -1.73 -1.61
N VAL A 27 8.52 -1.31 -0.95
CA VAL A 27 7.64 -2.21 -0.20
C VAL A 27 6.38 -2.51 -1.03
N PRO A 28 6.15 -3.77 -1.42
CA PRO A 28 4.96 -4.14 -2.16
C PRO A 28 3.74 -4.35 -1.23
N VAL A 29 2.64 -3.71 -1.56
CA VAL A 29 1.39 -3.84 -0.81
C VAL A 29 0.63 -4.99 -1.44
N THR A 30 0.34 -5.98 -0.66
CA THR A 30 -0.26 -7.18 -1.17
C THR A 30 -1.74 -7.27 -0.77
N ILE A 31 -2.57 -7.50 -1.74
CA ILE A 31 -3.97 -7.70 -1.51
C ILE A 31 -4.27 -9.17 -1.84
N SER A 32 -4.98 -9.87 -0.97
CA SER A 32 -5.21 -11.27 -1.15
C SER A 32 -6.68 -11.66 -0.87
N GLN A 33 -7.10 -12.77 -1.52
CA GLN A 33 -8.44 -13.40 -1.40
C GLN A 33 -9.56 -12.52 -1.96
N VAL A 34 -9.19 -11.53 -2.71
CA VAL A 34 -10.12 -10.62 -3.30
C VAL A 34 -10.67 -11.22 -4.59
N SER A 35 -11.93 -11.54 -4.56
CA SER A 35 -12.61 -12.04 -5.72
C SER A 35 -13.76 -11.07 -6.04
N THR A 36 -14.37 -10.54 -4.98
CA THR A 36 -15.36 -9.50 -5.07
C THR A 36 -14.66 -8.25 -5.61
N PRO A 37 -15.12 -7.69 -6.75
CA PRO A 37 -14.48 -6.49 -7.30
C PRO A 37 -14.51 -5.35 -6.30
N VAL A 38 -13.34 -4.86 -5.98
CA VAL A 38 -13.19 -3.76 -5.09
C VAL A 38 -13.23 -2.45 -5.89
N GLY A 39 -13.71 -1.38 -5.30
CA GLY A 39 -13.79 -0.14 -6.03
C GLY A 39 -13.22 1.04 -5.27
N LEU A 40 -12.90 0.83 -4.00
CA LEU A 40 -12.42 1.90 -3.17
C LEU A 40 -11.38 1.31 -2.21
N ILE A 41 -10.15 1.69 -2.38
CA ILE A 41 -9.11 1.30 -1.49
C ILE A 41 -8.49 2.57 -0.91
N CYS A 42 -8.64 2.75 0.34
CA CYS A 42 -8.13 3.91 1.02
C CYS A 42 -7.18 3.40 2.10
N MET A 43 -6.02 3.99 2.22
CA MET A 43 -5.04 3.55 3.22
C MET A 43 -4.09 4.69 3.59
N ASP A 44 -3.69 4.73 4.84
CA ASP A 44 -2.78 5.77 5.32
C ASP A 44 -1.55 5.14 5.93
N ILE A 45 -0.42 5.43 5.34
CA ILE A 45 0.84 4.82 5.74
C ILE A 45 1.60 5.78 6.62
N SER A 46 1.80 5.40 7.87
CA SER A 46 2.58 6.17 8.78
C SER A 46 3.97 5.53 8.88
N TYR A 47 4.97 6.32 8.74
CA TYR A 47 6.33 5.83 8.74
C TYR A 47 7.25 6.83 9.40
N ASP A 48 8.52 6.49 9.49
CA ASP A 48 9.53 7.38 10.05
C ASP A 48 9.95 8.35 8.95
N ALA A 49 9.59 9.61 9.08
CA ALA A 49 9.82 10.60 8.04
C ALA A 49 11.23 11.15 8.05
N SER A 50 12.00 10.81 9.05
CA SER A 50 13.38 11.25 9.11
C SER A 50 14.23 10.19 8.44
N LYS A 51 13.86 8.94 8.66
CA LYS A 51 14.59 7.81 8.13
C LYS A 51 14.21 7.53 6.67
N PHE A 52 12.95 7.68 6.33
CA PHE A 52 12.51 7.36 4.98
C PHE A 52 11.99 8.60 4.27
N THR A 53 12.33 8.72 3.03
CA THR A 53 11.88 9.78 2.19
C THR A 53 11.10 9.19 1.01
N VAL A 54 9.80 9.38 0.97
CA VAL A 54 9.00 8.81 -0.09
C VAL A 54 9.16 9.60 -1.40
N LYS A 55 9.31 8.90 -2.49
CA LYS A 55 9.37 9.53 -3.79
C LYS A 55 7.99 9.61 -4.35
N ASP A 56 7.42 8.44 -4.55
CA ASP A 56 6.14 8.25 -5.16
C ASP A 56 5.74 6.83 -4.91
N VAL A 57 4.57 6.44 -5.33
CA VAL A 57 4.14 5.09 -5.18
C VAL A 57 3.74 4.57 -6.54
N LEU A 58 4.16 3.38 -6.85
CA LEU A 58 3.90 2.78 -8.14
C LEU A 58 2.66 1.91 -8.06
N PRO A 59 1.57 2.29 -8.72
CA PRO A 59 0.36 1.49 -8.73
C PRO A 59 0.46 0.33 -9.71
N ASN A 60 -0.10 -0.78 -9.36
CA ASN A 60 -0.11 -1.90 -10.27
C ASN A 60 -1.27 -1.73 -11.21
N THR A 61 -0.95 -1.43 -12.45
CA THR A 61 -1.92 -1.14 -13.48
C THR A 61 -2.75 -2.37 -13.91
N ASP A 62 -2.31 -3.54 -13.46
CA ASP A 62 -3.06 -4.78 -13.67
C ASP A 62 -4.33 -4.74 -12.83
N LEU A 63 -4.24 -4.10 -11.68
CA LEU A 63 -5.38 -3.96 -10.81
C LEU A 63 -6.03 -2.59 -11.02
N VAL A 64 -5.28 -1.54 -10.74
CA VAL A 64 -5.79 -0.19 -10.90
C VAL A 64 -5.48 0.20 -12.33
N LYS A 65 -6.46 0.17 -13.18
CA LYS A 65 -6.23 0.37 -14.58
C LYS A 65 -6.79 1.70 -15.03
N ASP A 66 -6.11 2.29 -16.00
CA ASP A 66 -6.41 3.62 -16.55
C ASP A 66 -6.50 4.65 -15.43
N THR A 67 -5.37 4.82 -14.74
CA THR A 67 -5.24 5.64 -13.55
C THR A 67 -5.64 7.12 -13.74
N ASP A 68 -5.66 7.55 -14.99
CA ASP A 68 -5.94 8.94 -15.38
C ASP A 68 -7.41 9.33 -15.15
N ASN A 69 -8.24 8.35 -14.88
CA ASN A 69 -9.69 8.60 -14.63
C ASN A 69 -9.92 9.01 -13.18
N TYR A 70 -8.83 9.49 -12.54
CA TYR A 70 -8.79 9.93 -11.14
C TYR A 70 -8.96 8.69 -10.26
N SER A 71 -8.43 7.60 -10.76
CA SER A 71 -8.45 6.33 -10.09
C SER A 71 -7.27 6.25 -9.11
N PHE A 72 -6.32 7.15 -9.31
CA PHE A 72 -5.09 7.23 -8.56
C PHE A 72 -5.06 8.52 -7.73
N ILE A 73 -5.22 8.39 -6.44
CA ILE A 73 -5.17 9.55 -5.54
C ILE A 73 -4.11 9.30 -4.47
N VAL A 74 -3.12 10.15 -4.43
CA VAL A 74 -2.10 10.10 -3.39
C VAL A 74 -1.98 11.49 -2.80
N ASN A 75 -2.33 11.63 -1.55
CA ASN A 75 -2.25 12.91 -0.91
C ASN A 75 -1.20 12.88 0.17
N THR A 76 -0.38 13.87 0.18
CA THR A 76 0.63 14.00 1.15
C THR A 76 0.09 14.72 2.38
N SER A 77 -0.15 13.95 3.39
CA SER A 77 -0.57 14.41 4.67
C SER A 77 0.64 14.83 5.49
N THR A 78 0.41 15.32 6.70
CA THR A 78 1.44 15.79 7.62
C THR A 78 2.60 14.75 7.69
N PRO A 79 3.91 15.24 7.60
CA PRO A 79 5.12 14.42 7.52
C PRO A 79 5.06 13.12 8.31
N GLY A 80 5.22 12.02 7.58
CA GLY A 80 5.14 10.73 8.17
C GLY A 80 3.87 9.98 7.81
N LYS A 81 2.93 10.65 7.16
CA LYS A 81 1.68 10.01 6.74
C LYS A 81 1.40 10.19 5.25
N ILE A 82 1.25 9.08 4.56
CA ILE A 82 0.91 9.08 3.14
C ILE A 82 -0.51 8.55 3.02
N SER A 83 -1.42 9.35 2.57
CA SER A 83 -2.76 8.93 2.44
C SER A 83 -3.03 8.59 0.96
N ILE A 84 -3.22 7.32 0.70
CA ILE A 84 -3.39 6.83 -0.65
C ILE A 84 -4.82 6.33 -0.82
N THR A 85 -5.39 6.60 -1.96
CA THR A 85 -6.69 6.13 -2.28
C THR A 85 -6.75 5.71 -3.74
N PHE A 86 -7.11 4.48 -3.97
CA PHE A 86 -7.31 3.97 -5.28
C PHE A 86 -8.78 3.71 -5.42
N THR A 87 -9.42 4.51 -6.19
CA THR A 87 -10.81 4.32 -6.42
C THR A 87 -11.11 4.68 -7.85
N ASP A 88 -11.61 3.72 -8.58
CA ASP A 88 -11.83 3.90 -9.98
C ASP A 88 -13.32 4.00 -10.28
N PRO A 89 -13.74 5.09 -10.96
CA PRO A 89 -15.13 5.29 -11.35
C PRO A 89 -15.52 4.43 -12.58
N THR A 90 -14.53 3.75 -13.12
CA THR A 90 -14.67 2.92 -14.28
C THR A 90 -14.78 1.44 -13.83
N LEU A 91 -15.10 1.24 -12.53
CA LEU A 91 -15.12 -0.09 -11.86
C LEU A 91 -16.05 -1.15 -12.50
N ALA A 92 -17.00 -0.74 -13.31
CA ALA A 92 -17.88 -1.68 -13.97
C ALA A 92 -17.22 -2.23 -15.22
N ASN A 93 -16.26 -1.49 -15.71
CA ASN A 93 -15.52 -1.85 -16.91
C ASN A 93 -14.19 -2.47 -16.52
N TYR A 94 -13.55 -1.90 -15.51
CA TYR A 94 -12.34 -2.46 -14.98
C TYR A 94 -12.60 -2.86 -13.53
N PRO A 95 -12.82 -4.13 -13.27
CA PRO A 95 -13.04 -4.59 -11.93
C PRO A 95 -11.76 -5.12 -11.27
N ILE A 96 -11.46 -4.65 -10.10
CA ILE A 96 -10.34 -5.24 -9.39
C ILE A 96 -10.89 -6.44 -8.63
N SER A 97 -10.85 -7.57 -9.28
CA SER A 97 -11.41 -8.78 -8.74
C SER A 97 -10.38 -9.89 -8.63
N VAL A 98 -9.13 -9.52 -8.79
CA VAL A 98 -8.02 -10.45 -8.69
C VAL A 98 -7.02 -9.91 -7.69
N ASP A 99 -6.20 -10.78 -7.16
CA ASP A 99 -5.27 -10.38 -6.13
C ASP A 99 -3.87 -10.16 -6.68
N GLY A 100 -2.95 -9.80 -5.81
CA GLY A 100 -1.59 -9.58 -6.16
C GLY A 100 -1.06 -8.37 -5.46
N ILE A 101 -0.14 -7.68 -6.09
CA ILE A 101 0.40 -6.46 -5.55
C ILE A 101 -0.50 -5.31 -5.99
N LEU A 102 -0.89 -4.49 -5.05
CA LEU A 102 -1.73 -3.35 -5.33
C LEU A 102 -0.88 -2.16 -5.74
N ALA A 103 0.14 -1.89 -4.96
CA ALA A 103 1.02 -0.77 -5.20
C ALA A 103 2.36 -1.05 -4.57
N TYR A 104 3.35 -0.31 -4.98
CA TYR A 104 4.67 -0.40 -4.44
C TYR A 104 5.00 0.92 -3.78
N LEU A 105 5.40 0.87 -2.55
CA LEU A 105 5.78 2.05 -1.83
C LEU A 105 7.26 2.29 -2.07
N ASP A 106 7.57 3.33 -2.81
CA ASP A 106 8.93 3.62 -3.23
C ASP A 106 9.54 4.71 -2.35
N PHE A 107 10.44 4.29 -1.47
CA PHE A 107 11.08 5.18 -0.53
C PHE A 107 12.56 5.22 -0.75
N ILE A 108 13.15 6.33 -0.52
CA ILE A 108 14.57 6.44 -0.44
C ILE A 108 14.86 6.47 1.02
N ILE A 109 15.70 5.61 1.49
CA ILE A 109 16.09 5.69 2.86
C ILE A 109 17.08 6.83 2.92
N ASN A 110 16.89 7.73 3.86
CA ASN A 110 17.68 8.94 4.00
C ASN A 110 19.17 8.58 4.12
N SER A 111 20.01 9.39 3.55
CA SER A 111 21.44 9.22 3.65
C SER A 111 21.89 9.45 5.11
N ASN A 112 21.10 10.20 5.83
CA ASN A 112 21.35 10.54 7.22
C ASN A 112 20.41 9.70 8.13
N ALA A 113 19.96 8.57 7.61
CA ALA A 113 19.09 7.67 8.33
C ALA A 113 19.90 6.72 9.17
N THR A 114 19.30 6.24 10.21
CA THR A 114 19.93 5.29 11.07
C THR A 114 19.53 3.89 10.61
N ALA A 115 20.46 2.99 10.69
CA ALA A 115 20.24 1.61 10.33
C ALA A 115 19.60 0.89 11.48
N GLY A 116 18.81 -0.09 11.17
CA GLY A 116 18.09 -0.83 12.15
C GLY A 116 16.85 -1.40 11.53
N ASP A 117 16.28 -2.35 12.20
CA ASP A 117 15.07 -2.99 11.75
C ASP A 117 13.91 -2.03 12.00
N SER A 118 13.28 -1.56 10.96
CA SER A 118 12.30 -0.50 11.06
C SER A 118 10.96 -0.88 10.45
N ALA A 119 9.94 -0.89 11.25
CA ALA A 119 8.61 -1.19 10.78
C ALA A 119 7.87 0.08 10.41
N LEU A 120 6.98 -0.03 9.47
CA LEU A 120 6.10 1.04 9.07
C LEU A 120 4.75 0.71 9.69
N THR A 121 3.93 1.67 9.91
CA THR A 121 2.65 1.43 10.51
C THR A 121 1.53 1.97 9.63
N VAL A 122 0.80 1.11 8.98
CA VAL A 122 -0.30 1.56 8.17
C VAL A 122 -1.53 1.56 9.05
N ASP A 123 -2.24 2.67 9.08
CA ASP A 123 -3.41 2.82 9.94
C ASP A 123 -4.60 2.05 9.37
N PRO A 124 -5.03 0.94 10.03
CA PRO A 124 -6.10 0.09 9.53
C PRO A 124 -7.50 0.67 9.79
N ALA A 125 -7.57 1.71 10.60
CA ALA A 125 -8.84 2.29 10.99
C ALA A 125 -9.34 3.25 9.93
N THR A 126 -8.42 3.99 9.35
CA THR A 126 -8.74 4.91 8.28
C THR A 126 -8.45 4.26 6.92
N LEU A 127 -8.13 2.98 6.97
CA LEU A 127 -7.93 2.18 5.82
C LEU A 127 -9.29 1.60 5.49
N ILE A 128 -9.72 1.75 4.28
CA ILE A 128 -11.03 1.30 3.86
C ILE A 128 -10.88 0.53 2.57
N VAL A 129 -11.32 -0.68 2.56
CA VAL A 129 -11.33 -1.47 1.35
C VAL A 129 -12.75 -1.87 1.12
N ALA A 130 -13.40 -1.11 0.29
CA ALA A 130 -14.80 -1.26 0.06
C ALA A 130 -15.04 -1.65 -1.38
N ASP A 131 -15.96 -2.56 -1.55
CA ASP A 131 -16.31 -3.01 -2.88
C ASP A 131 -17.32 -2.02 -3.50
N GLU A 132 -17.94 -2.36 -4.62
CA GLU A 132 -18.88 -1.44 -5.25
C GLU A 132 -20.23 -1.35 -4.49
N ASN A 133 -20.42 -2.24 -3.54
CA ASN A 133 -21.57 -2.21 -2.65
C ASN A 133 -21.22 -1.43 -1.37
N ASP A 134 -19.97 -0.90 -1.36
CA ASP A 134 -19.38 -0.03 -0.30
C ASP A 134 -19.02 -0.83 0.97
N LYS A 135 -19.06 -2.15 0.89
CA LYS A 135 -18.83 -2.94 2.09
C LYS A 135 -17.36 -3.13 2.30
N ASP A 136 -16.88 -2.76 3.50
CA ASP A 136 -15.47 -2.96 3.82
C ASP A 136 -15.27 -4.42 4.12
N ILE A 137 -14.32 -5.00 3.48
CA ILE A 137 -14.08 -6.41 3.58
C ILE A 137 -12.64 -6.72 3.90
N LYS A 138 -11.94 -5.82 4.55
CA LYS A 138 -10.54 -6.05 4.77
C LYS A 138 -10.16 -6.47 6.17
N ASP A 139 -9.37 -7.51 6.23
CA ASP A 139 -8.62 -7.82 7.40
C ASP A 139 -7.25 -7.26 7.13
N ALA A 140 -6.92 -6.17 7.72
CA ALA A 140 -5.66 -5.58 7.40
C ALA A 140 -4.75 -5.54 8.57
N ALA A 141 -3.64 -6.18 8.39
CA ALA A 141 -2.57 -6.11 9.32
C ALA A 141 -1.45 -5.58 8.51
N SER A 142 -1.03 -4.39 8.79
CA SER A 142 -0.07 -3.81 7.95
C SER A 142 0.99 -3.06 8.71
N ASN A 143 2.11 -3.68 8.78
CA ASN A 143 3.30 -3.17 9.29
C ASN A 143 4.39 -3.65 8.39
N GLY A 144 4.57 -2.93 7.27
CA GLY A 144 5.62 -3.28 6.33
C GLY A 144 6.93 -3.04 6.98
N LYS A 145 7.81 -3.96 6.91
CA LYS A 145 8.99 -3.79 7.68
C LYS A 145 10.22 -3.80 6.81
N ILE A 146 11.03 -2.80 7.02
CA ILE A 146 12.23 -2.57 6.28
C ILE A 146 13.41 -2.74 7.21
N THR A 147 14.19 -3.74 6.98
CA THR A 147 15.37 -3.91 7.74
C THR A 147 16.47 -3.10 7.10
N VAL A 148 16.81 -1.99 7.71
CA VAL A 148 17.85 -1.15 7.22
C VAL A 148 19.16 -1.71 7.75
N THR A 149 19.89 -2.35 6.90
CA THR A 149 21.09 -3.02 7.28
C THR A 149 22.26 -2.04 7.36
N GLY A 150 22.53 -1.39 6.27
CA GLY A 150 23.57 -0.44 6.24
C GLY A 150 24.85 -1.04 5.75
N SER A 151 24.84 -1.42 4.49
CA SER A 151 26.00 -1.98 3.82
C SER A 151 27.05 -0.89 3.61
N ALA A 152 26.59 0.36 3.61
CA ALA A 152 27.48 1.50 3.58
C ALA A 152 28.11 1.62 4.96
N PRO A 153 29.45 1.64 5.05
CA PRO A 153 30.15 1.66 6.33
C PRO A 153 29.87 2.92 7.17
N THR A 154 29.58 4.00 6.51
CA THR A 154 29.25 5.22 7.17
C THR A 154 28.23 5.95 6.31
N SER A 155 27.27 6.55 6.92
CA SER A 155 26.30 7.34 6.24
C SER A 155 25.91 8.50 7.15
N GLY A 1 -30.26 -9.52 -1.68
CA GLY A 1 -29.26 -8.86 -0.85
C GLY A 1 -27.88 -9.27 -1.27
N SER A 2 -27.20 -9.99 -0.40
CA SER A 2 -25.90 -10.51 -0.71
C SER A 2 -25.64 -11.67 0.21
N ALA A 3 -25.70 -12.86 -0.32
CA ALA A 3 -25.35 -14.04 0.43
C ALA A 3 -23.84 -14.10 0.51
N SER A 4 -23.31 -14.60 1.61
CA SER A 4 -21.86 -14.61 1.86
C SER A 4 -21.12 -15.71 1.05
N VAL A 5 -21.33 -15.67 -0.24
CA VAL A 5 -20.61 -16.44 -1.21
C VAL A 5 -19.68 -15.43 -1.86
N LYS A 6 -20.26 -14.26 -2.13
CA LYS A 6 -19.52 -13.11 -2.59
C LYS A 6 -19.19 -12.31 -1.35
N ASN A 7 -18.42 -11.26 -1.53
CA ASN A 7 -18.04 -10.34 -0.48
C ASN A 7 -17.33 -11.05 0.62
N GLU A 8 -16.13 -11.41 0.33
CA GLU A 8 -15.35 -12.21 1.23
C GLU A 8 -14.29 -11.38 1.86
N THR A 9 -13.67 -11.91 2.86
CA THR A 9 -12.70 -11.18 3.59
C THR A 9 -11.36 -11.16 2.83
N VAL A 10 -11.09 -10.03 2.25
CA VAL A 10 -9.92 -9.79 1.44
C VAL A 10 -8.74 -9.45 2.35
N LYS A 11 -7.73 -10.25 2.32
CA LYS A 11 -6.58 -10.00 3.15
C LYS A 11 -5.67 -8.99 2.51
N LEU A 12 -5.51 -7.87 3.17
CA LEU A 12 -4.55 -6.90 2.77
C LEU A 12 -3.30 -7.19 3.55
N SER A 13 -2.26 -7.55 2.86
CA SER A 13 -1.06 -8.01 3.49
C SER A 13 0.13 -7.10 3.14
N VAL A 14 1.18 -7.25 3.92
CA VAL A 14 2.39 -6.46 3.85
C VAL A 14 3.59 -7.41 3.96
N GLY A 15 4.76 -6.94 3.58
CA GLY A 15 5.92 -7.80 3.67
C GLY A 15 7.10 -7.06 4.24
N THR A 16 8.17 -7.77 4.48
CA THR A 16 9.36 -7.21 5.04
C THR A 16 10.45 -7.18 3.98
N VAL A 17 11.05 -6.04 3.82
CA VAL A 17 12.11 -5.83 2.85
C VAL A 17 13.32 -5.27 3.57
N SER A 18 14.45 -5.31 2.94
CA SER A 18 15.66 -4.80 3.52
C SER A 18 16.33 -3.84 2.55
N GLY A 19 17.01 -2.86 3.09
CA GLY A 19 17.66 -1.86 2.28
C GLY A 19 18.83 -1.26 3.01
N ASN A 20 19.48 -0.32 2.37
CA ASN A 20 20.66 0.31 2.93
C ASN A 20 20.51 1.82 2.92
N PRO A 21 21.22 2.57 3.78
CA PRO A 21 21.18 4.06 3.78
C PRO A 21 21.72 4.62 2.45
N GLY A 22 20.88 5.39 1.76
CA GLY A 22 21.23 5.95 0.46
C GLY A 22 20.60 5.15 -0.66
N ASP A 23 20.21 3.95 -0.32
CA ASP A 23 19.59 3.02 -1.23
C ASP A 23 18.07 3.20 -1.20
N THR A 24 17.46 2.99 -2.33
CA THR A 24 16.05 3.14 -2.49
C THR A 24 15.39 1.79 -2.21
N VAL A 25 14.44 1.78 -1.35
CA VAL A 25 13.77 0.57 -0.95
C VAL A 25 12.32 0.57 -1.46
N LYS A 26 11.79 -0.60 -1.71
CA LYS A 26 10.46 -0.75 -2.23
C LYS A 26 9.67 -1.73 -1.37
N VAL A 27 8.52 -1.29 -0.93
CA VAL A 27 7.66 -2.11 -0.10
C VAL A 27 6.39 -2.47 -0.89
N PRO A 28 6.11 -3.76 -1.09
CA PRO A 28 4.93 -4.19 -1.81
C PRO A 28 3.69 -4.36 -0.92
N VAL A 29 2.62 -3.71 -1.31
CA VAL A 29 1.34 -3.85 -0.64
C VAL A 29 0.62 -4.99 -1.34
N THR A 30 0.35 -6.04 -0.63
CA THR A 30 -0.18 -7.24 -1.23
C THR A 30 -1.68 -7.37 -0.94
N ILE A 31 -2.43 -7.80 -1.93
CA ILE A 31 -3.86 -8.01 -1.79
C ILE A 31 -4.15 -9.46 -2.15
N SER A 32 -4.85 -10.16 -1.28
CA SER A 32 -5.15 -11.56 -1.49
C SER A 32 -6.56 -11.92 -0.99
N GLN A 33 -7.04 -13.10 -1.42
CA GLN A 33 -8.37 -13.69 -1.07
C GLN A 33 -9.53 -12.91 -1.69
N VAL A 34 -9.23 -12.08 -2.64
CA VAL A 34 -10.22 -11.27 -3.29
C VAL A 34 -10.82 -12.00 -4.49
N SER A 35 -12.11 -12.19 -4.47
CA SER A 35 -12.81 -12.78 -5.56
C SER A 35 -13.95 -11.86 -6.02
N THR A 36 -14.42 -11.05 -5.11
CA THR A 36 -15.44 -10.07 -5.38
C THR A 36 -14.73 -8.73 -5.69
N PRO A 37 -15.13 -8.01 -6.77
CA PRO A 37 -14.43 -6.79 -7.20
C PRO A 37 -14.42 -5.63 -6.19
N VAL A 38 -13.23 -5.19 -5.88
CA VAL A 38 -13.02 -4.08 -4.99
C VAL A 38 -13.05 -2.78 -5.79
N GLY A 39 -13.72 -1.77 -5.26
CA GLY A 39 -13.83 -0.53 -5.97
C GLY A 39 -13.34 0.66 -5.19
N LEU A 40 -13.18 0.50 -3.89
CA LEU A 40 -12.78 1.59 -3.02
C LEU A 40 -11.71 1.11 -2.04
N ILE A 41 -10.53 1.67 -2.15
CA ILE A 41 -9.42 1.35 -1.29
C ILE A 41 -8.87 2.63 -0.66
N CYS A 42 -8.89 2.69 0.63
CA CYS A 42 -8.45 3.82 1.41
C CYS A 42 -7.44 3.34 2.47
N MET A 43 -6.29 4.01 2.57
CA MET A 43 -5.27 3.65 3.56
C MET A 43 -4.35 4.83 3.84
N ASP A 44 -3.75 4.86 5.01
CA ASP A 44 -2.80 5.91 5.36
C ASP A 44 -1.52 5.26 5.86
N ILE A 45 -0.44 5.52 5.17
CA ILE A 45 0.82 4.90 5.49
C ILE A 45 1.68 5.86 6.27
N SER A 46 1.93 5.53 7.50
CA SER A 46 2.77 6.32 8.33
C SER A 46 4.19 5.72 8.31
N TYR A 47 5.17 6.58 8.35
CA TYR A 47 6.56 6.18 8.28
C TYR A 47 7.39 7.20 9.03
N ASP A 48 8.64 6.88 9.30
CA ASP A 48 9.51 7.84 9.97
C ASP A 48 9.99 8.84 8.93
N ALA A 49 9.58 10.08 9.09
CA ALA A 49 9.83 11.15 8.13
C ALA A 49 11.29 11.48 7.90
N SER A 50 12.12 11.26 8.88
CA SER A 50 13.51 11.58 8.77
C SER A 50 14.31 10.37 8.31
N LYS A 51 13.78 9.20 8.54
CA LYS A 51 14.46 7.98 8.24
C LYS A 51 14.19 7.54 6.81
N PHE A 52 12.98 7.73 6.37
CA PHE A 52 12.58 7.34 5.04
C PHE A 52 12.00 8.51 4.31
N THR A 53 12.39 8.69 3.09
CA THR A 53 11.87 9.75 2.27
C THR A 53 11.19 9.15 1.04
N VAL A 54 9.88 9.25 0.98
CA VAL A 54 9.12 8.71 -0.12
C VAL A 54 9.21 9.64 -1.33
N LYS A 55 9.48 9.06 -2.47
CA LYS A 55 9.50 9.83 -3.69
C LYS A 55 8.19 9.70 -4.40
N ASP A 56 7.85 8.48 -4.68
CA ASP A 56 6.72 8.17 -5.48
C ASP A 56 6.19 6.81 -5.13
N VAL A 57 5.02 6.51 -5.61
CA VAL A 57 4.44 5.20 -5.43
C VAL A 57 4.02 4.68 -6.79
N LEU A 58 4.22 3.42 -7.01
CA LEU A 58 3.86 2.82 -8.26
C LEU A 58 2.66 1.93 -8.06
N PRO A 59 1.51 2.29 -8.64
CA PRO A 59 0.33 1.48 -8.54
C PRO A 59 0.38 0.33 -9.54
N ASN A 60 -0.17 -0.78 -9.17
CA ASN A 60 -0.21 -1.91 -10.06
C ASN A 60 -1.37 -1.68 -11.02
N THR A 61 -1.04 -1.28 -12.24
CA THR A 61 -2.03 -0.92 -13.24
C THR A 61 -2.75 -2.16 -13.80
N ASP A 62 -2.22 -3.33 -13.44
CA ASP A 62 -2.90 -4.59 -13.70
C ASP A 62 -4.25 -4.55 -13.00
N LEU A 63 -4.26 -4.01 -11.80
CA LEU A 63 -5.45 -3.89 -11.01
C LEU A 63 -6.12 -2.53 -11.24
N VAL A 64 -5.41 -1.45 -10.92
CA VAL A 64 -5.97 -0.09 -11.01
C VAL A 64 -5.92 0.38 -12.47
N LYS A 65 -7.07 0.65 -13.05
CA LYS A 65 -7.15 1.01 -14.42
C LYS A 65 -7.45 2.49 -14.61
N ASP A 66 -7.01 2.99 -15.77
CA ASP A 66 -7.16 4.37 -16.26
C ASP A 66 -6.96 5.40 -15.16
N THR A 67 -5.74 5.53 -14.72
CA THR A 67 -5.41 6.34 -13.56
C THR A 67 -5.60 7.84 -13.76
N ASP A 68 -5.72 8.28 -15.01
CA ASP A 68 -5.89 9.70 -15.31
C ASP A 68 -7.24 10.20 -14.86
N ASN A 69 -8.25 9.32 -14.90
CA ASN A 69 -9.62 9.67 -14.50
C ASN A 69 -9.88 9.59 -13.01
N TYR A 70 -8.81 9.83 -12.23
CA TYR A 70 -8.88 9.97 -10.77
C TYR A 70 -9.05 8.60 -10.07
N SER A 71 -8.49 7.57 -10.66
CA SER A 71 -8.45 6.25 -10.02
C SER A 71 -7.31 6.23 -9.00
N PHE A 72 -6.32 7.06 -9.28
CA PHE A 72 -5.12 7.19 -8.50
C PHE A 72 -5.25 8.44 -7.62
N ILE A 73 -5.46 8.24 -6.33
CA ILE A 73 -5.53 9.34 -5.40
C ILE A 73 -4.42 9.17 -4.39
N VAL A 74 -3.42 9.99 -4.49
CA VAL A 74 -2.33 9.95 -3.53
C VAL A 74 -2.05 11.35 -3.04
N ASN A 75 -2.32 11.58 -1.80
CA ASN A 75 -2.04 12.83 -1.20
C ASN A 75 -0.86 12.64 -0.30
N THR A 76 0.27 13.13 -0.71
CA THR A 76 1.42 13.06 0.12
C THR A 76 1.27 14.13 1.21
N SER A 77 0.76 13.69 2.32
CA SER A 77 0.48 14.51 3.44
C SER A 77 1.77 14.97 4.13
N THR A 78 1.60 15.82 5.14
CA THR A 78 2.69 16.32 5.95
C THR A 78 3.59 15.14 6.37
N PRO A 79 4.95 15.29 6.16
CA PRO A 79 5.96 14.23 6.30
C PRO A 79 5.70 13.23 7.42
N GLY A 80 5.74 11.97 7.06
CA GLY A 80 5.46 10.92 8.00
C GLY A 80 4.12 10.25 7.74
N LYS A 81 3.33 10.79 6.81
CA LYS A 81 2.04 10.18 6.43
C LYS A 81 1.77 10.31 4.94
N ILE A 82 1.37 9.22 4.33
CA ILE A 82 0.97 9.20 2.93
C ILE A 82 -0.46 8.71 2.89
N SER A 83 -1.37 9.54 2.48
CA SER A 83 -2.75 9.17 2.43
C SER A 83 -3.08 8.72 1.00
N ILE A 84 -3.36 7.43 0.85
CA ILE A 84 -3.57 6.83 -0.45
C ILE A 84 -5.01 6.31 -0.58
N THR A 85 -5.59 6.53 -1.72
CA THR A 85 -6.89 6.04 -2.04
C THR A 85 -6.92 5.60 -3.51
N PHE A 86 -7.39 4.42 -3.74
CA PHE A 86 -7.57 3.91 -5.06
C PHE A 86 -9.03 3.59 -5.24
N THR A 87 -9.66 4.26 -6.12
CA THR A 87 -11.00 3.97 -6.43
C THR A 87 -11.17 4.02 -7.92
N ASP A 88 -11.55 2.92 -8.49
CA ASP A 88 -11.58 2.79 -9.92
C ASP A 88 -12.98 3.12 -10.44
N PRO A 89 -13.11 4.12 -11.32
CA PRO A 89 -14.37 4.51 -11.92
C PRO A 89 -14.75 3.61 -13.11
N THR A 90 -13.86 2.70 -13.45
CA THR A 90 -14.03 1.83 -14.57
C THR A 90 -14.39 0.42 -14.09
N LEU A 91 -14.78 0.31 -12.81
CA LEU A 91 -15.05 -1.00 -12.16
C LEU A 91 -16.12 -1.85 -12.86
N ALA A 92 -17.00 -1.23 -13.63
CA ALA A 92 -18.02 -1.96 -14.37
C ALA A 92 -17.42 -2.67 -15.59
N ASN A 93 -16.41 -2.06 -16.18
CA ASN A 93 -15.75 -2.61 -17.37
C ASN A 93 -14.53 -3.42 -16.98
N TYR A 94 -13.90 -3.06 -15.89
CA TYR A 94 -12.75 -3.78 -15.37
C TYR A 94 -12.97 -4.04 -13.89
N PRO A 95 -13.32 -5.27 -13.51
CA PRO A 95 -13.53 -5.61 -12.13
C PRO A 95 -12.24 -6.06 -11.43
N ILE A 96 -11.80 -5.32 -10.42
CA ILE A 96 -10.61 -5.70 -9.68
C ILE A 96 -11.00 -6.82 -8.70
N SER A 97 -10.89 -8.04 -9.14
CA SER A 97 -11.26 -9.17 -8.32
C SER A 97 -10.17 -10.23 -8.33
N VAL A 98 -8.98 -9.81 -8.70
CA VAL A 98 -7.84 -10.69 -8.76
C VAL A 98 -6.77 -10.19 -7.80
N ASP A 99 -5.99 -11.11 -7.29
CA ASP A 99 -4.99 -10.79 -6.27
C ASP A 99 -3.66 -10.42 -6.88
N GLY A 100 -2.72 -10.06 -6.04
CA GLY A 100 -1.42 -9.68 -6.46
C GLY A 100 -0.92 -8.55 -5.63
N ILE A 101 -0.19 -7.67 -6.24
CA ILE A 101 0.31 -6.51 -5.56
C ILE A 101 -0.62 -5.36 -5.90
N LEU A 102 -0.88 -4.50 -4.95
CA LEU A 102 -1.72 -3.36 -5.17
C LEU A 102 -0.88 -2.15 -5.57
N ALA A 103 0.17 -1.90 -4.81
CA ALA A 103 1.03 -0.78 -5.05
C ALA A 103 2.42 -1.06 -4.50
N TYR A 104 3.39 -0.42 -5.07
CA TYR A 104 4.76 -0.54 -4.67
C TYR A 104 5.17 0.82 -4.10
N LEU A 105 5.54 0.82 -2.84
CA LEU A 105 5.93 2.04 -2.15
C LEU A 105 7.42 2.27 -2.31
N ASP A 106 7.81 3.45 -2.74
CA ASP A 106 9.21 3.78 -3.00
C ASP A 106 9.75 4.77 -1.95
N PHE A 107 10.67 4.33 -1.14
CA PHE A 107 11.27 5.16 -0.11
C PHE A 107 12.77 5.16 -0.23
N ILE A 108 13.37 6.29 -0.05
CA ILE A 108 14.82 6.35 0.04
C ILE A 108 15.16 6.30 1.51
N ILE A 109 16.03 5.41 1.87
CA ILE A 109 16.48 5.34 3.22
C ILE A 109 17.54 6.40 3.39
N ASN A 110 17.33 7.30 4.32
CA ASN A 110 18.24 8.42 4.54
C ASN A 110 19.62 7.89 4.96
N SER A 111 20.66 8.49 4.44
CA SER A 111 22.03 8.09 4.77
C SER A 111 22.39 8.52 6.20
N ASN A 112 21.62 9.45 6.73
CA ASN A 112 21.80 9.95 8.09
C ASN A 112 20.95 9.10 9.07
N ALA A 113 20.24 8.12 8.55
CA ALA A 113 19.40 7.26 9.35
C ALA A 113 20.19 6.14 9.97
N THR A 114 19.72 5.64 11.08
CA THR A 114 20.36 4.57 11.78
C THR A 114 19.85 3.23 11.21
N ALA A 115 20.66 2.20 11.30
CA ALA A 115 20.29 0.90 10.79
C ALA A 115 19.42 0.16 11.78
N GLY A 116 18.68 -0.80 11.31
CA GLY A 116 17.78 -1.55 12.13
C GLY A 116 16.44 -1.73 11.47
N ASP A 117 15.61 -2.56 12.04
CA ASP A 117 14.32 -2.85 11.51
C ASP A 117 13.34 -1.73 11.87
N SER A 118 12.84 -1.08 10.87
CA SER A 118 11.96 0.06 11.04
C SER A 118 10.63 -0.24 10.36
N ALA A 119 9.55 -0.10 11.09
CA ALA A 119 8.25 -0.44 10.59
C ALA A 119 7.53 0.74 9.94
N LEU A 120 6.66 0.43 9.03
CA LEU A 120 5.79 1.37 8.39
C LEU A 120 4.41 1.05 8.89
N THR A 121 3.85 1.94 9.62
CA THR A 121 2.59 1.70 10.24
C THR A 121 1.46 2.22 9.38
N VAL A 122 0.73 1.32 8.77
CA VAL A 122 -0.41 1.73 8.01
C VAL A 122 -1.54 1.82 9.01
N ASP A 123 -2.16 2.97 9.09
CA ASP A 123 -3.18 3.24 10.09
C ASP A 123 -4.45 2.44 9.80
N PRO A 124 -4.80 1.47 10.68
CA PRO A 124 -5.96 0.59 10.48
C PRO A 124 -7.30 1.33 10.58
N ALA A 125 -7.34 2.42 11.34
CA ALA A 125 -8.58 3.15 11.54
C ALA A 125 -9.00 3.88 10.28
N THR A 126 -8.03 4.42 9.58
CA THR A 126 -8.28 5.13 8.35
C THR A 126 -8.07 4.24 7.12
N LEU A 127 -8.03 2.93 7.36
CA LEU A 127 -7.86 1.96 6.32
C LEU A 127 -9.23 1.35 6.05
N ILE A 128 -9.73 1.58 4.87
CA ILE A 128 -11.05 1.15 4.46
C ILE A 128 -10.93 0.50 3.08
N VAL A 129 -11.41 -0.70 2.92
CA VAL A 129 -11.32 -1.40 1.63
C VAL A 129 -12.68 -2.02 1.35
N ALA A 130 -13.38 -1.41 0.44
CA ALA A 130 -14.73 -1.76 0.16
C ALA A 130 -14.90 -2.27 -1.26
N ASP A 131 -15.80 -3.23 -1.36
CA ASP A 131 -16.27 -3.83 -2.61
C ASP A 131 -17.00 -2.76 -3.47
N GLU A 132 -17.37 -3.11 -4.70
CA GLU A 132 -18.09 -2.16 -5.58
C GLU A 132 -19.45 -1.78 -5.00
N ASN A 133 -19.98 -2.63 -4.12
CA ASN A 133 -21.23 -2.37 -3.41
C ASN A 133 -20.97 -1.47 -2.18
N ASP A 134 -19.70 -1.05 -2.02
CA ASP A 134 -19.25 -0.10 -0.98
C ASP A 134 -19.32 -0.73 0.43
N LYS A 135 -19.11 -2.01 0.48
CA LYS A 135 -19.04 -2.70 1.76
C LYS A 135 -17.63 -3.16 2.05
N ASP A 136 -17.12 -2.70 3.17
CA ASP A 136 -15.76 -3.02 3.62
C ASP A 136 -15.67 -4.48 3.97
N ILE A 137 -14.76 -5.16 3.32
CA ILE A 137 -14.62 -6.61 3.47
C ILE A 137 -13.17 -7.03 3.63
N LYS A 138 -12.32 -6.20 4.18
CA LYS A 138 -10.92 -6.59 4.21
C LYS A 138 -10.43 -7.04 5.59
N ASP A 139 -9.68 -8.08 5.58
CA ASP A 139 -8.97 -8.56 6.72
C ASP A 139 -7.60 -7.96 6.59
N ALA A 140 -7.31 -6.97 7.35
CA ALA A 140 -6.10 -6.24 7.14
C ALA A 140 -5.21 -6.21 8.34
N ALA A 141 -4.00 -6.55 8.11
CA ALA A 141 -2.94 -6.38 9.03
C ALA A 141 -1.94 -5.60 8.24
N SER A 142 -1.70 -4.39 8.62
CA SER A 142 -0.86 -3.57 7.83
C SER A 142 0.19 -2.85 8.64
N ASN A 143 1.38 -3.35 8.51
CA ASN A 143 2.56 -2.83 9.14
C ASN A 143 3.72 -3.51 8.48
N GLY A 144 4.26 -2.87 7.47
CA GLY A 144 5.38 -3.44 6.74
C GLY A 144 6.64 -3.07 7.43
N LYS A 145 7.73 -3.70 7.10
CA LYS A 145 8.93 -3.36 7.80
C LYS A 145 10.13 -3.38 6.88
N ILE A 146 10.94 -2.38 7.03
CA ILE A 146 12.14 -2.21 6.27
C ILE A 146 13.31 -2.44 7.20
N THR A 147 14.11 -3.40 6.88
CA THR A 147 15.25 -3.68 7.67
C THR A 147 16.44 -2.97 7.05
N VAL A 148 16.87 -1.92 7.69
CA VAL A 148 18.01 -1.19 7.23
C VAL A 148 19.23 -1.94 7.73
N THR A 149 19.92 -2.58 6.83
CA THR A 149 21.05 -3.39 7.19
C THR A 149 22.27 -2.56 7.49
N GLY A 150 22.60 -1.67 6.59
CA GLY A 150 23.74 -0.84 6.78
C GLY A 150 24.74 -1.08 5.69
N SER A 151 25.10 -0.03 4.99
CA SER A 151 25.99 -0.11 3.86
C SER A 151 27.41 -0.43 4.29
N ALA A 152 27.85 0.24 5.34
CA ALA A 152 29.19 0.07 5.83
C ALA A 152 29.17 0.17 7.34
N PRO A 153 29.80 -0.79 8.04
CA PRO A 153 29.91 -0.76 9.49
C PRO A 153 30.74 0.46 9.96
N THR A 154 30.03 1.50 10.26
CA THR A 154 30.61 2.74 10.70
C THR A 154 29.58 3.42 11.60
N SER A 155 29.81 3.35 12.88
CA SER A 155 28.92 3.94 13.84
C SER A 155 29.75 4.28 15.07
N GLY A 1 -19.71 -19.16 7.73
CA GLY A 1 -20.60 -19.77 6.72
C GLY A 1 -22.01 -19.33 6.98
N SER A 2 -22.97 -19.89 6.22
CA SER A 2 -24.41 -19.55 6.30
C SER A 2 -24.67 -18.11 5.81
N ALA A 3 -24.24 -17.14 6.57
CA ALA A 3 -24.27 -15.77 6.15
C ALA A 3 -22.88 -15.46 5.61
N SER A 4 -22.64 -14.21 5.23
CA SER A 4 -21.33 -13.75 4.67
C SER A 4 -20.88 -14.60 3.45
N VAL A 5 -21.86 -15.05 2.68
CA VAL A 5 -21.60 -15.87 1.51
C VAL A 5 -21.20 -14.94 0.35
N LYS A 6 -21.75 -13.76 0.36
CA LYS A 6 -21.39 -12.73 -0.60
C LYS A 6 -20.43 -11.81 0.09
N ASN A 7 -19.50 -11.25 -0.69
CA ASN A 7 -18.47 -10.33 -0.20
C ASN A 7 -17.48 -11.06 0.70
N GLU A 8 -16.41 -11.51 0.10
CA GLU A 8 -15.44 -12.33 0.78
C GLU A 8 -14.29 -11.51 1.36
N THR A 9 -13.50 -12.17 2.17
CA THR A 9 -12.42 -11.59 2.91
C THR A 9 -11.23 -11.23 1.99
N VAL A 10 -11.06 -9.96 1.75
CA VAL A 10 -9.97 -9.45 0.96
C VAL A 10 -8.79 -9.21 1.89
N LYS A 11 -7.77 -9.97 1.70
CA LYS A 11 -6.60 -9.89 2.54
C LYS A 11 -5.60 -8.88 2.02
N LEU A 12 -5.26 -7.94 2.86
CA LEU A 12 -4.24 -6.98 2.57
C LEU A 12 -3.03 -7.35 3.39
N SER A 13 -1.99 -7.73 2.71
CA SER A 13 -0.79 -8.16 3.29
C SER A 13 0.37 -7.27 2.87
N VAL A 14 1.31 -7.10 3.75
CA VAL A 14 2.52 -6.35 3.52
C VAL A 14 3.63 -7.16 4.15
N GLY A 15 4.86 -6.92 3.79
CA GLY A 15 5.91 -7.73 4.34
C GLY A 15 7.09 -6.94 4.79
N THR A 16 8.19 -7.64 4.96
CA THR A 16 9.38 -7.07 5.46
C THR A 16 10.47 -7.12 4.39
N VAL A 17 10.97 -5.97 4.05
CA VAL A 17 11.99 -5.80 3.04
C VAL A 17 13.23 -5.20 3.69
N SER A 18 14.34 -5.26 3.03
CA SER A 18 15.55 -4.69 3.58
C SER A 18 16.05 -3.57 2.68
N GLY A 19 16.83 -2.67 3.24
CA GLY A 19 17.34 -1.57 2.50
C GLY A 19 18.62 -1.05 3.08
N ASN A 20 19.29 -0.23 2.32
CA ASN A 20 20.58 0.34 2.73
C ASN A 20 20.45 1.86 2.74
N PRO A 21 21.36 2.59 3.44
CA PRO A 21 21.36 4.05 3.40
C PRO A 21 21.69 4.55 1.97
N GLY A 22 20.81 5.38 1.43
CA GLY A 22 21.01 5.91 0.08
C GLY A 22 20.36 5.03 -0.98
N ASP A 23 19.93 3.88 -0.54
CA ASP A 23 19.32 2.88 -1.39
C ASP A 23 17.82 3.08 -1.44
N THR A 24 17.24 2.88 -2.59
CA THR A 24 15.83 3.03 -2.75
C THR A 24 15.18 1.66 -2.58
N VAL A 25 14.21 1.60 -1.73
CA VAL A 25 13.56 0.35 -1.41
C VAL A 25 12.10 0.41 -1.84
N LYS A 26 11.60 -0.70 -2.31
CA LYS A 26 10.26 -0.80 -2.78
C LYS A 26 9.49 -1.84 -1.97
N VAL A 27 8.46 -1.40 -1.30
CA VAL A 27 7.65 -2.27 -0.45
C VAL A 27 6.37 -2.64 -1.22
N PRO A 28 6.19 -3.90 -1.60
CA PRO A 28 5.01 -4.32 -2.31
C PRO A 28 3.85 -4.70 -1.38
N VAL A 29 2.71 -4.10 -1.62
CA VAL A 29 1.51 -4.39 -0.87
C VAL A 29 0.80 -5.51 -1.62
N THR A 30 0.60 -6.61 -0.98
CA THR A 30 0.04 -7.76 -1.61
C THR A 30 -1.44 -7.90 -1.22
N ILE A 31 -2.29 -7.95 -2.20
CA ILE A 31 -3.69 -8.13 -1.99
C ILE A 31 -4.03 -9.55 -2.40
N SER A 32 -4.84 -10.22 -1.62
CA SER A 32 -5.17 -11.60 -1.89
C SER A 32 -6.63 -11.89 -1.50
N GLN A 33 -7.16 -13.00 -2.02
CA GLN A 33 -8.48 -13.55 -1.66
C GLN A 33 -9.69 -12.70 -2.11
N VAL A 34 -9.47 -11.78 -3.02
CA VAL A 34 -10.55 -10.94 -3.52
C VAL A 34 -11.26 -11.64 -4.71
N SER A 35 -12.58 -11.53 -4.77
CA SER A 35 -13.34 -12.04 -5.88
C SER A 35 -14.39 -11.00 -6.27
N THR A 36 -15.04 -10.41 -5.26
CA THR A 36 -15.96 -9.32 -5.49
C THR A 36 -15.11 -8.06 -5.77
N PRO A 37 -15.35 -7.35 -6.91
CA PRO A 37 -14.53 -6.20 -7.29
C PRO A 37 -14.50 -5.09 -6.25
N VAL A 38 -13.31 -4.74 -5.86
CA VAL A 38 -13.08 -3.70 -4.91
C VAL A 38 -12.96 -2.36 -5.65
N GLY A 39 -13.72 -1.37 -5.21
CA GLY A 39 -13.70 -0.10 -5.87
C GLY A 39 -13.29 1.02 -4.95
N LEU A 40 -13.05 0.69 -3.70
CA LEU A 40 -12.67 1.66 -2.70
C LEU A 40 -11.57 1.11 -1.83
N ILE A 41 -10.41 1.68 -1.94
CA ILE A 41 -9.27 1.27 -1.13
C ILE A 41 -8.69 2.51 -0.49
N CYS A 42 -8.70 2.57 0.79
CA CYS A 42 -8.14 3.67 1.52
C CYS A 42 -7.16 3.12 2.55
N MET A 43 -5.97 3.67 2.59
CA MET A 43 -4.93 3.26 3.53
C MET A 43 -3.93 4.40 3.72
N ASP A 44 -3.58 4.69 4.94
CA ASP A 44 -2.60 5.73 5.22
C ASP A 44 -1.36 5.11 5.78
N ILE A 45 -0.23 5.51 5.28
CA ILE A 45 1.02 4.94 5.71
C ILE A 45 1.76 5.93 6.60
N SER A 46 1.85 5.62 7.85
CA SER A 46 2.56 6.42 8.78
C SER A 46 3.97 5.85 8.95
N TYR A 47 4.96 6.62 8.59
CA TYR A 47 6.33 6.17 8.56
C TYR A 47 7.24 7.22 9.16
N ASP A 48 8.52 6.91 9.26
CA ASP A 48 9.51 7.87 9.75
C ASP A 48 10.01 8.69 8.57
N ALA A 49 9.65 9.95 8.53
CA ALA A 49 10.00 10.83 7.41
C ALA A 49 11.47 11.26 7.39
N SER A 50 12.17 11.10 8.48
CA SER A 50 13.56 11.49 8.52
C SER A 50 14.45 10.35 8.03
N LYS A 51 13.94 9.16 8.17
CA LYS A 51 14.64 7.97 7.79
C LYS A 51 14.30 7.60 6.34
N PHE A 52 13.05 7.76 5.97
CA PHE A 52 12.60 7.41 4.64
C PHE A 52 12.01 8.62 3.95
N THR A 53 12.32 8.76 2.71
CA THR A 53 11.77 9.80 1.91
C THR A 53 11.00 9.17 0.75
N VAL A 54 9.70 9.31 0.77
CA VAL A 54 8.88 8.72 -0.27
C VAL A 54 8.99 9.54 -1.56
N LYS A 55 9.28 8.85 -2.63
CA LYS A 55 9.31 9.47 -3.91
C LYS A 55 7.92 9.52 -4.45
N ASP A 56 7.38 8.36 -4.61
CA ASP A 56 6.10 8.15 -5.20
C ASP A 56 5.70 6.75 -4.89
N VAL A 57 4.53 6.38 -5.29
CA VAL A 57 4.08 5.04 -5.13
C VAL A 57 3.61 4.55 -6.48
N LEU A 58 3.85 3.32 -6.76
CA LEU A 58 3.53 2.76 -8.04
C LEU A 58 2.29 1.92 -7.92
N PRO A 59 1.24 2.25 -8.62
CA PRO A 59 0.05 1.44 -8.63
C PRO A 59 0.24 0.26 -9.57
N ASN A 60 -0.22 -0.89 -9.19
CA ASN A 60 -0.13 -2.03 -10.07
C ASN A 60 -1.23 -1.90 -11.09
N THR A 61 -0.84 -1.61 -12.31
CA THR A 61 -1.74 -1.34 -13.41
C THR A 61 -2.47 -2.60 -13.91
N ASP A 62 -2.13 -3.72 -13.33
CA ASP A 62 -2.82 -4.98 -13.59
C ASP A 62 -4.15 -4.97 -12.83
N LEU A 63 -4.19 -4.18 -11.76
CA LEU A 63 -5.38 -4.04 -10.96
C LEU A 63 -5.94 -2.63 -11.12
N VAL A 64 -5.16 -1.65 -10.70
CA VAL A 64 -5.55 -0.27 -10.78
C VAL A 64 -4.96 0.28 -12.06
N LYS A 65 -5.77 0.42 -13.06
CA LYS A 65 -5.31 0.81 -14.35
C LYS A 65 -5.88 2.17 -14.69
N ASP A 66 -5.20 2.88 -15.60
CA ASP A 66 -5.60 4.22 -16.06
C ASP A 66 -5.72 5.18 -14.90
N THR A 67 -4.71 5.08 -14.04
CA THR A 67 -4.60 5.76 -12.78
C THR A 67 -4.58 7.27 -12.90
N ASP A 68 -4.21 7.75 -14.07
CA ASP A 68 -4.10 9.15 -14.38
C ASP A 68 -5.47 9.82 -14.43
N ASN A 69 -6.53 9.03 -14.44
CA ASN A 69 -7.91 9.54 -14.47
C ASN A 69 -8.47 9.73 -13.06
N TYR A 70 -7.53 9.87 -12.11
CA TYR A 70 -7.83 10.12 -10.70
C TYR A 70 -8.32 8.84 -10.02
N SER A 71 -7.94 7.70 -10.58
CA SER A 71 -8.20 6.41 -9.95
C SER A 71 -7.17 6.24 -8.82
N PHE A 72 -6.07 6.94 -9.01
CA PHE A 72 -4.96 6.97 -8.14
C PHE A 72 -5.01 8.28 -7.36
N ILE A 73 -5.37 8.20 -6.10
CA ILE A 73 -5.43 9.37 -5.25
C ILE A 73 -4.41 9.20 -4.16
N VAL A 74 -3.36 9.93 -4.24
CA VAL A 74 -2.35 9.89 -3.21
C VAL A 74 -2.17 11.26 -2.65
N ASN A 75 -2.60 11.42 -1.46
CA ASN A 75 -2.47 12.65 -0.75
C ASN A 75 -1.26 12.56 0.14
N THR A 76 -0.27 13.29 -0.22
CA THR A 76 0.93 13.31 0.55
C THR A 76 0.69 14.26 1.72
N SER A 77 0.50 13.68 2.87
CA SER A 77 0.22 14.43 4.06
C SER A 77 1.54 14.89 4.68
N THR A 78 1.42 15.69 5.74
CA THR A 78 2.52 16.20 6.51
C THR A 78 3.50 15.03 6.85
N PRO A 79 4.84 15.28 6.77
CA PRO A 79 5.90 14.27 6.94
C PRO A 79 5.60 13.15 7.93
N GLY A 80 5.56 11.95 7.41
CA GLY A 80 5.29 10.81 8.21
C GLY A 80 3.92 10.18 7.99
N LYS A 81 3.10 10.75 7.12
CA LYS A 81 1.82 10.12 6.73
C LYS A 81 1.58 10.26 5.22
N ILE A 82 1.23 9.16 4.60
CA ILE A 82 0.86 9.15 3.18
C ILE A 82 -0.54 8.63 3.10
N SER A 83 -1.48 9.47 2.76
CA SER A 83 -2.83 9.06 2.71
C SER A 83 -3.16 8.58 1.28
N ILE A 84 -3.36 7.30 1.11
CA ILE A 84 -3.58 6.73 -0.20
C ILE A 84 -5.03 6.24 -0.36
N THR A 85 -5.60 6.50 -1.51
CA THR A 85 -6.91 6.04 -1.83
C THR A 85 -6.94 5.61 -3.31
N PHE A 86 -7.35 4.41 -3.55
CA PHE A 86 -7.53 3.94 -4.89
C PHE A 86 -9.02 3.75 -5.12
N THR A 87 -9.57 4.55 -5.96
CA THR A 87 -10.94 4.40 -6.32
C THR A 87 -11.08 4.80 -7.77
N ASP A 88 -11.53 3.87 -8.55
CA ASP A 88 -11.58 4.08 -9.98
C ASP A 88 -12.97 4.51 -10.45
N PRO A 89 -13.05 5.62 -11.22
CA PRO A 89 -14.33 6.15 -11.74
C PRO A 89 -14.97 5.21 -12.77
N THR A 90 -14.16 4.40 -13.38
CA THR A 90 -14.58 3.48 -14.39
C THR A 90 -14.65 2.06 -13.84
N LEU A 91 -14.99 1.91 -12.55
CA LEU A 91 -15.04 0.60 -11.85
C LEU A 91 -15.99 -0.45 -12.50
N ALA A 92 -16.87 0.00 -13.38
CA ALA A 92 -17.76 -0.89 -14.11
C ALA A 92 -17.02 -1.49 -15.30
N ASN A 93 -15.97 -0.82 -15.72
CA ASN A 93 -15.15 -1.24 -16.86
C ASN A 93 -13.84 -1.83 -16.38
N TYR A 94 -13.24 -1.23 -15.37
CA TYR A 94 -12.04 -1.76 -14.78
C TYR A 94 -12.38 -2.23 -13.37
N PRO A 95 -12.58 -3.53 -13.18
CA PRO A 95 -12.88 -4.07 -11.87
C PRO A 95 -11.69 -4.76 -11.22
N ILE A 96 -11.36 -4.37 -10.00
CA ILE A 96 -10.32 -5.08 -9.32
C ILE A 96 -10.98 -6.27 -8.63
N SER A 97 -11.04 -7.37 -9.33
CA SER A 97 -11.63 -8.59 -8.84
C SER A 97 -10.60 -9.71 -8.89
N VAL A 98 -9.39 -9.33 -9.17
CA VAL A 98 -8.26 -10.21 -9.23
C VAL A 98 -7.23 -9.71 -8.26
N ASP A 99 -6.37 -10.57 -7.78
CA ASP A 99 -5.40 -10.19 -6.78
C ASP A 99 -3.97 -10.23 -7.29
N GLY A 100 -3.03 -9.95 -6.40
CA GLY A 100 -1.63 -9.88 -6.71
C GLY A 100 -1.01 -8.76 -5.93
N ILE A 101 -0.27 -7.91 -6.57
CA ILE A 101 0.28 -6.74 -5.92
C ILE A 101 -0.69 -5.60 -6.11
N LEU A 102 -0.94 -4.84 -5.06
CA LEU A 102 -1.83 -3.71 -5.15
C LEU A 102 -1.05 -2.48 -5.57
N ALA A 103 -0.01 -2.18 -4.83
CA ALA A 103 0.82 -1.04 -5.08
C ALA A 103 2.21 -1.30 -4.55
N TYR A 104 3.16 -0.58 -5.06
CA TYR A 104 4.52 -0.66 -4.64
C TYR A 104 4.88 0.67 -4.03
N LEU A 105 5.36 0.65 -2.83
CA LEU A 105 5.74 1.86 -2.13
C LEU A 105 7.21 2.12 -2.40
N ASP A 106 7.52 3.25 -2.98
CA ASP A 106 8.89 3.55 -3.39
C ASP A 106 9.52 4.62 -2.48
N PHE A 107 10.40 4.17 -1.59
CA PHE A 107 11.02 5.04 -0.60
C PHE A 107 12.52 5.09 -0.78
N ILE A 108 13.09 6.25 -0.69
CA ILE A 108 14.51 6.38 -0.63
C ILE A 108 14.88 6.34 0.83
N ILE A 109 15.76 5.46 1.19
CA ILE A 109 16.25 5.43 2.53
C ILE A 109 17.34 6.47 2.59
N ASN A 110 17.23 7.36 3.53
CA ASN A 110 18.19 8.44 3.67
C ASN A 110 19.57 7.88 4.01
N SER A 111 20.62 8.55 3.59
CA SER A 111 21.95 8.11 3.88
C SER A 111 22.26 8.31 5.38
N ASN A 112 21.59 9.28 5.96
CA ASN A 112 21.72 9.64 7.37
C ASN A 112 20.71 8.82 8.21
N ALA A 113 20.05 7.85 7.57
CA ALA A 113 19.06 7.01 8.23
C ALA A 113 19.72 6.04 9.18
N THR A 114 19.10 5.85 10.31
CA THR A 114 19.61 4.95 11.31
C THR A 114 19.31 3.51 10.90
N ALA A 115 20.25 2.64 11.12
CA ALA A 115 20.13 1.25 10.77
C ALA A 115 19.37 0.49 11.83
N GLY A 116 18.43 -0.28 11.40
CA GLY A 116 17.60 -1.03 12.27
C GLY A 116 16.30 -1.36 11.60
N ASP A 117 15.49 -2.17 12.23
CA ASP A 117 14.21 -2.53 11.70
C ASP A 117 13.25 -1.41 11.95
N SER A 118 12.72 -0.87 10.90
CA SER A 118 11.86 0.25 10.98
C SER A 118 10.50 -0.13 10.42
N ALA A 119 9.51 -0.07 11.26
CA ALA A 119 8.17 -0.44 10.89
C ALA A 119 7.38 0.76 10.40
N LEU A 120 6.58 0.54 9.41
CA LEU A 120 5.71 1.54 8.85
C LEU A 120 4.31 1.16 9.28
N THR A 121 3.70 1.96 10.09
CA THR A 121 2.38 1.66 10.59
C THR A 121 1.36 2.12 9.57
N VAL A 122 0.61 1.20 9.04
CA VAL A 122 -0.45 1.57 8.16
C VAL A 122 -1.66 1.84 9.01
N ASP A 123 -2.10 3.08 8.99
CA ASP A 123 -3.19 3.64 9.80
C ASP A 123 -4.46 2.82 9.60
N PRO A 124 -4.87 2.02 10.62
CA PRO A 124 -6.03 1.13 10.51
C PRO A 124 -7.36 1.88 10.64
N ALA A 125 -7.31 3.13 11.08
CA ALA A 125 -8.52 3.92 11.24
C ALA A 125 -8.95 4.44 9.89
N THR A 126 -7.97 4.82 9.10
CA THR A 126 -8.17 5.33 7.79
C THR A 126 -8.16 4.18 6.75
N LEU A 127 -7.83 2.98 7.21
CA LEU A 127 -7.75 1.81 6.34
C LEU A 127 -9.17 1.26 6.15
N ILE A 128 -9.68 1.45 4.96
CA ILE A 128 -11.01 1.03 4.58
C ILE A 128 -10.89 0.41 3.20
N VAL A 129 -11.33 -0.79 3.04
CA VAL A 129 -11.28 -1.45 1.75
C VAL A 129 -12.64 -2.03 1.47
N ALA A 130 -13.36 -1.36 0.61
CA ALA A 130 -14.72 -1.67 0.37
C ALA A 130 -14.99 -1.98 -1.09
N ASP A 131 -15.90 -2.88 -1.28
CA ASP A 131 -16.39 -3.28 -2.58
C ASP A 131 -17.24 -2.14 -3.21
N GLU A 132 -17.68 -2.27 -4.47
CA GLU A 132 -18.41 -1.18 -5.16
C GLU A 132 -19.83 -0.95 -4.57
N ASN A 133 -20.23 -1.86 -3.71
CA ASN A 133 -21.49 -1.79 -2.94
C ASN A 133 -21.17 -1.24 -1.50
N ASP A 134 -19.98 -0.63 -1.39
CA ASP A 134 -19.38 0.04 -0.19
C ASP A 134 -19.23 -0.87 1.03
N LYS A 135 -19.24 -2.16 0.81
CA LYS A 135 -19.10 -3.10 1.89
C LYS A 135 -17.63 -3.39 2.14
N ASP A 136 -17.16 -3.00 3.32
CA ASP A 136 -15.77 -3.25 3.73
C ASP A 136 -15.60 -4.72 3.99
N ILE A 137 -14.58 -5.28 3.42
CA ILE A 137 -14.34 -6.70 3.47
C ILE A 137 -12.87 -7.00 3.64
N LYS A 138 -12.18 -6.22 4.42
CA LYS A 138 -10.76 -6.40 4.49
C LYS A 138 -10.24 -7.08 5.73
N ASP A 139 -9.41 -8.04 5.47
CA ASP A 139 -8.55 -8.66 6.44
C ASP A 139 -7.23 -7.96 6.29
N ALA A 140 -6.93 -7.08 7.17
CA ALA A 140 -5.75 -6.31 6.98
C ALA A 140 -4.82 -6.36 8.15
N ALA A 141 -3.65 -6.82 7.88
CA ALA A 141 -2.56 -6.73 8.79
C ALA A 141 -1.56 -5.91 8.05
N SER A 142 -1.31 -4.73 8.51
CA SER A 142 -0.49 -3.85 7.75
C SER A 142 0.52 -3.12 8.58
N ASN A 143 1.72 -3.55 8.42
CA ASN A 143 2.89 -2.96 8.99
C ASN A 143 4.02 -3.35 8.09
N GLY A 144 4.43 -2.44 7.25
CA GLY A 144 5.51 -2.72 6.35
C GLY A 144 6.78 -2.53 7.09
N LYS A 145 7.66 -3.46 7.05
CA LYS A 145 8.85 -3.29 7.81
C LYS A 145 10.05 -3.28 6.92
N ILE A 146 10.86 -2.28 7.10
CA ILE A 146 12.06 -2.12 6.32
C ILE A 146 13.24 -2.23 7.25
N THR A 147 14.02 -3.22 7.03
CA THR A 147 15.20 -3.42 7.79
C THR A 147 16.35 -2.66 7.14
N VAL A 148 16.73 -1.57 7.73
CA VAL A 148 17.85 -0.81 7.24
C VAL A 148 19.09 -1.48 7.77
N THR A 149 19.90 -1.98 6.89
CA THR A 149 21.07 -2.73 7.27
C THR A 149 22.20 -1.81 7.72
N GLY A 150 22.48 -0.83 6.90
CA GLY A 150 23.55 0.07 7.16
C GLY A 150 24.84 -0.44 6.57
N SER A 151 24.73 -1.45 5.71
CA SER A 151 25.88 -2.09 5.10
C SER A 151 26.44 -1.31 3.91
N ALA A 152 25.76 -0.26 3.50
CA ALA A 152 26.25 0.62 2.47
C ALA A 152 26.80 1.85 3.15
N PRO A 153 28.13 2.04 3.11
CA PRO A 153 28.78 3.15 3.78
C PRO A 153 28.57 4.49 3.08
N THR A 154 27.66 5.27 3.62
CA THR A 154 27.36 6.59 3.15
C THR A 154 26.40 7.26 4.13
N SER A 155 26.64 8.51 4.41
CA SER A 155 25.84 9.29 5.31
C SER A 155 25.71 10.69 4.74
N GLY A 1 -13.21 -9.77 10.72
CA GLY A 1 -14.56 -9.68 10.22
C GLY A 1 -14.86 -10.84 9.32
N SER A 2 -16.12 -11.12 9.09
CA SER A 2 -16.48 -12.26 8.29
C SER A 2 -17.55 -11.92 7.25
N ALA A 3 -17.37 -12.44 6.07
CA ALA A 3 -18.32 -12.33 4.99
C ALA A 3 -18.49 -13.71 4.43
N SER A 4 -19.67 -14.27 4.56
CA SER A 4 -19.87 -15.64 4.19
C SER A 4 -20.29 -15.85 2.73
N VAL A 5 -21.57 -15.79 2.46
CA VAL A 5 -22.05 -16.06 1.12
C VAL A 5 -22.05 -14.77 0.28
N LYS A 6 -22.17 -13.65 0.94
CA LYS A 6 -22.15 -12.38 0.28
C LYS A 6 -20.82 -11.72 0.52
N ASN A 7 -20.15 -11.37 -0.58
CA ASN A 7 -18.84 -10.69 -0.57
C ASN A 7 -17.71 -11.60 -0.10
N GLU A 8 -16.50 -11.14 -0.27
CA GLU A 8 -15.35 -11.89 0.13
C GLU A 8 -14.71 -11.27 1.35
N THR A 9 -13.61 -11.80 1.74
CA THR A 9 -12.81 -11.24 2.78
C THR A 9 -11.43 -10.95 2.20
N VAL A 10 -11.18 -9.70 1.96
CA VAL A 10 -10.00 -9.25 1.27
C VAL A 10 -8.86 -9.02 2.25
N LYS A 11 -7.80 -9.78 2.12
CA LYS A 11 -6.66 -9.66 2.99
C LYS A 11 -5.68 -8.63 2.43
N LEU A 12 -5.24 -7.75 3.29
CA LEU A 12 -4.21 -6.79 2.96
C LEU A 12 -2.95 -7.19 3.68
N SER A 13 -1.97 -7.57 2.91
CA SER A 13 -0.75 -8.08 3.42
C SER A 13 0.43 -7.21 2.92
N VAL A 14 1.40 -7.05 3.77
CA VAL A 14 2.57 -6.23 3.50
C VAL A 14 3.78 -7.00 3.98
N GLY A 15 4.97 -6.64 3.55
CA GLY A 15 6.11 -7.43 3.92
C GLY A 15 7.28 -6.64 4.41
N THR A 16 8.33 -7.34 4.72
CA THR A 16 9.51 -6.78 5.30
C THR A 16 10.65 -6.84 4.29
N VAL A 17 11.24 -5.71 4.04
CA VAL A 17 12.30 -5.57 3.08
C VAL A 17 13.51 -4.94 3.76
N SER A 18 14.64 -5.03 3.12
CA SER A 18 15.84 -4.47 3.69
C SER A 18 16.45 -3.43 2.75
N GLY A 19 17.27 -2.57 3.30
CA GLY A 19 17.89 -1.55 2.52
C GLY A 19 19.17 -1.06 3.15
N ASN A 20 19.75 -0.08 2.51
CA ASN A 20 21.01 0.50 2.91
C ASN A 20 20.82 2.00 3.07
N PRO A 21 21.62 2.70 3.90
CA PRO A 21 21.50 4.15 4.06
C PRO A 21 21.90 4.87 2.77
N GLY A 22 20.93 5.49 2.11
CA GLY A 22 21.18 6.16 0.85
C GLY A 22 20.57 5.40 -0.32
N ASP A 23 20.13 4.18 -0.05
CA ASP A 23 19.54 3.28 -1.06
C ASP A 23 18.03 3.48 -1.15
N THR A 24 17.46 3.17 -2.28
CA THR A 24 16.04 3.27 -2.47
C THR A 24 15.42 1.87 -2.37
N VAL A 25 14.44 1.73 -1.51
CA VAL A 25 13.84 0.44 -1.24
C VAL A 25 12.36 0.47 -1.68
N LYS A 26 11.84 -0.67 -2.08
CA LYS A 26 10.47 -0.75 -2.55
C LYS A 26 9.70 -1.84 -1.79
N VAL A 27 8.58 -1.44 -1.21
CA VAL A 27 7.75 -2.34 -0.41
C VAL A 27 6.48 -2.69 -1.19
N PRO A 28 6.23 -3.97 -1.48
CA PRO A 28 5.02 -4.40 -2.18
C PRO A 28 3.80 -4.60 -1.24
N VAL A 29 2.72 -3.92 -1.55
CA VAL A 29 1.47 -4.06 -0.83
C VAL A 29 0.66 -5.13 -1.53
N THR A 30 0.41 -6.21 -0.86
CA THR A 30 -0.26 -7.34 -1.45
C THR A 30 -1.75 -7.37 -1.05
N ILE A 31 -2.58 -7.65 -2.02
CA ILE A 31 -4.00 -7.80 -1.82
C ILE A 31 -4.34 -9.26 -2.15
N SER A 32 -5.06 -9.94 -1.29
CA SER A 32 -5.37 -11.34 -1.50
C SER A 32 -6.82 -11.66 -1.09
N GLN A 33 -7.31 -12.82 -1.55
CA GLN A 33 -8.66 -13.35 -1.27
C GLN A 33 -9.79 -12.42 -1.77
N VAL A 34 -9.48 -11.64 -2.76
CA VAL A 34 -10.43 -10.76 -3.35
C VAL A 34 -11.07 -11.43 -4.58
N SER A 35 -12.37 -11.33 -4.70
CA SER A 35 -13.09 -11.87 -5.83
C SER A 35 -14.21 -10.88 -6.18
N THR A 36 -14.79 -10.29 -5.16
CA THR A 36 -15.75 -9.23 -5.34
C THR A 36 -14.95 -7.98 -5.76
N PRO A 37 -15.32 -7.31 -6.88
CA PRO A 37 -14.63 -6.11 -7.34
C PRO A 37 -14.64 -5.01 -6.27
N VAL A 38 -13.47 -4.56 -5.94
CA VAL A 38 -13.31 -3.55 -4.96
C VAL A 38 -13.42 -2.18 -5.62
N GLY A 39 -14.08 -1.25 -4.96
CA GLY A 39 -14.25 0.04 -5.55
C GLY A 39 -13.66 1.15 -4.71
N LEU A 40 -13.54 0.92 -3.42
CA LEU A 40 -13.03 1.92 -2.50
C LEU A 40 -11.92 1.38 -1.66
N ILE A 41 -10.75 1.89 -1.88
CA ILE A 41 -9.58 1.53 -1.11
C ILE A 41 -8.94 2.80 -0.56
N CYS A 42 -8.85 2.90 0.72
CA CYS A 42 -8.19 4.01 1.35
C CYS A 42 -7.23 3.45 2.37
N MET A 43 -6.04 4.00 2.43
CA MET A 43 -5.03 3.55 3.36
C MET A 43 -4.05 4.68 3.65
N ASP A 44 -3.59 4.75 4.87
CA ASP A 44 -2.63 5.77 5.25
C ASP A 44 -1.40 5.07 5.78
N ILE A 45 -0.29 5.32 5.16
CA ILE A 45 0.93 4.69 5.54
C ILE A 45 1.76 5.65 6.36
N SER A 46 1.85 5.38 7.63
CA SER A 46 2.62 6.18 8.51
C SER A 46 3.99 5.51 8.70
N TYR A 47 5.05 6.25 8.51
CA TYR A 47 6.38 5.68 8.54
C TYR A 47 7.37 6.65 9.18
N ASP A 48 8.59 6.17 9.40
CA ASP A 48 9.67 6.96 9.95
C ASP A 48 10.20 7.88 8.85
N ALA A 49 9.89 9.15 8.95
CA ALA A 49 10.24 10.12 7.92
C ALA A 49 11.63 10.68 8.10
N SER A 50 12.31 10.24 9.12
CA SER A 50 13.64 10.67 9.35
C SER A 50 14.62 9.67 8.74
N LYS A 51 14.28 8.41 8.83
CA LYS A 51 15.11 7.36 8.30
C LYS A 51 14.74 7.09 6.84
N PHE A 52 13.46 7.26 6.50
CA PHE A 52 13.01 7.02 5.13
C PHE A 52 12.29 8.26 4.62
N THR A 53 12.22 8.40 3.33
CA THR A 53 11.50 9.46 2.70
C THR A 53 10.88 8.93 1.40
N VAL A 54 9.57 8.93 1.31
CA VAL A 54 8.87 8.42 0.15
C VAL A 54 8.84 9.46 -0.97
N LYS A 55 9.01 9.01 -2.19
CA LYS A 55 8.86 9.87 -3.34
C LYS A 55 7.43 9.78 -3.81
N ASP A 56 7.05 8.58 -4.20
CA ASP A 56 5.74 8.29 -4.71
C ASP A 56 5.61 6.80 -4.70
N VAL A 57 4.47 6.31 -5.09
CA VAL A 57 4.24 4.90 -5.10
C VAL A 57 3.86 4.48 -6.50
N LEU A 58 4.22 3.30 -6.87
CA LEU A 58 3.92 2.79 -8.17
C LEU A 58 2.79 1.80 -8.07
N PRO A 59 1.63 2.11 -8.67
CA PRO A 59 0.52 1.21 -8.64
C PRO A 59 0.71 0.08 -9.63
N ASN A 60 0.33 -1.10 -9.27
CA ASN A 60 0.42 -2.22 -10.18
C ASN A 60 -0.64 -2.04 -11.24
N THR A 61 -0.19 -1.78 -12.44
CA THR A 61 -1.02 -1.48 -13.58
C THR A 61 -1.86 -2.68 -14.02
N ASP A 62 -1.50 -3.86 -13.53
CA ASP A 62 -2.27 -5.06 -13.82
C ASP A 62 -3.61 -4.99 -13.10
N LEU A 63 -3.62 -4.36 -11.93
CA LEU A 63 -4.83 -4.22 -11.15
C LEU A 63 -5.40 -2.81 -11.31
N VAL A 64 -4.57 -1.83 -11.07
CA VAL A 64 -4.98 -0.44 -11.12
C VAL A 64 -4.94 0.05 -12.56
N LYS A 65 -6.05 0.53 -13.02
CA LYS A 65 -6.23 0.98 -14.39
C LYS A 65 -6.93 2.31 -14.40
N ASP A 66 -6.88 2.99 -15.57
CA ASP A 66 -7.64 4.24 -15.83
C ASP A 66 -7.24 5.30 -14.77
N THR A 67 -5.95 5.26 -14.42
CA THR A 67 -5.34 6.03 -13.33
C THR A 67 -5.61 7.55 -13.38
N ASP A 68 -5.53 8.14 -14.57
CA ASP A 68 -5.67 9.59 -14.77
C ASP A 68 -7.10 10.06 -14.54
N ASN A 69 -8.04 9.15 -14.67
CA ASN A 69 -9.47 9.45 -14.56
C ASN A 69 -9.94 9.48 -13.10
N TYR A 70 -9.01 9.82 -12.20
CA TYR A 70 -9.24 9.92 -10.77
C TYR A 70 -9.45 8.53 -10.17
N SER A 71 -8.50 7.67 -10.44
CA SER A 71 -8.52 6.33 -9.88
C SER A 71 -7.34 6.18 -8.93
N PHE A 72 -6.24 6.81 -9.26
CA PHE A 72 -5.02 6.74 -8.50
C PHE A 72 -4.82 8.05 -7.75
N ILE A 73 -5.04 8.03 -6.45
CA ILE A 73 -4.89 9.20 -5.61
C ILE A 73 -3.85 8.95 -4.53
N VAL A 74 -2.78 9.70 -4.55
CA VAL A 74 -1.74 9.61 -3.54
C VAL A 74 -1.42 11.01 -3.09
N ASN A 75 -1.78 11.31 -1.89
CA ASN A 75 -1.55 12.62 -1.35
C ASN A 75 -0.36 12.58 -0.43
N THR A 76 0.64 13.33 -0.75
CA THR A 76 1.81 13.42 0.07
C THR A 76 1.53 14.37 1.23
N SER A 77 1.15 13.78 2.32
CA SER A 77 0.85 14.47 3.53
C SER A 77 2.15 14.82 4.25
N THR A 78 2.03 15.56 5.36
CA THR A 78 3.15 15.93 6.20
C THR A 78 4.04 14.70 6.49
N PRO A 79 5.41 14.84 6.34
CA PRO A 79 6.38 13.74 6.44
C PRO A 79 6.03 12.69 7.47
N GLY A 80 5.95 11.47 6.99
CA GLY A 80 5.59 10.37 7.83
C GLY A 80 4.19 9.86 7.54
N LYS A 81 3.41 10.57 6.72
CA LYS A 81 2.10 10.07 6.31
C LYS A 81 1.91 10.06 4.81
N ILE A 82 1.56 8.92 4.28
CA ILE A 82 1.23 8.77 2.89
C ILE A 82 -0.23 8.41 2.83
N SER A 83 -1.04 9.30 2.36
CA SER A 83 -2.44 9.03 2.30
C SER A 83 -2.80 8.58 0.87
N ILE A 84 -3.16 7.33 0.72
CA ILE A 84 -3.43 6.75 -0.59
C ILE A 84 -4.90 6.36 -0.69
N THR A 85 -5.49 6.65 -1.82
CA THR A 85 -6.84 6.33 -2.09
C THR A 85 -6.95 5.78 -3.52
N PHE A 86 -7.51 4.61 -3.66
CA PHE A 86 -7.76 4.04 -4.95
C PHE A 86 -9.26 3.92 -5.12
N THR A 87 -9.79 4.73 -5.96
CA THR A 87 -11.19 4.68 -6.26
C THR A 87 -11.33 4.10 -7.64
N ASP A 88 -12.08 3.03 -7.78
CA ASP A 88 -12.19 2.36 -9.07
C ASP A 88 -13.44 2.85 -9.83
N PRO A 89 -13.26 3.67 -10.89
CA PRO A 89 -14.35 4.18 -11.70
C PRO A 89 -14.76 3.21 -12.83
N THR A 90 -13.96 2.18 -13.06
CA THR A 90 -14.13 1.33 -14.21
C THR A 90 -14.31 -0.14 -13.77
N LEU A 91 -14.77 -0.32 -12.53
CA LEU A 91 -14.94 -1.64 -11.90
C LEU A 91 -15.91 -2.57 -12.62
N ALA A 92 -16.80 -2.01 -13.44
CA ALA A 92 -17.75 -2.79 -14.18
C ALA A 92 -17.08 -3.47 -15.38
N ASN A 93 -16.07 -2.83 -15.93
CA ASN A 93 -15.42 -3.33 -17.13
C ASN A 93 -14.09 -3.94 -16.80
N TYR A 94 -13.33 -3.29 -15.93
CA TYR A 94 -12.08 -3.85 -15.48
C TYR A 94 -12.20 -3.86 -13.97
N PRO A 95 -12.49 -4.99 -13.37
CA PRO A 95 -12.66 -5.06 -11.95
C PRO A 95 -11.40 -5.49 -11.23
N ILE A 96 -11.09 -4.83 -10.12
CA ILE A 96 -10.04 -5.33 -9.28
C ILE A 96 -10.70 -6.41 -8.42
N SER A 97 -10.66 -7.60 -8.95
CA SER A 97 -11.29 -8.75 -8.35
C SER A 97 -10.32 -9.92 -8.31
N VAL A 98 -9.06 -9.61 -8.56
CA VAL A 98 -8.01 -10.60 -8.58
C VAL A 98 -6.91 -10.16 -7.64
N ASP A 99 -6.16 -11.10 -7.14
CA ASP A 99 -5.13 -10.83 -6.14
C ASP A 99 -3.79 -10.54 -6.78
N GLY A 100 -2.87 -10.06 -5.99
CA GLY A 100 -1.55 -9.73 -6.43
C GLY A 100 -1.03 -8.55 -5.65
N ILE A 101 -0.10 -7.84 -6.20
CA ILE A 101 0.39 -6.64 -5.55
C ILE A 101 -0.48 -5.48 -6.02
N LEU A 102 -0.90 -4.67 -5.09
CA LEU A 102 -1.74 -3.53 -5.40
C LEU A 102 -0.89 -2.32 -5.79
N ALA A 103 0.10 -2.03 -4.96
CA ALA A 103 0.98 -0.91 -5.18
C ALA A 103 2.33 -1.18 -4.55
N TYR A 104 3.33 -0.52 -5.06
CA TYR A 104 4.66 -0.61 -4.54
C TYR A 104 5.03 0.73 -3.94
N LEU A 105 5.43 0.72 -2.70
CA LEU A 105 5.82 1.92 -1.99
C LEU A 105 7.32 2.15 -2.20
N ASP A 106 7.70 3.23 -2.86
CA ASP A 106 9.12 3.44 -3.16
C ASP A 106 9.72 4.50 -2.23
N PHE A 107 10.50 4.05 -1.29
CA PHE A 107 11.09 4.90 -0.25
C PHE A 107 12.57 5.08 -0.47
N ILE A 108 13.04 6.26 -0.25
CA ILE A 108 14.45 6.53 -0.25
C ILE A 108 14.89 6.41 1.18
N ILE A 109 15.91 5.66 1.44
CA ILE A 109 16.45 5.59 2.76
C ILE A 109 17.46 6.71 2.88
N ASN A 110 17.38 7.44 3.96
CA ASN A 110 18.24 8.60 4.22
C ASN A 110 19.71 8.15 4.34
N SER A 111 20.64 9.01 3.94
CA SER A 111 22.07 8.71 4.12
C SER A 111 22.40 8.79 5.63
N ASN A 112 21.55 9.52 6.36
CA ASN A 112 21.68 9.74 7.81
C ASN A 112 20.84 8.65 8.54
N ALA A 113 20.55 7.57 7.86
CA ALA A 113 19.76 6.52 8.45
C ALA A 113 20.63 5.55 9.21
N THR A 114 20.20 5.22 10.39
CA THR A 114 20.89 4.31 11.25
C THR A 114 20.41 2.89 10.93
N ALA A 115 21.21 1.90 11.25
CA ALA A 115 20.84 0.53 11.05
C ALA A 115 19.80 0.14 12.06
N GLY A 116 18.84 -0.58 11.61
CA GLY A 116 17.76 -0.95 12.43
C GLY A 116 16.52 -1.04 11.62
N ASP A 117 15.59 -1.76 12.10
CA ASP A 117 14.35 -1.94 11.45
C ASP A 117 13.36 -0.90 11.94
N SER A 118 12.61 -0.38 11.03
CA SER A 118 11.58 0.55 11.35
C SER A 118 10.32 0.12 10.65
N ALA A 119 9.24 0.13 11.38
CA ALA A 119 7.98 -0.37 10.91
C ALA A 119 7.20 0.69 10.14
N LEU A 120 6.52 0.25 9.13
CA LEU A 120 5.67 1.06 8.34
C LEU A 120 4.27 0.70 8.76
N THR A 121 3.61 1.61 9.36
CA THR A 121 2.31 1.36 9.88
C THR A 121 1.28 1.74 8.87
N VAL A 122 0.71 0.77 8.22
CA VAL A 122 -0.38 1.05 7.35
C VAL A 122 -1.58 1.07 8.25
N ASP A 123 -2.09 2.25 8.48
CA ASP A 123 -3.08 2.51 9.51
C ASP A 123 -4.39 1.78 9.22
N PRO A 124 -4.73 0.74 10.02
CA PRO A 124 -5.92 -0.09 9.80
C PRO A 124 -7.23 0.63 10.11
N ALA A 125 -7.14 1.68 10.90
CA ALA A 125 -8.32 2.43 11.30
C ALA A 125 -8.74 3.37 10.19
N THR A 126 -7.78 3.87 9.46
CA THR A 126 -8.01 4.74 8.35
C THR A 126 -8.17 3.90 7.05
N LEU A 127 -7.81 2.63 7.14
CA LEU A 127 -7.83 1.74 6.00
C LEU A 127 -9.27 1.27 5.77
N ILE A 128 -9.77 1.56 4.61
CA ILE A 128 -11.11 1.19 4.21
C ILE A 128 -11.01 0.45 2.90
N VAL A 129 -11.61 -0.71 2.83
CA VAL A 129 -11.69 -1.46 1.59
C VAL A 129 -13.11 -1.93 1.41
N ALA A 130 -13.83 -1.17 0.65
CA ALA A 130 -15.21 -1.43 0.39
C ALA A 130 -15.39 -1.80 -1.06
N ASP A 131 -16.27 -2.72 -1.31
CA ASP A 131 -16.52 -3.21 -2.66
C ASP A 131 -17.46 -2.27 -3.42
N GLU A 132 -17.94 -2.72 -4.57
CA GLU A 132 -18.90 -1.95 -5.37
C GLU A 132 -20.24 -1.74 -4.63
N ASN A 133 -20.56 -2.63 -3.69
CA ASN A 133 -21.77 -2.52 -2.87
C ASN A 133 -21.45 -1.80 -1.54
N ASP A 134 -20.28 -1.14 -1.53
CA ASP A 134 -19.77 -0.25 -0.44
C ASP A 134 -19.55 -0.90 0.92
N LYS A 135 -19.37 -2.20 0.95
CA LYS A 135 -19.20 -2.87 2.23
C LYS A 135 -17.74 -3.16 2.49
N ASP A 136 -17.25 -2.76 3.66
CA ASP A 136 -15.87 -3.02 4.05
C ASP A 136 -15.74 -4.47 4.41
N ILE A 137 -15.00 -5.17 3.62
CA ILE A 137 -14.87 -6.59 3.73
C ILE A 137 -13.41 -7.00 3.84
N LYS A 138 -12.63 -6.17 4.50
CA LYS A 138 -11.21 -6.41 4.53
C LYS A 138 -10.66 -6.97 5.83
N ASP A 139 -9.82 -7.94 5.66
CA ASP A 139 -8.98 -8.48 6.69
C ASP A 139 -7.65 -7.80 6.53
N ALA A 140 -7.33 -6.88 7.37
CA ALA A 140 -6.12 -6.15 7.18
C ALA A 140 -5.26 -6.17 8.38
N ALA A 141 -4.08 -6.63 8.16
CA ALA A 141 -3.04 -6.54 9.13
C ALA A 141 -1.87 -6.08 8.37
N SER A 142 -1.44 -4.90 8.64
CA SER A 142 -0.43 -4.33 7.83
C SER A 142 0.58 -3.58 8.65
N ASN A 143 1.71 -4.17 8.77
CA ASN A 143 2.83 -3.57 9.40
C ASN A 143 4.05 -4.00 8.63
N GLY A 144 4.45 -3.16 7.72
CA GLY A 144 5.59 -3.44 6.89
C GLY A 144 6.81 -3.05 7.63
N LYS A 145 7.95 -3.48 7.21
CA LYS A 145 9.13 -3.15 7.94
C LYS A 145 10.32 -3.07 7.03
N ILE A 146 11.09 -2.04 7.18
CA ILE A 146 12.30 -1.88 6.41
C ILE A 146 13.47 -2.03 7.36
N THR A 147 14.32 -2.95 7.05
CA THR A 147 15.48 -3.20 7.85
C THR A 147 16.72 -2.59 7.21
N VAL A 148 17.21 -1.53 7.80
CA VAL A 148 18.47 -0.98 7.37
C VAL A 148 19.53 -1.83 8.02
N THR A 149 20.34 -2.47 7.23
CA THR A 149 21.28 -3.47 7.70
C THR A 149 22.40 -2.91 8.57
N GLY A 150 23.24 -2.11 8.00
CA GLY A 150 24.33 -1.54 8.76
C GLY A 150 25.59 -1.53 7.98
N SER A 151 25.43 -1.33 6.71
CA SER A 151 26.52 -1.23 5.79
C SER A 151 27.09 0.19 5.80
N ALA A 152 26.26 1.12 6.35
CA ALA A 152 26.58 2.56 6.51
C ALA A 152 26.61 3.29 5.16
N PRO A 153 26.48 4.64 5.15
CA PRO A 153 26.59 5.46 3.91
C PRO A 153 28.06 5.56 3.41
N THR A 154 28.73 4.41 3.33
CA THR A 154 30.12 4.25 2.92
C THR A 154 31.09 4.77 3.99
N SER A 155 31.08 6.06 4.22
CA SER A 155 31.93 6.71 5.18
C SER A 155 31.26 8.01 5.60
N GLY A 1 -33.21 -14.96 -3.24
CA GLY A 1 -33.51 -14.58 -4.61
C GLY A 1 -32.30 -14.78 -5.47
N SER A 2 -32.38 -14.37 -6.73
CA SER A 2 -31.29 -14.55 -7.69
C SER A 2 -30.06 -13.73 -7.28
N ALA A 3 -30.30 -12.53 -6.77
CA ALA A 3 -29.23 -11.65 -6.36
C ALA A 3 -28.73 -12.03 -4.97
N SER A 4 -27.84 -12.98 -4.93
CA SER A 4 -27.26 -13.42 -3.70
C SER A 4 -25.73 -13.54 -3.82
N VAL A 5 -25.07 -12.40 -3.88
CA VAL A 5 -23.65 -12.36 -3.92
C VAL A 5 -23.12 -12.14 -2.52
N LYS A 6 -21.85 -12.30 -2.32
CA LYS A 6 -21.28 -12.08 -1.02
C LYS A 6 -20.18 -11.06 -1.10
N ASN A 7 -19.91 -10.46 0.01
CA ASN A 7 -18.81 -9.59 0.17
C ASN A 7 -17.83 -10.30 1.05
N GLU A 8 -16.74 -10.68 0.49
CA GLU A 8 -15.79 -11.46 1.21
C GLU A 8 -14.63 -10.64 1.68
N THR A 9 -14.00 -11.12 2.72
CA THR A 9 -13.00 -10.37 3.41
C THR A 9 -11.65 -10.46 2.67
N VAL A 10 -11.25 -9.33 2.10
CA VAL A 10 -10.01 -9.18 1.37
C VAL A 10 -8.86 -9.16 2.36
N LYS A 11 -7.99 -10.11 2.27
CA LYS A 11 -6.90 -10.19 3.18
C LYS A 11 -5.73 -9.38 2.65
N LEU A 12 -5.43 -8.31 3.32
CA LEU A 12 -4.36 -7.42 2.91
C LEU A 12 -3.10 -7.80 3.67
N SER A 13 -2.04 -8.00 2.93
CA SER A 13 -0.81 -8.46 3.45
C SER A 13 0.35 -7.48 3.17
N VAL A 14 1.30 -7.48 4.06
CA VAL A 14 2.48 -6.64 3.98
C VAL A 14 3.71 -7.52 3.97
N GLY A 15 4.82 -6.97 3.57
CA GLY A 15 6.02 -7.75 3.52
C GLY A 15 7.18 -7.00 4.12
N THR A 16 8.23 -7.71 4.37
CA THR A 16 9.40 -7.17 4.98
C THR A 16 10.52 -7.15 3.96
N VAL A 17 11.02 -5.99 3.67
CA VAL A 17 12.07 -5.81 2.72
C VAL A 17 13.26 -5.19 3.40
N SER A 18 14.40 -5.25 2.81
CA SER A 18 15.57 -4.69 3.37
C SER A 18 16.12 -3.56 2.51
N GLY A 19 16.97 -2.73 3.12
CA GLY A 19 17.56 -1.62 2.43
C GLY A 19 18.77 -1.10 3.20
N ASN A 20 19.42 -0.10 2.64
CA ASN A 20 20.61 0.49 3.24
C ASN A 20 20.45 2.00 3.27
N PRO A 21 21.16 2.74 4.16
CA PRO A 21 21.10 4.21 4.18
C PRO A 21 21.60 4.80 2.86
N GLY A 22 20.71 5.40 2.11
CA GLY A 22 21.06 5.96 0.82
C GLY A 22 20.43 5.19 -0.32
N ASP A 23 19.91 4.02 -0.01
CA ASP A 23 19.30 3.14 -1.02
C ASP A 23 17.83 3.46 -1.18
N THR A 24 17.33 3.33 -2.38
CA THR A 24 15.93 3.51 -2.62
C THR A 24 15.24 2.15 -2.51
N VAL A 25 14.30 2.07 -1.61
CA VAL A 25 13.65 0.82 -1.28
C VAL A 25 12.18 0.85 -1.75
N LYS A 26 11.74 -0.26 -2.27
CA LYS A 26 10.40 -0.38 -2.74
C LYS A 26 9.69 -1.51 -1.98
N VAL A 27 8.63 -1.17 -1.29
CA VAL A 27 7.87 -2.12 -0.48
C VAL A 27 6.61 -2.54 -1.23
N PRO A 28 6.50 -3.79 -1.67
CA PRO A 28 5.31 -4.28 -2.34
C PRO A 28 4.18 -4.63 -1.35
N VAL A 29 3.02 -4.06 -1.58
CA VAL A 29 1.85 -4.33 -0.78
C VAL A 29 1.11 -5.49 -1.45
N THR A 30 0.86 -6.54 -0.72
CA THR A 30 0.26 -7.73 -1.27
C THR A 30 -1.23 -7.76 -0.94
N ILE A 31 -2.04 -7.99 -1.93
CA ILE A 31 -3.47 -8.10 -1.74
C ILE A 31 -3.86 -9.53 -2.11
N SER A 32 -4.74 -10.14 -1.35
CA SER A 32 -5.14 -11.52 -1.62
C SER A 32 -6.61 -11.78 -1.26
N GLN A 33 -7.20 -12.77 -1.94
CA GLN A 33 -8.55 -13.29 -1.68
C GLN A 33 -9.70 -12.31 -1.92
N VAL A 34 -9.46 -11.35 -2.78
CA VAL A 34 -10.49 -10.42 -3.17
C VAL A 34 -11.36 -11.02 -4.29
N SER A 35 -12.56 -11.39 -3.94
CA SER A 35 -13.46 -11.91 -4.91
C SER A 35 -14.52 -10.86 -5.24
N THR A 36 -14.91 -10.08 -4.24
CA THR A 36 -15.85 -8.99 -4.43
C THR A 36 -15.08 -7.88 -5.13
N PRO A 37 -15.57 -7.32 -6.27
CA PRO A 37 -14.84 -6.25 -6.93
C PRO A 37 -14.76 -5.01 -6.03
N VAL A 38 -13.55 -4.59 -5.76
CA VAL A 38 -13.33 -3.48 -4.89
C VAL A 38 -13.35 -2.15 -5.65
N GLY A 39 -13.97 -1.14 -5.05
CA GLY A 39 -14.10 0.12 -5.72
C GLY A 39 -13.36 1.24 -5.03
N LEU A 40 -13.12 1.11 -3.73
CA LEU A 40 -12.44 2.15 -2.98
C LEU A 40 -11.50 1.54 -1.94
N ILE A 41 -10.22 1.70 -2.14
CA ILE A 41 -9.22 1.26 -1.20
C ILE A 41 -8.55 2.49 -0.59
N CYS A 42 -8.72 2.68 0.66
CA CYS A 42 -8.13 3.78 1.37
C CYS A 42 -7.16 3.22 2.38
N MET A 43 -6.01 3.84 2.50
CA MET A 43 -5.03 3.46 3.50
C MET A 43 -4.21 4.69 3.86
N ASP A 44 -3.66 4.70 5.03
CA ASP A 44 -2.87 5.82 5.50
C ASP A 44 -1.64 5.28 6.18
N ILE A 45 -0.50 5.53 5.57
CA ILE A 45 0.75 4.99 6.00
C ILE A 45 1.51 6.03 6.77
N SER A 46 1.86 5.73 7.97
CA SER A 46 2.68 6.58 8.74
C SER A 46 4.04 5.91 8.84
N TYR A 47 5.08 6.69 8.83
CA TYR A 47 6.42 6.15 8.85
C TYR A 47 7.37 7.13 9.49
N ASP A 48 8.58 6.69 9.74
CA ASP A 48 9.62 7.52 10.30
C ASP A 48 10.17 8.42 9.20
N ALA A 49 9.95 9.71 9.31
CA ALA A 49 10.32 10.66 8.26
C ALA A 49 11.79 11.06 8.31
N SER A 50 12.49 10.65 9.34
CA SER A 50 13.88 10.95 9.45
C SER A 50 14.65 9.88 8.69
N LYS A 51 14.15 8.66 8.78
CA LYS A 51 14.73 7.53 8.10
C LYS A 51 14.27 7.42 6.64
N PHE A 52 13.00 7.62 6.39
CA PHE A 52 12.49 7.40 5.06
C PHE A 52 11.88 8.64 4.48
N THR A 53 11.87 8.71 3.19
CA THR A 53 11.25 9.77 2.47
C THR A 53 10.54 9.19 1.26
N VAL A 54 9.22 9.24 1.25
CA VAL A 54 8.47 8.72 0.13
C VAL A 54 8.56 9.68 -1.05
N LYS A 55 8.76 9.14 -2.21
CA LYS A 55 8.75 9.94 -3.40
C LYS A 55 7.42 9.80 -4.08
N ASP A 56 7.09 8.58 -4.37
CA ASP A 56 5.92 8.25 -5.11
C ASP A 56 5.66 6.79 -4.90
N VAL A 57 4.54 6.32 -5.35
CA VAL A 57 4.23 4.92 -5.24
C VAL A 57 3.84 4.43 -6.61
N LEU A 58 4.14 3.20 -6.90
CA LEU A 58 3.83 2.63 -8.18
C LEU A 58 2.62 1.75 -8.03
N PRO A 59 1.52 2.04 -8.73
CA PRO A 59 0.33 1.22 -8.65
C PRO A 59 0.40 0.01 -9.56
N ASN A 60 -0.27 -1.04 -9.17
CA ASN A 60 -0.42 -2.18 -10.04
C ASN A 60 -1.43 -1.80 -11.12
N THR A 61 -0.98 -1.83 -12.36
CA THR A 61 -1.78 -1.38 -13.49
C THR A 61 -2.73 -2.48 -13.99
N ASP A 62 -2.73 -3.59 -13.31
CA ASP A 62 -3.59 -4.71 -13.62
C ASP A 62 -4.88 -4.56 -12.84
N LEU A 63 -4.75 -4.15 -11.62
CA LEU A 63 -5.84 -3.93 -10.71
C LEU A 63 -6.35 -2.53 -10.90
N VAL A 64 -5.50 -1.57 -10.57
CA VAL A 64 -5.82 -0.18 -10.63
C VAL A 64 -5.60 0.28 -12.06
N LYS A 65 -6.66 0.52 -12.75
CA LYS A 65 -6.60 0.86 -14.14
C LYS A 65 -7.22 2.22 -14.35
N ASP A 66 -6.90 2.83 -15.50
CA ASP A 66 -7.44 4.13 -15.94
C ASP A 66 -7.05 5.26 -14.96
N THR A 67 -5.87 5.06 -14.35
CA THR A 67 -5.31 5.87 -13.27
C THR A 67 -5.32 7.39 -13.49
N ASP A 68 -5.17 7.81 -14.75
CA ASP A 68 -5.08 9.24 -15.10
C ASP A 68 -6.41 9.97 -14.95
N ASN A 69 -7.49 9.23 -14.79
CA ASN A 69 -8.81 9.82 -14.57
C ASN A 69 -9.10 10.00 -13.09
N TYR A 70 -8.00 10.09 -12.32
CA TYR A 70 -8.00 10.33 -10.87
C TYR A 70 -8.55 9.10 -10.15
N SER A 71 -8.28 7.96 -10.72
CA SER A 71 -8.61 6.68 -10.10
C SER A 71 -7.47 6.33 -9.11
N PHE A 72 -6.35 6.99 -9.32
CA PHE A 72 -5.15 6.86 -8.54
C PHE A 72 -5.00 8.11 -7.68
N ILE A 73 -5.24 7.98 -6.40
CA ILE A 73 -5.17 9.13 -5.51
C ILE A 73 -4.06 8.91 -4.50
N VAL A 74 -3.00 9.62 -4.64
CA VAL A 74 -1.93 9.57 -3.67
C VAL A 74 -1.71 10.96 -3.14
N ASN A 75 -2.02 11.13 -1.91
CA ASN A 75 -1.83 12.38 -1.25
C ASN A 75 -0.57 12.32 -0.43
N THR A 76 0.43 13.04 -0.86
CA THR A 76 1.64 13.15 -0.14
C THR A 76 1.39 14.04 1.07
N SER A 77 1.15 13.39 2.17
CA SER A 77 0.77 14.04 3.38
C SER A 77 2.02 14.55 4.10
N THR A 78 1.78 15.26 5.17
CA THR A 78 2.79 15.84 6.03
C THR A 78 3.84 14.76 6.41
N PRO A 79 5.17 15.12 6.39
CA PRO A 79 6.29 14.21 6.67
C PRO A 79 5.99 13.15 7.74
N GLY A 80 6.00 11.92 7.30
CA GLY A 80 5.69 10.82 8.16
C GLY A 80 4.32 10.22 7.86
N LYS A 81 3.62 10.74 6.84
CA LYS A 81 2.35 10.18 6.39
C LYS A 81 2.19 10.16 4.87
N ILE A 82 1.49 9.15 4.40
CA ILE A 82 1.10 9.00 3.00
C ILE A 82 -0.35 8.58 3.01
N SER A 83 -1.21 9.35 2.42
CA SER A 83 -2.59 8.98 2.36
C SER A 83 -2.89 8.50 0.94
N ILE A 84 -3.14 7.21 0.79
CA ILE A 84 -3.34 6.62 -0.51
C ILE A 84 -4.77 6.11 -0.64
N THR A 85 -5.39 6.39 -1.75
CA THR A 85 -6.71 5.93 -2.04
C THR A 85 -6.79 5.48 -3.51
N PHE A 86 -7.19 4.27 -3.73
CA PHE A 86 -7.40 3.77 -5.06
C PHE A 86 -8.88 3.62 -5.23
N THR A 87 -9.47 4.45 -6.02
CA THR A 87 -10.87 4.36 -6.26
C THR A 87 -11.17 4.80 -7.67
N ASP A 88 -11.74 3.90 -8.44
CA ASP A 88 -12.04 4.17 -9.82
C ASP A 88 -13.52 4.46 -9.98
N PRO A 89 -13.86 5.58 -10.65
CA PRO A 89 -15.25 5.98 -10.86
C PRO A 89 -15.98 5.17 -11.97
N THR A 90 -15.26 4.28 -12.59
CA THR A 90 -15.77 3.47 -13.66
C THR A 90 -15.64 1.99 -13.31
N LEU A 91 -15.92 1.64 -12.04
CA LEU A 91 -15.74 0.26 -11.52
C LEU A 91 -16.44 -0.86 -12.32
N ALA A 92 -17.48 -0.52 -13.09
CA ALA A 92 -18.17 -1.50 -13.94
C ALA A 92 -17.30 -1.87 -15.12
N ASN A 93 -16.47 -0.94 -15.52
CA ASN A 93 -15.62 -1.08 -16.67
C ASN A 93 -14.24 -1.50 -16.22
N TYR A 94 -13.77 -0.91 -15.14
CA TYR A 94 -12.49 -1.28 -14.61
C TYR A 94 -12.67 -1.74 -13.18
N PRO A 95 -12.69 -3.04 -12.93
CA PRO A 95 -12.81 -3.55 -11.59
C PRO A 95 -11.49 -4.07 -11.03
N ILE A 96 -11.41 -4.13 -9.74
CA ILE A 96 -10.34 -4.83 -9.09
C ILE A 96 -10.98 -6.07 -8.51
N SER A 97 -10.96 -7.12 -9.29
CA SER A 97 -11.59 -8.36 -8.91
C SER A 97 -10.55 -9.46 -8.70
N VAL A 98 -9.32 -9.15 -8.98
CA VAL A 98 -8.24 -10.10 -8.84
C VAL A 98 -7.21 -9.53 -7.89
N ASP A 99 -6.32 -10.37 -7.44
CA ASP A 99 -5.31 -9.98 -6.47
C ASP A 99 -3.89 -10.10 -7.04
N GLY A 100 -2.93 -9.94 -6.15
CA GLY A 100 -1.54 -9.92 -6.51
C GLY A 100 -0.86 -8.83 -5.74
N ILE A 101 -0.12 -8.00 -6.41
CA ILE A 101 0.47 -6.84 -5.78
C ILE A 101 -0.50 -5.70 -5.96
N LEU A 102 -0.69 -4.89 -4.96
CA LEU A 102 -1.59 -3.76 -5.04
C LEU A 102 -0.84 -2.51 -5.47
N ALA A 103 0.24 -2.23 -4.75
CA ALA A 103 1.04 -1.06 -5.01
C ALA A 103 2.42 -1.28 -4.46
N TYR A 104 3.32 -0.44 -4.86
CA TYR A 104 4.68 -0.47 -4.43
C TYR A 104 5.01 0.86 -3.79
N LEU A 105 5.40 0.85 -2.55
CA LEU A 105 5.76 2.05 -1.83
C LEU A 105 7.24 2.32 -2.09
N ASP A 106 7.56 3.39 -2.79
CA ASP A 106 8.94 3.67 -3.18
C ASP A 106 9.51 4.81 -2.31
N PHE A 107 10.40 4.43 -1.40
CA PHE A 107 10.99 5.36 -0.43
C PHE A 107 12.48 5.48 -0.64
N ILE A 108 13.03 6.63 -0.36
CA ILE A 108 14.45 6.78 -0.29
C ILE A 108 14.81 6.61 1.18
N ILE A 109 15.75 5.76 1.46
CA ILE A 109 16.23 5.66 2.81
C ILE A 109 17.29 6.73 2.97
N ASN A 110 17.12 7.56 3.98
CA ASN A 110 18.04 8.65 4.24
C ASN A 110 19.42 8.07 4.54
N SER A 111 20.44 8.74 4.12
CA SER A 111 21.79 8.32 4.38
C SER A 111 22.12 8.51 5.87
N ASN A 112 21.32 9.34 6.53
CA ASN A 112 21.46 9.60 7.96
C ASN A 112 20.61 8.61 8.77
N ALA A 113 19.88 7.73 8.08
CA ALA A 113 19.05 6.74 8.74
C ALA A 113 19.92 5.70 9.38
N THR A 114 19.62 5.38 10.59
CA THR A 114 20.37 4.42 11.33
C THR A 114 19.83 3.02 10.99
N ALA A 115 20.68 2.02 11.14
CA ALA A 115 20.31 0.65 10.84
C ALA A 115 19.30 0.13 11.84
N GLY A 116 18.57 -0.85 11.44
CA GLY A 116 17.56 -1.42 12.26
C GLY A 116 16.29 -1.60 11.50
N ASP A 117 15.51 -2.52 11.92
CA ASP A 117 14.26 -2.81 11.30
C ASP A 117 13.24 -1.74 11.69
N SER A 118 12.79 -1.03 10.71
CA SER A 118 11.92 0.09 10.90
C SER A 118 10.56 -0.20 10.27
N ALA A 119 9.53 -0.13 11.09
CA ALA A 119 8.18 -0.50 10.68
C ALA A 119 7.37 0.68 10.16
N LEU A 120 6.58 0.43 9.17
CA LEU A 120 5.68 1.39 8.59
C LEU A 120 4.32 1.16 9.22
N THR A 121 3.86 2.11 9.96
CA THR A 121 2.64 2.01 10.69
C THR A 121 1.46 2.38 9.78
N VAL A 122 0.71 1.40 9.33
CA VAL A 122 -0.43 1.71 8.50
C VAL A 122 -1.67 1.63 9.37
N ASP A 123 -2.38 2.74 9.48
CA ASP A 123 -3.54 2.85 10.36
C ASP A 123 -4.73 2.06 9.82
N PRO A 124 -5.21 1.04 10.58
CA PRO A 124 -6.29 0.17 10.13
C PRO A 124 -7.69 0.81 10.19
N ALA A 125 -7.80 1.96 10.81
CA ALA A 125 -9.07 2.65 10.90
C ALA A 125 -9.25 3.56 9.70
N THR A 126 -8.15 4.15 9.25
CA THR A 126 -8.15 4.97 8.09
C THR A 126 -8.03 4.08 6.83
N LEU A 127 -7.71 2.82 7.07
CA LEU A 127 -7.62 1.84 6.02
C LEU A 127 -9.02 1.29 5.84
N ILE A 128 -9.56 1.51 4.68
CA ILE A 128 -10.91 1.12 4.34
C ILE A 128 -10.88 0.47 2.98
N VAL A 129 -11.36 -0.73 2.88
CA VAL A 129 -11.44 -1.42 1.62
C VAL A 129 -12.91 -1.66 1.35
N ALA A 130 -13.48 -0.76 0.60
CA ALA A 130 -14.88 -0.77 0.31
C ALA A 130 -15.11 -1.22 -1.10
N ASP A 131 -16.02 -2.11 -1.27
CA ASP A 131 -16.32 -2.69 -2.56
C ASP A 131 -17.32 -1.82 -3.34
N GLU A 132 -17.93 -2.39 -4.38
CA GLU A 132 -18.98 -1.73 -5.16
C GLU A 132 -20.20 -1.37 -4.25
N ASN A 133 -20.44 -2.21 -3.25
CA ASN A 133 -21.51 -2.07 -2.28
C ASN A 133 -21.04 -1.18 -1.11
N ASP A 134 -19.85 -0.59 -1.28
CA ASP A 134 -19.18 0.36 -0.34
C ASP A 134 -19.01 -0.18 1.07
N LYS A 135 -18.94 -1.48 1.21
CA LYS A 135 -18.80 -2.09 2.49
C LYS A 135 -17.37 -2.51 2.70
N ASP A 136 -16.84 -2.20 3.86
CA ASP A 136 -15.47 -2.55 4.18
C ASP A 136 -15.36 -4.02 4.49
N ILE A 137 -14.69 -4.71 3.64
CA ILE A 137 -14.47 -6.14 3.75
C ILE A 137 -12.99 -6.48 3.68
N LYS A 138 -12.26 -6.29 4.78
CA LYS A 138 -10.84 -6.54 4.75
C LYS A 138 -10.25 -7.05 6.05
N ASP A 139 -9.33 -7.99 5.93
CA ASP A 139 -8.47 -8.34 7.02
C ASP A 139 -7.24 -7.57 6.79
N ALA A 140 -7.02 -6.54 7.53
CA ALA A 140 -5.85 -5.79 7.27
C ALA A 140 -4.87 -5.92 8.37
N ALA A 141 -3.75 -6.42 8.03
CA ALA A 141 -2.64 -6.37 8.88
C ALA A 141 -1.66 -5.57 8.09
N SER A 142 -1.38 -4.40 8.53
CA SER A 142 -0.56 -3.55 7.78
C SER A 142 0.47 -2.89 8.64
N ASN A 143 1.64 -3.38 8.48
CA ASN A 143 2.80 -2.93 9.14
C ASN A 143 3.97 -3.51 8.39
N GLY A 144 4.27 -2.88 7.28
CA GLY A 144 5.37 -3.29 6.45
C GLY A 144 6.64 -2.89 7.11
N LYS A 145 7.67 -3.61 6.93
CA LYS A 145 8.86 -3.26 7.63
C LYS A 145 10.05 -3.26 6.73
N ILE A 146 10.79 -2.21 6.82
CA ILE A 146 11.98 -2.03 6.06
C ILE A 146 13.14 -2.27 7.00
N THR A 147 13.87 -3.28 6.71
CA THR A 147 14.97 -3.65 7.52
C THR A 147 16.22 -2.97 6.99
N VAL A 148 16.66 -1.96 7.67
CA VAL A 148 17.86 -1.29 7.30
C VAL A 148 19.01 -2.10 7.84
N THR A 149 19.71 -2.76 6.96
CA THR A 149 20.82 -3.57 7.34
C THR A 149 22.04 -2.71 7.55
N GLY A 150 22.26 -1.83 6.62
CA GLY A 150 23.33 -0.91 6.73
C GLY A 150 24.37 -1.16 5.69
N SER A 151 24.82 -0.10 5.07
CA SER A 151 25.88 -0.13 4.08
C SER A 151 27.19 -0.53 4.78
N ALA A 152 27.29 -0.11 6.01
CA ALA A 152 28.32 -0.50 6.90
C ALA A 152 27.64 -0.88 8.21
N PRO A 153 27.29 -2.18 8.40
CA PRO A 153 26.61 -2.63 9.58
C PRO A 153 27.54 -2.74 10.79
N THR A 154 27.46 -1.74 11.62
CA THR A 154 28.28 -1.66 12.80
C THR A 154 27.49 -2.15 14.01
N SER A 155 27.77 -3.36 14.42
CA SER A 155 27.20 -3.95 15.59
C SER A 155 28.19 -5.01 16.04
N GLY A 1 -20.74 -15.08 9.77
CA GLY A 1 -20.14 -15.50 8.52
C GLY A 1 -20.73 -14.74 7.37
N SER A 2 -21.17 -15.45 6.37
CA SER A 2 -21.75 -14.87 5.19
C SER A 2 -23.15 -14.32 5.50
N ALA A 3 -23.22 -13.02 5.68
CA ALA A 3 -24.44 -12.32 5.98
C ALA A 3 -24.65 -11.23 4.93
N SER A 4 -25.55 -10.28 5.21
CA SER A 4 -25.79 -9.15 4.33
C SER A 4 -24.57 -8.22 4.32
N VAL A 5 -23.71 -8.52 3.41
CA VAL A 5 -22.46 -7.87 3.18
C VAL A 5 -21.90 -8.48 1.92
N LYS A 6 -22.20 -9.81 1.76
CA LYS A 6 -21.80 -10.63 0.64
C LYS A 6 -20.26 -10.72 0.64
N ASN A 7 -19.69 -11.18 -0.46
CA ASN A 7 -18.26 -11.14 -0.73
C ASN A 7 -17.50 -12.12 0.14
N GLU A 8 -16.22 -11.93 0.19
CA GLU A 8 -15.32 -12.79 0.90
C GLU A 8 -14.54 -11.94 1.90
N THR A 9 -13.59 -12.54 2.54
CA THR A 9 -12.71 -11.81 3.41
C THR A 9 -11.43 -11.50 2.62
N VAL A 10 -11.30 -10.26 2.22
CA VAL A 10 -10.16 -9.82 1.46
C VAL A 10 -9.02 -9.54 2.41
N LYS A 11 -8.00 -10.32 2.29
CA LYS A 11 -6.87 -10.22 3.17
C LYS A 11 -5.87 -9.23 2.64
N LEU A 12 -5.68 -8.17 3.35
CA LEU A 12 -4.70 -7.20 3.00
C LEU A 12 -3.48 -7.48 3.84
N SER A 13 -2.34 -7.51 3.20
CA SER A 13 -1.14 -7.94 3.82
C SER A 13 0.00 -6.94 3.51
N VAL A 14 1.10 -7.16 4.17
CA VAL A 14 2.27 -6.34 4.10
C VAL A 14 3.48 -7.23 4.03
N GLY A 15 4.59 -6.69 3.64
CA GLY A 15 5.76 -7.48 3.51
C GLY A 15 6.96 -6.81 4.11
N THR A 16 8.01 -7.57 4.22
CA THR A 16 9.24 -7.12 4.80
C THR A 16 10.32 -7.10 3.73
N VAL A 17 10.91 -5.96 3.54
CA VAL A 17 11.95 -5.77 2.55
C VAL A 17 13.19 -5.23 3.22
N SER A 18 14.30 -5.38 2.59
CA SER A 18 15.54 -4.90 3.10
C SER A 18 16.04 -3.70 2.32
N GLY A 19 16.73 -2.81 3.01
CA GLY A 19 17.26 -1.63 2.37
C GLY A 19 18.51 -1.17 3.06
N ASN A 20 19.13 -0.15 2.51
CA ASN A 20 20.37 0.40 3.05
C ASN A 20 20.25 1.91 3.12
N PRO A 21 20.97 2.59 4.05
CA PRO A 21 20.96 4.05 4.16
C PRO A 21 21.51 4.72 2.90
N GLY A 22 20.65 5.41 2.19
CA GLY A 22 21.04 6.07 0.95
C GLY A 22 20.45 5.37 -0.24
N ASP A 23 20.05 4.14 -0.05
CA ASP A 23 19.53 3.28 -1.12
C ASP A 23 18.01 3.45 -1.23
N THR A 24 17.50 3.30 -2.43
CA THR A 24 16.07 3.39 -2.66
C THR A 24 15.45 2.02 -2.33
N VAL A 25 14.33 2.03 -1.65
CA VAL A 25 13.70 0.80 -1.24
C VAL A 25 12.25 0.78 -1.73
N LYS A 26 11.76 -0.39 -2.03
CA LYS A 26 10.42 -0.56 -2.53
C LYS A 26 9.67 -1.52 -1.62
N VAL A 27 8.54 -1.10 -1.11
CA VAL A 27 7.74 -1.93 -0.22
C VAL A 27 6.42 -2.31 -0.91
N PRO A 28 6.20 -3.59 -1.19
CA PRO A 28 4.98 -4.04 -1.82
C PRO A 28 3.81 -4.25 -0.83
N VAL A 29 2.70 -3.64 -1.13
CA VAL A 29 1.49 -3.82 -0.36
C VAL A 29 0.75 -4.97 -1.01
N THR A 30 0.63 -6.05 -0.32
CA THR A 30 0.08 -7.25 -0.89
C THR A 30 -1.39 -7.41 -0.52
N ILE A 31 -2.18 -7.84 -1.47
CA ILE A 31 -3.59 -8.08 -1.25
C ILE A 31 -3.87 -9.52 -1.71
N SER A 32 -4.65 -10.25 -0.96
CA SER A 32 -4.92 -11.62 -1.28
C SER A 32 -6.40 -11.95 -1.06
N GLN A 33 -6.86 -13.02 -1.75
CA GLN A 33 -8.19 -13.63 -1.57
C GLN A 33 -9.34 -12.80 -2.13
N VAL A 34 -9.04 -11.81 -2.94
CA VAL A 34 -10.09 -10.99 -3.50
C VAL A 34 -10.56 -11.56 -4.84
N SER A 35 -11.82 -11.94 -4.91
CA SER A 35 -12.42 -12.44 -6.11
C SER A 35 -13.53 -11.50 -6.59
N THR A 36 -14.18 -10.83 -5.66
CA THR A 36 -15.18 -9.81 -5.95
C THR A 36 -14.42 -8.54 -6.42
N PRO A 37 -14.90 -7.79 -7.44
CA PRO A 37 -14.20 -6.58 -7.85
C PRO A 37 -14.24 -5.51 -6.75
N VAL A 38 -13.06 -5.09 -6.34
CA VAL A 38 -12.90 -4.03 -5.39
C VAL A 38 -12.81 -2.71 -6.15
N GLY A 39 -13.26 -1.62 -5.55
CA GLY A 39 -13.23 -0.37 -6.28
C GLY A 39 -12.87 0.84 -5.42
N LEU A 40 -12.94 0.71 -4.11
CA LEU A 40 -12.68 1.84 -3.26
C LEU A 40 -11.70 1.43 -2.16
N ILE A 41 -10.51 1.96 -2.21
CA ILE A 41 -9.47 1.67 -1.23
C ILE A 41 -8.90 2.99 -0.70
N CYS A 42 -8.60 3.04 0.58
CA CYS A 42 -7.96 4.17 1.22
C CYS A 42 -7.04 3.61 2.28
N MET A 43 -5.88 4.22 2.50
CA MET A 43 -4.94 3.76 3.51
C MET A 43 -4.00 4.88 3.95
N ASP A 44 -3.52 4.78 5.17
CA ASP A 44 -2.61 5.74 5.77
C ASP A 44 -1.31 5.04 6.04
N ILE A 45 -0.24 5.51 5.50
CA ILE A 45 1.04 4.91 5.77
C ILE A 45 1.83 5.87 6.65
N SER A 46 2.00 5.51 7.88
CA SER A 46 2.79 6.28 8.78
C SER A 46 4.20 5.67 8.83
N TYR A 47 5.18 6.48 8.57
CA TYR A 47 6.57 6.05 8.45
C TYR A 47 7.45 7.05 9.19
N ASP A 48 8.72 6.74 9.34
CA ASP A 48 9.65 7.65 9.98
C ASP A 48 10.11 8.68 8.96
N ALA A 49 9.71 9.91 9.20
CA ALA A 49 9.97 11.04 8.29
C ALA A 49 11.45 11.36 8.10
N SER A 50 12.24 11.09 9.09
CA SER A 50 13.63 11.41 9.03
C SER A 50 14.45 10.27 8.44
N LYS A 51 13.96 9.06 8.57
CA LYS A 51 14.66 7.90 8.12
C LYS A 51 14.33 7.59 6.66
N PHE A 52 13.09 7.87 6.26
CA PHE A 52 12.66 7.57 4.91
C PHE A 52 12.10 8.80 4.25
N THR A 53 12.31 8.87 2.99
CA THR A 53 11.79 9.93 2.18
C THR A 53 10.98 9.31 1.04
N VAL A 54 9.69 9.53 1.03
CA VAL A 54 8.86 8.95 -0.01
C VAL A 54 8.89 9.85 -1.24
N LYS A 55 9.04 9.24 -2.39
CA LYS A 55 9.04 9.97 -3.61
C LYS A 55 7.66 9.93 -4.21
N ASP A 56 7.21 8.73 -4.42
CA ASP A 56 6.00 8.44 -5.11
C ASP A 56 5.73 7.00 -4.86
N VAL A 57 4.58 6.55 -5.25
CA VAL A 57 4.27 5.16 -5.11
C VAL A 57 3.89 4.64 -6.46
N LEU A 58 4.27 3.44 -6.73
CA LEU A 58 4.02 2.84 -8.01
C LEU A 58 2.86 1.88 -7.88
N PRO A 59 1.73 2.16 -8.50
CA PRO A 59 0.57 1.31 -8.41
C PRO A 59 0.74 0.09 -9.31
N ASN A 60 0.24 -1.02 -8.88
CA ASN A 60 0.29 -2.20 -9.71
C ASN A 60 -0.76 -2.08 -10.77
N THR A 61 -0.31 -1.88 -11.98
CA THR A 61 -1.16 -1.64 -13.13
C THR A 61 -1.90 -2.90 -13.57
N ASP A 62 -1.59 -4.02 -12.93
CA ASP A 62 -2.31 -5.25 -13.18
C ASP A 62 -3.65 -5.20 -12.46
N LEU A 63 -3.67 -4.47 -11.36
CA LEU A 63 -4.89 -4.32 -10.60
C LEU A 63 -5.52 -2.98 -10.90
N VAL A 64 -4.81 -1.93 -10.56
CA VAL A 64 -5.28 -0.57 -10.77
C VAL A 64 -5.01 -0.22 -12.22
N LYS A 65 -6.05 0.00 -12.98
CA LYS A 65 -5.89 0.22 -14.38
C LYS A 65 -6.51 1.53 -14.73
N ASP A 66 -5.83 2.26 -15.62
CA ASP A 66 -6.29 3.56 -16.14
C ASP A 66 -6.44 4.54 -14.99
N THR A 67 -5.32 4.85 -14.41
CA THR A 67 -5.19 5.63 -13.21
C THR A 67 -5.74 7.07 -13.35
N ASP A 68 -5.80 7.55 -14.59
CA ASP A 68 -6.25 8.91 -14.93
C ASP A 68 -7.73 9.16 -14.59
N ASN A 69 -8.49 8.08 -14.38
CA ASN A 69 -9.94 8.15 -14.01
C ASN A 69 -10.13 8.60 -12.56
N TYR A 70 -9.06 9.10 -11.96
CA TYR A 70 -8.98 9.49 -10.56
C TYR A 70 -9.04 8.23 -9.73
N SER A 71 -8.42 7.18 -10.29
CA SER A 71 -8.31 5.90 -9.62
C SER A 71 -7.06 5.96 -8.74
N PHE A 72 -6.10 6.75 -9.16
CA PHE A 72 -4.85 6.93 -8.44
C PHE A 72 -4.88 8.24 -7.67
N ILE A 73 -5.01 8.15 -6.37
CA ILE A 73 -5.02 9.32 -5.52
C ILE A 73 -3.88 9.19 -4.52
N VAL A 74 -2.92 10.06 -4.61
CA VAL A 74 -1.83 10.06 -3.66
C VAL A 74 -1.64 11.46 -3.17
N ASN A 75 -1.92 11.64 -1.91
CA ASN A 75 -1.77 12.90 -1.26
C ASN A 75 -0.53 12.83 -0.40
N THR A 76 0.42 13.66 -0.70
CA THR A 76 1.62 13.71 0.04
C THR A 76 1.36 14.61 1.26
N SER A 77 1.01 13.99 2.34
CA SER A 77 0.69 14.67 3.55
C SER A 77 1.99 15.01 4.29
N THR A 78 1.85 15.72 5.40
CA THR A 78 2.95 16.13 6.25
C THR A 78 3.87 14.90 6.56
N PRO A 79 5.24 15.10 6.43
CA PRO A 79 6.23 14.04 6.62
C PRO A 79 5.93 13.11 7.79
N GLY A 80 6.00 11.84 7.53
CA GLY A 80 5.64 10.86 8.51
C GLY A 80 4.34 10.19 8.15
N LYS A 81 3.55 10.80 7.26
CA LYS A 81 2.33 10.20 6.76
C LYS A 81 2.18 10.32 5.25
N ILE A 82 1.72 9.24 4.65
CA ILE A 82 1.39 9.21 3.25
C ILE A 82 -0.09 8.86 3.18
N SER A 83 -0.84 9.60 2.44
CA SER A 83 -2.23 9.31 2.30
C SER A 83 -2.47 8.76 0.89
N ILE A 84 -2.79 7.50 0.81
CA ILE A 84 -2.98 6.86 -0.46
C ILE A 84 -4.42 6.40 -0.58
N THR A 85 -5.00 6.65 -1.70
CA THR A 85 -6.36 6.29 -1.94
C THR A 85 -6.49 5.79 -3.40
N PHE A 86 -7.21 4.72 -3.58
CA PHE A 86 -7.48 4.20 -4.90
C PHE A 86 -8.96 4.04 -5.03
N THR A 87 -9.58 4.86 -5.80
CA THR A 87 -11.00 4.75 -5.97
C THR A 87 -11.29 4.78 -7.45
N ASP A 88 -11.87 3.76 -7.96
CA ASP A 88 -12.14 3.75 -9.37
C ASP A 88 -13.62 3.83 -9.62
N PRO A 89 -14.06 4.92 -10.28
CA PRO A 89 -15.47 5.12 -10.64
C PRO A 89 -15.85 4.30 -11.87
N THR A 90 -14.88 3.62 -12.39
CA THR A 90 -14.98 2.87 -13.59
C THR A 90 -14.95 1.36 -13.28
N LEU A 91 -15.31 1.00 -12.03
CA LEU A 91 -15.23 -0.40 -11.54
C LEU A 91 -16.04 -1.43 -12.34
N ALA A 92 -16.98 -0.97 -13.15
CA ALA A 92 -17.76 -1.84 -14.01
C ALA A 92 -16.95 -2.22 -15.26
N ASN A 93 -16.04 -1.35 -15.64
CA ASN A 93 -15.22 -1.56 -16.83
C ASN A 93 -13.86 -2.06 -16.45
N TYR A 94 -13.37 -1.65 -15.28
CA TYR A 94 -12.13 -2.18 -14.76
C TYR A 94 -12.43 -2.84 -13.43
N PRO A 95 -12.51 -4.16 -13.41
CA PRO A 95 -12.77 -4.87 -12.20
C PRO A 95 -11.48 -5.38 -11.54
N ILE A 96 -11.17 -4.89 -10.37
CA ILE A 96 -10.06 -5.44 -9.64
C ILE A 96 -10.61 -6.63 -8.86
N SER A 97 -10.59 -7.76 -9.48
CA SER A 97 -11.18 -8.95 -8.92
C SER A 97 -10.14 -10.05 -8.79
N VAL A 98 -8.91 -9.66 -8.92
CA VAL A 98 -7.79 -10.54 -8.77
C VAL A 98 -6.86 -9.94 -7.75
N ASP A 99 -6.01 -10.75 -7.18
CA ASP A 99 -5.11 -10.30 -6.13
C ASP A 99 -3.67 -10.18 -6.59
N GLY A 100 -2.79 -9.87 -5.65
CA GLY A 100 -1.40 -9.68 -5.94
C GLY A 100 -0.87 -8.53 -5.15
N ILE A 101 -0.13 -7.67 -5.76
CA ILE A 101 0.33 -6.47 -5.09
C ILE A 101 -0.58 -5.32 -5.49
N LEU A 102 -0.95 -4.49 -4.55
CA LEU A 102 -1.81 -3.37 -4.84
C LEU A 102 -0.96 -2.18 -5.31
N ALA A 103 0.03 -1.84 -4.52
CA ALA A 103 0.91 -0.73 -4.81
C ALA A 103 2.26 -0.97 -4.20
N TYR A 104 3.24 -0.33 -4.74
CA TYR A 104 4.58 -0.38 -4.27
C TYR A 104 4.95 0.98 -3.70
N LEU A 105 5.33 1.00 -2.47
CA LEU A 105 5.74 2.22 -1.81
C LEU A 105 7.21 2.42 -2.13
N ASP A 106 7.54 3.50 -2.79
CA ASP A 106 8.91 3.68 -3.22
C ASP A 106 9.57 4.81 -2.43
N PHE A 107 10.43 4.43 -1.51
CA PHE A 107 11.08 5.35 -0.59
C PHE A 107 12.56 5.42 -0.87
N ILE A 108 13.15 6.51 -0.50
CA ILE A 108 14.58 6.64 -0.46
C ILE A 108 14.92 6.55 1.00
N ILE A 109 15.88 5.76 1.34
CA ILE A 109 16.31 5.72 2.71
C ILE A 109 17.36 6.80 2.88
N ASN A 110 17.27 7.53 3.96
CA ASN A 110 18.21 8.59 4.26
C ASN A 110 19.57 7.95 4.55
N SER A 111 20.65 8.58 4.14
CA SER A 111 21.98 8.06 4.39
C SER A 111 22.35 8.25 5.87
N ASN A 112 21.64 9.14 6.54
CA ASN A 112 21.84 9.41 7.96
C ASN A 112 21.03 8.41 8.82
N ALA A 113 20.29 7.54 8.15
CA ALA A 113 19.46 6.56 8.81
C ALA A 113 20.29 5.44 9.43
N THR A 114 19.81 4.91 10.51
CA THR A 114 20.50 3.88 11.25
C THR A 114 19.99 2.49 10.79
N ALA A 115 20.78 1.45 11.02
CA ALA A 115 20.40 0.11 10.62
C ALA A 115 19.45 -0.50 11.65
N GLY A 116 18.67 -1.44 11.21
CA GLY A 116 17.69 -2.08 12.05
C GLY A 116 16.34 -2.07 11.37
N ASP A 117 15.38 -2.73 11.97
CA ASP A 117 14.05 -2.81 11.43
C ASP A 117 13.29 -1.53 11.59
N SER A 118 12.63 -1.14 10.55
CA SER A 118 11.84 0.05 10.56
C SER A 118 10.45 -0.30 10.10
N ALA A 119 9.50 -0.24 10.99
CA ALA A 119 8.15 -0.62 10.67
C ALA A 119 7.35 0.57 10.17
N LEU A 120 6.55 0.32 9.18
CA LEU A 120 5.68 1.30 8.60
C LEU A 120 4.30 1.00 9.11
N THR A 121 3.77 1.89 9.87
CA THR A 121 2.50 1.66 10.50
C THR A 121 1.39 2.11 9.59
N VAL A 122 0.73 1.16 8.97
CA VAL A 122 -0.38 1.49 8.12
C VAL A 122 -1.61 1.42 9.00
N ASP A 123 -2.30 2.53 9.09
CA ASP A 123 -3.46 2.66 9.96
C ASP A 123 -4.67 1.94 9.41
N PRO A 124 -5.14 0.84 10.06
CA PRO A 124 -6.28 0.06 9.59
C PRO A 124 -7.63 0.74 9.82
N ALA A 125 -7.67 1.78 10.64
CA ALA A 125 -8.92 2.45 10.97
C ALA A 125 -9.37 3.38 9.84
N THR A 126 -8.41 4.07 9.25
CA THR A 126 -8.68 4.94 8.13
C THR A 126 -8.37 4.22 6.82
N LEU A 127 -8.15 2.92 6.94
CA LEU A 127 -7.90 2.07 5.83
C LEU A 127 -9.24 1.51 5.44
N ILE A 128 -9.61 1.71 4.23
CA ILE A 128 -10.90 1.31 3.74
C ILE A 128 -10.69 0.46 2.52
N VAL A 129 -11.29 -0.70 2.50
CA VAL A 129 -11.27 -1.54 1.31
C VAL A 129 -12.70 -1.96 1.05
N ALA A 130 -13.33 -1.24 0.19
CA ALA A 130 -14.71 -1.45 -0.13
C ALA A 130 -14.85 -1.86 -1.58
N ASP A 131 -15.71 -2.78 -1.81
CA ASP A 131 -15.95 -3.33 -3.13
C ASP A 131 -17.06 -2.55 -3.85
N GLU A 132 -17.65 -3.16 -4.87
CA GLU A 132 -18.77 -2.59 -5.61
C GLU A 132 -20.07 -2.51 -4.75
N ASN A 133 -20.12 -3.29 -3.68
CA ASN A 133 -21.24 -3.24 -2.71
C ASN A 133 -20.92 -2.21 -1.63
N ASP A 134 -19.72 -1.59 -1.76
CA ASP A 134 -19.21 -0.52 -0.89
C ASP A 134 -19.01 -1.04 0.54
N LYS A 135 -18.76 -2.31 0.63
CA LYS A 135 -18.62 -2.93 1.90
C LYS A 135 -17.18 -3.17 2.21
N ASP A 136 -16.76 -2.75 3.38
CA ASP A 136 -15.40 -2.97 3.82
C ASP A 136 -15.27 -4.42 4.25
N ILE A 137 -14.64 -5.18 3.41
CA ILE A 137 -14.54 -6.63 3.55
C ILE A 137 -13.11 -7.07 3.80
N LYS A 138 -12.37 -6.28 4.52
CA LYS A 138 -10.95 -6.57 4.63
C LYS A 138 -10.56 -7.18 5.98
N ASP A 139 -9.74 -8.18 5.88
CA ASP A 139 -8.94 -8.67 6.99
C ASP A 139 -7.62 -7.99 6.80
N ALA A 140 -7.33 -7.00 7.57
CA ALA A 140 -6.15 -6.24 7.30
C ALA A 140 -5.26 -6.13 8.47
N ALA A 141 -4.07 -6.61 8.31
CA ALA A 141 -3.02 -6.42 9.24
C ALA A 141 -1.96 -5.69 8.48
N SER A 142 -1.71 -4.48 8.83
CA SER A 142 -0.83 -3.70 8.06
C SER A 142 0.25 -3.02 8.88
N ASN A 143 1.44 -3.54 8.75
CA ASN A 143 2.64 -3.02 9.35
C ASN A 143 3.80 -3.55 8.55
N GLY A 144 4.12 -2.83 7.48
CA GLY A 144 5.23 -3.20 6.62
C GLY A 144 6.53 -2.97 7.32
N LYS A 145 7.57 -3.59 6.90
CA LYS A 145 8.80 -3.43 7.62
C LYS A 145 9.98 -3.41 6.68
N ILE A 146 10.80 -2.42 6.86
CA ILE A 146 12.00 -2.24 6.09
C ILE A 146 13.17 -2.52 7.00
N THR A 147 13.84 -3.58 6.73
CA THR A 147 14.99 -3.95 7.48
C THR A 147 16.20 -3.26 6.87
N VAL A 148 16.69 -2.25 7.53
CA VAL A 148 17.87 -1.59 7.10
C VAL A 148 19.03 -2.43 7.59
N THR A 149 19.74 -3.01 6.69
CA THR A 149 20.75 -3.99 7.03
C THR A 149 22.05 -3.37 7.52
N GLY A 150 22.55 -2.41 6.81
CA GLY A 150 23.75 -1.77 7.24
C GLY A 150 24.22 -0.77 6.24
N SER A 151 25.09 0.08 6.65
CA SER A 151 25.60 1.11 5.79
C SER A 151 26.80 0.58 5.01
N ALA A 152 26.81 0.86 3.73
CA ALA A 152 27.93 0.51 2.89
C ALA A 152 29.07 1.48 3.18
N PRO A 153 30.34 1.11 2.91
CA PRO A 153 31.48 2.00 3.09
C PRO A 153 31.28 3.32 2.34
N THR A 154 31.15 4.40 3.11
CA THR A 154 30.88 5.74 2.60
C THR A 154 29.43 5.85 2.10
N SER A 155 28.55 6.23 2.98
CA SER A 155 27.17 6.49 2.66
C SER A 155 26.71 7.69 3.50
N GLY A 1 -34.01 -15.48 7.89
CA GLY A 1 -34.55 -15.33 6.54
C GLY A 1 -33.48 -15.64 5.52
N SER A 2 -33.82 -15.50 4.27
CA SER A 2 -32.88 -15.74 3.22
C SER A 2 -32.21 -14.42 2.84
N ALA A 3 -30.97 -14.28 3.21
CA ALA A 3 -30.22 -13.08 2.93
C ALA A 3 -29.15 -13.37 1.92
N SER A 4 -29.00 -12.49 0.96
CA SER A 4 -28.00 -12.65 -0.05
C SER A 4 -26.72 -11.99 0.40
N VAL A 5 -25.99 -12.70 1.24
CA VAL A 5 -24.73 -12.22 1.75
C VAL A 5 -23.66 -12.55 0.74
N LYS A 6 -23.01 -11.54 0.23
CA LYS A 6 -21.99 -11.71 -0.76
C LYS A 6 -20.61 -11.45 -0.18
N ASN A 7 -19.64 -11.45 -1.10
CA ASN A 7 -18.28 -11.01 -0.88
C ASN A 7 -17.40 -12.01 -0.18
N GLU A 8 -16.14 -11.72 -0.26
CA GLU A 8 -15.07 -12.56 0.22
C GLU A 8 -14.32 -11.84 1.32
N THR A 9 -13.19 -12.37 1.70
CA THR A 9 -12.33 -11.75 2.63
C THR A 9 -11.12 -11.22 1.86
N VAL A 10 -11.09 -9.93 1.65
CA VAL A 10 -10.03 -9.29 0.90
C VAL A 10 -8.89 -9.00 1.84
N LYS A 11 -7.86 -9.73 1.69
CA LYS A 11 -6.74 -9.68 2.57
C LYS A 11 -5.73 -8.65 2.12
N LEU A 12 -5.30 -7.84 3.03
CA LEU A 12 -4.18 -6.99 2.79
C LEU A 12 -3.02 -7.54 3.55
N SER A 13 -1.98 -7.81 2.85
CA SER A 13 -0.82 -8.42 3.42
C SER A 13 0.40 -7.53 3.16
N VAL A 14 1.33 -7.58 4.06
CA VAL A 14 2.55 -6.82 3.99
C VAL A 14 3.73 -7.74 4.22
N GLY A 15 4.88 -7.32 3.82
CA GLY A 15 6.05 -8.13 3.99
C GLY A 15 7.20 -7.30 4.48
N THR A 16 8.34 -7.91 4.55
CA THR A 16 9.52 -7.27 5.03
C THR A 16 10.59 -7.25 3.95
N VAL A 17 11.16 -6.11 3.73
CA VAL A 17 12.19 -5.91 2.76
C VAL A 17 13.39 -5.30 3.44
N SER A 18 14.53 -5.45 2.87
CA SER A 18 15.73 -4.91 3.41
C SER A 18 16.17 -3.67 2.62
N GLY A 19 16.84 -2.76 3.30
CA GLY A 19 17.28 -1.57 2.65
C GLY A 19 18.54 -1.02 3.28
N ASN A 20 19.21 -0.12 2.59
CA ASN A 20 20.44 0.48 3.07
C ASN A 20 20.39 2.00 2.89
N PRO A 21 21.06 2.79 3.79
CA PRO A 21 21.08 4.27 3.71
C PRO A 21 21.61 4.79 2.35
N GLY A 22 20.76 5.51 1.64
CA GLY A 22 21.14 6.05 0.36
C GLY A 22 20.49 5.30 -0.79
N ASP A 23 20.01 4.11 -0.51
CA ASP A 23 19.40 3.29 -1.53
C ASP A 23 17.89 3.56 -1.57
N THR A 24 17.23 3.15 -2.62
CA THR A 24 15.83 3.35 -2.76
C THR A 24 15.15 2.00 -2.54
N VAL A 25 14.26 1.93 -1.59
CA VAL A 25 13.67 0.67 -1.21
C VAL A 25 12.21 0.62 -1.63
N LYS A 26 11.76 -0.54 -2.04
CA LYS A 26 10.43 -0.75 -2.51
C LYS A 26 9.71 -1.76 -1.64
N VAL A 27 8.61 -1.35 -1.06
CA VAL A 27 7.79 -2.22 -0.23
C VAL A 27 6.49 -2.55 -0.99
N PRO A 28 6.24 -3.81 -1.31
CA PRO A 28 5.02 -4.20 -2.01
C PRO A 28 3.81 -4.38 -1.05
N VAL A 29 2.72 -3.73 -1.40
CA VAL A 29 1.48 -3.89 -0.67
C VAL A 29 0.73 -5.02 -1.35
N THR A 30 0.38 -6.02 -0.62
CA THR A 30 -0.23 -7.18 -1.21
C THR A 30 -1.72 -7.24 -0.88
N ILE A 31 -2.50 -7.62 -1.86
CA ILE A 31 -3.92 -7.80 -1.72
C ILE A 31 -4.22 -9.23 -2.16
N SER A 32 -5.07 -9.94 -1.45
CA SER A 32 -5.36 -11.32 -1.77
C SER A 32 -6.83 -11.70 -1.56
N GLN A 33 -7.28 -12.65 -2.40
CA GLN A 33 -8.63 -13.28 -2.39
C GLN A 33 -9.74 -12.37 -2.92
N VAL A 34 -9.40 -11.31 -3.58
CA VAL A 34 -10.43 -10.42 -4.09
C VAL A 34 -11.01 -10.95 -5.42
N SER A 35 -12.30 -11.24 -5.44
CA SER A 35 -12.96 -11.75 -6.64
C SER A 35 -14.03 -10.75 -7.09
N THR A 36 -14.73 -10.17 -6.14
CA THR A 36 -15.65 -9.10 -6.40
C THR A 36 -14.79 -7.86 -6.65
N PRO A 37 -15.02 -7.06 -7.74
CA PRO A 37 -14.17 -5.91 -8.03
C PRO A 37 -14.11 -4.93 -6.88
N VAL A 38 -12.89 -4.66 -6.45
CA VAL A 38 -12.66 -3.74 -5.38
C VAL A 38 -12.52 -2.35 -5.96
N GLY A 39 -13.18 -1.39 -5.37
CA GLY A 39 -13.15 -0.06 -5.91
C GLY A 39 -12.80 0.98 -4.89
N LEU A 40 -12.86 0.63 -3.62
CA LEU A 40 -12.58 1.57 -2.58
C LEU A 40 -11.46 1.10 -1.72
N ILE A 41 -10.37 1.80 -1.81
CA ILE A 41 -9.19 1.50 -1.01
C ILE A 41 -8.60 2.79 -0.48
N CYS A 42 -8.48 2.89 0.79
CA CYS A 42 -7.86 4.00 1.44
C CYS A 42 -6.90 3.45 2.47
N MET A 43 -5.72 4.00 2.53
CA MET A 43 -4.71 3.56 3.47
C MET A 43 -3.74 4.71 3.77
N ASP A 44 -3.44 4.92 5.03
CA ASP A 44 -2.50 5.97 5.41
C ASP A 44 -1.30 5.34 6.04
N ILE A 45 -0.17 5.58 5.47
CA ILE A 45 1.04 4.98 5.94
C ILE A 45 1.81 5.97 6.78
N SER A 46 1.84 5.73 8.04
CA SER A 46 2.59 6.51 8.95
C SER A 46 3.99 5.90 9.05
N TYR A 47 4.98 6.61 8.58
CA TYR A 47 6.33 6.10 8.54
C TYR A 47 7.30 7.12 9.12
N ASP A 48 8.56 6.73 9.28
CA ASP A 48 9.59 7.62 9.79
C ASP A 48 10.14 8.45 8.63
N ALA A 49 9.81 9.73 8.62
CA ALA A 49 10.21 10.64 7.53
C ALA A 49 11.62 11.21 7.70
N SER A 50 12.28 10.84 8.77
CA SER A 50 13.61 11.27 9.02
C SER A 50 14.56 10.20 8.46
N LYS A 51 14.14 8.96 8.62
CA LYS A 51 14.88 7.80 8.20
C LYS A 51 14.56 7.47 6.72
N PHE A 52 13.31 7.60 6.34
CA PHE A 52 12.87 7.31 4.98
C PHE A 52 12.20 8.53 4.41
N THR A 53 12.14 8.61 3.12
CA THR A 53 11.44 9.67 2.47
C THR A 53 10.76 9.11 1.22
N VAL A 54 9.44 9.20 1.19
CA VAL A 54 8.68 8.69 0.06
C VAL A 54 8.90 9.57 -1.18
N LYS A 55 9.02 8.93 -2.31
CA LYS A 55 9.06 9.64 -3.56
C LYS A 55 7.68 9.65 -4.13
N ASP A 56 7.20 8.47 -4.39
CA ASP A 56 5.93 8.25 -5.00
C ASP A 56 5.62 6.79 -4.82
N VAL A 57 4.39 6.43 -4.95
CA VAL A 57 4.03 5.04 -4.87
C VAL A 57 3.53 4.61 -6.22
N LEU A 58 3.99 3.49 -6.68
CA LEU A 58 3.59 3.00 -7.97
C LEU A 58 2.36 2.15 -7.82
N PRO A 59 1.27 2.51 -8.50
CA PRO A 59 0.09 1.68 -8.51
C PRO A 59 0.39 0.48 -9.37
N ASN A 60 0.08 -0.69 -8.89
CA ASN A 60 0.33 -1.86 -9.70
C ASN A 60 -0.66 -1.89 -10.83
N THR A 61 -0.15 -1.61 -12.00
CA THR A 61 -0.91 -1.49 -13.23
C THR A 61 -1.52 -2.82 -13.69
N ASP A 62 -1.20 -3.88 -12.98
CA ASP A 62 -1.80 -5.17 -13.22
C ASP A 62 -3.19 -5.22 -12.62
N LEU A 63 -3.39 -4.43 -11.59
CA LEU A 63 -4.68 -4.37 -10.93
C LEU A 63 -5.33 -3.03 -11.19
N VAL A 64 -4.66 -1.97 -10.77
CA VAL A 64 -5.17 -0.62 -10.94
C VAL A 64 -4.82 -0.20 -12.36
N LYS A 65 -5.80 -0.20 -13.21
CA LYS A 65 -5.58 0.00 -14.61
C LYS A 65 -6.18 1.29 -15.05
N ASP A 66 -5.41 2.01 -15.88
CA ASP A 66 -5.81 3.32 -16.44
C ASP A 66 -6.10 4.27 -15.30
N THR A 67 -5.05 4.72 -14.67
CA THR A 67 -5.10 5.51 -13.47
C THR A 67 -5.55 6.95 -13.71
N ASP A 68 -5.76 7.29 -14.96
CA ASP A 68 -6.11 8.64 -15.37
C ASP A 68 -7.63 8.91 -15.19
N ASN A 69 -8.37 7.90 -14.73
CA ASN A 69 -9.82 8.03 -14.48
C ASN A 69 -10.08 8.46 -13.04
N TYR A 70 -9.05 9.05 -12.39
CA TYR A 70 -9.12 9.46 -10.97
C TYR A 70 -9.11 8.19 -10.08
N SER A 71 -8.58 7.11 -10.65
CA SER A 71 -8.50 5.81 -10.00
C SER A 71 -7.39 5.80 -8.92
N PHE A 72 -6.44 6.70 -9.08
CA PHE A 72 -5.26 6.74 -8.24
C PHE A 72 -5.04 8.14 -7.65
N ILE A 73 -5.23 8.27 -6.35
CA ILE A 73 -5.05 9.52 -5.65
C ILE A 73 -4.06 9.33 -4.52
N VAL A 74 -3.01 10.12 -4.50
CA VAL A 74 -2.08 10.08 -3.40
C VAL A 74 -2.01 11.44 -2.76
N ASN A 75 -2.52 11.53 -1.57
CA ASN A 75 -2.51 12.77 -0.85
C ASN A 75 -1.26 12.78 -0.01
N THR A 76 -0.35 13.66 -0.33
CA THR A 76 0.89 13.73 0.36
C THR A 76 0.70 14.54 1.64
N SER A 77 0.35 13.83 2.67
CA SER A 77 0.07 14.36 3.97
C SER A 77 1.34 14.81 4.71
N THR A 78 1.12 15.39 5.90
CA THR A 78 2.16 15.91 6.78
C THR A 78 3.28 14.86 6.92
N PRO A 79 4.59 15.29 6.78
CA PRO A 79 5.77 14.43 6.79
C PRO A 79 5.68 13.26 7.74
N GLY A 80 5.79 12.09 7.19
CA GLY A 80 5.63 10.89 7.94
C GLY A 80 4.33 10.20 7.65
N LYS A 81 3.60 10.69 6.66
CA LYS A 81 2.33 10.09 6.25
C LYS A 81 2.24 10.01 4.75
N ILE A 82 1.63 8.95 4.28
CA ILE A 82 1.31 8.78 2.87
C ILE A 82 -0.13 8.33 2.83
N SER A 83 -1.01 9.16 2.37
CA SER A 83 -2.37 8.78 2.28
C SER A 83 -2.66 8.35 0.86
N ILE A 84 -2.87 7.09 0.67
CA ILE A 84 -3.13 6.56 -0.63
C ILE A 84 -4.60 6.24 -0.73
N THR A 85 -5.20 6.59 -1.82
CA THR A 85 -6.56 6.31 -2.05
C THR A 85 -6.76 5.81 -3.48
N PHE A 86 -7.27 4.62 -3.60
CA PHE A 86 -7.58 4.04 -4.89
C PHE A 86 -9.06 3.94 -4.96
N THR A 87 -9.65 4.75 -5.77
CA THR A 87 -11.06 4.71 -5.97
C THR A 87 -11.30 4.77 -7.44
N ASP A 88 -11.90 3.77 -7.99
CA ASP A 88 -12.06 3.77 -9.41
C ASP A 88 -13.52 3.77 -9.83
N PRO A 89 -13.92 4.81 -10.56
CA PRO A 89 -15.29 4.94 -11.07
C PRO A 89 -15.52 4.11 -12.35
N THR A 90 -14.47 3.46 -12.81
CA THR A 90 -14.46 2.74 -14.06
C THR A 90 -14.44 1.22 -13.80
N LEU A 91 -14.77 0.83 -12.55
CA LEU A 91 -14.69 -0.57 -12.06
C LEU A 91 -15.54 -1.61 -12.84
N ALA A 92 -16.43 -1.14 -13.68
CA ALA A 92 -17.22 -2.01 -14.53
C ALA A 92 -16.47 -2.34 -15.80
N ASN A 93 -15.57 -1.45 -16.18
CA ASN A 93 -14.78 -1.61 -17.40
C ASN A 93 -13.43 -2.19 -17.05
N TYR A 94 -12.86 -1.72 -15.96
CA TYR A 94 -11.64 -2.29 -15.45
C TYR A 94 -11.96 -2.89 -14.10
N PRO A 95 -12.12 -4.20 -14.00
CA PRO A 95 -12.43 -4.83 -12.76
C PRO A 95 -11.19 -5.35 -12.02
N ILE A 96 -10.97 -4.86 -10.82
CA ILE A 96 -9.94 -5.46 -9.99
C ILE A 96 -10.63 -6.61 -9.28
N SER A 97 -10.62 -7.73 -9.91
CA SER A 97 -11.31 -8.91 -9.45
C SER A 97 -10.33 -10.07 -9.32
N VAL A 98 -9.08 -9.71 -9.34
CA VAL A 98 -7.98 -10.62 -9.19
C VAL A 98 -7.03 -9.98 -8.23
N ASP A 99 -6.27 -10.77 -7.53
CA ASP A 99 -5.38 -10.23 -6.53
C ASP A 99 -3.93 -10.24 -6.98
N GLY A 100 -3.08 -9.79 -6.10
CA GLY A 100 -1.69 -9.67 -6.38
C GLY A 100 -1.11 -8.51 -5.61
N ILE A 101 -0.41 -7.65 -6.28
CA ILE A 101 0.17 -6.50 -5.64
C ILE A 101 -0.75 -5.29 -5.85
N LEU A 102 -0.97 -4.54 -4.83
CA LEU A 102 -1.80 -3.36 -4.92
C LEU A 102 -0.95 -2.17 -5.37
N ALA A 103 0.14 -1.94 -4.65
CA ALA A 103 1.01 -0.82 -4.92
C ALA A 103 2.42 -1.11 -4.46
N TYR A 104 3.36 -0.37 -4.98
CA TYR A 104 4.73 -0.48 -4.60
C TYR A 104 5.15 0.82 -3.97
N LEU A 105 5.54 0.77 -2.73
CA LEU A 105 5.95 1.94 -1.99
C LEU A 105 7.42 2.21 -2.24
N ASP A 106 7.72 3.34 -2.84
CA ASP A 106 9.09 3.69 -3.21
C ASP A 106 9.63 4.77 -2.27
N PHE A 107 10.56 4.37 -1.40
CA PHE A 107 11.15 5.24 -0.41
C PHE A 107 12.63 5.38 -0.63
N ILE A 108 13.15 6.54 -0.41
CA ILE A 108 14.57 6.72 -0.39
C ILE A 108 14.97 6.59 1.05
N ILE A 109 15.95 5.79 1.33
CA ILE A 109 16.43 5.71 2.66
C ILE A 109 17.48 6.77 2.80
N ASN A 110 17.33 7.60 3.80
CA ASN A 110 18.23 8.72 4.03
C ASN A 110 19.64 8.19 4.33
N SER A 111 20.67 8.93 3.96
CA SER A 111 22.02 8.51 4.24
C SER A 111 22.37 8.87 5.71
N ASN A 112 21.51 9.68 6.32
CA ASN A 112 21.64 10.05 7.73
C ASN A 112 20.88 9.00 8.59
N ALA A 113 20.22 8.07 7.91
CA ALA A 113 19.44 7.04 8.59
C ALA A 113 20.34 6.04 9.29
N THR A 114 19.81 5.43 10.30
CA THR A 114 20.53 4.47 11.08
C THR A 114 20.01 3.08 10.72
N ALA A 115 20.83 2.08 10.90
CA ALA A 115 20.46 0.72 10.61
C ALA A 115 19.55 0.19 11.71
N GLY A 116 18.66 -0.68 11.34
CA GLY A 116 17.74 -1.22 12.27
C GLY A 116 16.46 -1.60 11.61
N ASP A 117 15.72 -2.44 12.24
CA ASP A 117 14.45 -2.91 11.75
C ASP A 117 13.41 -1.82 11.95
N SER A 118 12.86 -1.32 10.89
CA SER A 118 11.93 -0.23 10.97
C SER A 118 10.61 -0.59 10.26
N ALA A 119 9.58 -0.80 11.04
CA ALA A 119 8.28 -1.12 10.50
C ALA A 119 7.46 0.15 10.32
N LEU A 120 6.69 0.18 9.27
CA LEU A 120 5.83 1.27 8.95
C LEU A 120 4.47 0.93 9.56
N THR A 121 3.65 1.90 9.82
CA THR A 121 2.35 1.61 10.37
C THR A 121 1.27 2.16 9.48
N VAL A 122 0.47 1.32 8.91
CA VAL A 122 -0.63 1.78 8.13
C VAL A 122 -1.80 1.95 9.08
N ASP A 123 -2.28 3.18 9.20
CA ASP A 123 -3.35 3.55 10.13
C ASP A 123 -4.65 2.81 9.78
N PRO A 124 -5.10 1.86 10.65
CA PRO A 124 -6.27 1.02 10.37
C PRO A 124 -7.59 1.78 10.40
N ALA A 125 -7.63 2.92 11.07
CA ALA A 125 -8.85 3.72 11.16
C ALA A 125 -9.08 4.43 9.83
N THR A 126 -8.00 4.83 9.20
CA THR A 126 -8.04 5.49 7.93
C THR A 126 -7.87 4.44 6.78
N LEU A 127 -7.93 3.17 7.14
CA LEU A 127 -7.78 2.10 6.19
C LEU A 127 -9.17 1.57 5.86
N ILE A 128 -9.55 1.70 4.62
CA ILE A 128 -10.85 1.29 4.14
C ILE A 128 -10.66 0.46 2.89
N VAL A 129 -11.22 -0.72 2.85
CA VAL A 129 -11.17 -1.57 1.66
C VAL A 129 -12.54 -2.16 1.44
N ALA A 130 -13.24 -1.58 0.52
CA ALA A 130 -14.57 -1.95 0.22
C ALA A 130 -14.70 -2.25 -1.26
N ASP A 131 -15.64 -3.10 -1.60
CA ASP A 131 -15.82 -3.53 -2.97
C ASP A 131 -16.65 -2.49 -3.75
N GLU A 132 -17.08 -2.85 -4.96
CA GLU A 132 -17.93 -2.01 -5.78
C GLU A 132 -19.26 -1.69 -5.09
N ASN A 133 -19.73 -2.61 -4.27
CA ASN A 133 -21.00 -2.45 -3.56
C ASN A 133 -20.74 -1.82 -2.16
N ASP A 134 -19.53 -1.29 -1.99
CA ASP A 134 -19.03 -0.53 -0.79
C ASP A 134 -18.95 -1.36 0.48
N LYS A 135 -18.89 -2.65 0.37
CA LYS A 135 -18.84 -3.48 1.56
C LYS A 135 -17.42 -3.73 1.97
N ASP A 136 -17.09 -3.24 3.15
CA ASP A 136 -15.76 -3.40 3.72
C ASP A 136 -15.62 -4.83 4.18
N ILE A 137 -14.78 -5.53 3.52
CA ILE A 137 -14.62 -6.97 3.68
C ILE A 137 -13.16 -7.31 3.80
N LYS A 138 -12.44 -6.54 4.57
CA LYS A 138 -11.01 -6.65 4.55
C LYS A 138 -10.42 -7.36 5.76
N ASP A 139 -9.53 -8.25 5.46
CA ASP A 139 -8.66 -8.84 6.44
C ASP A 139 -7.40 -8.04 6.36
N ALA A 140 -7.18 -7.18 7.29
CA ALA A 140 -6.11 -6.24 7.15
C ALA A 140 -5.04 -6.39 8.19
N ALA A 141 -3.86 -6.63 7.68
CA ALA A 141 -2.65 -6.54 8.43
C ALA A 141 -1.80 -5.66 7.58
N SER A 142 -1.49 -4.50 8.05
CA SER A 142 -0.81 -3.55 7.23
C SER A 142 0.20 -2.75 8.01
N ASN A 143 1.44 -3.07 7.76
CA ASN A 143 2.55 -2.42 8.32
C ASN A 143 3.55 -2.13 7.22
N GLY A 144 4.29 -3.15 6.81
CA GLY A 144 5.33 -2.98 5.86
C GLY A 144 6.60 -2.76 6.61
N LYS A 145 7.52 -3.66 6.50
CA LYS A 145 8.67 -3.54 7.33
C LYS A 145 9.93 -3.48 6.52
N ILE A 146 10.75 -2.51 6.83
CA ILE A 146 11.99 -2.30 6.17
C ILE A 146 13.10 -2.51 7.17
N THR A 147 13.84 -3.55 7.00
CA THR A 147 14.94 -3.80 7.84
C THR A 147 16.17 -3.16 7.21
N VAL A 148 16.62 -2.08 7.81
CA VAL A 148 17.78 -1.39 7.32
C VAL A 148 19.00 -2.13 7.81
N THR A 149 19.69 -2.74 6.90
CA THR A 149 20.88 -3.48 7.20
C THR A 149 22.04 -2.53 7.43
N GLY A 150 22.12 -1.55 6.57
CA GLY A 150 23.14 -0.57 6.66
C GLY A 150 24.40 -1.00 5.96
N SER A 151 25.32 -0.09 5.79
CA SER A 151 26.57 -0.43 5.21
C SER A 151 27.38 -1.18 6.26
N ALA A 152 27.53 -0.53 7.44
CA ALA A 152 28.22 -1.07 8.63
C ALA A 152 29.49 -1.86 8.29
N PRO A 153 30.65 -1.18 8.14
CA PRO A 153 31.93 -1.84 7.75
C PRO A 153 32.59 -2.57 8.95
N THR A 154 31.77 -3.22 9.74
CA THR A 154 32.18 -3.90 10.93
C THR A 154 32.51 -5.37 10.63
N SER A 155 31.83 -5.93 9.65
CA SER A 155 31.98 -7.32 9.31
C SER A 155 33.05 -7.49 8.22
N GLY A 1 -13.52 -23.19 0.77
CA GLY A 1 -14.10 -22.15 1.60
C GLY A 1 -15.58 -22.04 1.37
N SER A 2 -16.29 -21.62 2.39
CA SER A 2 -17.73 -21.48 2.33
C SER A 2 -18.14 -20.20 1.61
N ALA A 3 -17.32 -19.18 1.73
CA ALA A 3 -17.56 -17.93 1.07
C ALA A 3 -16.34 -17.55 0.26
N SER A 4 -16.35 -17.90 -1.00
CA SER A 4 -15.26 -17.58 -1.91
C SER A 4 -15.79 -17.12 -3.27
N VAL A 5 -17.11 -17.10 -3.42
CA VAL A 5 -17.72 -16.65 -4.65
C VAL A 5 -18.68 -15.49 -4.34
N LYS A 6 -18.38 -14.35 -4.94
CA LYS A 6 -19.09 -13.07 -4.76
C LYS A 6 -19.14 -12.63 -3.30
N ASN A 7 -18.23 -11.76 -2.98
CA ASN A 7 -17.98 -11.21 -1.65
C ASN A 7 -17.34 -12.21 -0.73
N GLU A 8 -16.03 -12.21 -0.76
CA GLU A 8 -15.23 -13.07 0.08
C GLU A 8 -14.41 -12.20 1.04
N THR A 9 -13.39 -12.73 1.65
CA THR A 9 -12.58 -11.94 2.55
C THR A 9 -11.24 -11.60 1.87
N VAL A 10 -10.93 -10.32 1.79
CA VAL A 10 -9.72 -9.84 1.14
C VAL A 10 -8.64 -9.54 2.16
N LYS A 11 -7.52 -10.20 1.99
CA LYS A 11 -6.39 -10.02 2.83
C LYS A 11 -5.47 -8.93 2.31
N LEU A 12 -5.28 -7.92 3.11
CA LEU A 12 -4.29 -6.90 2.80
C LEU A 12 -3.02 -7.31 3.50
N SER A 13 -1.99 -7.58 2.74
CA SER A 13 -0.76 -8.08 3.24
C SER A 13 0.45 -7.24 2.85
N VAL A 14 1.46 -7.35 3.67
CA VAL A 14 2.73 -6.67 3.54
C VAL A 14 3.82 -7.66 3.93
N GLY A 15 5.03 -7.39 3.57
CA GLY A 15 6.10 -8.29 3.88
C GLY A 15 7.27 -7.52 4.43
N THR A 16 8.35 -8.18 4.72
CA THR A 16 9.46 -7.54 5.34
C THR A 16 10.60 -7.44 4.36
N VAL A 17 10.97 -6.23 4.07
CA VAL A 17 11.99 -5.94 3.10
C VAL A 17 13.19 -5.35 3.80
N SER A 18 14.30 -5.32 3.14
CA SER A 18 15.50 -4.80 3.70
C SER A 18 16.13 -3.81 2.72
N GLY A 19 16.97 -2.94 3.24
CA GLY A 19 17.65 -1.97 2.44
C GLY A 19 18.80 -1.38 3.19
N ASN A 20 19.54 -0.50 2.57
CA ASN A 20 20.71 0.12 3.19
C ASN A 20 20.58 1.64 3.13
N PRO A 21 21.20 2.41 4.06
CA PRO A 21 21.15 3.88 4.02
C PRO A 21 21.83 4.43 2.77
N GLY A 22 21.05 5.04 1.89
CA GLY A 22 21.55 5.53 0.63
C GLY A 22 20.90 4.79 -0.52
N ASP A 23 20.43 3.61 -0.23
CA ASP A 23 19.77 2.74 -1.18
C ASP A 23 18.26 3.02 -1.20
N THR A 24 17.60 2.67 -2.27
CA THR A 24 16.18 2.87 -2.40
C THR A 24 15.46 1.53 -2.21
N VAL A 25 14.47 1.51 -1.34
CA VAL A 25 13.76 0.29 -1.05
C VAL A 25 12.30 0.43 -1.51
N LYS A 26 11.83 -0.58 -2.18
CA LYS A 26 10.50 -0.60 -2.70
C LYS A 26 9.70 -1.63 -1.92
N VAL A 27 8.63 -1.20 -1.31
CA VAL A 27 7.78 -2.07 -0.51
C VAL A 27 6.52 -2.42 -1.31
N PRO A 28 6.34 -3.69 -1.70
CA PRO A 28 5.17 -4.11 -2.42
C PRO A 28 3.99 -4.45 -1.49
N VAL A 29 2.88 -3.78 -1.69
CA VAL A 29 1.69 -4.01 -0.89
C VAL A 29 0.91 -5.10 -1.60
N THR A 30 0.72 -6.20 -0.95
CA THR A 30 0.14 -7.34 -1.58
C THR A 30 -1.32 -7.50 -1.17
N ILE A 31 -2.17 -7.61 -2.15
CA ILE A 31 -3.56 -7.87 -1.93
C ILE A 31 -3.77 -9.34 -2.27
N SER A 32 -4.41 -10.08 -1.40
CA SER A 32 -4.60 -11.49 -1.62
C SER A 32 -5.99 -11.94 -1.22
N GLN A 33 -6.42 -13.09 -1.77
CA GLN A 33 -7.73 -13.73 -1.51
C GLN A 33 -8.89 -12.93 -2.09
N VAL A 34 -8.58 -12.02 -2.97
CA VAL A 34 -9.56 -11.18 -3.60
C VAL A 34 -10.06 -11.83 -4.89
N SER A 35 -11.35 -11.86 -5.03
CA SER A 35 -11.97 -12.40 -6.21
C SER A 35 -13.10 -11.46 -6.68
N THR A 36 -13.68 -10.73 -5.76
CA THR A 36 -14.69 -9.76 -6.04
C THR A 36 -14.04 -8.39 -6.35
N PRO A 37 -14.52 -7.67 -7.39
CA PRO A 37 -14.02 -6.32 -7.72
C PRO A 37 -14.20 -5.37 -6.55
N VAL A 38 -13.12 -4.74 -6.18
CA VAL A 38 -13.12 -3.79 -5.11
C VAL A 38 -13.48 -2.39 -5.66
N GLY A 39 -14.11 -1.55 -4.85
CA GLY A 39 -14.49 -0.24 -5.29
C GLY A 39 -13.77 0.87 -4.55
N LEU A 40 -13.57 0.71 -3.26
CA LEU A 40 -12.96 1.76 -2.45
C LEU A 40 -11.82 1.26 -1.63
N ILE A 41 -10.63 1.68 -1.94
CA ILE A 41 -9.45 1.33 -1.16
C ILE A 41 -8.88 2.62 -0.55
N CYS A 42 -8.80 2.66 0.75
CA CYS A 42 -8.25 3.80 1.45
C CYS A 42 -7.26 3.29 2.48
N MET A 43 -6.09 3.90 2.54
CA MET A 43 -5.05 3.50 3.47
C MET A 43 -4.10 4.67 3.73
N ASP A 44 -3.72 4.87 4.96
CA ASP A 44 -2.80 5.95 5.32
C ASP A 44 -1.54 5.36 5.92
N ILE A 45 -0.44 5.58 5.25
CA ILE A 45 0.81 5.01 5.64
C ILE A 45 1.65 6.03 6.39
N SER A 46 2.03 5.69 7.57
CA SER A 46 2.83 6.54 8.40
C SER A 46 4.24 5.96 8.48
N TYR A 47 5.23 6.76 8.19
CA TYR A 47 6.60 6.29 8.17
C TYR A 47 7.51 7.30 8.83
N ASP A 48 8.75 6.90 9.06
CA ASP A 48 9.73 7.76 9.67
C ASP A 48 10.43 8.56 8.58
N ALA A 49 10.07 9.84 8.46
CA ALA A 49 10.51 10.71 7.36
C ALA A 49 11.94 11.19 7.49
N SER A 50 12.53 10.97 8.62
CA SER A 50 13.90 11.32 8.83
C SER A 50 14.82 10.17 8.37
N LYS A 51 14.23 9.00 8.26
CA LYS A 51 14.95 7.81 7.90
C LYS A 51 14.65 7.45 6.45
N PHE A 52 13.40 7.52 6.08
CA PHE A 52 12.96 7.22 4.75
C PHE A 52 12.33 8.45 4.16
N THR A 53 12.39 8.56 2.88
CA THR A 53 11.73 9.62 2.17
C THR A 53 11.09 9.04 0.92
N VAL A 54 9.78 9.15 0.82
CA VAL A 54 9.08 8.58 -0.31
C VAL A 54 9.27 9.42 -1.57
N LYS A 55 9.44 8.77 -2.68
CA LYS A 55 9.52 9.43 -3.96
C LYS A 55 8.11 9.60 -4.45
N ASP A 56 7.46 8.47 -4.64
CA ASP A 56 6.08 8.37 -5.04
C ASP A 56 5.72 6.92 -4.93
N VAL A 57 4.49 6.60 -5.12
CA VAL A 57 4.09 5.24 -5.05
C VAL A 57 3.71 4.76 -6.43
N LEU A 58 4.33 3.70 -6.84
CA LEU A 58 4.14 3.16 -8.17
C LEU A 58 2.93 2.24 -8.13
N PRO A 59 1.85 2.60 -8.82
CA PRO A 59 0.66 1.79 -8.84
C PRO A 59 0.82 0.60 -9.80
N ASN A 60 0.44 -0.58 -9.36
CA ASN A 60 0.50 -1.72 -10.25
C ASN A 60 -0.56 -1.57 -11.30
N THR A 61 -0.11 -1.42 -12.52
CA THR A 61 -0.92 -1.13 -13.69
C THR A 61 -1.91 -2.25 -14.05
N ASP A 62 -1.77 -3.40 -13.44
CA ASP A 62 -2.68 -4.50 -13.67
C ASP A 62 -3.95 -4.30 -12.86
N LEU A 63 -3.79 -3.74 -11.68
CA LEU A 63 -4.90 -3.51 -10.80
C LEU A 63 -5.35 -2.07 -10.88
N VAL A 64 -4.43 -1.17 -10.62
CA VAL A 64 -4.71 0.23 -10.66
C VAL A 64 -4.61 0.69 -12.12
N LYS A 65 -5.73 1.06 -12.64
CA LYS A 65 -5.90 1.36 -14.05
C LYS A 65 -6.67 2.63 -14.22
N ASP A 66 -6.63 3.20 -15.44
CA ASP A 66 -7.43 4.40 -15.84
C ASP A 66 -7.20 5.55 -14.82
N THR A 67 -5.97 5.57 -14.30
CA THR A 67 -5.51 6.38 -13.18
C THR A 67 -5.87 7.84 -13.25
N ASP A 68 -5.67 8.43 -14.42
CA ASP A 68 -5.91 9.85 -14.66
C ASP A 68 -7.34 10.26 -14.40
N ASN A 69 -8.27 9.35 -14.60
CA ASN A 69 -9.70 9.65 -14.42
C ASN A 69 -10.12 9.40 -12.98
N TYR A 70 -9.16 9.55 -12.10
CA TYR A 70 -9.32 9.45 -10.68
C TYR A 70 -9.58 8.08 -10.14
N SER A 71 -8.69 7.19 -10.49
CA SER A 71 -8.63 5.90 -9.87
C SER A 71 -7.43 5.92 -8.92
N PHE A 72 -6.52 6.85 -9.20
CA PHE A 72 -5.30 7.02 -8.45
C PHE A 72 -5.40 8.32 -7.67
N ILE A 73 -5.58 8.21 -6.37
CA ILE A 73 -5.58 9.37 -5.51
C ILE A 73 -4.52 9.17 -4.45
N VAL A 74 -3.46 9.90 -4.56
CA VAL A 74 -2.40 9.83 -3.58
C VAL A 74 -2.04 11.22 -3.17
N ASN A 75 -2.21 11.50 -1.92
CA ASN A 75 -1.84 12.76 -1.39
C ASN A 75 -0.63 12.56 -0.54
N THR A 76 0.42 13.26 -0.86
CA THR A 76 1.62 13.18 -0.10
C THR A 76 1.38 14.01 1.16
N SER A 77 1.06 13.33 2.21
CA SER A 77 0.61 13.92 3.44
C SER A 77 1.80 14.55 4.20
N THR A 78 1.46 15.22 5.29
CA THR A 78 2.39 15.90 6.18
C THR A 78 3.56 14.93 6.51
N PRO A 79 4.85 15.44 6.48
CA PRO A 79 6.08 14.63 6.59
C PRO A 79 5.97 13.41 7.50
N GLY A 80 6.05 12.26 6.88
CA GLY A 80 5.93 11.02 7.59
C GLY A 80 4.61 10.32 7.34
N LYS A 81 3.82 10.81 6.40
CA LYS A 81 2.55 10.18 6.04
C LYS A 81 2.30 10.21 4.53
N ILE A 82 1.60 9.20 4.06
CA ILE A 82 1.17 9.07 2.68
C ILE A 82 -0.29 8.63 2.71
N SER A 83 -1.19 9.47 2.29
CA SER A 83 -2.58 9.13 2.28
C SER A 83 -2.96 8.65 0.88
N ILE A 84 -3.26 7.37 0.78
CA ILE A 84 -3.54 6.73 -0.48
C ILE A 84 -5.00 6.31 -0.56
N THR A 85 -5.60 6.56 -1.69
CA THR A 85 -6.93 6.13 -1.96
C THR A 85 -7.01 5.66 -3.42
N PHE A 86 -7.36 4.42 -3.59
CA PHE A 86 -7.56 3.88 -4.91
C PHE A 86 -9.03 3.61 -5.05
N THR A 87 -9.65 4.36 -5.89
CA THR A 87 -11.04 4.20 -6.11
C THR A 87 -11.23 3.56 -7.47
N ASP A 88 -12.07 2.58 -7.54
CA ASP A 88 -12.32 1.92 -8.81
C ASP A 88 -13.72 2.25 -9.28
N PRO A 89 -13.86 3.28 -10.13
CA PRO A 89 -15.15 3.68 -10.66
C PRO A 89 -15.52 2.86 -11.90
N THR A 90 -14.58 2.07 -12.38
CA THR A 90 -14.71 1.39 -13.64
C THR A 90 -14.56 -0.12 -13.41
N LEU A 91 -15.04 -0.57 -12.25
CA LEU A 91 -14.91 -1.95 -11.80
C LEU A 91 -15.65 -2.97 -12.68
N ALA A 92 -16.57 -2.50 -13.50
CA ALA A 92 -17.28 -3.36 -14.40
C ALA A 92 -16.42 -3.68 -15.64
N ASN A 93 -15.75 -2.66 -16.18
CA ASN A 93 -14.89 -2.84 -17.36
C ASN A 93 -13.50 -3.33 -16.98
N TYR A 94 -12.96 -2.79 -15.93
CA TYR A 94 -11.68 -3.24 -15.43
C TYR A 94 -11.93 -3.65 -13.99
N PRO A 95 -12.04 -4.91 -13.67
CA PRO A 95 -12.29 -5.31 -12.30
C PRO A 95 -11.02 -5.60 -11.52
N ILE A 96 -10.76 -4.84 -10.46
CA ILE A 96 -9.64 -5.17 -9.55
C ILE A 96 -10.11 -6.36 -8.73
N SER A 97 -9.68 -7.54 -9.11
CA SER A 97 -10.17 -8.75 -8.52
C SER A 97 -9.14 -9.89 -8.56
N VAL A 98 -7.88 -9.59 -8.84
CA VAL A 98 -6.86 -10.61 -8.81
C VAL A 98 -5.84 -10.26 -7.75
N ASP A 99 -5.22 -11.27 -7.21
CA ASP A 99 -4.23 -11.06 -6.16
C ASP A 99 -2.89 -10.78 -6.75
N GLY A 100 -2.16 -9.96 -6.06
CA GLY A 100 -0.87 -9.55 -6.48
C GLY A 100 -0.48 -8.30 -5.75
N ILE A 101 0.30 -7.46 -6.37
CA ILE A 101 0.71 -6.23 -5.73
C ILE A 101 -0.27 -5.13 -6.11
N LEU A 102 -0.67 -4.36 -5.15
CA LEU A 102 -1.56 -3.25 -5.39
C LEU A 102 -0.73 -2.02 -5.78
N ALA A 103 0.25 -1.69 -4.96
CA ALA A 103 1.11 -0.56 -5.20
C ALA A 103 2.47 -0.84 -4.61
N TYR A 104 3.46 -0.21 -5.18
CA TYR A 104 4.82 -0.32 -4.71
C TYR A 104 5.20 1.00 -4.08
N LEU A 105 5.58 0.96 -2.85
CA LEU A 105 5.97 2.14 -2.12
C LEU A 105 7.47 2.32 -2.31
N ASP A 106 7.89 3.35 -3.00
CA ASP A 106 9.31 3.51 -3.29
C ASP A 106 9.94 4.58 -2.37
N PHE A 107 10.71 4.11 -1.41
CA PHE A 107 11.32 4.96 -0.40
C PHE A 107 12.82 5.03 -0.56
N ILE A 108 13.35 6.21 -0.48
CA ILE A 108 14.77 6.38 -0.46
C ILE A 108 15.18 6.32 0.99
N ILE A 109 16.15 5.48 1.31
CA ILE A 109 16.63 5.45 2.65
C ILE A 109 17.71 6.52 2.75
N ASN A 110 17.57 7.40 3.69
CA ASN A 110 18.45 8.54 3.85
C ASN A 110 19.83 8.16 4.30
N SER A 111 20.80 9.02 4.05
CA SER A 111 22.16 8.81 4.52
C SER A 111 22.24 9.17 6.02
N ASN A 112 21.19 9.83 6.48
CA ASN A 112 21.00 10.25 7.87
C ASN A 112 20.24 9.15 8.65
N ALA A 113 19.99 8.05 7.97
CA ALA A 113 19.29 6.93 8.56
C ALA A 113 20.27 6.03 9.28
N THR A 114 19.78 5.35 10.28
CA THR A 114 20.55 4.42 11.05
C THR A 114 19.93 3.03 10.86
N ALA A 115 20.69 1.99 11.07
CA ALA A 115 20.23 0.62 10.90
C ALA A 115 19.22 0.21 11.98
N GLY A 116 18.43 -0.81 11.67
CA GLY A 116 17.45 -1.31 12.60
C GLY A 116 16.13 -1.58 11.93
N ASP A 117 15.24 -2.27 12.61
CA ASP A 117 13.93 -2.57 12.11
C ASP A 117 13.07 -1.31 12.18
N SER A 118 12.50 -0.96 11.08
CA SER A 118 11.71 0.22 10.97
C SER A 118 10.36 -0.13 10.34
N ALA A 119 9.32 -0.01 11.10
CA ALA A 119 7.99 -0.34 10.64
C ALA A 119 7.25 0.84 10.06
N LEU A 120 6.58 0.60 8.98
CA LEU A 120 5.71 1.57 8.38
C LEU A 120 4.34 1.26 8.93
N THR A 121 3.82 2.16 9.69
CA THR A 121 2.56 1.94 10.34
C THR A 121 1.42 2.41 9.45
N VAL A 122 0.67 1.49 8.92
CA VAL A 122 -0.47 1.85 8.15
C VAL A 122 -1.64 1.94 9.11
N ASP A 123 -2.23 3.11 9.18
CA ASP A 123 -3.32 3.38 10.12
C ASP A 123 -4.54 2.52 9.78
N PRO A 124 -4.92 1.58 10.68
CA PRO A 124 -6.03 0.66 10.42
C PRO A 124 -7.40 1.32 10.52
N ALA A 125 -7.47 2.51 11.11
CA ALA A 125 -8.72 3.21 11.29
C ALA A 125 -9.16 3.86 9.99
N THR A 126 -8.20 4.40 9.27
CA THR A 126 -8.47 5.01 7.99
C THR A 126 -8.22 4.03 6.84
N LEU A 127 -7.87 2.79 7.19
CA LEU A 127 -7.71 1.73 6.22
C LEU A 127 -9.10 1.16 6.01
N ILE A 128 -9.64 1.43 4.87
CA ILE A 128 -11.00 1.07 4.53
C ILE A 128 -10.96 0.41 3.17
N VAL A 129 -11.66 -0.67 3.00
CA VAL A 129 -11.73 -1.24 1.70
C VAL A 129 -13.12 -1.84 1.44
N ALA A 130 -13.84 -1.18 0.60
CA ALA A 130 -15.18 -1.55 0.27
C ALA A 130 -15.23 -2.17 -1.11
N ASP A 131 -16.03 -3.19 -1.24
CA ASP A 131 -16.16 -3.96 -2.49
C ASP A 131 -17.09 -3.21 -3.49
N GLU A 132 -17.48 -3.90 -4.57
CA GLU A 132 -18.39 -3.36 -5.58
C GLU A 132 -19.78 -2.99 -4.96
N ASN A 133 -20.17 -3.74 -3.93
CA ASN A 133 -21.42 -3.50 -3.23
C ASN A 133 -21.19 -2.58 -2.02
N ASP A 134 -20.00 -1.95 -2.00
CA ASP A 134 -19.67 -0.85 -1.06
C ASP A 134 -19.45 -1.33 0.41
N LYS A 135 -19.35 -2.62 0.62
CA LYS A 135 -19.22 -3.13 1.98
C LYS A 135 -17.76 -3.47 2.28
N ASP A 136 -17.41 -3.43 3.55
CA ASP A 136 -16.02 -3.67 3.98
C ASP A 136 -15.73 -5.17 4.08
N ILE A 137 -14.85 -5.63 3.25
CA ILE A 137 -14.59 -7.04 3.03
C ILE A 137 -13.14 -7.51 3.54
N LYS A 138 -12.52 -6.73 4.40
CA LYS A 138 -11.10 -6.95 4.69
C LYS A 138 -10.76 -7.60 6.05
N ASP A 139 -9.89 -8.58 6.01
CA ASP A 139 -9.11 -8.86 7.20
C ASP A 139 -7.76 -8.16 6.93
N ALA A 140 -7.55 -7.04 7.56
CA ALA A 140 -6.40 -6.24 7.20
C ALA A 140 -5.35 -6.19 8.28
N ALA A 141 -4.12 -6.38 7.85
CA ALA A 141 -2.97 -6.23 8.68
C ALA A 141 -1.91 -5.58 7.82
N SER A 142 -1.52 -4.38 8.11
CA SER A 142 -0.52 -3.74 7.32
C SER A 142 0.47 -2.94 8.16
N ASN A 143 1.63 -3.50 8.27
CA ASN A 143 2.73 -2.91 8.94
C ASN A 143 3.96 -3.31 8.15
N GLY A 144 4.36 -2.46 7.23
CA GLY A 144 5.47 -2.77 6.35
C GLY A 144 6.77 -2.58 7.05
N LYS A 145 7.38 -3.63 7.48
CA LYS A 145 8.58 -3.48 8.21
C LYS A 145 9.80 -3.61 7.29
N ILE A 146 10.65 -2.64 7.39
CA ILE A 146 11.85 -2.55 6.61
C ILE A 146 13.02 -2.72 7.55
N THR A 147 13.87 -3.61 7.21
CA THR A 147 15.04 -3.87 7.96
C THR A 147 16.18 -3.04 7.36
N VAL A 148 16.57 -2.00 8.05
CA VAL A 148 17.66 -1.20 7.58
C VAL A 148 18.94 -1.86 8.01
N THR A 149 19.69 -2.29 7.06
CA THR A 149 20.95 -2.90 7.30
C THR A 149 22.01 -1.92 6.83
N GLY A 150 23.16 -1.90 7.46
CA GLY A 150 24.18 -1.01 7.03
C GLY A 150 25.43 -1.13 7.86
N SER A 151 26.53 -0.77 7.27
CA SER A 151 27.80 -0.75 7.94
C SER A 151 28.43 0.64 7.75
N ALA A 152 27.58 1.59 7.29
CA ALA A 152 27.95 2.98 6.98
C ALA A 152 29.01 3.08 5.87
N PRO A 153 28.60 3.48 4.63
CA PRO A 153 29.53 3.57 3.47
C PRO A 153 30.68 4.55 3.72
N THR A 154 30.46 5.51 4.58
CA THR A 154 31.49 6.40 4.99
C THR A 154 31.49 6.45 6.53
N SER A 155 30.58 7.21 7.08
CA SER A 155 30.36 7.33 8.50
C SER A 155 28.99 7.98 8.68
N GLY A 1 -30.78 -16.26 -3.38
CA GLY A 1 -29.42 -15.89 -3.72
C GLY A 1 -29.38 -14.54 -4.39
N SER A 2 -29.46 -13.51 -3.61
CA SER A 2 -29.41 -12.17 -4.11
C SER A 2 -28.35 -11.44 -3.34
N ALA A 3 -27.09 -11.88 -3.52
CA ALA A 3 -25.93 -11.37 -2.80
C ALA A 3 -26.20 -11.53 -1.32
N SER A 4 -26.70 -12.74 -0.98
CA SER A 4 -27.14 -13.14 0.36
C SER A 4 -26.18 -12.67 1.44
N VAL A 5 -24.96 -13.08 1.32
CA VAL A 5 -23.97 -12.60 2.16
C VAL A 5 -22.97 -11.77 1.35
N LYS A 6 -22.55 -12.33 0.19
CA LYS A 6 -21.56 -11.75 -0.73
C LYS A 6 -20.28 -11.44 0.09
N ASN A 7 -19.38 -10.64 -0.48
CA ASN A 7 -18.29 -9.98 0.21
C ASN A 7 -17.43 -10.87 1.10
N GLU A 8 -16.39 -11.40 0.56
CA GLU A 8 -15.49 -12.20 1.35
C GLU A 8 -14.37 -11.30 1.85
N THR A 9 -13.86 -11.59 3.02
CA THR A 9 -12.84 -10.77 3.60
C THR A 9 -11.49 -10.95 2.88
N VAL A 10 -11.14 -9.92 2.14
CA VAL A 10 -9.95 -9.87 1.33
C VAL A 10 -8.74 -9.64 2.22
N LYS A 11 -7.71 -10.39 1.99
CA LYS A 11 -6.53 -10.26 2.80
C LYS A 11 -5.59 -9.23 2.22
N LEU A 12 -5.24 -8.26 3.01
CA LEU A 12 -4.30 -7.27 2.62
C LEU A 12 -3.05 -7.51 3.46
N SER A 13 -2.02 -7.93 2.79
CA SER A 13 -0.84 -8.39 3.42
C SER A 13 0.36 -7.57 2.98
N VAL A 14 1.26 -7.40 3.89
CA VAL A 14 2.48 -6.67 3.67
C VAL A 14 3.66 -7.61 3.80
N GLY A 15 4.78 -7.19 3.30
CA GLY A 15 5.92 -8.00 3.34
C GLY A 15 7.09 -7.22 3.83
N THR A 16 8.15 -7.89 4.07
CA THR A 16 9.29 -7.29 4.67
C THR A 16 10.44 -7.20 3.68
N VAL A 17 11.03 -6.05 3.62
CA VAL A 17 12.13 -5.78 2.75
C VAL A 17 13.31 -5.31 3.57
N SER A 18 14.45 -5.31 2.99
CA SER A 18 15.61 -4.81 3.63
C SER A 18 16.09 -3.60 2.86
N GLY A 19 16.64 -2.66 3.56
CA GLY A 19 17.10 -1.47 2.92
C GLY A 19 18.37 -0.97 3.51
N ASN A 20 19.06 -0.16 2.77
CA ASN A 20 20.30 0.42 3.20
C ASN A 20 20.25 1.93 3.00
N PRO A 21 20.90 2.72 3.89
CA PRO A 21 20.93 4.18 3.80
C PRO A 21 21.56 4.66 2.49
N GLY A 22 20.77 5.32 1.68
CA GLY A 22 21.23 5.79 0.40
C GLY A 22 20.51 5.11 -0.73
N ASP A 23 20.06 3.90 -0.48
CA ASP A 23 19.37 3.11 -1.49
C ASP A 23 17.86 3.38 -1.42
N THR A 24 17.19 3.20 -2.51
CA THR A 24 15.77 3.38 -2.56
C THR A 24 15.11 2.00 -2.46
N VAL A 25 14.20 1.84 -1.54
CA VAL A 25 13.61 0.55 -1.29
C VAL A 25 12.15 0.57 -1.75
N LYS A 26 11.62 -0.58 -2.06
CA LYS A 26 10.28 -0.69 -2.56
C LYS A 26 9.51 -1.75 -1.77
N VAL A 27 8.44 -1.33 -1.14
CA VAL A 27 7.61 -2.24 -0.34
C VAL A 27 6.36 -2.62 -1.12
N PRO A 28 6.17 -3.90 -1.44
CA PRO A 28 4.99 -4.35 -2.16
C PRO A 28 3.80 -4.66 -1.22
N VAL A 29 2.69 -3.98 -1.46
CA VAL A 29 1.48 -4.23 -0.71
C VAL A 29 0.69 -5.30 -1.44
N THR A 30 0.56 -6.44 -0.83
CA THR A 30 -0.04 -7.59 -1.47
C THR A 30 -1.52 -7.72 -1.06
N ILE A 31 -2.34 -8.09 -2.00
CA ILE A 31 -3.76 -8.29 -1.78
C ILE A 31 -4.12 -9.69 -2.30
N SER A 32 -4.80 -10.47 -1.48
CA SER A 32 -5.10 -11.85 -1.82
C SER A 32 -6.52 -12.26 -1.37
N GLN A 33 -7.00 -13.40 -1.92
CA GLN A 33 -8.29 -14.05 -1.56
C GLN A 33 -9.53 -13.27 -2.00
N VAL A 34 -9.32 -12.32 -2.88
CA VAL A 34 -10.38 -11.47 -3.37
C VAL A 34 -11.17 -12.11 -4.53
N SER A 35 -12.48 -12.01 -4.47
CA SER A 35 -13.34 -12.44 -5.53
C SER A 35 -14.36 -11.35 -5.85
N THR A 36 -14.81 -10.66 -4.84
CA THR A 36 -15.69 -9.54 -4.98
C THR A 36 -14.85 -8.35 -5.45
N PRO A 37 -15.24 -7.65 -6.54
CA PRO A 37 -14.41 -6.57 -7.07
C PRO A 37 -14.31 -5.39 -6.13
N VAL A 38 -13.10 -5.07 -5.77
CA VAL A 38 -12.80 -3.98 -4.92
C VAL A 38 -12.61 -2.72 -5.76
N GLY A 39 -13.08 -1.60 -5.27
CA GLY A 39 -12.89 -0.37 -5.98
C GLY A 39 -12.66 0.80 -5.07
N LEU A 40 -12.68 0.54 -3.77
CA LEU A 40 -12.52 1.57 -2.77
C LEU A 40 -11.46 1.17 -1.79
N ILE A 41 -10.37 1.87 -1.81
CA ILE A 41 -9.29 1.61 -0.89
C ILE A 41 -8.82 2.94 -0.30
N CYS A 42 -8.63 2.98 0.98
CA CYS A 42 -8.12 4.14 1.66
C CYS A 42 -7.14 3.66 2.70
N MET A 43 -6.04 4.38 2.88
CA MET A 43 -5.04 4.03 3.88
C MET A 43 -4.20 5.24 4.28
N ASP A 44 -3.64 5.18 5.47
CA ASP A 44 -2.74 6.23 6.01
C ASP A 44 -1.43 5.58 6.35
N ILE A 45 -0.39 5.96 5.66
CA ILE A 45 0.90 5.37 5.90
C ILE A 45 1.72 6.30 6.77
N SER A 46 1.91 5.92 7.99
CA SER A 46 2.74 6.66 8.88
C SER A 46 4.10 5.96 8.99
N TYR A 47 5.11 6.60 8.48
CA TYR A 47 6.43 6.02 8.44
C TYR A 47 7.44 6.95 9.12
N ASP A 48 8.69 6.52 9.18
CA ASP A 48 9.74 7.32 9.79
C ASP A 48 10.14 8.43 8.84
N ALA A 49 9.96 9.66 9.29
CA ALA A 49 10.15 10.84 8.46
C ALA A 49 11.61 11.14 8.14
N SER A 50 12.51 10.70 8.99
CA SER A 50 13.90 11.02 8.80
C SER A 50 14.61 9.92 8.02
N LYS A 51 14.13 8.69 8.16
CA LYS A 51 14.72 7.57 7.45
C LYS A 51 14.22 7.46 6.03
N PHE A 52 12.94 7.64 5.85
CA PHE A 52 12.36 7.39 4.56
C PHE A 52 11.81 8.63 3.95
N THR A 53 11.98 8.75 2.67
CA THR A 53 11.44 9.82 1.91
C THR A 53 10.74 9.23 0.68
N VAL A 54 9.42 9.29 0.67
CA VAL A 54 8.65 8.72 -0.42
C VAL A 54 8.63 9.68 -1.60
N LYS A 55 8.90 9.17 -2.78
CA LYS A 55 8.75 9.98 -3.95
C LYS A 55 7.33 9.85 -4.44
N ASP A 56 6.97 8.62 -4.69
CA ASP A 56 5.72 8.29 -5.29
C ASP A 56 5.48 6.83 -5.05
N VAL A 57 4.35 6.33 -5.49
CA VAL A 57 4.09 4.93 -5.37
C VAL A 57 3.70 4.40 -6.73
N LEU A 58 4.09 3.21 -7.02
CA LEU A 58 3.84 2.60 -8.29
C LEU A 58 2.63 1.68 -8.19
N PRO A 59 1.52 2.03 -8.84
CA PRO A 59 0.31 1.24 -8.79
C PRO A 59 0.34 0.11 -9.80
N ASN A 60 -0.18 -1.03 -9.42
CA ASN A 60 -0.24 -2.16 -10.31
C ASN A 60 -1.43 -2.03 -11.24
N THR A 61 -1.14 -1.92 -12.51
CA THR A 61 -2.12 -1.70 -13.54
C THR A 61 -2.99 -2.93 -13.82
N ASP A 62 -2.54 -4.11 -13.36
CA ASP A 62 -3.32 -5.35 -13.48
C ASP A 62 -4.54 -5.25 -12.58
N LEU A 63 -4.38 -4.51 -11.51
CA LEU A 63 -5.45 -4.31 -10.57
C LEU A 63 -6.14 -3.00 -10.81
N VAL A 64 -5.42 -1.92 -10.70
CA VAL A 64 -5.98 -0.58 -10.83
C VAL A 64 -5.95 -0.18 -12.31
N LYS A 65 -7.09 0.16 -12.86
CA LYS A 65 -7.15 0.52 -14.27
C LYS A 65 -7.28 2.01 -14.44
N ASP A 66 -6.50 2.52 -15.39
CA ASP A 66 -6.35 3.93 -15.73
C ASP A 66 -6.26 4.85 -14.51
N THR A 67 -5.06 4.96 -14.00
CA THR A 67 -4.77 5.68 -12.79
C THR A 67 -4.98 7.20 -12.91
N ASP A 68 -4.73 7.75 -14.10
CA ASP A 68 -4.77 9.20 -14.33
C ASP A 68 -6.17 9.78 -14.23
N ASN A 69 -7.18 8.99 -14.56
CA ASN A 69 -8.59 9.45 -14.50
C ASN A 69 -9.20 9.47 -13.10
N TYR A 70 -8.34 9.70 -12.10
CA TYR A 70 -8.71 9.88 -10.70
C TYR A 70 -9.00 8.53 -10.02
N SER A 71 -8.35 7.50 -10.51
CA SER A 71 -8.43 6.20 -9.87
C SER A 71 -7.30 6.14 -8.81
N PHE A 72 -6.21 6.83 -9.13
CA PHE A 72 -5.03 6.88 -8.30
C PHE A 72 -4.96 8.21 -7.56
N ILE A 73 -5.22 8.18 -6.28
CA ILE A 73 -5.13 9.38 -5.47
C ILE A 73 -4.07 9.14 -4.40
N VAL A 74 -2.95 9.76 -4.57
CA VAL A 74 -1.91 9.68 -3.58
C VAL A 74 -1.52 11.06 -3.20
N ASN A 75 -1.86 11.39 -2.02
CA ASN A 75 -1.60 12.67 -1.48
C ASN A 75 -0.40 12.58 -0.60
N THR A 76 0.66 13.20 -1.03
CA THR A 76 1.85 13.24 -0.27
C THR A 76 1.65 14.22 0.87
N SER A 77 1.48 13.66 2.03
CA SER A 77 1.18 14.40 3.22
C SER A 77 2.48 14.88 3.86
N THR A 78 2.34 15.64 4.93
CA THR A 78 3.42 16.15 5.73
C THR A 78 4.41 14.99 6.06
N PRO A 79 5.77 15.24 5.94
CA PRO A 79 6.83 14.25 6.15
C PRO A 79 6.53 13.24 7.26
N GLY A 80 6.54 11.98 6.89
CA GLY A 80 6.20 10.93 7.80
C GLY A 80 4.84 10.32 7.50
N LYS A 81 4.04 10.95 6.65
CA LYS A 81 2.73 10.42 6.27
C LYS A 81 2.48 10.42 4.78
N ILE A 82 1.71 9.44 4.34
CA ILE A 82 1.22 9.36 2.97
C ILE A 82 -0.26 9.09 3.07
N SER A 83 -1.05 9.84 2.36
CA SER A 83 -2.46 9.61 2.35
C SER A 83 -2.81 8.98 1.00
N ILE A 84 -3.20 7.73 1.01
CA ILE A 84 -3.50 7.05 -0.24
C ILE A 84 -4.96 6.64 -0.30
N THR A 85 -5.58 6.98 -1.40
CA THR A 85 -6.93 6.63 -1.66
C THR A 85 -7.02 6.09 -3.10
N PHE A 86 -7.53 4.92 -3.26
CA PHE A 86 -7.77 4.38 -4.56
C PHE A 86 -9.25 4.27 -4.73
N THR A 87 -9.80 5.09 -5.55
CA THR A 87 -11.18 4.97 -5.89
C THR A 87 -11.23 4.74 -7.36
N ASP A 88 -11.71 3.61 -7.76
CA ASP A 88 -11.65 3.27 -9.16
C ASP A 88 -12.99 3.45 -9.82
N PRO A 89 -13.07 4.37 -10.78
CA PRO A 89 -14.29 4.62 -11.49
C PRO A 89 -14.48 3.65 -12.66
N THR A 90 -13.50 2.80 -12.87
CA THR A 90 -13.45 1.93 -13.99
C THR A 90 -13.96 0.52 -13.64
N LEU A 91 -14.30 0.31 -12.36
CA LEU A 91 -14.69 -1.01 -11.80
C LEU A 91 -15.79 -1.78 -12.55
N ALA A 92 -16.68 -1.07 -13.23
CA ALA A 92 -17.77 -1.73 -13.93
C ALA A 92 -17.28 -2.26 -15.27
N ASN A 93 -16.28 -1.60 -15.82
CA ASN A 93 -15.70 -1.99 -17.09
C ASN A 93 -14.57 -2.97 -16.87
N TYR A 94 -13.76 -2.70 -15.87
CA TYR A 94 -12.66 -3.57 -15.50
C TYR A 94 -12.68 -3.69 -13.99
N PRO A 95 -13.08 -4.83 -13.44
CA PRO A 95 -13.12 -5.01 -12.00
C PRO A 95 -11.75 -5.35 -11.41
N ILE A 96 -11.62 -5.18 -10.11
CA ILE A 96 -10.46 -5.66 -9.41
C ILE A 96 -10.92 -6.81 -8.54
N SER A 97 -10.87 -8.00 -9.08
CA SER A 97 -11.35 -9.17 -8.38
C SER A 97 -10.32 -10.28 -8.45
N VAL A 98 -9.13 -9.89 -8.81
CA VAL A 98 -8.00 -10.78 -8.92
C VAL A 98 -6.94 -10.31 -7.93
N ASP A 99 -6.06 -11.19 -7.54
CA ASP A 99 -5.05 -10.86 -6.53
C ASP A 99 -3.73 -10.41 -7.13
N GLY A 100 -2.81 -10.04 -6.26
CA GLY A 100 -1.49 -9.62 -6.66
C GLY A 100 -0.99 -8.52 -5.74
N ILE A 101 -0.21 -7.62 -6.27
CA ILE A 101 0.25 -6.48 -5.50
C ILE A 101 -0.61 -5.29 -5.88
N LEU A 102 -1.05 -4.53 -4.89
CA LEU A 102 -1.88 -3.38 -5.12
C LEU A 102 -1.02 -2.21 -5.61
N ALA A 103 -0.02 -1.88 -4.83
CA ALA A 103 0.89 -0.81 -5.15
C ALA A 103 2.22 -1.07 -4.50
N TYR A 104 3.25 -0.54 -5.09
CA TYR A 104 4.59 -0.64 -4.59
C TYR A 104 4.96 0.70 -4.00
N LEU A 105 5.31 0.71 -2.75
CA LEU A 105 5.66 1.93 -2.05
C LEU A 105 7.15 2.23 -2.27
N ASP A 106 7.45 3.36 -2.87
CA ASP A 106 8.83 3.76 -3.17
C ASP A 106 9.37 4.70 -2.09
N PHE A 107 10.37 4.24 -1.36
CA PHE A 107 10.96 5.03 -0.30
C PHE A 107 12.45 5.17 -0.48
N ILE A 108 12.92 6.37 -0.61
CA ILE A 108 14.34 6.62 -0.64
C ILE A 108 14.81 6.62 0.79
N ILE A 109 15.72 5.74 1.12
CA ILE A 109 16.24 5.68 2.44
C ILE A 109 17.35 6.69 2.56
N ASN A 110 17.20 7.57 3.49
CA ASN A 110 18.13 8.63 3.78
C ASN A 110 19.44 8.04 4.28
N SER A 111 20.54 8.67 3.92
CA SER A 111 21.86 8.23 4.30
C SER A 111 22.09 8.44 5.82
N ASN A 112 21.25 9.24 6.43
CA ASN A 112 21.34 9.55 7.86
C ASN A 112 20.32 8.71 8.66
N ALA A 113 19.85 7.64 8.05
CA ALA A 113 18.93 6.71 8.70
C ALA A 113 19.73 5.76 9.56
N THR A 114 19.18 5.38 10.69
CA THR A 114 19.83 4.41 11.51
C THR A 114 19.34 3.03 11.12
N ALA A 115 20.11 2.06 11.49
CA ALA A 115 19.85 0.69 11.16
C ALA A 115 18.81 0.11 12.13
N GLY A 116 18.16 -0.92 11.69
CA GLY A 116 17.16 -1.56 12.49
C GLY A 116 15.90 -1.79 11.73
N ASP A 117 15.03 -2.57 12.29
CA ASP A 117 13.77 -2.89 11.69
C ASP A 117 12.83 -1.73 11.86
N SER A 118 12.44 -1.16 10.75
CA SER A 118 11.58 -0.03 10.76
C SER A 118 10.27 -0.40 10.09
N ALA A 119 9.20 -0.43 10.86
CA ALA A 119 7.91 -0.80 10.34
C ALA A 119 7.12 0.43 9.90
N LEU A 120 6.34 0.27 8.86
CA LEU A 120 5.48 1.31 8.38
C LEU A 120 4.13 1.11 9.04
N THR A 121 3.70 2.06 9.80
CA THR A 121 2.49 1.95 10.55
C THR A 121 1.32 2.51 9.72
N VAL A 122 0.51 1.64 9.19
CA VAL A 122 -0.65 2.07 8.45
C VAL A 122 -1.86 2.01 9.36
N ASP A 123 -2.50 3.17 9.54
CA ASP A 123 -3.64 3.31 10.44
C ASP A 123 -4.81 2.43 9.99
N PRO A 124 -5.24 1.47 10.85
CA PRO A 124 -6.33 0.53 10.53
C PRO A 124 -7.71 1.19 10.37
N ALA A 125 -7.94 2.30 11.06
CA ALA A 125 -9.24 2.96 11.03
C ALA A 125 -9.42 3.71 9.71
N THR A 126 -8.35 4.28 9.25
CA THR A 126 -8.34 5.00 8.01
C THR A 126 -8.17 4.01 6.83
N LEU A 127 -7.83 2.77 7.15
CA LEU A 127 -7.64 1.74 6.16
C LEU A 127 -9.00 1.13 5.86
N ILE A 128 -9.50 1.41 4.70
CA ILE A 128 -10.78 0.93 4.26
C ILE A 128 -10.58 0.21 2.95
N VAL A 129 -11.11 -0.98 2.83
CA VAL A 129 -11.08 -1.73 1.59
C VAL A 129 -12.49 -2.20 1.30
N ALA A 130 -13.16 -1.47 0.47
CA ALA A 130 -14.55 -1.72 0.18
C ALA A 130 -14.77 -2.02 -1.29
N ASP A 131 -15.78 -2.82 -1.55
CA ASP A 131 -16.11 -3.22 -2.92
C ASP A 131 -17.12 -2.24 -3.54
N GLU A 132 -17.72 -2.61 -4.66
CA GLU A 132 -18.72 -1.78 -5.30
C GLU A 132 -20.10 -1.81 -4.60
N ASN A 133 -20.19 -2.58 -3.54
CA ASN A 133 -21.34 -2.62 -2.63
C ASN A 133 -20.91 -1.90 -1.32
N ASP A 134 -19.75 -1.22 -1.40
CA ASP A 134 -19.10 -0.41 -0.33
C ASP A 134 -18.88 -1.13 0.99
N LYS A 135 -18.80 -2.44 0.93
CA LYS A 135 -18.61 -3.22 2.12
C LYS A 135 -17.14 -3.41 2.38
N ASP A 136 -16.71 -3.00 3.56
CA ASP A 136 -15.32 -3.15 3.97
C ASP A 136 -15.02 -4.62 4.23
N ILE A 137 -14.15 -5.16 3.42
CA ILE A 137 -13.81 -6.55 3.45
C ILE A 137 -12.31 -6.75 3.47
N LYS A 138 -11.69 -6.64 4.62
CA LYS A 138 -10.28 -6.80 4.66
C LYS A 138 -9.72 -7.36 5.95
N ASP A 139 -8.87 -8.34 5.80
CA ASP A 139 -8.02 -8.80 6.87
C ASP A 139 -6.75 -8.05 6.60
N ALA A 140 -6.49 -7.03 7.31
CA ALA A 140 -5.36 -6.23 6.98
C ALA A 140 -4.52 -5.92 8.15
N ALA A 141 -3.27 -6.13 7.98
CA ALA A 141 -2.31 -5.78 8.96
C ALA A 141 -1.14 -5.24 8.23
N SER A 142 -0.87 -3.98 8.40
CA SER A 142 0.20 -3.41 7.70
C SER A 142 1.18 -2.77 8.65
N ASN A 143 2.27 -3.46 8.80
CA ASN A 143 3.39 -3.05 9.56
C ASN A 143 4.60 -3.29 8.68
N GLY A 144 4.43 -2.97 7.37
CA GLY A 144 5.46 -3.20 6.32
C GLY A 144 6.83 -2.84 6.80
N LYS A 145 7.64 -3.83 6.99
CA LYS A 145 8.88 -3.62 7.64
C LYS A 145 10.01 -3.50 6.66
N ILE A 146 10.76 -2.47 6.85
CA ILE A 146 11.94 -2.23 6.12
C ILE A 146 13.09 -2.39 7.11
N THR A 147 13.79 -3.46 6.99
CA THR A 147 14.89 -3.72 7.85
C THR A 147 16.13 -3.03 7.29
N VAL A 148 16.53 -1.97 7.92
CA VAL A 148 17.69 -1.25 7.52
C VAL A 148 18.90 -1.97 8.05
N THR A 149 19.68 -2.52 7.17
CA THR A 149 20.85 -3.27 7.53
C THR A 149 22.03 -2.34 7.78
N GLY A 150 22.34 -1.53 6.78
CA GLY A 150 23.39 -0.57 6.92
C GLY A 150 24.54 -0.85 6.01
N SER A 151 24.94 0.14 5.25
CA SER A 151 26.05 0.03 4.32
C SER A 151 27.37 0.44 5.00
N ALA A 152 27.33 0.54 6.31
CA ALA A 152 28.46 0.90 7.11
C ALA A 152 28.99 -0.36 7.80
N PRO A 153 30.26 -0.71 7.56
CA PRO A 153 30.85 -1.93 8.12
C PRO A 153 31.16 -1.84 9.62
N THR A 154 30.90 -2.92 10.32
CA THR A 154 31.25 -3.01 11.71
C THR A 154 32.73 -3.35 11.83
N SER A 155 33.14 -4.33 11.04
CA SER A 155 34.50 -4.76 10.90
C SER A 155 34.67 -5.23 9.46
#